data_3V94
#
_entry.id   3V94
#
_cell.length_a   131.147
_cell.length_b   131.147
_cell.length_c   394.861
_cell.angle_alpha   90.00
_cell.angle_beta   90.00
_cell.angle_gamma   90.00
#
_symmetry.space_group_name_H-M   'P 41 21 2'
#
loop_
_entity.id
_entity.type
_entity.pdbx_description
1 polymer 'Cyclic nucleotide specific phosphodiesterase'
2 non-polymer 'propan-2-yl {[4-ethoxy-3-(1-methyl-7-oxo-3-propyl-6,7-dihydro-1H-pyrazolo[4,3-d]pyrimidin-5-yl)phenyl]sulfonyl}carbamate'
3 non-polymer 'ZINC ION'
4 non-polymer 'MAGNESIUM ION'
5 water water
#
_entity_poly.entity_id   1
_entity_poly.type   'polypeptide(L)'
_entity_poly.pdbx_seq_one_letter_code
;GVSGHRDMISTRRLPPSIVQDTILAVVPPKSCAAIGTDVDLRDWGFDTFEVASRVPSVLQSVAMHVALAWDFFASQEEAQ
KWAFLVAAVENNYRPNPYHNAIHAADVLQGTFSLVSAAKPLMEHLTPLECKAAAFAALTHDVCHPGRTNAFLAAVQDPVS
FKFSGKGTLEQLHTATAFELLNVTEFDFTSSMDNASFLEFKNIVSHLIGHTDMSLHSETVAKHGAKLSAGGFDCTCKEDR
LEALSLLLHAADIGASSRGVAIARKWLVILQEFADQAEDERRRGLPVTPGFETPSSVEKSQIPFLDFFVIPTFDLLHQLF
PSIEEPLHNLRKLRELYAAKAGVTT
;
_entity_poly.pdbx_strand_id   A,B,C,D,E,F,G,H
#
loop_
_chem_comp.id
_chem_comp.type
_chem_comp.name
_chem_comp.formula
MG non-polymer 'MAGNESIUM ION' 'Mg 2'
WYQ non-polymer 'propan-2-yl {[4-ethoxy-3-(1-methyl-7-oxo-3-propyl-6,7-dihydro-1H-pyrazolo[4,3-d]pyrimidin-5-yl)phenyl]sulfonyl}carbamate' 'C21 H27 N5 O6 S'
ZN non-polymer 'ZINC ION' 'Zn 2'
#
# COMPACT_ATOMS: atom_id res chain seq x y z
N SER A 10 -36.31 -22.06 35.04
CA SER A 10 -37.32 -21.27 35.80
C SER A 10 -37.64 -21.96 37.13
N THR A 11 -37.04 -23.14 37.33
CA THR A 11 -37.25 -23.91 38.55
C THR A 11 -36.09 -23.73 39.53
N ARG A 12 -34.87 -23.64 38.99
CA ARG A 12 -33.67 -23.47 39.80
C ARG A 12 -33.72 -22.12 40.53
N ARG A 13 -33.14 -22.04 41.73
CA ARG A 13 -33.16 -20.81 42.50
C ARG A 13 -31.89 -19.98 42.31
N LEU A 14 -32.04 -18.82 41.69
CA LEU A 14 -30.90 -17.96 41.42
C LEU A 14 -31.11 -16.58 42.06
N PRO A 15 -30.05 -15.76 42.08
CA PRO A 15 -30.20 -14.43 42.67
C PRO A 15 -30.88 -13.51 41.65
N PRO A 16 -31.41 -12.36 42.11
CA PRO A 16 -32.04 -11.51 41.10
C PRO A 16 -30.95 -11.05 40.13
N SER A 17 -31.33 -10.81 38.88
CA SER A 17 -30.34 -10.41 37.88
C SER A 17 -29.91 -8.97 38.09
N ILE A 18 -28.73 -8.63 37.59
CA ILE A 18 -28.24 -7.26 37.71
C ILE A 18 -28.56 -6.55 36.40
N VAL A 19 -29.10 -7.30 35.45
CA VAL A 19 -29.47 -6.73 34.17
C VAL A 19 -30.93 -6.32 34.26
N GLN A 20 -31.25 -5.11 33.82
CA GLN A 20 -32.62 -4.63 33.88
C GLN A 20 -33.49 -5.12 32.73
N ASP A 21 -34.73 -5.45 33.05
CA ASP A 21 -35.69 -5.89 32.05
C ASP A 21 -35.94 -4.77 31.03
N THR A 22 -36.32 -5.15 29.82
CA THR A 22 -36.60 -4.21 28.76
C THR A 22 -37.69 -3.21 29.14
N ILE A 23 -37.51 -1.95 28.75
CA ILE A 23 -38.52 -0.95 29.02
C ILE A 23 -39.22 -0.66 27.70
N LEU A 24 -40.43 -1.18 27.58
CA LEU A 24 -41.23 -1.04 26.37
C LEU A 24 -42.00 0.27 26.27
N ALA A 25 -41.97 1.05 27.33
CA ALA A 25 -42.71 2.32 27.36
C ALA A 25 -42.33 3.30 26.24
N VAL A 26 -43.33 3.98 25.70
CA VAL A 26 -43.12 4.98 24.67
C VAL A 26 -42.60 6.21 25.40
N VAL A 27 -41.51 6.78 24.92
CA VAL A 27 -40.95 7.96 25.53
C VAL A 27 -40.80 9.04 24.49
N PRO A 28 -41.11 10.29 24.84
CA PRO A 28 -40.99 11.37 23.87
C PRO A 28 -39.60 11.48 23.26
N PRO A 29 -39.49 11.40 21.93
CA PRO A 29 -38.17 11.52 21.31
C PRO A 29 -37.61 12.92 21.54
N LYS A 30 -36.29 13.04 21.63
CA LYS A 30 -35.68 14.35 21.86
C LYS A 30 -35.40 15.12 20.59
N SER A 31 -35.18 16.43 20.75
CA SER A 31 -34.88 17.32 19.63
C SER A 31 -33.62 16.89 18.88
N CYS A 32 -33.73 16.75 17.57
CA CYS A 32 -32.57 16.35 16.77
C CYS A 32 -31.84 17.53 16.18
N ALA A 33 -30.99 18.15 16.98
CA ALA A 33 -30.22 19.29 16.54
C ALA A 33 -29.23 18.86 15.46
N ALA A 34 -29.00 19.74 14.48
CA ALA A 34 -28.04 19.43 13.42
C ALA A 34 -26.70 19.25 14.11
N ILE A 35 -26.14 18.06 14.00
CA ILE A 35 -24.87 17.77 14.66
C ILE A 35 -23.65 17.79 13.74
N GLY A 36 -23.70 18.60 12.69
CA GLY A 36 -22.57 18.68 11.78
C GLY A 36 -22.92 18.59 10.31
N THR A 37 -21.90 18.78 9.46
CA THR A 37 -22.06 18.74 8.02
C THR A 37 -22.22 17.30 7.50
N ASP A 38 -22.62 17.19 6.23
CA ASP A 38 -22.80 15.91 5.57
C ASP A 38 -21.46 15.18 5.50
N VAL A 39 -20.41 15.95 5.17
CA VAL A 39 -19.05 15.42 5.09
C VAL A 39 -18.64 15.04 6.50
N ASP A 40 -19.10 15.85 7.46
CA ASP A 40 -18.78 15.62 8.87
C ASP A 40 -19.30 14.28 9.38
N LEU A 41 -20.50 13.88 8.98
CA LEU A 41 -21.06 12.64 9.48
C LEU A 41 -20.41 11.39 8.91
N ARG A 42 -19.76 11.54 7.77
CA ARG A 42 -19.07 10.41 7.16
C ARG A 42 -17.63 10.39 7.68
N ASP A 43 -17.18 11.51 8.26
CA ASP A 43 -15.82 11.61 8.77
C ASP A 43 -15.53 10.73 9.96
N TRP A 44 -14.44 9.99 9.88
CA TRP A 44 -14.03 9.11 10.98
C TRP A 44 -13.63 9.96 12.17
N GLY A 45 -13.29 11.22 11.91
CA GLY A 45 -12.88 12.13 12.97
C GLY A 45 -14.00 12.65 13.86
N PHE A 46 -15.20 12.11 13.66
CA PHE A 46 -16.37 12.48 14.44
C PHE A 46 -16.08 12.32 15.95
N ASP A 47 -16.38 13.34 16.73
CA ASP A 47 -16.16 13.32 18.17
C ASP A 47 -17.51 13.18 18.89
N THR A 48 -17.97 11.94 19.05
CA THR A 48 -19.26 11.66 19.69
C THR A 48 -19.48 12.28 21.07
N PHE A 49 -18.48 12.19 21.96
CA PHE A 49 -18.61 12.77 23.29
C PHE A 49 -18.80 14.27 23.18
N GLU A 50 -18.03 14.89 22.29
CA GLU A 50 -18.12 16.33 22.10
C GLU A 50 -19.53 16.73 21.67
N VAL A 51 -20.12 15.97 20.76
CA VAL A 51 -21.47 16.29 20.31
C VAL A 51 -22.48 16.06 21.43
N ALA A 52 -22.36 14.93 22.11
CA ALA A 52 -23.26 14.61 23.22
C ALA A 52 -23.22 15.78 24.19
N SER A 53 -22.07 16.43 24.22
CA SER A 53 -21.79 17.55 25.08
C SER A 53 -22.73 18.75 24.89
N ARG A 54 -23.14 19.02 23.66
CA ARG A 54 -24.02 20.16 23.43
C ARG A 54 -25.35 19.93 22.71
N VAL A 55 -25.80 18.68 22.61
CA VAL A 55 -27.10 18.42 21.98
C VAL A 55 -27.92 17.56 22.92
N PRO A 56 -29.25 17.55 22.74
CA PRO A 56 -30.11 16.74 23.60
C PRO A 56 -29.79 15.24 23.56
N SER A 57 -29.50 14.73 22.37
CA SER A 57 -29.19 13.30 22.21
C SER A 57 -28.38 13.03 20.96
N VAL A 58 -27.10 12.75 21.13
CA VAL A 58 -26.28 12.47 19.98
C VAL A 58 -26.73 11.17 19.31
N LEU A 59 -27.20 10.20 20.09
CA LEU A 59 -27.68 8.94 19.51
C LEU A 59 -28.88 9.19 18.58
N GLN A 60 -29.88 9.92 19.06
CA GLN A 60 -31.06 10.17 18.22
C GLN A 60 -30.74 11.09 17.03
N SER A 61 -29.81 12.02 17.20
CA SER A 61 -29.44 12.88 16.08
C SER A 61 -28.68 12.05 15.02
N VAL A 62 -27.76 11.21 15.46
CA VAL A 62 -27.00 10.38 14.52
C VAL A 62 -27.94 9.41 13.82
N ALA A 63 -28.78 8.74 14.60
CA ALA A 63 -29.73 7.78 14.06
C ALA A 63 -30.57 8.38 12.94
N MET A 64 -31.10 9.59 13.14
CA MET A 64 -31.92 10.22 12.11
C MET A 64 -31.10 10.64 10.89
N HIS A 65 -29.88 11.11 11.10
CA HIS A 65 -29.07 11.52 9.96
C HIS A 65 -28.70 10.28 9.12
N VAL A 66 -28.41 9.15 9.76
CA VAL A 66 -28.08 7.94 9.03
C VAL A 66 -29.30 7.46 8.22
N ALA A 67 -30.46 7.40 8.85
CA ALA A 67 -31.67 6.98 8.16
C ALA A 67 -31.99 7.89 6.97
N LEU A 68 -31.72 9.17 7.09
CA LEU A 68 -32.00 10.09 5.98
C LEU A 68 -30.95 10.02 4.87
N ALA A 69 -29.69 9.86 5.25
CA ALA A 69 -28.62 9.78 4.27
C ALA A 69 -28.74 8.51 3.44
N TRP A 70 -29.22 7.44 4.06
CA TRP A 70 -29.37 6.17 3.37
C TRP A 70 -30.80 5.89 2.92
N ASP A 71 -31.60 6.95 2.80
CA ASP A 71 -33.00 6.86 2.36
C ASP A 71 -33.77 5.68 2.95
N PHE A 72 -33.84 5.60 4.28
CA PHE A 72 -34.55 4.53 4.95
C PHE A 72 -36.08 4.52 4.84
N PHE A 73 -36.68 5.70 4.72
CA PHE A 73 -38.14 5.75 4.72
C PHE A 73 -38.96 6.20 3.51
N ALA A 74 -40.02 5.42 3.27
CA ALA A 74 -40.95 5.68 2.17
C ALA A 74 -42.06 6.64 2.63
N SER A 75 -42.42 6.53 3.91
CA SER A 75 -43.47 7.38 4.47
C SER A 75 -43.01 8.03 5.77
N GLN A 76 -43.63 9.16 6.10
CA GLN A 76 -43.30 9.87 7.33
C GLN A 76 -43.68 8.98 8.51
N GLU A 77 -44.61 8.05 8.29
CA GLU A 77 -45.03 7.15 9.36
C GLU A 77 -43.87 6.24 9.78
N GLU A 78 -43.18 5.67 8.81
CA GLU A 78 -42.06 4.80 9.10
C GLU A 78 -40.99 5.60 9.83
N ALA A 79 -40.77 6.82 9.36
CA ALA A 79 -39.78 7.71 9.97
C ALA A 79 -40.09 8.01 11.43
N GLN A 80 -41.37 8.21 11.75
CA GLN A 80 -41.77 8.50 13.12
C GLN A 80 -41.54 7.29 14.01
N LYS A 81 -41.82 6.10 13.50
CA LYS A 81 -41.59 4.89 14.29
C LYS A 81 -40.11 4.75 14.62
N TRP A 82 -39.25 4.99 13.63
CA TRP A 82 -37.81 4.88 13.85
C TRP A 82 -37.42 5.89 14.93
N ALA A 83 -37.96 7.10 14.85
CA ALA A 83 -37.64 8.13 15.85
C ALA A 83 -38.06 7.67 17.27
N PHE A 84 -39.22 7.06 17.37
CA PHE A 84 -39.69 6.59 18.67
C PHE A 84 -38.87 5.39 19.12
N LEU A 85 -38.51 4.53 18.17
CA LEU A 85 -37.70 3.36 18.48
C LEU A 85 -36.36 3.77 19.07
N VAL A 86 -35.64 4.62 18.37
CA VAL A 86 -34.34 5.08 18.82
C VAL A 86 -34.46 5.67 20.23
N ALA A 87 -35.50 6.47 20.45
CA ALA A 87 -35.72 7.09 21.74
C ALA A 87 -35.83 6.02 22.82
N ALA A 88 -36.61 4.97 22.53
CA ALA A 88 -36.80 3.87 23.47
C ALA A 88 -35.54 3.03 23.64
N VAL A 89 -34.71 2.95 22.60
CA VAL A 89 -33.47 2.20 22.71
C VAL A 89 -32.56 2.95 23.69
N GLU A 90 -32.51 4.28 23.55
CA GLU A 90 -31.71 5.11 24.43
C GLU A 90 -32.21 5.01 25.87
N ASN A 91 -33.51 4.79 26.01
CA ASN A 91 -34.15 4.67 27.31
C ASN A 91 -33.77 3.34 27.95
N ASN A 92 -33.20 2.45 27.13
CA ASN A 92 -32.79 1.13 27.60
C ASN A 92 -31.27 0.97 27.79
N TYR A 93 -30.51 2.04 27.55
CA TYR A 93 -29.07 2.00 27.80
C TYR A 93 -28.86 2.52 29.23
N ARG A 94 -28.03 1.85 30.02
CA ARG A 94 -27.76 2.27 31.40
C ARG A 94 -26.76 3.42 31.41
N PRO A 95 -26.72 4.18 32.52
CA PRO A 95 -25.78 5.30 32.62
C PRO A 95 -24.35 4.83 32.93
N ASN A 96 -23.84 3.90 32.12
CA ASN A 96 -22.48 3.39 32.33
C ASN A 96 -21.42 4.36 31.83
N PRO A 97 -20.21 4.25 32.38
CA PRO A 97 -19.10 5.12 31.97
C PRO A 97 -18.80 4.95 30.48
N TYR A 98 -18.86 3.70 30.02
CA TYR A 98 -18.55 3.38 28.62
C TYR A 98 -19.68 2.78 27.79
N HIS A 99 -20.21 1.65 28.22
CA HIS A 99 -21.29 0.97 27.51
C HIS A 99 -22.65 1.66 27.72
N ASN A 100 -22.77 2.82 27.06
CA ASN A 100 -23.93 3.69 27.17
C ASN A 100 -24.45 4.16 25.79
N ALA A 101 -25.45 5.03 25.81
CA ALA A 101 -26.03 5.54 24.56
C ALA A 101 -25.04 6.35 23.74
N ILE A 102 -23.99 6.85 24.40
CA ILE A 102 -22.99 7.61 23.67
C ILE A 102 -22.13 6.60 22.86
N HIS A 103 -21.83 5.45 23.47
CA HIS A 103 -21.07 4.39 22.82
C HIS A 103 -21.88 3.89 21.60
N ALA A 104 -23.18 3.70 21.80
CA ALA A 104 -24.05 3.24 20.73
C ALA A 104 -24.05 4.22 19.57
N ALA A 105 -24.12 5.51 19.88
CA ALA A 105 -24.10 6.52 18.84
C ALA A 105 -22.76 6.49 18.11
N ASP A 106 -21.69 6.34 18.89
CA ASP A 106 -20.35 6.31 18.32
C ASP A 106 -20.20 5.12 17.36
N VAL A 107 -20.77 3.98 17.73
CA VAL A 107 -20.67 2.81 16.89
C VAL A 107 -21.56 2.94 15.66
N LEU A 108 -22.72 3.57 15.83
CA LEU A 108 -23.61 3.76 14.70
C LEU A 108 -22.94 4.68 13.67
N GLN A 109 -22.36 5.78 14.14
CA GLN A 109 -21.71 6.73 13.24
C GLN A 109 -20.45 6.08 12.68
N GLY A 110 -19.76 5.29 13.50
CA GLY A 110 -18.56 4.62 13.05
C GLY A 110 -18.91 3.64 11.94
N THR A 111 -19.96 2.86 12.15
CA THR A 111 -20.38 1.89 11.15
C THR A 111 -20.77 2.63 9.87
N PHE A 112 -21.53 3.70 10.02
CA PHE A 112 -21.97 4.49 8.89
C PHE A 112 -20.76 5.05 8.15
N SER A 113 -19.74 5.47 8.90
CA SER A 113 -18.53 6.04 8.32
C SER A 113 -17.67 5.03 7.55
N LEU A 114 -17.46 3.85 8.13
CA LEU A 114 -16.65 2.82 7.49
C LEU A 114 -17.31 2.29 6.22
N VAL A 115 -18.61 1.98 6.31
CA VAL A 115 -19.36 1.47 5.18
C VAL A 115 -19.35 2.43 4.00
N SER A 116 -19.60 3.71 4.25
CA SER A 116 -19.62 4.67 3.16
C SER A 116 -18.23 5.02 2.64
N ALA A 117 -17.18 4.55 3.33
CA ALA A 117 -15.82 4.81 2.87
C ALA A 117 -15.38 3.68 1.94
N ALA A 118 -16.15 2.59 1.92
CA ALA A 118 -15.86 1.44 1.08
C ALA A 118 -16.81 1.42 -0.13
N LYS A 119 -16.44 2.15 -1.17
CA LYS A 119 -17.24 2.28 -2.39
C LYS A 119 -17.92 0.99 -2.88
N PRO A 120 -17.14 -0.09 -3.08
CA PRO A 120 -17.69 -1.37 -3.54
C PRO A 120 -18.80 -1.95 -2.66
N LEU A 121 -18.60 -1.95 -1.35
CA LEU A 121 -19.62 -2.48 -0.45
C LEU A 121 -20.88 -1.63 -0.54
N MET A 122 -20.72 -0.32 -0.70
CA MET A 122 -21.84 0.61 -0.82
C MET A 122 -22.62 0.43 -2.12
N GLU A 123 -21.89 0.18 -3.21
CA GLU A 123 -22.48 -0.01 -4.52
C GLU A 123 -23.30 -1.30 -4.57
N HIS A 124 -23.09 -2.19 -3.62
CA HIS A 124 -23.80 -3.47 -3.60
C HIS A 124 -24.80 -3.73 -2.48
N LEU A 125 -24.67 -3.01 -1.37
CA LEU A 125 -25.57 -3.21 -0.24
C LEU A 125 -27.01 -2.88 -0.60
N THR A 126 -27.93 -3.73 -0.16
CA THR A 126 -29.34 -3.49 -0.41
C THR A 126 -29.87 -2.57 0.67
N PRO A 127 -30.97 -1.86 0.39
CA PRO A 127 -31.54 -0.96 1.39
C PRO A 127 -31.87 -1.70 2.70
N LEU A 128 -32.26 -2.97 2.58
CA LEU A 128 -32.59 -3.76 3.77
C LEU A 128 -31.34 -4.09 4.60
N GLU A 129 -30.22 -4.31 3.92
CA GLU A 129 -29.00 -4.64 4.65
C GLU A 129 -28.50 -3.39 5.38
N CYS A 130 -28.72 -2.22 4.78
CA CYS A 130 -28.30 -0.97 5.40
C CYS A 130 -29.12 -0.68 6.65
N LYS A 131 -30.42 -0.96 6.58
CA LYS A 131 -31.30 -0.75 7.73
C LYS A 131 -30.88 -1.72 8.83
N ALA A 132 -30.62 -2.97 8.47
CA ALA A 132 -30.20 -3.96 9.44
C ALA A 132 -28.87 -3.58 10.10
N ALA A 133 -27.93 -3.07 9.33
CA ALA A 133 -26.64 -2.69 9.91
C ALA A 133 -26.81 -1.52 10.88
N ALA A 134 -27.62 -0.55 10.49
CA ALA A 134 -27.85 0.62 11.32
C ALA A 134 -28.57 0.24 12.61
N PHE A 135 -29.61 -0.57 12.49
CA PHE A 135 -30.39 -1.03 13.65
C PHE A 135 -29.55 -1.85 14.62
N ALA A 136 -28.61 -2.63 14.10
CA ALA A 136 -27.74 -3.47 14.93
C ALA A 136 -26.74 -2.61 15.70
N ALA A 137 -26.12 -1.65 15.01
CA ALA A 137 -25.15 -0.76 15.63
C ALA A 137 -25.83 -0.04 16.80
N LEU A 138 -27.03 0.45 16.52
CA LEU A 138 -27.86 1.18 17.47
C LEU A 138 -28.15 0.39 18.74
N THR A 139 -28.55 -0.87 18.57
CA THR A 139 -28.91 -1.72 19.70
C THR A 139 -27.87 -2.73 20.18
N HIS A 140 -26.70 -2.77 19.55
CA HIS A 140 -25.70 -3.76 19.89
C HIS A 140 -25.31 -3.91 21.35
N ASP A 141 -25.49 -2.87 22.16
CA ASP A 141 -25.15 -2.95 23.58
C ASP A 141 -26.31 -2.61 24.52
N VAL A 142 -27.54 -2.60 23.99
CA VAL A 142 -28.71 -2.24 24.80
C VAL A 142 -28.86 -3.06 26.10
N CYS A 143 -29.12 -2.36 27.21
CA CYS A 143 -29.28 -2.99 28.53
C CYS A 143 -27.97 -3.49 29.13
N HIS A 144 -26.85 -3.15 28.50
CA HIS A 144 -25.55 -3.58 29.01
C HIS A 144 -25.43 -3.09 30.46
N PRO A 145 -25.13 -3.99 31.39
CA PRO A 145 -24.99 -3.66 32.83
C PRO A 145 -23.63 -3.11 33.26
N GLY A 146 -22.67 -2.96 32.34
CA GLY A 146 -21.37 -2.45 32.73
C GLY A 146 -20.52 -3.49 33.43
N ARG A 147 -20.84 -4.75 33.19
CA ARG A 147 -20.11 -5.87 33.77
C ARG A 147 -19.95 -6.87 32.63
N THR A 148 -18.87 -7.63 32.65
CA THR A 148 -18.58 -8.59 31.60
C THR A 148 -19.43 -9.87 31.64
N ASN A 149 -19.28 -10.68 30.60
CA ASN A 149 -19.98 -11.96 30.53
C ASN A 149 -19.47 -12.90 31.62
N ALA A 150 -18.17 -12.82 31.89
CA ALA A 150 -17.53 -13.65 32.90
C ALA A 150 -18.03 -13.30 34.31
N PHE A 151 -18.25 -12.01 34.55
CA PHE A 151 -18.76 -11.57 35.85
C PHE A 151 -20.20 -12.07 36.03
N LEU A 152 -21.01 -11.97 35.00
CA LEU A 152 -22.39 -12.45 35.08
C LEU A 152 -22.42 -13.93 35.43
N ALA A 153 -21.51 -14.69 34.83
CA ALA A 153 -21.42 -16.13 35.08
C ALA A 153 -20.92 -16.38 36.49
N ALA A 154 -19.92 -15.61 36.88
CA ALA A 154 -19.32 -15.73 38.21
C ALA A 154 -20.33 -15.52 39.34
N VAL A 155 -21.29 -14.63 39.15
CA VAL A 155 -22.29 -14.39 40.20
C VAL A 155 -23.56 -15.20 39.94
N GLN A 156 -23.53 -15.99 38.87
CA GLN A 156 -24.65 -16.86 38.51
C GLN A 156 -25.90 -16.09 38.20
N ASP A 157 -25.73 -15.02 37.43
CA ASP A 157 -26.85 -14.20 37.05
C ASP A 157 -27.82 -14.95 36.15
N PRO A 158 -29.13 -14.81 36.43
CA PRO A 158 -30.14 -15.50 35.62
C PRO A 158 -29.94 -15.37 34.11
N VAL A 159 -29.45 -14.23 33.63
CA VAL A 159 -29.28 -14.07 32.18
C VAL A 159 -28.21 -14.97 31.61
N SER A 160 -27.31 -15.46 32.47
CA SER A 160 -26.26 -16.37 32.01
C SER A 160 -26.88 -17.74 31.78
N PHE A 161 -27.84 -18.11 32.63
CA PHE A 161 -28.50 -19.40 32.51
C PHE A 161 -29.47 -19.40 31.34
N LYS A 162 -30.12 -18.26 31.11
CA LYS A 162 -31.09 -18.14 30.03
C LYS A 162 -30.42 -18.19 28.67
N PHE A 163 -29.35 -17.42 28.50
CA PHE A 163 -28.61 -17.40 27.25
C PHE A 163 -27.32 -18.21 27.40
N SER A 164 -27.39 -19.50 27.10
CA SER A 164 -26.26 -20.40 27.20
C SER A 164 -25.30 -20.26 26.04
N GLY A 165 -24.08 -20.78 26.23
CA GLY A 165 -23.07 -20.70 25.20
C GLY A 165 -22.37 -19.35 25.25
N LYS A 166 -21.50 -19.12 24.28
CA LYS A 166 -20.74 -17.87 24.20
C LYS A 166 -21.66 -16.65 24.04
N GLY A 167 -21.11 -15.47 24.29
CA GLY A 167 -21.84 -14.23 24.13
C GLY A 167 -23.13 -14.07 24.90
N THR A 168 -23.08 -14.23 26.21
CA THR A 168 -24.28 -14.08 27.03
C THR A 168 -24.95 -12.73 26.76
N LEU A 169 -24.20 -11.65 26.94
CA LEU A 169 -24.75 -10.31 26.72
C LEU A 169 -25.21 -10.06 25.30
N GLU A 170 -24.38 -10.46 24.34
CA GLU A 170 -24.68 -10.27 22.94
C GLU A 170 -26.04 -10.89 22.59
N GLN A 171 -26.32 -12.08 23.14
CA GLN A 171 -27.59 -12.75 22.90
C GLN A 171 -28.70 -11.92 23.54
N LEU A 172 -28.39 -11.34 24.69
CA LEU A 172 -29.38 -10.53 25.39
C LEU A 172 -29.66 -9.25 24.61
N HIS A 173 -28.61 -8.60 24.12
CA HIS A 173 -28.80 -7.38 23.36
C HIS A 173 -29.68 -7.64 22.14
N THR A 174 -29.44 -8.78 21.50
CA THR A 174 -30.18 -9.15 20.29
C THR A 174 -31.66 -9.38 20.58
N ALA A 175 -31.96 -10.20 21.58
CA ALA A 175 -33.34 -10.46 21.94
C ALA A 175 -34.06 -9.15 22.31
N THR A 176 -33.39 -8.33 23.13
CA THR A 176 -33.95 -7.05 23.56
C THR A 176 -34.28 -6.16 22.37
N ALA A 177 -33.34 -6.03 21.43
CA ALA A 177 -33.59 -5.21 20.26
C ALA A 177 -34.86 -5.69 19.53
N PHE A 178 -35.06 -7.00 19.46
CA PHE A 178 -36.25 -7.52 18.78
C PHE A 178 -37.54 -7.29 19.57
N GLU A 179 -37.46 -7.31 20.90
CA GLU A 179 -38.65 -7.07 21.71
C GLU A 179 -39.07 -5.63 21.46
N LEU A 180 -38.10 -4.72 21.45
CA LEU A 180 -38.39 -3.31 21.21
C LEU A 180 -38.99 -3.09 19.83
N LEU A 181 -38.36 -3.67 18.82
CA LEU A 181 -38.81 -3.52 17.44
C LEU A 181 -40.24 -4.08 17.30
N ASN A 182 -40.59 -5.00 18.19
CA ASN A 182 -41.91 -5.62 18.16
C ASN A 182 -43.02 -4.67 18.66
N VAL A 183 -42.63 -3.58 19.31
CA VAL A 183 -43.61 -2.61 19.80
C VAL A 183 -44.14 -1.87 18.57
N THR A 184 -45.47 -1.87 18.41
CA THR A 184 -46.09 -1.23 17.25
C THR A 184 -45.64 0.20 16.95
N GLU A 185 -45.48 1.02 17.97
CA GLU A 185 -45.02 2.40 17.72
C GLU A 185 -43.55 2.46 17.37
N PHE A 186 -42.83 1.36 17.59
CA PHE A 186 -41.39 1.33 17.28
C PHE A 186 -41.06 0.49 16.06
N ASP A 187 -42.03 -0.27 15.57
CA ASP A 187 -41.78 -1.17 14.44
C ASP A 187 -41.68 -0.53 13.06
N PHE A 188 -40.54 0.10 12.78
CA PHE A 188 -40.32 0.75 11.51
C PHE A 188 -40.19 -0.24 10.36
N THR A 189 -40.16 -1.54 10.67
CA THR A 189 -40.04 -2.60 9.67
C THR A 189 -41.33 -3.36 9.44
N SER A 190 -42.43 -2.91 10.06
CA SER A 190 -43.73 -3.57 9.94
C SER A 190 -44.26 -3.73 8.52
N SER A 191 -43.85 -2.83 7.61
CA SER A 191 -44.32 -2.90 6.23
C SER A 191 -43.48 -3.86 5.41
N MET A 192 -42.48 -4.46 6.07
CA MET A 192 -41.62 -5.43 5.41
C MET A 192 -42.42 -6.72 5.22
N ASP A 193 -42.07 -7.43 4.15
CA ASP A 193 -42.65 -8.70 3.79
C ASP A 193 -42.19 -9.70 4.87
N ASN A 194 -42.87 -10.84 5.02
CA ASN A 194 -42.42 -11.81 6.02
C ASN A 194 -41.01 -12.33 5.69
N ALA A 195 -40.73 -12.49 4.40
CA ALA A 195 -39.44 -12.97 3.93
C ALA A 195 -38.32 -11.93 4.17
N SER A 196 -38.61 -10.68 3.89
CA SER A 196 -37.64 -9.62 4.10
C SER A 196 -37.33 -9.45 5.59
N PHE A 197 -38.38 -9.42 6.42
CA PHE A 197 -38.17 -9.27 7.85
C PHE A 197 -37.29 -10.40 8.38
N LEU A 198 -37.46 -11.60 7.84
CA LEU A 198 -36.66 -12.76 8.28
C LEU A 198 -35.20 -12.55 7.93
N GLU A 199 -34.96 -12.00 6.75
CA GLU A 199 -33.60 -11.71 6.29
C GLU A 199 -33.02 -10.64 7.21
N PHE A 200 -33.88 -9.67 7.56
CA PHE A 200 -33.51 -8.57 8.45
C PHE A 200 -33.05 -9.11 9.81
N LYS A 201 -33.85 -9.98 10.41
CA LYS A 201 -33.52 -10.55 11.71
C LYS A 201 -32.24 -11.38 11.68
N ASN A 202 -32.06 -12.18 10.63
CA ASN A 202 -30.87 -12.99 10.55
C ASN A 202 -29.63 -12.10 10.44
N ILE A 203 -29.73 -11.05 9.64
CA ILE A 203 -28.59 -10.14 9.50
C ILE A 203 -28.28 -9.49 10.85
N VAL A 204 -29.30 -8.90 11.47
CA VAL A 204 -29.13 -8.24 12.76
C VAL A 204 -28.56 -9.18 13.80
N SER A 205 -29.12 -10.38 13.86
CA SER A 205 -28.67 -11.38 14.81
C SER A 205 -27.20 -11.73 14.61
N HIS A 206 -26.78 -11.76 13.36
CA HIS A 206 -25.40 -12.07 13.03
C HIS A 206 -24.47 -10.91 13.43
N LEU A 207 -24.85 -9.69 13.05
CA LEU A 207 -24.07 -8.50 13.36
C LEU A 207 -23.80 -8.30 14.85
N ILE A 208 -24.86 -8.39 15.66
CA ILE A 208 -24.72 -8.20 17.10
C ILE A 208 -23.98 -9.37 17.75
N GLY A 209 -24.23 -10.57 17.25
CA GLY A 209 -23.58 -11.74 17.81
C GLY A 209 -22.08 -11.66 17.66
N HIS A 210 -21.64 -11.05 16.57
CA HIS A 210 -20.21 -10.93 16.30
C HIS A 210 -19.51 -9.74 16.94
N THR A 211 -20.14 -9.12 17.94
CA THR A 211 -19.50 -8.03 18.64
C THR A 211 -18.91 -8.66 19.91
N ASP A 212 -19.21 -9.94 20.09
CA ASP A 212 -18.70 -10.71 21.23
C ASP A 212 -17.18 -10.69 21.12
N MET A 213 -16.51 -10.17 22.15
CA MET A 213 -15.05 -10.09 22.13
C MET A 213 -14.33 -11.44 22.14
N SER A 214 -14.98 -12.50 22.60
CA SER A 214 -14.34 -13.82 22.65
C SER A 214 -14.00 -14.37 21.26
N LEU A 215 -14.69 -13.90 20.24
CA LEU A 215 -14.48 -14.38 18.87
C LEU A 215 -13.27 -13.74 18.15
N HIS A 216 -12.55 -12.86 18.83
CA HIS A 216 -11.43 -12.16 18.18
C HIS A 216 -10.43 -13.01 17.39
N SER A 217 -9.78 -13.94 18.06
CA SER A 217 -8.80 -14.80 17.42
C SER A 217 -9.41 -15.50 16.21
N GLU A 218 -10.61 -16.04 16.40
CA GLU A 218 -11.34 -16.75 15.37
C GLU A 218 -11.66 -15.88 14.14
N THR A 219 -12.18 -14.68 14.38
CA THR A 219 -12.55 -13.80 13.28
C THR A 219 -11.35 -13.24 12.50
N VAL A 220 -10.28 -12.89 13.22
CA VAL A 220 -9.08 -12.37 12.59
C VAL A 220 -8.53 -13.45 11.66
N ALA A 221 -8.52 -14.69 12.15
CA ALA A 221 -8.03 -15.82 11.36
C ALA A 221 -8.91 -16.04 10.12
N LYS A 222 -10.22 -16.01 10.32
CA LYS A 222 -11.17 -16.21 9.23
C LYS A 222 -11.06 -15.11 8.17
N HIS A 223 -11.01 -13.85 8.61
CA HIS A 223 -10.91 -12.74 7.67
C HIS A 223 -9.57 -12.72 6.97
N GLY A 224 -8.53 -13.23 7.65
CA GLY A 224 -7.22 -13.29 7.03
C GLY A 224 -7.22 -14.31 5.90
N ALA A 225 -7.95 -15.41 6.09
CA ALA A 225 -8.05 -16.44 5.07
C ALA A 225 -8.85 -15.90 3.88
N LYS A 226 -9.89 -15.12 4.18
CA LYS A 226 -10.73 -14.52 3.15
C LYS A 226 -9.90 -13.59 2.29
N LEU A 227 -9.00 -12.87 2.93
CA LEU A 227 -8.09 -11.94 2.26
C LEU A 227 -7.19 -12.71 1.30
N SER A 228 -6.67 -13.84 1.77
CA SER A 228 -5.79 -14.65 0.94
C SER A 228 -6.51 -15.19 -0.30
N ALA A 229 -7.82 -15.39 -0.18
CA ALA A 229 -8.60 -15.91 -1.30
C ALA A 229 -9.07 -14.79 -2.22
N GLY A 230 -8.66 -13.55 -1.95
CA GLY A 230 -9.06 -12.46 -2.82
C GLY A 230 -10.03 -11.44 -2.22
N GLY A 231 -10.29 -11.55 -0.92
CA GLY A 231 -11.18 -10.60 -0.30
C GLY A 231 -12.67 -10.86 -0.51
N PHE A 232 -13.46 -9.87 -0.15
CA PHE A 232 -14.90 -9.96 -0.27
C PHE A 232 -15.45 -9.79 -1.67
N ASP A 233 -16.36 -10.68 -2.05
CA ASP A 233 -17.05 -10.60 -3.36
C ASP A 233 -18.38 -9.97 -3.01
N CYS A 234 -18.50 -8.66 -3.20
CA CYS A 234 -19.72 -7.96 -2.84
C CYS A 234 -20.99 -8.26 -3.64
N THR A 235 -20.89 -9.06 -4.70
CA THR A 235 -22.09 -9.42 -5.45
C THR A 235 -22.70 -10.61 -4.69
N CYS A 236 -22.01 -11.05 -3.66
CA CYS A 236 -22.44 -12.18 -2.84
C CYS A 236 -22.94 -11.69 -1.49
N LYS A 237 -24.23 -11.91 -1.20
CA LYS A 237 -24.80 -11.44 0.04
C LYS A 237 -24.16 -11.98 1.32
N GLU A 238 -23.71 -13.24 1.33
CA GLU A 238 -23.07 -13.73 2.55
C GLU A 238 -21.77 -12.95 2.75
N ASP A 239 -21.08 -12.62 1.66
CA ASP A 239 -19.85 -11.85 1.77
C ASP A 239 -20.12 -10.45 2.30
N ARG A 240 -21.21 -9.82 1.85
CA ARG A 240 -21.54 -8.46 2.32
C ARG A 240 -21.87 -8.53 3.80
N LEU A 241 -22.47 -9.63 4.22
CA LEU A 241 -22.81 -9.81 5.63
C LEU A 241 -21.52 -9.89 6.45
N GLU A 242 -20.57 -10.72 6.00
CA GLU A 242 -19.28 -10.87 6.68
C GLU A 242 -18.60 -9.52 6.78
N ALA A 243 -18.58 -8.79 5.65
CA ALA A 243 -17.97 -7.48 5.60
C ALA A 243 -18.63 -6.53 6.61
N LEU A 244 -19.96 -6.45 6.60
CA LEU A 244 -20.66 -5.59 7.55
C LEU A 244 -20.24 -5.96 8.96
N SER A 245 -20.20 -7.26 9.21
CA SER A 245 -19.82 -7.81 10.50
C SER A 245 -18.43 -7.31 10.94
N LEU A 246 -17.46 -7.35 10.02
CA LEU A 246 -16.12 -6.88 10.33
C LEU A 246 -16.09 -5.38 10.62
N LEU A 247 -16.81 -4.61 9.81
CA LEU A 247 -16.86 -3.16 9.98
C LEU A 247 -17.59 -2.74 11.27
N LEU A 248 -18.68 -3.44 11.62
CA LEU A 248 -19.43 -3.11 12.82
C LEU A 248 -18.53 -3.29 14.03
N HIS A 249 -17.85 -4.43 14.06
CA HIS A 249 -16.92 -4.78 15.12
C HIS A 249 -15.80 -3.74 15.22
N ALA A 250 -15.18 -3.40 14.09
CA ALA A 250 -14.12 -2.42 14.09
C ALA A 250 -14.66 -1.12 14.72
N ALA A 251 -15.84 -0.71 14.29
CA ALA A 251 -16.43 0.50 14.84
C ALA A 251 -16.62 0.34 16.35
N ASP A 252 -17.08 -0.82 16.80
CA ASP A 252 -17.30 -0.96 18.23
C ASP A 252 -16.07 -0.81 19.13
N ILE A 253 -14.93 -1.32 18.67
CA ILE A 253 -13.70 -1.23 19.44
C ILE A 253 -12.75 -0.21 18.82
N GLY A 254 -13.28 0.66 17.95
CA GLY A 254 -12.39 1.62 17.30
C GLY A 254 -12.36 3.08 17.70
N ALA A 255 -12.93 3.44 18.84
CA ALA A 255 -12.90 4.86 19.21
C ALA A 255 -11.46 5.39 19.33
N SER A 256 -10.55 4.56 19.79
CA SER A 256 -9.16 5.01 19.94
C SER A 256 -8.42 5.21 18.62
N SER A 257 -9.10 4.97 17.50
CA SER A 257 -8.49 5.16 16.19
C SER A 257 -9.03 6.42 15.52
N ARG A 258 -9.89 7.16 16.22
CA ARG A 258 -10.48 8.38 15.66
C ARG A 258 -9.63 9.62 15.85
N GLY A 259 -8.54 9.49 16.59
CA GLY A 259 -7.67 10.63 16.83
C GLY A 259 -7.19 10.59 18.27
N VAL A 260 -6.00 11.13 18.51
CA VAL A 260 -5.41 11.16 19.85
C VAL A 260 -6.34 11.72 20.93
N ALA A 261 -6.84 12.94 20.71
CA ALA A 261 -7.74 13.60 21.66
C ALA A 261 -9.03 12.84 21.93
N ILE A 262 -9.57 12.19 20.90
CA ILE A 262 -10.80 11.43 21.05
C ILE A 262 -10.51 10.15 21.83
N ALA A 263 -9.41 9.49 21.50
CA ALA A 263 -9.01 8.28 22.19
C ALA A 263 -8.96 8.52 23.70
N ARG A 264 -8.42 9.68 24.10
CA ARG A 264 -8.33 10.01 25.52
C ARG A 264 -9.70 9.99 26.20
N LYS A 265 -10.73 10.46 25.50
CA LYS A 265 -12.07 10.48 26.08
C LYS A 265 -12.67 9.10 26.29
N TRP A 266 -12.21 8.11 25.52
CA TRP A 266 -12.77 6.78 25.69
C TRP A 266 -12.03 5.87 26.65
N LEU A 267 -11.16 6.45 27.48
CA LEU A 267 -10.45 5.67 28.47
C LEU A 267 -11.38 5.45 29.68
N VAL A 268 -12.63 5.90 29.55
CA VAL A 268 -13.61 5.72 30.61
C VAL A 268 -13.93 4.24 30.77
N ILE A 269 -13.51 3.44 29.79
CA ILE A 269 -13.74 1.99 29.84
C ILE A 269 -13.07 1.46 31.12
N LEU A 270 -11.94 2.06 31.50
CA LEU A 270 -11.22 1.64 32.70
C LEU A 270 -12.07 1.91 33.96
N GLN A 271 -12.93 2.93 33.91
CA GLN A 271 -13.81 3.22 35.05
C GLN A 271 -14.77 2.06 35.25
N GLU A 272 -15.25 1.46 34.16
CA GLU A 272 -16.16 0.32 34.28
C GLU A 272 -15.37 -0.84 34.86
N PHE A 273 -14.12 -1.00 34.41
CA PHE A 273 -13.24 -2.06 34.90
C PHE A 273 -12.99 -1.88 36.40
N ALA A 274 -12.65 -0.65 36.81
CA ALA A 274 -12.40 -0.36 38.22
C ALA A 274 -13.65 -0.72 39.02
N ASP A 275 -14.82 -0.32 38.52
CA ASP A 275 -16.07 -0.63 39.20
C ASP A 275 -16.27 -2.12 39.38
N GLN A 276 -16.10 -2.88 38.30
CA GLN A 276 -16.27 -4.33 38.40
C GLN A 276 -15.28 -4.92 39.38
N ALA A 277 -14.04 -4.46 39.33
CA ALA A 277 -13.02 -4.97 40.24
C ALA A 277 -13.48 -4.76 41.68
N GLU A 278 -14.04 -3.57 41.95
CA GLU A 278 -14.53 -3.23 43.29
C GLU A 278 -15.77 -4.04 43.65
N ASP A 279 -16.64 -4.23 42.66
CA ASP A 279 -17.86 -5.01 42.86
C ASP A 279 -17.42 -6.41 43.26
N GLU A 280 -16.45 -6.96 42.53
CA GLU A 280 -15.93 -8.29 42.82
C GLU A 280 -15.34 -8.37 44.23
N ARG A 281 -14.60 -7.36 44.64
CA ARG A 281 -14.00 -7.37 45.97
C ARG A 281 -15.10 -7.40 47.03
N ARG A 282 -16.11 -6.53 46.87
CA ARG A 282 -17.20 -6.48 47.83
C ARG A 282 -17.96 -7.81 47.93
N ARG A 283 -18.03 -8.54 46.82
CA ARG A 283 -18.73 -9.83 46.81
C ARG A 283 -17.83 -10.96 47.31
N GLY A 284 -16.55 -10.68 47.51
CA GLY A 284 -15.64 -11.70 47.98
C GLY A 284 -15.22 -12.66 46.88
N LEU A 285 -15.25 -12.17 45.64
CA LEU A 285 -14.88 -12.97 44.48
C LEU A 285 -13.49 -12.60 44.01
N PRO A 286 -12.85 -13.49 43.23
CA PRO A 286 -11.50 -13.16 42.75
C PRO A 286 -11.60 -11.96 41.82
N VAL A 287 -10.63 -11.05 41.90
CA VAL A 287 -10.63 -9.87 41.05
C VAL A 287 -10.09 -10.11 39.63
N THR A 288 -10.83 -9.65 38.63
CA THR A 288 -10.43 -9.83 37.24
C THR A 288 -9.07 -9.21 36.95
N PRO A 289 -8.13 -10.02 36.46
CA PRO A 289 -6.79 -9.51 36.16
C PRO A 289 -6.79 -8.32 35.19
N GLY A 290 -6.04 -7.29 35.53
CA GLY A 290 -5.94 -6.12 34.69
C GLY A 290 -7.08 -5.12 34.85
N PHE A 291 -8.08 -5.44 35.68
CA PHE A 291 -9.21 -4.53 35.86
C PHE A 291 -9.02 -3.41 36.87
N GLU A 292 -8.17 -3.62 37.88
CA GLU A 292 -7.93 -2.55 38.84
C GLU A 292 -7.06 -1.49 38.16
N THR A 293 -7.23 -0.24 38.58
CA THR A 293 -6.45 0.83 38.01
C THR A 293 -4.95 0.52 38.07
N PRO A 294 -4.27 0.62 36.91
CA PRO A 294 -2.84 0.37 36.80
C PRO A 294 -2.01 1.61 37.12
N SER A 295 -0.73 1.40 37.38
CA SER A 295 0.20 2.48 37.69
C SER A 295 0.24 3.52 36.56
N SER A 296 0.22 3.06 35.31
CA SER A 296 0.25 3.95 34.15
C SER A 296 -0.79 3.55 33.11
N VAL A 297 -1.85 4.35 32.99
CA VAL A 297 -2.91 4.08 32.03
C VAL A 297 -2.39 3.96 30.59
N GLU A 298 -1.64 4.97 30.16
CA GLU A 298 -1.10 5.01 28.80
C GLU A 298 -0.26 3.82 28.39
N LYS A 299 0.58 3.33 29.29
CA LYS A 299 1.42 2.21 28.91
C LYS A 299 0.72 0.86 28.97
N SER A 300 -0.35 0.77 29.76
CA SER A 300 -1.10 -0.46 29.85
C SER A 300 -1.97 -0.59 28.61
N GLN A 301 -2.22 0.54 27.96
CA GLN A 301 -3.03 0.60 26.74
C GLN A 301 -2.32 -0.05 25.57
N ILE A 302 -1.00 0.10 25.53
CA ILE A 302 -0.18 -0.43 24.44
C ILE A 302 -0.39 -1.93 24.14
N PRO A 303 -0.19 -2.81 25.13
CA PRO A 303 -0.41 -4.22 24.76
C PRO A 303 -1.85 -4.51 24.29
N PHE A 304 -2.80 -3.70 24.74
CA PHE A 304 -4.20 -3.91 24.33
C PHE A 304 -4.38 -3.47 22.89
N LEU A 305 -3.71 -2.39 22.50
CA LEU A 305 -3.80 -1.90 21.13
C LEU A 305 -3.05 -2.88 20.20
N ASP A 306 -1.91 -3.39 20.66
CA ASP A 306 -1.13 -4.34 19.86
C ASP A 306 -1.85 -5.67 19.70
N PHE A 307 -2.61 -6.05 20.72
CA PHE A 307 -3.32 -7.32 20.68
C PHE A 307 -4.68 -7.34 19.99
N PHE A 308 -5.52 -6.36 20.30
CA PHE A 308 -6.88 -6.31 19.73
C PHE A 308 -7.14 -5.29 18.63
N VAL A 309 -6.95 -4.03 18.96
CA VAL A 309 -7.25 -2.94 18.05
C VAL A 309 -6.43 -2.83 16.79
N ILE A 310 -5.10 -2.71 16.92
CA ILE A 310 -4.29 -2.58 15.73
C ILE A 310 -4.49 -3.74 14.74
N PRO A 311 -4.42 -4.99 15.21
CA PRO A 311 -4.62 -6.10 14.26
C PRO A 311 -5.93 -5.97 13.49
N THR A 312 -6.99 -5.60 14.20
CA THR A 312 -8.31 -5.44 13.57
C THR A 312 -8.26 -4.43 12.43
N PHE A 313 -7.72 -3.24 12.69
CA PHE A 313 -7.68 -2.21 11.64
C PHE A 313 -6.61 -2.43 10.59
N ASP A 314 -5.65 -3.31 10.89
CA ASP A 314 -4.62 -3.61 9.90
C ASP A 314 -5.27 -4.53 8.88
N LEU A 315 -5.99 -5.53 9.38
CA LEU A 315 -6.66 -6.47 8.52
C LEU A 315 -7.73 -5.71 7.73
N LEU A 316 -8.47 -4.85 8.41
CA LEU A 316 -9.51 -4.07 7.76
C LEU A 316 -8.91 -3.27 6.61
N HIS A 317 -7.73 -2.70 6.82
CA HIS A 317 -7.06 -1.93 5.77
C HIS A 317 -6.65 -2.81 4.57
N GLN A 318 -6.33 -4.09 4.81
CA GLN A 318 -5.96 -4.96 3.70
C GLN A 318 -7.18 -5.42 2.92
N LEU A 319 -8.32 -5.54 3.59
CA LEU A 319 -9.56 -5.97 2.96
C LEU A 319 -10.24 -4.82 2.23
N PHE A 320 -10.01 -3.60 2.69
CA PHE A 320 -10.57 -2.40 2.07
C PHE A 320 -9.44 -1.38 2.04
N PRO A 321 -8.54 -1.51 1.05
CA PRO A 321 -7.37 -0.66 0.84
C PRO A 321 -7.53 0.86 0.99
N SER A 322 -8.74 1.38 0.80
CA SER A 322 -8.93 2.82 0.93
C SER A 322 -9.07 3.29 2.40
N ILE A 323 -9.44 2.39 3.30
CA ILE A 323 -9.59 2.73 4.73
C ILE A 323 -8.25 2.62 5.44
N GLU A 324 -7.51 3.72 5.43
CA GLU A 324 -6.17 3.79 6.00
C GLU A 324 -6.07 4.67 7.25
N GLU A 325 -6.89 5.71 7.30
CA GLU A 325 -6.91 6.66 8.41
C GLU A 325 -6.92 6.03 9.82
N PRO A 326 -7.82 5.08 10.07
CA PRO A 326 -7.86 4.47 11.40
C PRO A 326 -6.54 3.85 11.83
N LEU A 327 -5.89 3.13 10.92
CA LEU A 327 -4.63 2.49 11.24
C LEU A 327 -3.52 3.52 11.49
N HIS A 328 -3.44 4.57 10.69
CA HIS A 328 -2.41 5.57 10.92
C HIS A 328 -2.65 6.22 12.29
N ASN A 329 -3.90 6.49 12.61
CA ASN A 329 -4.22 7.11 13.91
C ASN A 329 -3.82 6.22 15.08
N LEU A 330 -4.06 4.91 14.95
CA LEU A 330 -3.68 4.01 16.02
C LEU A 330 -2.18 4.11 16.21
N ARG A 331 -1.45 4.10 15.11
CA ARG A 331 0.00 4.17 15.19
C ARG A 331 0.47 5.47 15.86
N LYS A 332 -0.09 6.60 15.47
CA LYS A 332 0.28 7.86 16.10
C LYS A 332 -0.04 7.75 17.60
N LEU A 333 -1.20 7.18 17.91
CA LEU A 333 -1.59 7.03 19.30
C LEU A 333 -0.59 6.16 20.06
N ARG A 334 -0.19 5.03 19.49
CA ARG A 334 0.75 4.13 20.16
C ARG A 334 2.08 4.86 20.40
N GLU A 335 2.53 5.60 19.40
CA GLU A 335 3.79 6.31 19.51
C GLU A 335 3.75 7.29 20.69
N LEU A 336 2.61 7.94 20.86
CA LEU A 336 2.44 8.90 21.93
C LEU A 336 2.49 8.18 23.28
N TYR A 337 1.76 7.07 23.40
CA TYR A 337 1.76 6.31 24.65
C TYR A 337 3.15 5.75 24.94
N ALA A 338 3.86 5.32 23.90
CA ALA A 338 5.20 4.75 24.07
C ALA A 338 6.20 5.78 24.56
N ALA A 339 6.03 7.03 24.12
CA ALA A 339 6.94 8.10 24.51
C ALA A 339 6.71 8.53 25.95
N LYS A 340 5.45 8.56 26.36
CA LYS A 340 5.03 8.94 27.71
C LYS A 340 6.04 8.47 28.76
N ALA A 341 6.89 9.40 29.19
CA ALA A 341 7.92 9.11 30.19
C ALA A 341 8.73 7.85 29.86
N MET B 8 22.83 -32.21 36.20
CA MET B 8 23.22 -32.42 34.77
C MET B 8 22.86 -33.84 34.33
N ILE B 9 23.52 -34.33 33.28
CA ILE B 9 23.23 -35.68 32.78
C ILE B 9 24.43 -36.59 32.55
N SER B 10 25.64 -36.09 32.75
CA SER B 10 26.84 -36.90 32.57
C SER B 10 26.70 -38.19 33.40
N THR B 11 25.83 -38.16 34.39
CA THR B 11 25.59 -39.29 35.29
C THR B 11 24.32 -40.09 34.95
N ARG B 12 23.36 -39.44 34.31
CA ARG B 12 22.12 -40.10 33.94
C ARG B 12 22.35 -41.20 32.89
N ARG B 13 21.69 -42.34 33.07
CA ARG B 13 21.82 -43.45 32.12
C ARG B 13 20.74 -43.24 31.05
N LEU B 14 21.15 -42.72 29.90
CA LEU B 14 20.24 -42.44 28.80
C LEU B 14 20.45 -43.38 27.63
N PRO B 15 19.51 -43.40 26.68
CA PRO B 15 19.70 -44.29 25.53
C PRO B 15 20.67 -43.63 24.56
N PRO B 16 21.22 -44.40 23.61
CA PRO B 16 22.13 -43.74 22.68
C PRO B 16 21.34 -42.72 21.85
N SER B 17 21.99 -41.60 21.52
CA SER B 17 21.35 -40.54 20.77
C SER B 17 21.15 -40.95 19.31
N ILE B 18 20.07 -40.47 18.70
CA ILE B 18 19.79 -40.78 17.30
C ILE B 18 20.41 -39.70 16.44
N VAL B 19 20.95 -38.67 17.08
CA VAL B 19 21.60 -37.58 16.38
C VAL B 19 23.05 -37.99 16.21
N GLN B 20 23.59 -37.84 15.01
CA GLN B 20 24.95 -38.22 14.73
C GLN B 20 25.94 -37.14 15.20
N ASP B 21 27.09 -37.57 15.73
CA ASP B 21 28.12 -36.65 16.20
C ASP B 21 28.73 -35.86 15.04
N THR B 22 29.32 -34.72 15.37
CA THR B 22 29.96 -33.85 14.39
C THR B 22 31.09 -34.57 13.66
N ILE B 23 31.18 -34.37 12.36
CA ILE B 23 32.25 -34.98 11.56
C ILE B 23 33.22 -33.86 11.16
N LEU B 24 34.36 -33.81 11.83
CA LEU B 24 35.39 -32.78 11.60
C LEU B 24 36.37 -33.10 10.48
N ALA B 25 36.20 -34.24 9.83
CA ALA B 25 37.09 -34.62 8.75
C ALA B 25 37.13 -33.63 7.61
N VAL B 26 38.33 -33.33 7.13
CA VAL B 26 38.50 -32.43 6.00
C VAL B 26 38.06 -33.26 4.80
N VAL B 27 37.04 -32.78 4.09
CA VAL B 27 36.50 -33.47 2.93
C VAL B 27 36.78 -32.71 1.64
N PRO B 28 36.99 -33.45 0.54
CA PRO B 28 37.27 -32.83 -0.77
C PRO B 28 36.07 -32.10 -1.37
N PRO B 29 36.11 -30.77 -1.42
CA PRO B 29 35.00 -29.98 -1.98
C PRO B 29 34.67 -30.41 -3.40
N LYS B 30 33.39 -30.35 -3.76
CA LYS B 30 32.99 -30.73 -5.10
C LYS B 30 33.06 -29.57 -6.08
N SER B 31 32.96 -29.90 -7.37
CA SER B 31 33.02 -28.95 -8.49
C SER B 31 32.76 -27.46 -8.28
N CYS B 32 31.52 -27.10 -7.95
CA CYS B 32 31.13 -25.69 -7.79
C CYS B 32 30.79 -25.13 -9.17
N ALA B 33 30.08 -25.93 -9.95
CA ALA B 33 29.69 -25.55 -11.29
C ALA B 33 28.91 -24.23 -11.31
N ALA B 34 28.59 -23.76 -12.52
CA ALA B 34 27.83 -22.53 -12.70
C ALA B 34 26.36 -22.90 -12.53
N ILE B 35 25.66 -22.15 -11.69
CA ILE B 35 24.26 -22.43 -11.43
C ILE B 35 23.31 -21.32 -11.87
N GLY B 36 23.77 -20.43 -12.74
CA GLY B 36 22.93 -19.35 -13.23
C GLY B 36 23.55 -17.96 -13.18
N THR B 37 22.83 -16.99 -13.75
CA THR B 37 23.26 -15.59 -13.81
C THR B 37 23.10 -14.90 -12.44
N ASP B 38 23.75 -13.76 -12.28
CA ASP B 38 23.64 -13.01 -11.03
C ASP B 38 22.16 -12.72 -10.78
N VAL B 39 21.41 -12.51 -11.86
CA VAL B 39 19.99 -12.24 -11.78
C VAL B 39 19.23 -13.49 -11.34
N ASP B 40 19.68 -14.65 -11.80
CA ASP B 40 19.02 -15.89 -11.43
C ASP B 40 19.22 -16.22 -9.96
N LEU B 41 20.40 -15.93 -9.43
CA LEU B 41 20.69 -16.23 -8.03
C LEU B 41 19.96 -15.29 -7.07
N ARG B 42 19.60 -14.10 -7.55
CA ARG B 42 18.88 -13.16 -6.72
C ARG B 42 17.38 -13.42 -6.81
N ASP B 43 16.96 -14.18 -7.81
CA ASP B 43 15.55 -14.46 -7.99
C ASP B 43 14.97 -15.45 -6.97
N TRP B 44 13.71 -15.21 -6.58
CA TRP B 44 13.03 -16.04 -5.62
C TRP B 44 12.54 -17.33 -6.27
N GLY B 45 12.50 -17.33 -7.60
CA GLY B 45 12.04 -18.49 -8.34
C GLY B 45 13.11 -19.58 -8.47
N PHE B 46 14.34 -19.27 -8.06
CA PHE B 46 15.43 -20.23 -8.13
C PHE B 46 14.92 -21.60 -7.67
N ASP B 47 15.14 -22.62 -8.49
CA ASP B 47 14.68 -23.97 -8.18
C ASP B 47 15.83 -24.86 -7.67
N THR B 48 16.12 -24.75 -6.38
CA THR B 48 17.18 -25.50 -5.73
C THR B 48 17.20 -27.00 -6.03
N PHE B 49 16.04 -27.65 -5.98
CA PHE B 49 15.98 -29.07 -6.28
C PHE B 49 16.41 -29.35 -7.71
N GLU B 50 15.82 -28.64 -8.67
CA GLU B 50 16.15 -28.84 -10.07
C GLU B 50 17.66 -28.69 -10.30
N VAL B 51 18.26 -27.70 -9.67
CA VAL B 51 19.69 -27.46 -9.82
C VAL B 51 20.49 -28.61 -9.19
N ALA B 52 20.03 -29.10 -8.06
CA ALA B 52 20.72 -30.20 -7.40
C ALA B 52 20.70 -31.45 -8.31
N SER B 53 19.75 -31.46 -9.24
CA SER B 53 19.59 -32.59 -10.17
C SER B 53 20.67 -32.72 -11.23
N ARG B 54 21.36 -31.63 -11.52
CA ARG B 54 22.41 -31.71 -12.51
C ARG B 54 23.61 -30.83 -12.22
N VAL B 55 24.10 -30.96 -10.98
CA VAL B 55 25.26 -30.24 -10.49
C VAL B 55 25.81 -31.13 -9.38
N PRO B 56 27.13 -31.13 -9.17
CA PRO B 56 27.65 -32.00 -8.10
C PRO B 56 27.22 -31.57 -6.69
N SER B 57 27.09 -30.27 -6.45
CA SER B 57 26.66 -29.80 -5.14
C SER B 57 26.03 -28.43 -5.21
N VAL B 58 24.70 -28.38 -5.13
CA VAL B 58 24.01 -27.10 -5.20
C VAL B 58 24.42 -26.25 -3.99
N LEU B 59 24.59 -26.87 -2.83
CA LEU B 59 24.99 -26.11 -1.64
C LEU B 59 26.35 -25.42 -1.86
N GLN B 60 27.39 -26.18 -2.21
CA GLN B 60 28.70 -25.56 -2.42
C GLN B 60 28.72 -24.48 -3.51
N SER B 61 27.94 -24.67 -4.57
CA SER B 61 27.89 -23.66 -5.62
C SER B 61 27.17 -22.40 -5.14
N VAL B 62 26.11 -22.56 -4.36
CA VAL B 62 25.37 -21.39 -3.86
C VAL B 62 26.23 -20.65 -2.85
N ALA B 63 26.84 -21.42 -1.95
CA ALA B 63 27.70 -20.85 -0.93
C ALA B 63 28.82 -20.03 -1.55
N MET B 64 29.36 -20.49 -2.67
CA MET B 64 30.46 -19.75 -3.31
C MET B 64 29.92 -18.54 -4.05
N HIS B 65 28.78 -18.69 -4.72
CA HIS B 65 28.23 -17.54 -5.42
C HIS B 65 27.92 -16.41 -4.44
N VAL B 66 27.45 -16.75 -3.23
CA VAL B 66 27.13 -15.75 -2.23
C VAL B 66 28.38 -15.07 -1.70
N ALA B 67 29.43 -15.86 -1.46
CA ALA B 67 30.69 -15.30 -0.95
C ALA B 67 31.29 -14.31 -1.97
N LEU B 68 31.22 -14.67 -3.24
CA LEU B 68 31.76 -13.80 -4.29
C LEU B 68 30.88 -12.56 -4.48
N ALA B 69 29.59 -12.77 -4.67
CA ALA B 69 28.64 -11.70 -4.88
C ALA B 69 28.63 -10.66 -3.75
N TRP B 70 29.01 -11.09 -2.55
CA TRP B 70 29.05 -10.19 -1.41
C TRP B 70 30.48 -9.90 -0.92
N ASP B 71 31.44 -9.93 -1.85
CA ASP B 71 32.85 -9.65 -1.54
C ASP B 71 33.27 -10.10 -0.15
N PHE B 72 33.19 -11.40 0.12
CA PHE B 72 33.55 -11.96 1.42
C PHE B 72 35.05 -12.01 1.72
N PHE B 73 35.85 -12.36 0.71
CA PHE B 73 37.28 -12.54 0.90
C PHE B 73 38.26 -11.50 0.36
N ALA B 74 39.37 -11.37 1.08
CA ALA B 74 40.44 -10.45 0.73
C ALA B 74 41.69 -11.26 0.40
N SER B 75 41.51 -12.56 0.17
CA SER B 75 42.62 -13.44 -0.16
C SER B 75 42.08 -14.80 -0.55
N GLN B 76 42.76 -15.46 -1.48
CA GLN B 76 42.33 -16.77 -1.92
C GLN B 76 42.36 -17.74 -0.75
N GLU B 77 43.19 -17.42 0.24
CA GLU B 77 43.31 -18.26 1.43
C GLU B 77 41.95 -18.38 2.12
N GLU B 78 41.38 -17.24 2.50
CA GLU B 78 40.09 -17.22 3.18
C GLU B 78 39.03 -17.90 2.32
N ALA B 79 39.07 -17.63 1.02
CA ALA B 79 38.11 -18.23 0.09
C ALA B 79 38.20 -19.74 0.11
N GLN B 80 39.41 -20.25 0.30
CA GLN B 80 39.63 -21.69 0.33
C GLN B 80 39.02 -22.28 1.60
N LYS B 81 39.27 -21.64 2.73
CA LYS B 81 38.74 -22.12 4.00
C LYS B 81 37.22 -22.23 3.93
N TRP B 82 36.59 -21.27 3.26
CA TRP B 82 35.15 -21.25 3.08
C TRP B 82 34.71 -22.47 2.28
N ALA B 83 35.41 -22.74 1.19
CA ALA B 83 35.09 -23.89 0.34
C ALA B 83 35.16 -25.20 1.11
N PHE B 84 36.18 -25.37 1.94
CA PHE B 84 36.31 -26.59 2.72
C PHE B 84 35.26 -26.62 3.82
N LEU B 85 34.89 -25.43 4.32
CA LEU B 85 33.88 -25.30 5.36
C LEU B 85 32.56 -25.86 4.84
N VAL B 86 32.12 -25.33 3.69
CA VAL B 86 30.86 -25.74 3.09
C VAL B 86 30.83 -27.22 2.75
N ALA B 87 31.96 -27.76 2.29
CA ALA B 87 32.04 -29.19 1.95
C ALA B 87 31.84 -30.01 3.22
N ALA B 88 32.45 -29.57 4.31
CA ALA B 88 32.35 -30.26 5.59
C ALA B 88 30.94 -30.11 6.17
N VAL B 89 30.34 -28.94 5.99
CA VAL B 89 28.99 -28.71 6.49
C VAL B 89 28.06 -29.66 5.75
N GLU B 90 28.25 -29.75 4.44
CA GLU B 90 27.43 -30.64 3.64
C GLU B 90 27.66 -32.08 4.07
N ASN B 91 28.88 -32.37 4.49
CA ASN B 91 29.23 -33.70 4.92
C ASN B 91 28.52 -33.98 6.25
N ASN B 92 28.00 -32.92 6.87
CA ASN B 92 27.31 -33.03 8.15
C ASN B 92 25.77 -32.97 8.10
N TYR B 93 25.20 -32.96 6.89
CA TYR B 93 23.75 -32.99 6.71
C TYR B 93 23.38 -34.44 6.39
N ARG B 94 22.29 -34.93 6.97
CA ARG B 94 21.82 -36.30 6.74
C ARG B 94 21.03 -36.43 5.44
N PRO B 95 20.87 -37.66 4.93
CA PRO B 95 20.12 -37.81 3.69
C PRO B 95 18.61 -37.85 3.95
N ASN B 96 18.15 -36.90 4.77
CA ASN B 96 16.73 -36.78 5.11
C ASN B 96 15.96 -36.36 3.87
N PRO B 97 14.67 -36.66 3.83
CA PRO B 97 13.87 -36.27 2.67
C PRO B 97 13.79 -34.74 2.55
N TYR B 98 13.75 -34.07 3.70
CA TYR B 98 13.64 -32.61 3.73
C TYR B 98 14.80 -31.84 4.37
N HIS B 99 15.13 -32.16 5.62
CA HIS B 99 16.20 -31.45 6.32
C HIS B 99 17.57 -31.96 5.90
N ASN B 100 17.98 -31.59 4.70
CA ASN B 100 19.22 -32.02 4.11
C ASN B 100 20.02 -30.84 3.56
N ALA B 101 21.14 -31.16 2.91
CA ALA B 101 22.03 -30.17 2.31
C ALA B 101 21.31 -29.30 1.27
N ILE B 102 20.31 -29.87 0.62
CA ILE B 102 19.56 -29.15 -0.40
C ILE B 102 18.72 -28.06 0.27
N HIS B 103 18.06 -28.40 1.37
CA HIS B 103 17.26 -27.43 2.13
C HIS B 103 18.23 -26.32 2.55
N ALA B 104 19.41 -26.71 3.03
CA ALA B 104 20.42 -25.75 3.45
C ALA B 104 20.76 -24.78 2.34
N ALA B 105 20.87 -25.29 1.11
CA ALA B 105 21.19 -24.45 -0.04
C ALA B 105 20.02 -23.54 -0.40
N ASP B 106 18.81 -24.08 -0.27
CA ASP B 106 17.59 -23.35 -0.56
C ASP B 106 17.45 -22.16 0.40
N VAL B 107 17.72 -22.41 1.68
CA VAL B 107 17.64 -21.36 2.70
C VAL B 107 18.75 -20.33 2.54
N LEU B 108 19.93 -20.77 2.11
CA LEU B 108 21.05 -19.84 1.92
C LEU B 108 20.77 -18.93 0.72
N GLN B 109 20.24 -19.48 -0.36
CA GLN B 109 19.94 -18.67 -1.54
C GLN B 109 18.73 -17.78 -1.25
N GLY B 110 17.77 -18.32 -0.49
CA GLY B 110 16.58 -17.56 -0.13
C GLY B 110 16.95 -16.35 0.70
N THR B 111 17.85 -16.53 1.66
CA THR B 111 18.27 -15.44 2.51
C THR B 111 18.98 -14.41 1.64
N PHE B 112 19.82 -14.92 0.75
CA PHE B 112 20.56 -14.05 -0.16
C PHE B 112 19.58 -13.25 -1.01
N SER B 113 18.55 -13.92 -1.52
CA SER B 113 17.54 -13.28 -2.37
C SER B 113 16.73 -12.21 -1.62
N LEU B 114 16.18 -12.57 -0.47
CA LEU B 114 15.39 -11.63 0.33
C LEU B 114 16.19 -10.40 0.74
N VAL B 115 17.36 -10.64 1.33
CA VAL B 115 18.22 -9.56 1.80
C VAL B 115 18.62 -8.59 0.69
N SER B 116 19.04 -9.10 -0.45
CA SER B 116 19.45 -8.20 -1.52
C SER B 116 18.26 -7.61 -2.28
N ALA B 117 17.05 -7.96 -1.86
CA ALA B 117 15.85 -7.42 -2.49
C ALA B 117 15.39 -6.19 -1.72
N ALA B 118 15.93 -6.01 -0.51
CA ALA B 118 15.58 -4.88 0.36
C ALA B 118 16.75 -3.89 0.42
N LYS B 119 16.68 -2.87 -0.41
CA LYS B 119 17.72 -1.85 -0.51
C LYS B 119 18.21 -1.25 0.82
N PRO B 120 17.28 -0.74 1.65
CA PRO B 120 17.73 -0.16 2.92
C PRO B 120 18.54 -1.10 3.79
N LEU B 121 18.15 -2.38 3.82
CA LEU B 121 18.89 -3.35 4.62
C LEU B 121 20.23 -3.66 3.96
N MET B 122 20.22 -3.88 2.65
CA MET B 122 21.45 -4.18 1.93
C MET B 122 22.48 -3.08 2.07
N GLU B 123 22.07 -1.83 1.87
CA GLU B 123 22.99 -0.71 1.95
C GLU B 123 23.48 -0.34 3.35
N HIS B 124 23.10 -1.10 4.37
CA HIS B 124 23.54 -0.79 5.72
C HIS B 124 24.12 -1.99 6.46
N LEU B 125 24.08 -3.16 5.83
CA LEU B 125 24.64 -4.35 6.44
C LEU B 125 26.15 -4.28 6.29
N THR B 126 26.87 -4.51 7.39
CA THR B 126 28.32 -4.49 7.35
C THR B 126 28.73 -5.85 6.79
N PRO B 127 29.95 -5.95 6.24
CA PRO B 127 30.37 -7.24 5.69
C PRO B 127 30.35 -8.37 6.73
N LEU B 128 30.67 -8.05 7.98
CA LEU B 128 30.66 -9.04 9.04
C LEU B 128 29.25 -9.64 9.18
N GLU B 129 28.23 -8.77 9.16
CA GLU B 129 26.84 -9.20 9.28
C GLU B 129 26.40 -10.07 8.12
N CYS B 130 26.86 -9.75 6.91
CA CYS B 130 26.49 -10.56 5.75
C CYS B 130 27.12 -11.96 5.85
N LYS B 131 28.36 -12.02 6.36
CA LYS B 131 29.05 -13.29 6.51
C LYS B 131 28.34 -14.14 7.56
N ALA B 132 27.87 -13.51 8.62
CA ALA B 132 27.16 -14.22 9.67
C ALA B 132 25.81 -14.73 9.14
N ALA B 133 25.15 -13.90 8.33
CA ALA B 133 23.87 -14.30 7.77
C ALA B 133 24.04 -15.54 6.89
N ALA B 134 25.03 -15.50 6.00
CA ALA B 134 25.28 -16.62 5.10
C ALA B 134 25.69 -17.88 5.87
N PHE B 135 26.59 -17.71 6.83
CA PHE B 135 27.09 -18.81 7.63
C PHE B 135 25.99 -19.44 8.46
N ALA B 136 25.10 -18.61 8.98
CA ALA B 136 23.97 -19.08 9.77
C ALA B 136 23.03 -19.91 8.89
N ALA B 137 22.65 -19.34 7.76
CA ALA B 137 21.76 -20.02 6.81
C ALA B 137 22.35 -21.36 6.38
N LEU B 138 23.63 -21.35 6.07
CA LEU B 138 24.34 -22.54 5.64
C LEU B 138 24.32 -23.67 6.66
N THR B 139 24.53 -23.31 7.92
CA THR B 139 24.60 -24.29 8.99
C THR B 139 23.35 -24.44 9.88
N HIS B 140 22.28 -23.71 9.57
CA HIS B 140 21.08 -23.75 10.41
C HIS B 140 20.41 -25.09 10.75
N ASP B 141 20.55 -26.11 9.91
CA ASP B 141 19.94 -27.41 10.19
C ASP B 141 20.95 -28.57 10.21
N VAL B 142 22.24 -28.24 10.31
CA VAL B 142 23.31 -29.23 10.33
C VAL B 142 23.08 -30.35 11.35
N CYS B 143 23.20 -31.59 10.89
CA CYS B 143 23.01 -32.79 11.72
C CYS B 143 21.56 -33.08 12.08
N HIS B 144 20.62 -32.36 11.45
CA HIS B 144 19.21 -32.58 11.73
C HIS B 144 18.95 -34.06 11.49
N PRO B 145 18.34 -34.74 12.47
CA PRO B 145 18.03 -36.17 12.38
C PRO B 145 16.72 -36.50 11.66
N GLY B 146 16.00 -35.49 11.19
CA GLY B 146 14.74 -35.76 10.49
C GLY B 146 13.61 -36.11 11.45
N ARG B 147 13.75 -35.68 12.69
CA ARG B 147 12.75 -35.91 13.74
C ARG B 147 12.65 -34.59 14.48
N THR B 148 11.51 -34.32 15.12
CA THR B 148 11.31 -33.06 15.83
C THR B 148 11.90 -32.98 17.24
N ASN B 149 11.88 -31.78 17.80
CA ASN B 149 12.37 -31.54 19.15
C ASN B 149 11.50 -32.33 20.12
N ALA B 150 10.20 -32.37 19.84
CA ALA B 150 9.25 -33.07 20.68
C ALA B 150 9.53 -34.57 20.69
N PHE B 151 9.91 -35.10 19.53
CA PHE B 151 10.21 -36.52 19.41
C PHE B 151 11.49 -36.81 20.21
N LEU B 152 12.46 -35.91 20.10
CA LEU B 152 13.71 -36.08 20.82
C LEU B 152 13.39 -36.16 22.29
N ALA B 153 12.54 -35.26 22.75
CA ALA B 153 12.14 -35.24 24.16
C ALA B 153 11.43 -36.53 24.55
N ALA B 154 10.44 -36.93 23.76
CA ALA B 154 9.67 -38.14 24.04
C ALA B 154 10.51 -39.41 24.14
N VAL B 155 11.62 -39.43 23.42
CA VAL B 155 12.51 -40.58 23.42
C VAL B 155 13.62 -40.41 24.44
N GLN B 156 13.64 -39.26 25.11
CA GLN B 156 14.66 -38.97 26.12
C GLN B 156 16.07 -38.99 25.56
N ASP B 157 16.23 -38.48 24.35
CA ASP B 157 17.52 -38.45 23.69
C ASP B 157 18.52 -37.57 24.46
N PRO B 158 19.74 -38.09 24.70
CA PRO B 158 20.75 -37.30 25.42
C PRO B 158 20.87 -35.86 24.93
N VAL B 159 20.57 -35.66 23.66
CA VAL B 159 20.63 -34.34 23.04
C VAL B 159 19.65 -33.36 23.69
N SER B 160 18.53 -33.87 24.20
CA SER B 160 17.52 -33.02 24.84
C SER B 160 18.01 -32.62 26.23
N PHE B 161 18.77 -33.50 26.87
CA PHE B 161 19.30 -33.24 28.19
C PHE B 161 20.47 -32.27 28.13
N LYS B 162 21.31 -32.41 27.10
CA LYS B 162 22.46 -31.53 26.94
C LYS B 162 22.02 -30.10 26.61
N PHE B 163 21.07 -29.96 25.70
CA PHE B 163 20.55 -28.65 25.31
C PHE B 163 19.16 -28.44 25.91
N SER B 164 19.14 -27.82 27.09
CA SER B 164 17.91 -27.57 27.82
C SER B 164 17.19 -26.34 27.30
N GLY B 165 15.90 -26.25 27.59
CA GLY B 165 15.12 -25.11 27.15
C GLY B 165 14.59 -25.32 25.75
N LYS B 166 13.85 -24.34 25.25
CA LYS B 166 13.28 -24.45 23.91
C LYS B 166 14.36 -24.50 22.83
N GLY B 167 14.01 -25.03 21.68
CA GLY B 167 14.94 -25.12 20.57
C GLY B 167 16.11 -26.06 20.77
N THR B 168 15.83 -27.28 21.22
CA THR B 168 16.87 -28.28 21.43
C THR B 168 17.77 -28.39 20.20
N LEU B 169 17.16 -28.77 19.07
CA LEU B 169 17.91 -28.90 17.82
C LEU B 169 18.58 -27.63 17.36
N GLU B 170 17.89 -26.50 17.48
CA GLU B 170 18.47 -25.23 17.08
C GLU B 170 19.74 -24.96 17.90
N GLN B 171 19.73 -25.34 19.16
CA GLN B 171 20.90 -25.15 20.00
C GLN B 171 22.03 -26.06 19.49
N LEU B 172 21.68 -27.29 19.11
CA LEU B 172 22.65 -28.25 18.61
C LEU B 172 23.24 -27.77 17.27
N HIS B 173 22.40 -27.23 16.39
CA HIS B 173 22.88 -26.75 15.10
C HIS B 173 23.91 -25.64 15.31
N THR B 174 23.64 -24.79 16.29
CA THR B 174 24.53 -23.68 16.59
C THR B 174 25.89 -24.18 17.10
N ALA B 175 25.86 -25.01 18.13
CA ALA B 175 27.07 -25.57 18.71
C ALA B 175 27.92 -26.29 17.65
N THR B 176 27.24 -27.03 16.77
CA THR B 176 27.92 -27.77 15.71
C THR B 176 28.57 -26.81 14.75
N ALA B 177 27.83 -25.78 14.37
CA ALA B 177 28.34 -24.78 13.44
C ALA B 177 29.68 -24.21 13.92
N PHE B 178 29.78 -23.90 15.22
CA PHE B 178 31.02 -23.34 15.76
C PHE B 178 32.12 -24.39 15.89
N GLU B 179 31.75 -25.63 16.17
CA GLU B 179 32.71 -26.70 16.26
C GLU B 179 33.43 -26.75 14.91
N LEU B 180 32.65 -26.78 13.83
CA LEU B 180 33.20 -26.83 12.49
C LEU B 180 34.05 -25.61 12.16
N LEU B 181 33.53 -24.42 12.48
CA LEU B 181 34.25 -23.19 12.20
C LEU B 181 35.57 -23.09 12.98
N ASN B 182 35.70 -23.86 14.05
CA ASN B 182 36.91 -23.86 14.84
C ASN B 182 38.01 -24.78 14.30
N VAL B 183 37.72 -25.50 13.23
CA VAL B 183 38.71 -26.39 12.62
C VAL B 183 39.58 -25.48 11.74
N THR B 184 40.88 -25.43 12.03
CA THR B 184 41.81 -24.57 11.30
C THR B 184 41.61 -24.48 9.79
N GLU B 185 41.34 -25.61 9.15
CA GLU B 185 41.15 -25.62 7.69
C GLU B 185 39.84 -25.02 7.24
N PHE B 186 38.88 -24.88 8.15
CA PHE B 186 37.58 -24.32 7.80
C PHE B 186 37.36 -22.92 8.38
N ASP B 187 38.26 -22.48 9.25
CA ASP B 187 38.14 -21.20 9.92
C ASP B 187 38.36 -19.95 9.07
N PHE B 188 37.40 -19.64 8.21
CA PHE B 188 37.51 -18.48 7.35
C PHE B 188 37.41 -17.16 8.11
N THR B 189 37.09 -17.24 9.39
CA THR B 189 36.99 -16.04 10.21
C THR B 189 38.21 -15.86 11.12
N SER B 190 39.22 -16.72 10.95
CA SER B 190 40.43 -16.64 11.78
C SER B 190 41.14 -15.28 11.73
N SER B 191 41.10 -14.62 10.58
CA SER B 191 41.74 -13.33 10.43
C SER B 191 40.93 -12.25 11.13
N MET B 192 39.71 -12.60 11.51
CA MET B 192 38.81 -11.68 12.19
C MET B 192 39.33 -11.29 13.58
N ASP B 193 39.14 -10.03 13.92
CA ASP B 193 39.52 -9.47 15.20
C ASP B 193 38.79 -10.26 16.30
N ASN B 194 39.29 -10.22 17.53
CA ASN B 194 38.64 -10.92 18.64
C ASN B 194 37.26 -10.32 18.93
N ALA B 195 37.17 -9.00 18.90
CA ALA B 195 35.91 -8.30 19.16
C ALA B 195 34.93 -8.59 18.03
N SER B 196 35.43 -8.55 16.80
CA SER B 196 34.61 -8.80 15.64
C SER B 196 34.17 -10.26 15.63
N PHE B 197 35.03 -11.16 16.10
CA PHE B 197 34.68 -12.56 16.13
C PHE B 197 33.58 -12.79 17.15
N LEU B 198 33.60 -12.04 18.25
CA LEU B 198 32.57 -12.15 19.28
C LEU B 198 31.24 -11.67 18.73
N GLU B 199 31.27 -10.55 18.00
CA GLU B 199 30.07 -9.99 17.40
C GLU B 199 29.49 -11.03 16.42
N PHE B 200 30.40 -11.67 15.67
CA PHE B 200 30.03 -12.69 14.70
C PHE B 200 29.30 -13.88 15.34
N LYS B 201 29.84 -14.42 16.42
CA LYS B 201 29.21 -15.54 17.08
C LYS B 201 27.84 -15.18 17.64
N ASN B 202 27.73 -14.02 18.28
CA ASN B 202 26.47 -13.59 18.83
C ASN B 202 25.42 -13.47 17.73
N ILE B 203 25.79 -12.91 16.59
CA ILE B 203 24.83 -12.79 15.51
C ILE B 203 24.38 -14.17 15.01
N VAL B 204 25.33 -15.07 14.80
CA VAL B 204 25.00 -16.40 14.32
C VAL B 204 24.12 -17.15 15.32
N SER B 205 24.47 -17.05 16.59
CA SER B 205 23.72 -17.71 17.65
C SER B 205 22.27 -17.21 17.61
N HIS B 206 22.09 -15.91 17.47
CA HIS B 206 20.76 -15.32 17.42
C HIS B 206 19.98 -15.79 16.18
N LEU B 207 20.62 -15.75 15.02
CA LEU B 207 19.95 -16.13 13.77
C LEU B 207 19.47 -17.57 13.74
N ILE B 208 20.33 -18.50 14.12
CA ILE B 208 19.96 -19.89 14.12
C ILE B 208 18.96 -20.16 15.23
N GLY B 209 19.19 -19.54 16.39
CA GLY B 209 18.29 -19.74 17.50
C GLY B 209 16.87 -19.37 17.13
N HIS B 210 16.72 -18.33 16.32
CA HIS B 210 15.41 -17.89 15.90
C HIS B 210 14.76 -18.64 14.73
N THR B 211 15.31 -19.79 14.34
CA THR B 211 14.68 -20.58 13.28
C THR B 211 13.84 -21.66 13.98
N ASP B 212 13.79 -21.60 15.30
CA ASP B 212 12.99 -22.54 16.10
C ASP B 212 11.52 -22.22 15.84
N MET B 213 10.79 -23.17 15.28
CA MET B 213 9.38 -22.97 14.98
C MET B 213 8.47 -22.60 16.16
N SER B 214 8.90 -22.92 17.39
CA SER B 214 8.06 -22.63 18.55
C SER B 214 7.93 -21.13 18.85
N LEU B 215 8.82 -20.34 18.28
CA LEU B 215 8.81 -18.89 18.49
C LEU B 215 7.81 -18.15 17.63
N HIS B 216 7.23 -18.84 16.65
CA HIS B 216 6.27 -18.26 15.71
C HIS B 216 5.35 -17.14 16.23
N SER B 217 4.31 -17.51 16.98
CA SER B 217 3.34 -16.55 17.50
C SER B 217 4.02 -15.37 18.18
N GLU B 218 5.08 -15.67 18.91
CA GLU B 218 5.86 -14.67 19.62
C GLU B 218 6.48 -13.66 18.66
N THR B 219 7.24 -14.15 17.68
CA THR B 219 7.88 -13.26 16.73
C THR B 219 6.90 -12.50 15.82
N VAL B 220 5.80 -13.13 15.43
CA VAL B 220 4.81 -12.45 14.60
C VAL B 220 4.25 -11.23 15.35
N ALA B 221 4.01 -11.38 16.65
CA ALA B 221 3.49 -10.27 17.47
C ALA B 221 4.57 -9.20 17.66
N LYS B 222 5.79 -9.64 17.93
CA LYS B 222 6.91 -8.72 18.11
C LYS B 222 7.12 -7.90 16.85
N HIS B 223 7.12 -8.56 15.70
CA HIS B 223 7.33 -7.84 14.45
C HIS B 223 6.13 -6.98 14.11
N GLY B 224 4.95 -7.39 14.58
CA GLY B 224 3.75 -6.60 14.33
C GLY B 224 3.82 -5.29 15.10
N ALA B 225 4.33 -5.33 16.33
CA ALA B 225 4.47 -4.13 17.15
C ALA B 225 5.56 -3.25 16.55
N LYS B 226 6.60 -3.89 16.03
CA LYS B 226 7.71 -3.18 15.41
C LYS B 226 7.20 -2.40 14.20
N LEU B 227 6.31 -3.02 13.42
CA LEU B 227 5.74 -2.36 12.25
C LEU B 227 4.93 -1.13 12.70
N SER B 228 4.15 -1.27 13.76
CA SER B 228 3.34 -0.16 14.27
C SER B 228 4.23 0.98 14.73
N ALA B 229 5.42 0.63 15.20
CA ALA B 229 6.39 1.61 15.72
C ALA B 229 7.33 2.20 14.67
N GLY B 230 7.16 1.85 13.40
CA GLY B 230 8.06 2.40 12.41
C GLY B 230 8.70 1.40 11.46
N GLY B 231 8.65 0.12 11.81
CA GLY B 231 9.19 -0.93 10.96
C GLY B 231 10.66 -1.11 10.58
N PHE B 232 11.58 -1.02 11.53
CA PHE B 232 13.01 -1.24 11.24
C PHE B 232 13.81 -0.06 10.73
N ASP B 233 14.74 0.38 11.56
CA ASP B 233 15.65 1.47 11.26
C ASP B 233 16.96 0.75 10.96
N CYS B 234 17.26 0.57 9.67
CA CYS B 234 18.46 -0.15 9.27
C CYS B 234 19.79 0.50 9.59
N THR B 235 19.75 1.69 10.17
CA THR B 235 20.97 2.40 10.56
C THR B 235 21.33 1.96 11.97
N CYS B 236 20.45 1.15 12.54
CA CYS B 236 20.60 0.63 13.89
C CYS B 236 21.05 -0.83 13.86
N LYS B 237 22.12 -1.13 14.59
CA LYS B 237 22.67 -2.48 14.65
C LYS B 237 21.64 -3.51 15.11
N GLU B 238 20.97 -3.24 16.23
CA GLU B 238 19.99 -4.19 16.75
C GLU B 238 18.85 -4.44 15.78
N ASP B 239 18.41 -3.42 15.05
CA ASP B 239 17.34 -3.61 14.09
C ASP B 239 17.78 -4.49 12.91
N ARG B 240 18.97 -4.26 12.38
CA ARG B 240 19.45 -5.08 11.29
C ARG B 240 19.44 -6.56 11.69
N LEU B 241 19.74 -6.83 12.96
CA LEU B 241 19.76 -8.21 13.46
C LEU B 241 18.35 -8.81 13.46
N GLU B 242 17.37 -8.06 13.93
CA GLU B 242 15.99 -8.54 13.95
C GLU B 242 15.54 -8.74 12.48
N ALA B 243 15.94 -7.82 11.61
CA ALA B 243 15.59 -7.92 10.20
C ALA B 243 16.17 -9.18 9.54
N LEU B 244 17.45 -9.45 9.79
CA LEU B 244 18.08 -10.64 9.22
C LEU B 244 17.41 -11.90 9.75
N SER B 245 17.09 -11.85 11.03
CA SER B 245 16.45 -12.95 11.74
C SER B 245 15.09 -13.26 11.14
N LEU B 246 14.34 -12.23 10.79
CA LEU B 246 13.03 -12.43 10.19
C LEU B 246 13.19 -12.97 8.77
N LEU B 247 14.14 -12.43 8.00
CA LEU B 247 14.32 -12.91 6.63
C LEU B 247 14.81 -14.36 6.57
N LEU B 248 15.69 -14.76 7.49
CA LEU B 248 16.19 -16.13 7.52
C LEU B 248 15.06 -17.11 7.82
N HIS B 249 14.24 -16.77 8.81
CA HIS B 249 13.12 -17.60 9.21
C HIS B 249 12.18 -17.78 8.01
N ALA B 250 11.88 -16.69 7.32
CA ALA B 250 10.99 -16.73 6.15
C ALA B 250 11.58 -17.62 5.07
N ALA B 251 12.88 -17.47 4.83
CA ALA B 251 13.56 -18.28 3.84
C ALA B 251 13.51 -19.74 4.28
N ASP B 252 13.75 -20.00 5.56
CA ASP B 252 13.72 -21.38 5.98
C ASP B 252 12.38 -22.03 5.71
N ILE B 253 11.29 -21.30 5.92
CA ILE B 253 9.97 -21.88 5.69
C ILE B 253 9.34 -21.43 4.37
N GLY B 254 10.09 -20.70 3.55
CA GLY B 254 9.52 -20.19 2.31
C GLY B 254 9.50 -20.99 1.02
N ALA B 255 9.90 -22.26 1.05
CA ALA B 255 9.92 -23.05 -0.18
C ALA B 255 8.57 -23.01 -0.94
N SER B 256 7.48 -23.14 -0.21
CA SER B 256 6.15 -23.13 -0.82
C SER B 256 5.73 -21.79 -1.43
N SER B 257 6.54 -20.74 -1.26
CA SER B 257 6.22 -19.43 -1.81
C SER B 257 7.05 -19.09 -3.04
N ARG B 258 7.82 -20.07 -3.53
CA ARG B 258 8.68 -19.85 -4.68
C ARG B 258 8.01 -20.11 -6.03
N GLY B 259 6.80 -20.68 -6.00
CA GLY B 259 6.08 -20.99 -7.22
C GLY B 259 5.37 -22.33 -7.05
N VAL B 260 4.25 -22.51 -7.76
CA VAL B 260 3.47 -23.75 -7.66
C VAL B 260 4.31 -25.01 -7.81
N ALA B 261 5.12 -25.05 -8.86
CA ALA B 261 5.96 -26.23 -9.13
C ALA B 261 6.97 -26.49 -8.03
N ILE B 262 7.67 -25.44 -7.61
CA ILE B 262 8.68 -25.60 -6.56
C ILE B 262 8.05 -26.05 -5.25
N ALA B 263 6.87 -25.51 -4.93
CA ALA B 263 6.20 -25.88 -3.70
C ALA B 263 5.89 -27.38 -3.71
N ARG B 264 5.48 -27.90 -4.85
CA ARG B 264 5.16 -29.31 -4.97
C ARG B 264 6.35 -30.18 -4.55
N LYS B 265 7.54 -29.81 -4.98
CA LYS B 265 8.74 -30.58 -4.64
C LYS B 265 9.06 -30.61 -3.16
N TRP B 266 8.66 -29.58 -2.41
CA TRP B 266 8.98 -29.55 -0.98
C TRP B 266 7.94 -30.18 -0.07
N LEU B 267 6.95 -30.83 -0.67
CA LEU B 267 5.95 -31.52 0.11
C LEU B 267 6.64 -32.73 0.75
N VAL B 268 7.89 -32.98 0.36
CA VAL B 268 8.68 -34.10 0.89
C VAL B 268 8.77 -34.02 2.41
N ILE B 269 8.46 -32.84 2.95
CA ILE B 269 8.46 -32.65 4.40
C ILE B 269 7.51 -33.70 5.00
N LEU B 270 6.47 -34.05 4.26
CA LEU B 270 5.51 -35.03 4.74
C LEU B 270 6.13 -36.44 4.86
N GLN B 271 7.18 -36.69 4.09
CA GLN B 271 7.86 -37.98 4.16
C GLN B 271 8.51 -38.14 5.54
N GLU B 272 9.18 -37.09 6.03
CA GLU B 272 9.80 -37.14 7.35
C GLU B 272 8.69 -37.28 8.40
N PHE B 273 7.58 -36.60 8.19
CA PHE B 273 6.44 -36.68 9.12
C PHE B 273 5.96 -38.14 9.19
N ALA B 274 5.78 -38.76 8.03
CA ALA B 274 5.32 -40.15 7.98
C ALA B 274 6.35 -41.07 8.64
N ASP B 275 7.62 -40.81 8.39
CA ASP B 275 8.69 -41.63 8.98
C ASP B 275 8.66 -41.49 10.51
N GLN B 276 8.44 -40.27 11.01
CA GLN B 276 8.37 -40.06 12.45
C GLN B 276 7.17 -40.78 13.04
N ALA B 277 6.02 -40.68 12.37
CA ALA B 277 4.80 -41.32 12.86
C ALA B 277 4.97 -42.84 12.93
N GLU B 278 5.64 -43.42 11.95
CA GLU B 278 5.87 -44.87 11.93
C GLU B 278 6.89 -45.21 13.02
N ASP B 279 7.89 -44.35 13.18
CA ASP B 279 8.92 -44.52 14.20
C ASP B 279 8.24 -44.53 15.58
N GLU B 280 7.27 -43.63 15.78
CA GLU B 280 6.53 -43.55 17.04
C GLU B 280 5.69 -44.79 17.29
N ARG B 281 5.04 -45.29 16.24
CA ARG B 281 4.23 -46.49 16.38
C ARG B 281 5.14 -47.67 16.73
N ARG B 282 6.28 -47.74 16.05
CA ARG B 282 7.21 -48.84 16.31
C ARG B 282 7.73 -48.84 17.75
N ARG B 283 7.87 -47.64 18.33
CA ARG B 283 8.38 -47.52 19.70
C ARG B 283 7.29 -47.59 20.77
N GLY B 284 6.04 -47.71 20.35
CA GLY B 284 4.96 -47.78 21.32
C GLY B 284 4.66 -46.40 21.90
N LEU B 285 5.01 -45.36 21.16
CA LEU B 285 4.75 -43.99 21.59
C LEU B 285 3.52 -43.42 20.89
N PRO B 286 2.84 -42.47 21.54
CA PRO B 286 1.65 -41.87 20.92
C PRO B 286 2.06 -41.16 19.61
N VAL B 287 1.29 -41.38 18.54
CA VAL B 287 1.58 -40.79 17.23
C VAL B 287 1.28 -39.28 17.14
N THR B 288 2.24 -38.50 16.65
CA THR B 288 2.05 -37.05 16.52
C THR B 288 0.83 -36.70 15.66
N PRO B 289 -0.11 -35.95 16.24
CA PRO B 289 -1.34 -35.52 15.59
C PRO B 289 -1.41 -35.32 14.09
N GLY B 290 -0.50 -34.61 13.45
CA GLY B 290 -0.72 -34.49 12.02
C GLY B 290 0.28 -35.18 11.10
N PHE B 291 1.14 -36.01 11.69
CA PHE B 291 2.18 -36.64 10.88
C PHE B 291 1.83 -37.79 9.95
N GLU B 292 0.78 -38.54 10.22
CA GLU B 292 0.42 -39.62 9.30
C GLU B 292 -0.13 -39.00 8.02
N THR B 293 0.11 -39.66 6.89
CA THR B 293 -0.36 -39.17 5.60
C THR B 293 -1.87 -38.99 5.56
N PRO B 294 -2.32 -37.77 5.21
CA PRO B 294 -3.73 -37.37 5.12
C PRO B 294 -4.37 -37.87 3.84
N SER B 295 -5.70 -37.89 3.79
CA SER B 295 -6.39 -38.37 2.59
C SER B 295 -6.11 -37.45 1.41
N SER B 296 -5.99 -36.16 1.70
CA SER B 296 -5.69 -35.15 0.67
C SER B 296 -4.54 -34.24 1.10
N VAL B 297 -3.37 -34.42 0.48
CA VAL B 297 -2.18 -33.64 0.81
C VAL B 297 -2.40 -32.13 0.60
N GLU B 298 -2.99 -31.77 -0.53
CA GLU B 298 -3.24 -30.39 -0.89
C GLU B 298 -4.20 -29.68 0.05
N LYS B 299 -5.31 -30.32 0.38
CA LYS B 299 -6.27 -29.69 1.27
C LYS B 299 -5.69 -29.52 2.67
N SER B 300 -4.86 -30.46 3.10
CA SER B 300 -4.27 -30.40 4.44
C SER B 300 -3.19 -29.34 4.55
N GLN B 301 -2.72 -28.86 3.40
CA GLN B 301 -1.69 -27.83 3.38
C GLN B 301 -2.30 -26.46 3.70
N ILE B 302 -3.56 -26.27 3.32
CA ILE B 302 -4.23 -24.99 3.53
C ILE B 302 -4.19 -24.45 4.97
N PRO B 303 -4.64 -25.23 5.97
CA PRO B 303 -4.61 -24.75 7.35
C PRO B 303 -3.21 -24.34 7.80
N PHE B 304 -2.20 -25.02 7.26
CA PHE B 304 -0.80 -24.76 7.58
C PHE B 304 -0.34 -23.48 6.92
N LEU B 305 -0.71 -23.30 5.65
CA LEU B 305 -0.35 -22.08 4.93
C LEU B 305 -1.03 -20.90 5.64
N ASP B 306 -2.29 -21.07 6.03
CA ASP B 306 -3.02 -20.01 6.72
C ASP B 306 -2.52 -19.74 8.12
N PHE B 307 -2.07 -20.77 8.82
CA PHE B 307 -1.60 -20.56 10.18
C PHE B 307 -0.16 -20.06 10.28
N PHE B 308 0.73 -20.65 9.49
CA PHE B 308 2.16 -20.32 9.54
C PHE B 308 2.80 -19.50 8.45
N VAL B 309 2.74 -20.02 7.22
CA VAL B 309 3.42 -19.38 6.11
C VAL B 309 2.84 -18.07 5.58
N ILE B 310 1.55 -18.02 5.30
CA ILE B 310 0.99 -16.78 4.78
C ILE B 310 1.16 -15.62 5.76
N PRO B 311 0.79 -15.78 7.04
CA PRO B 311 1.00 -14.63 7.91
C PRO B 311 2.46 -14.16 7.99
N THR B 312 3.39 -15.10 7.91
CA THR B 312 4.80 -14.75 7.97
C THR B 312 5.19 -13.85 6.79
N PHE B 313 4.81 -14.26 5.59
CA PHE B 313 5.17 -13.46 4.42
C PHE B 313 4.33 -12.21 4.24
N ASP B 314 3.16 -12.17 4.89
CA ASP B 314 2.32 -10.99 4.84
C ASP B 314 2.99 -9.92 5.71
N LEU B 315 3.44 -10.34 6.88
CA LEU B 315 4.10 -9.42 7.77
C LEU B 315 5.39 -8.92 7.13
N LEU B 316 6.09 -9.83 6.45
CA LEU B 316 7.33 -9.51 5.77
C LEU B 316 7.09 -8.45 4.69
N HIS B 317 5.99 -8.59 3.94
CA HIS B 317 5.64 -7.65 2.90
C HIS B 317 5.37 -6.26 3.50
N GLN B 318 4.75 -6.22 4.68
CA GLN B 318 4.49 -4.94 5.33
C GLN B 318 5.77 -4.27 5.84
N LEU B 319 6.74 -5.06 6.29
CA LEU B 319 8.00 -4.51 6.78
C LEU B 319 8.97 -4.14 5.67
N PHE B 320 8.89 -4.85 4.55
CA PHE B 320 9.72 -4.57 3.39
C PHE B 320 8.75 -4.59 2.22
N PRO B 321 8.08 -3.45 1.98
CA PRO B 321 7.08 -3.24 0.94
C PRO B 321 7.48 -3.75 -0.44
N SER B 322 8.77 -3.86 -0.70
CA SER B 322 9.21 -4.32 -2.02
C SER B 322 9.12 -5.84 -2.21
N ILE B 323 9.06 -6.58 -1.11
CA ILE B 323 9.00 -8.03 -1.20
C ILE B 323 7.57 -8.51 -1.22
N GLU B 324 7.01 -8.58 -2.43
CA GLU B 324 5.63 -8.99 -2.62
C GLU B 324 5.46 -10.33 -3.30
N GLU B 325 6.45 -10.78 -4.06
CA GLU B 325 6.30 -12.05 -4.77
C GLU B 325 5.93 -13.28 -3.94
N PRO B 326 6.63 -13.51 -2.82
CA PRO B 326 6.32 -14.69 -1.98
C PRO B 326 4.85 -14.70 -1.57
N LEU B 327 4.36 -13.60 -1.01
CA LEU B 327 2.96 -13.54 -0.59
C LEU B 327 2.06 -13.81 -1.80
N HIS B 328 2.36 -13.16 -2.91
CA HIS B 328 1.59 -13.32 -4.14
C HIS B 328 1.60 -14.79 -4.57
N ASN B 329 2.76 -15.44 -4.53
CA ASN B 329 2.85 -16.84 -4.90
C ASN B 329 2.05 -17.73 -3.96
N LEU B 330 2.11 -17.42 -2.67
CA LEU B 330 1.39 -18.17 -1.65
C LEU B 330 -0.12 -18.14 -1.91
N ARG B 331 -0.60 -17.00 -2.40
CA ARG B 331 -2.02 -16.84 -2.68
C ARG B 331 -2.41 -17.63 -3.92
N LYS B 332 -1.57 -17.61 -4.95
CA LYS B 332 -1.88 -18.39 -6.15
C LYS B 332 -1.90 -19.87 -5.76
N LEU B 333 -0.96 -20.29 -4.89
CA LEU B 333 -0.90 -21.68 -4.47
C LEU B 333 -2.13 -22.07 -3.65
N ARG B 334 -2.48 -21.23 -2.67
CA ARG B 334 -3.63 -21.53 -1.86
C ARG B 334 -4.88 -21.70 -2.72
N GLU B 335 -5.06 -20.80 -3.68
CA GLU B 335 -6.23 -20.86 -4.56
C GLU B 335 -6.24 -22.20 -5.30
N LEU B 336 -5.07 -22.61 -5.79
CA LEU B 336 -4.95 -23.89 -6.49
C LEU B 336 -5.33 -25.05 -5.56
N TYR B 337 -4.83 -25.03 -4.32
CA TYR B 337 -5.16 -26.12 -3.41
C TYR B 337 -6.65 -26.13 -3.03
N ALA B 338 -7.24 -24.95 -2.86
CA ALA B 338 -8.64 -24.86 -2.47
C ALA B 338 -9.61 -25.27 -3.57
N ALA B 339 -9.18 -25.15 -4.82
CA ALA B 339 -10.01 -25.51 -5.96
C ALA B 339 -9.92 -27.01 -6.23
N LYS B 340 -8.75 -27.43 -6.69
CA LYS B 340 -8.43 -28.82 -7.05
C LYS B 340 -9.46 -29.91 -6.70
N ALA B 341 -9.55 -30.26 -5.41
CA ALA B 341 -10.50 -31.29 -4.97
C ALA B 341 -11.82 -30.69 -4.50
N ILE C 9 -44.69 -10.41 21.23
CA ILE C 9 -46.06 -10.98 21.00
C ILE C 9 -46.16 -11.59 19.60
N SER C 10 -47.23 -11.23 18.88
CA SER C 10 -47.47 -11.73 17.53
C SER C 10 -48.14 -10.65 16.69
N THR C 11 -47.45 -9.53 16.50
CA THR C 11 -47.97 -8.41 15.72
C THR C 11 -48.23 -8.80 14.26
N ARG C 12 -47.18 -9.27 13.59
CA ARG C 12 -47.30 -9.69 12.19
C ARG C 12 -47.71 -11.16 12.12
N ARG C 13 -48.55 -11.48 11.13
CA ARG C 13 -49.04 -12.83 10.97
C ARG C 13 -48.07 -13.76 10.23
N LEU C 14 -47.71 -14.85 10.90
CA LEU C 14 -46.82 -15.86 10.33
C LEU C 14 -47.65 -17.12 10.15
N PRO C 15 -47.31 -17.94 9.15
CA PRO C 15 -48.08 -19.18 8.94
C PRO C 15 -47.88 -20.13 10.11
N PRO C 16 -48.66 -21.22 10.16
CA PRO C 16 -48.51 -22.17 11.26
C PRO C 16 -47.15 -22.87 11.12
N SER C 17 -46.66 -23.47 12.20
CA SER C 17 -45.36 -24.13 12.19
C SER C 17 -45.44 -25.63 11.91
N ILE C 18 -44.47 -26.16 11.17
CA ILE C 18 -44.48 -27.59 10.89
C ILE C 18 -43.84 -28.29 12.08
N VAL C 19 -43.28 -27.50 12.99
CA VAL C 19 -42.66 -28.06 14.18
C VAL C 19 -43.68 -28.22 15.29
N GLN C 20 -43.72 -29.40 15.90
CA GLN C 20 -44.65 -29.63 17.00
C GLN C 20 -44.08 -29.12 18.30
N ASP C 21 -44.95 -28.62 19.17
CA ASP C 21 -44.52 -28.11 20.46
C ASP C 21 -43.98 -29.23 21.31
N THR C 22 -43.10 -28.88 22.25
CA THR C 22 -42.51 -29.86 23.13
C THR C 22 -43.60 -30.54 23.96
N ILE C 23 -43.41 -31.83 24.23
CA ILE C 23 -44.35 -32.57 25.03
C ILE C 23 -43.71 -32.83 26.38
N LEU C 24 -44.13 -32.08 27.38
CA LEU C 24 -43.56 -32.20 28.72
C LEU C 24 -44.13 -33.33 29.57
N ALA C 25 -45.21 -33.94 29.09
CA ALA C 25 -45.86 -35.03 29.81
C ALA C 25 -44.91 -36.14 30.22
N VAL C 26 -45.16 -36.70 31.40
CA VAL C 26 -44.36 -37.80 31.93
C VAL C 26 -44.79 -39.08 31.23
N VAL C 27 -43.83 -39.82 30.72
CA VAL C 27 -44.10 -41.06 30.01
C VAL C 27 -43.34 -42.20 30.67
N PRO C 28 -44.00 -43.35 30.89
CA PRO C 28 -43.33 -44.49 31.53
C PRO C 28 -42.24 -45.05 30.63
N PRO C 29 -41.02 -45.20 31.16
CA PRO C 29 -39.91 -45.72 30.36
C PRO C 29 -40.06 -47.21 30.04
N LYS C 30 -39.75 -47.60 28.82
CA LYS C 30 -39.86 -48.99 28.41
C LYS C 30 -38.75 -49.80 29.08
N SER C 31 -38.73 -51.10 28.84
CA SER C 31 -37.70 -51.96 29.41
C SER C 31 -36.36 -51.60 28.79
N CYS C 32 -35.31 -52.30 29.21
CA CYS C 32 -33.98 -52.06 28.68
C CYS C 32 -33.31 -53.40 28.38
N ALA C 33 -33.74 -54.02 27.28
CA ALA C 33 -33.21 -55.32 26.88
C ALA C 33 -31.70 -55.39 26.74
N ALA C 34 -31.22 -56.53 26.28
CA ALA C 34 -29.79 -56.81 26.11
C ALA C 34 -28.97 -55.77 25.34
N ILE C 35 -29.09 -55.80 24.01
CA ILE C 35 -28.37 -54.92 23.09
C ILE C 35 -26.87 -55.26 22.97
N GLY C 36 -26.36 -56.06 23.90
CA GLY C 36 -24.96 -56.45 23.80
C GLY C 36 -24.02 -56.32 24.99
N THR C 37 -22.79 -56.77 24.76
CA THR C 37 -21.73 -56.75 25.76
C THR C 37 -21.09 -55.36 25.83
N ASP C 38 -20.35 -55.13 26.90
CA ASP C 38 -19.66 -53.86 27.09
C ASP C 38 -18.79 -53.59 25.86
N VAL C 39 -18.18 -54.66 25.34
CA VAL C 39 -17.33 -54.55 24.16
C VAL C 39 -18.19 -54.18 22.95
N ASP C 40 -19.42 -54.69 22.92
CA ASP C 40 -20.32 -54.39 21.84
C ASP C 40 -20.62 -52.89 21.76
N LEU C 41 -21.03 -52.32 22.89
CA LEU C 41 -21.38 -50.91 22.95
C LEU C 41 -20.29 -49.90 22.65
N ARG C 42 -19.04 -50.35 22.66
CA ARG C 42 -17.93 -49.44 22.37
C ARG C 42 -17.41 -49.64 20.95
N ASP C 43 -18.03 -50.57 20.23
CA ASP C 43 -17.61 -50.82 18.86
C ASP C 43 -18.32 -49.92 17.85
N TRP C 44 -17.56 -49.45 16.88
CA TRP C 44 -18.08 -48.57 15.84
C TRP C 44 -19.05 -49.36 14.98
N GLY C 45 -18.86 -50.68 15.01
CA GLY C 45 -19.70 -51.59 14.23
C GLY C 45 -21.07 -51.84 14.82
N PHE C 46 -21.41 -51.14 15.89
CA PHE C 46 -22.72 -51.29 16.54
C PHE C 46 -23.81 -50.97 15.51
N ASP C 47 -24.84 -51.79 15.42
CA ASP C 47 -25.91 -51.55 14.44
C ASP C 47 -27.22 -51.10 15.08
N THR C 48 -27.35 -49.79 15.27
CA THR C 48 -28.53 -49.20 15.88
C THR C 48 -29.86 -49.66 15.28
N PHE C 49 -29.97 -49.63 13.95
CA PHE C 49 -31.22 -50.03 13.30
C PHE C 49 -31.61 -51.47 13.62
N GLU C 50 -30.65 -52.38 13.55
CA GLU C 50 -30.88 -53.78 13.86
C GLU C 50 -31.38 -53.93 15.30
N VAL C 51 -30.60 -53.42 16.25
CA VAL C 51 -30.96 -53.49 17.66
C VAL C 51 -32.35 -52.92 17.89
N ALA C 52 -32.77 -51.99 17.03
CA ALA C 52 -34.08 -51.38 17.13
C ALA C 52 -35.20 -52.33 16.68
N SER C 53 -34.83 -53.44 16.05
CA SER C 53 -35.81 -54.42 15.58
C SER C 53 -36.28 -55.24 16.76
N ARG C 54 -35.33 -55.71 17.56
CA ARG C 54 -35.62 -56.52 18.72
C ARG C 54 -36.23 -55.71 19.86
N VAL C 55 -35.35 -55.17 20.70
CA VAL C 55 -35.72 -54.37 21.88
C VAL C 55 -36.80 -53.31 21.65
N PRO C 56 -37.53 -52.94 22.72
CA PRO C 56 -38.60 -51.93 22.70
C PRO C 56 -38.14 -50.52 22.35
N SER C 57 -37.00 -50.11 22.91
CA SER C 57 -36.43 -48.77 22.67
C SER C 57 -34.92 -48.79 22.69
N VAL C 58 -34.30 -48.76 21.52
CA VAL C 58 -32.84 -48.77 21.45
C VAL C 58 -32.25 -47.50 22.07
N LEU C 59 -33.01 -46.40 22.03
CA LEU C 59 -32.52 -45.15 22.60
C LEU C 59 -32.43 -45.28 24.12
N GLN C 60 -33.49 -45.79 24.73
CA GLN C 60 -33.52 -45.92 26.18
C GLN C 60 -32.49 -46.90 26.72
N SER C 61 -32.36 -48.07 26.12
CA SER C 61 -31.37 -49.03 26.61
C SER C 61 -29.93 -48.58 26.32
N VAL C 62 -29.74 -47.82 25.24
CA VAL C 62 -28.42 -47.31 24.92
C VAL C 62 -28.11 -46.16 25.90
N ALA C 63 -29.12 -45.35 26.18
CA ALA C 63 -28.96 -44.24 27.10
C ALA C 63 -28.56 -44.73 28.49
N MET C 64 -29.25 -45.74 29.02
CA MET C 64 -28.92 -46.23 30.34
C MET C 64 -27.56 -46.91 30.35
N HIS C 65 -27.21 -47.58 29.26
CA HIS C 65 -25.91 -48.24 29.20
C HIS C 65 -24.77 -47.24 29.37
N VAL C 66 -24.79 -46.15 28.59
CA VAL C 66 -23.72 -45.16 28.68
C VAL C 66 -23.70 -44.46 30.03
N ALA C 67 -24.88 -44.22 30.59
CA ALA C 67 -24.99 -43.55 31.89
C ALA C 67 -24.33 -44.43 32.96
N LEU C 68 -24.54 -45.73 32.86
CA LEU C 68 -23.94 -46.66 33.82
C LEU C 68 -22.46 -46.91 33.52
N ALA C 69 -22.12 -47.00 32.24
CA ALA C 69 -20.74 -47.23 31.83
C ALA C 69 -19.83 -46.10 32.29
N TRP C 70 -20.35 -44.89 32.27
CA TRP C 70 -19.58 -43.74 32.70
C TRP C 70 -19.91 -43.31 34.13
N ASP C 71 -20.47 -44.24 34.90
CA ASP C 71 -20.81 -44.01 36.31
C ASP C 71 -21.50 -42.67 36.55
N PHE C 72 -22.56 -42.39 35.79
CA PHE C 72 -23.30 -41.13 35.92
C PHE C 72 -23.97 -40.89 37.27
N PHE C 73 -24.53 -41.93 37.87
CA PHE C 73 -25.28 -41.74 39.11
C PHE C 73 -24.75 -42.29 40.42
N ALA C 74 -25.08 -41.57 41.49
CA ALA C 74 -24.70 -41.93 42.85
C ALA C 74 -25.92 -42.47 43.57
N SER C 75 -27.06 -41.80 43.40
CA SER C 75 -28.31 -42.22 44.02
C SER C 75 -29.27 -42.70 42.94
N GLN C 76 -30.10 -43.69 43.27
CA GLN C 76 -31.05 -44.25 42.32
C GLN C 76 -32.10 -43.21 41.92
N GLU C 77 -32.15 -42.10 42.65
CA GLU C 77 -33.10 -41.05 42.35
C GLU C 77 -32.65 -40.33 41.08
N GLU C 78 -31.35 -40.07 40.98
CA GLU C 78 -30.79 -39.40 39.80
C GLU C 78 -31.02 -40.29 38.58
N ALA C 79 -30.71 -41.58 38.73
CA ALA C 79 -30.86 -42.54 37.64
C ALA C 79 -32.30 -42.59 37.13
N GLN C 80 -33.26 -42.50 38.04
CA GLN C 80 -34.66 -42.56 37.67
C GLN C 80 -35.08 -41.33 36.89
N LYS C 81 -34.61 -40.16 37.31
CA LYS C 81 -34.95 -38.92 36.62
C LYS C 81 -34.43 -38.95 35.19
N TRP C 82 -33.27 -39.59 35.01
CA TRP C 82 -32.66 -39.71 33.70
C TRP C 82 -33.45 -40.67 32.82
N ALA C 83 -33.88 -41.77 33.40
CA ALA C 83 -34.65 -42.78 32.66
C ALA C 83 -35.96 -42.17 32.16
N PHE C 84 -36.61 -41.37 32.99
CA PHE C 84 -37.85 -40.73 32.59
C PHE C 84 -37.55 -39.65 31.54
N LEU C 85 -36.39 -39.01 31.68
CA LEU C 85 -35.99 -37.96 30.75
C LEU C 85 -35.84 -38.54 29.35
N VAL C 86 -35.07 -39.61 29.24
CA VAL C 86 -34.83 -40.27 27.97
C VAL C 86 -36.16 -40.66 27.32
N ALA C 87 -37.04 -41.29 28.11
CA ALA C 87 -38.34 -41.70 27.61
C ALA C 87 -39.09 -40.48 27.08
N ALA C 88 -39.03 -39.38 27.82
CA ALA C 88 -39.70 -38.15 27.42
C ALA C 88 -39.06 -37.59 26.14
N VAL C 89 -37.74 -37.70 26.04
CA VAL C 89 -37.04 -37.20 24.87
C VAL C 89 -37.48 -38.00 23.65
N GLU C 90 -37.47 -39.33 23.78
CA GLU C 90 -37.88 -40.19 22.69
C GLU C 90 -39.30 -39.82 22.23
N ASN C 91 -40.13 -39.43 23.18
CA ASN C 91 -41.52 -39.04 22.89
C ASN C 91 -41.59 -37.70 22.18
N ASN C 92 -40.44 -37.05 22.02
CA ASN C 92 -40.36 -35.76 21.34
C ASN C 92 -39.65 -35.83 19.99
N TYR C 93 -39.30 -37.03 19.56
CA TYR C 93 -38.69 -37.26 18.26
C TYR C 93 -39.83 -37.73 17.35
N ARG C 94 -39.93 -37.16 16.16
CA ARG C 94 -40.96 -37.53 15.20
C ARG C 94 -40.61 -38.82 14.49
N PRO C 95 -41.63 -39.54 13.96
CA PRO C 95 -41.36 -40.80 13.26
C PRO C 95 -40.89 -40.54 11.82
N ASN C 96 -39.87 -39.70 11.68
CA ASN C 96 -39.30 -39.38 10.37
C ASN C 96 -38.51 -40.58 9.85
N PRO C 97 -38.19 -40.58 8.54
CA PRO C 97 -37.43 -41.71 8.00
C PRO C 97 -36.00 -41.75 8.58
N TYR C 98 -35.39 -40.59 8.70
CA TYR C 98 -34.03 -40.47 9.22
C TYR C 98 -33.92 -39.77 10.59
N HIS C 99 -34.34 -38.51 10.67
CA HIS C 99 -34.23 -37.77 11.92
C HIS C 99 -35.24 -38.17 12.99
N ASN C 100 -35.02 -39.36 13.53
CA ASN C 100 -35.90 -39.94 14.54
C ASN C 100 -35.12 -40.36 15.77
N ALA C 101 -35.80 -41.04 16.68
CA ALA C 101 -35.18 -41.50 17.93
C ALA C 101 -34.09 -42.54 17.69
N ILE C 102 -34.14 -43.23 16.56
CA ILE C 102 -33.12 -44.24 16.26
C ILE C 102 -31.82 -43.53 15.92
N HIS C 103 -31.94 -42.43 15.19
CA HIS C 103 -30.78 -41.62 14.81
C HIS C 103 -30.13 -41.11 16.11
N ALA C 104 -30.97 -40.63 17.03
CA ALA C 104 -30.49 -40.11 18.30
C ALA C 104 -29.72 -41.17 19.06
N ALA C 105 -30.23 -42.40 19.06
CA ALA C 105 -29.56 -43.50 19.73
C ALA C 105 -28.21 -43.77 19.06
N ASP C 106 -28.21 -43.69 17.74
CA ASP C 106 -27.01 -43.92 16.93
C ASP C 106 -25.94 -42.86 17.22
N VAL C 107 -26.34 -41.61 17.32
CA VAL C 107 -25.40 -40.53 17.59
C VAL C 107 -24.88 -40.63 19.01
N LEU C 108 -25.74 -41.04 19.92
CA LEU C 108 -25.32 -41.19 21.31
C LEU C 108 -24.28 -42.32 21.44
N GLN C 109 -24.58 -43.48 20.87
CA GLN C 109 -23.68 -44.62 20.94
C GLN C 109 -22.39 -44.33 20.18
N GLY C 110 -22.51 -43.64 19.06
CA GLY C 110 -21.34 -43.30 18.28
C GLY C 110 -20.43 -42.39 19.10
N THR C 111 -21.04 -41.39 19.73
CA THR C 111 -20.32 -40.43 20.56
C THR C 111 -19.64 -41.21 21.68
N PHE C 112 -20.41 -42.10 22.31
CA PHE C 112 -19.87 -42.92 23.39
C PHE C 112 -18.72 -43.78 22.87
N SER C 113 -18.88 -44.35 21.68
CA SER C 113 -17.86 -45.19 21.07
C SER C 113 -16.56 -44.42 20.78
N LEU C 114 -16.69 -43.32 20.05
CA LEU C 114 -15.52 -42.50 19.68
C LEU C 114 -14.73 -41.95 20.87
N VAL C 115 -15.44 -41.48 21.89
CA VAL C 115 -14.78 -40.93 23.07
C VAL C 115 -14.03 -42.00 23.86
N SER C 116 -14.56 -43.22 23.90
CA SER C 116 -13.92 -44.29 24.64
C SER C 116 -12.67 -44.81 23.91
N ALA C 117 -12.61 -44.57 22.61
CA ALA C 117 -11.46 -45.01 21.82
C ALA C 117 -10.36 -43.97 21.82
N ALA C 118 -10.67 -42.76 22.27
CA ALA C 118 -9.70 -41.67 22.32
C ALA C 118 -9.15 -41.59 23.75
N LYS C 119 -8.09 -42.37 24.01
CA LYS C 119 -7.44 -42.46 25.31
C LYS C 119 -7.05 -41.13 25.96
N PRO C 120 -6.36 -40.25 25.21
CA PRO C 120 -5.97 -38.96 25.81
C PRO C 120 -7.14 -38.09 26.25
N LEU C 121 -8.29 -38.28 25.60
CA LEU C 121 -9.48 -37.49 25.95
C LEU C 121 -10.21 -38.05 27.17
N MET C 122 -10.42 -39.38 27.22
CA MET C 122 -11.12 -39.99 28.34
C MET C 122 -10.41 -39.82 29.68
N GLU C 123 -9.09 -39.68 29.64
CA GLU C 123 -8.33 -39.52 30.87
C GLU C 123 -8.37 -38.11 31.41
N HIS C 124 -8.97 -37.21 30.65
CA HIS C 124 -9.06 -35.81 31.08
C HIS C 124 -10.48 -35.28 31.17
N LEU C 125 -11.44 -36.00 30.59
CA LEU C 125 -12.83 -35.57 30.63
C LEU C 125 -13.41 -35.70 32.05
N THR C 126 -14.09 -34.65 32.50
CA THR C 126 -14.70 -34.67 33.82
C THR C 126 -16.06 -35.36 33.73
N PRO C 127 -16.56 -35.89 34.85
CA PRO C 127 -17.87 -36.57 34.84
C PRO C 127 -18.94 -35.64 34.27
N LEU C 128 -18.84 -34.35 34.60
CA LEU C 128 -19.80 -33.36 34.12
C LEU C 128 -19.77 -33.25 32.59
N GLU C 129 -18.56 -33.18 32.03
CA GLU C 129 -18.43 -33.11 30.58
C GLU C 129 -18.99 -34.34 29.89
N CYS C 130 -18.81 -35.52 30.50
CA CYS C 130 -19.32 -36.78 29.93
C CYS C 130 -20.84 -36.82 29.93
N LYS C 131 -21.44 -36.23 30.97
CA LYS C 131 -22.89 -36.18 31.10
C LYS C 131 -23.46 -35.21 30.07
N ALA C 132 -22.76 -34.09 29.89
CA ALA C 132 -23.18 -33.09 28.93
C ALA C 132 -23.06 -33.62 27.50
N ALA C 133 -22.03 -34.42 27.25
CA ALA C 133 -21.81 -34.98 25.92
C ALA C 133 -22.94 -35.95 25.60
N ALA C 134 -23.24 -36.85 26.52
CA ALA C 134 -24.30 -37.82 26.32
C ALA C 134 -25.63 -37.10 26.20
N PHE C 135 -25.91 -36.17 27.09
CA PHE C 135 -27.17 -35.45 27.05
C PHE C 135 -27.35 -34.72 25.71
N ALA C 136 -26.32 -34.02 25.28
CA ALA C 136 -26.37 -33.31 24.00
C ALA C 136 -26.72 -34.30 22.85
N ALA C 137 -25.95 -35.38 22.76
CA ALA C 137 -26.15 -36.38 21.71
C ALA C 137 -27.58 -36.94 21.75
N LEU C 138 -28.08 -37.18 22.95
CA LEU C 138 -29.42 -37.70 23.16
C LEU C 138 -30.49 -36.78 22.58
N THR C 139 -30.37 -35.49 22.84
CA THR C 139 -31.35 -34.53 22.37
C THR C 139 -30.95 -33.72 21.16
N HIS C 140 -29.78 -34.00 20.59
CA HIS C 140 -29.29 -33.20 19.47
C HIS C 140 -30.27 -32.91 18.32
N ASP C 141 -31.19 -33.83 18.03
CA ASP C 141 -32.16 -33.57 16.95
C ASP C 141 -33.62 -33.54 17.41
N VAL C 142 -33.83 -33.48 18.72
CA VAL C 142 -35.19 -33.48 19.26
C VAL C 142 -36.16 -32.56 18.54
N CYS C 143 -37.36 -33.08 18.28
CA CYS C 143 -38.42 -32.33 17.59
C CYS C 143 -38.12 -32.02 16.13
N HIS C 144 -37.08 -32.63 15.56
CA HIS C 144 -36.72 -32.39 14.16
C HIS C 144 -37.94 -32.72 13.29
N PRO C 145 -38.35 -31.80 12.42
CA PRO C 145 -39.51 -32.00 11.53
C PRO C 145 -39.26 -32.73 10.21
N GLY C 146 -38.01 -33.11 9.94
CA GLY C 146 -37.70 -33.81 8.69
C GLY C 146 -37.56 -32.86 7.52
N ARG C 147 -37.27 -31.60 7.83
CA ARG C 147 -37.10 -30.55 6.85
C ARG C 147 -35.84 -29.78 7.26
N THR C 148 -35.18 -29.13 6.31
CA THR C 148 -33.94 -28.39 6.59
C THR C 148 -34.13 -26.94 7.03
N ASN C 149 -33.07 -26.35 7.59
CA ASN C 149 -33.13 -24.97 8.03
C ASN C 149 -33.49 -24.05 6.88
N ALA C 150 -33.01 -24.40 5.68
CA ALA C 150 -33.28 -23.58 4.49
C ALA C 150 -34.75 -23.69 4.08
N PHE C 151 -35.37 -24.82 4.38
CA PHE C 151 -36.78 -25.02 4.05
C PHE C 151 -37.61 -24.22 5.05
N LEU C 152 -37.24 -24.32 6.33
CA LEU C 152 -37.95 -23.58 7.37
C LEU C 152 -37.93 -22.10 7.04
N ALA C 153 -36.78 -21.61 6.59
CA ALA C 153 -36.63 -20.21 6.24
C ALA C 153 -37.46 -19.91 5.00
N ALA C 154 -37.33 -20.74 3.96
CA ALA C 154 -38.08 -20.52 2.71
C ALA C 154 -39.62 -20.46 2.89
N VAL C 155 -40.16 -21.12 3.90
CA VAL C 155 -41.62 -21.07 4.11
C VAL C 155 -41.96 -20.14 5.27
N GLN C 156 -40.95 -19.40 5.73
CA GLN C 156 -41.12 -18.48 6.85
C GLN C 156 -41.78 -19.15 8.04
N ASP C 157 -41.24 -20.29 8.47
CA ASP C 157 -41.81 -20.98 9.62
C ASP C 157 -41.57 -20.12 10.86
N PRO C 158 -42.55 -20.07 11.78
CA PRO C 158 -42.33 -19.25 12.98
C PRO C 158 -41.05 -19.61 13.74
N VAL C 159 -40.64 -20.85 13.64
CA VAL C 159 -39.42 -21.30 14.31
C VAL C 159 -38.21 -20.52 13.79
N SER C 160 -38.25 -20.13 12.52
CA SER C 160 -37.15 -19.39 11.92
C SER C 160 -37.07 -17.95 12.46
N PHE C 161 -38.21 -17.40 12.88
CA PHE C 161 -38.28 -16.04 13.42
C PHE C 161 -37.93 -16.04 14.90
N LYS C 162 -38.26 -17.13 15.58
CA LYS C 162 -37.99 -17.25 17.00
C LYS C 162 -36.50 -17.44 17.24
N PHE C 163 -35.88 -18.30 16.42
CA PHE C 163 -34.45 -18.57 16.53
C PHE C 163 -33.73 -17.97 15.31
N SER C 164 -33.32 -16.72 15.44
CA SER C 164 -32.64 -15.99 14.36
C SER C 164 -31.21 -16.46 14.15
N GLY C 165 -30.66 -16.15 12.99
CA GLY C 165 -29.29 -16.55 12.69
C GLY C 165 -29.18 -18.00 12.26
N LYS C 166 -27.94 -18.40 11.98
CA LYS C 166 -27.68 -19.76 11.53
C LYS C 166 -28.09 -20.82 12.55
N GLY C 167 -28.25 -22.06 12.10
CA GLY C 167 -28.63 -23.15 12.99
C GLY C 167 -30.00 -23.04 13.66
N THR C 168 -31.02 -22.73 12.88
CA THR C 168 -32.38 -22.61 13.41
C THR C 168 -32.82 -23.84 14.22
N LEU C 169 -32.72 -25.01 13.61
CA LEU C 169 -33.12 -26.24 14.29
C LEU C 169 -32.27 -26.54 15.51
N GLU C 170 -30.97 -26.35 15.35
CA GLU C 170 -30.01 -26.63 16.41
C GLU C 170 -30.38 -25.78 17.63
N GLN C 171 -30.80 -24.54 17.39
CA GLN C 171 -31.21 -23.70 18.50
C GLN C 171 -32.49 -24.30 19.09
N LEU C 172 -33.37 -24.78 18.21
CA LEU C 172 -34.62 -25.40 18.65
C LEU C 172 -34.29 -26.59 19.53
N HIS C 173 -33.51 -27.51 18.99
CA HIS C 173 -33.12 -28.71 19.71
C HIS C 173 -32.56 -28.39 21.09
N THR C 174 -31.70 -27.36 21.16
CA THR C 174 -31.07 -26.96 22.41
C THR C 174 -32.12 -26.45 23.41
N ALA C 175 -32.94 -25.49 22.98
CA ALA C 175 -33.97 -24.93 23.85
C ALA C 175 -34.96 -26.00 24.31
N THR C 176 -35.33 -26.91 23.43
CA THR C 176 -36.27 -27.99 23.76
C THR C 176 -35.63 -28.91 24.79
N ALA C 177 -34.36 -29.22 24.56
CA ALA C 177 -33.62 -30.08 25.46
C ALA C 177 -33.62 -29.52 26.90
N PHE C 178 -33.32 -28.24 27.05
CA PHE C 178 -33.29 -27.66 28.38
C PHE C 178 -34.69 -27.57 28.98
N GLU C 179 -35.68 -27.35 28.13
CA GLU C 179 -37.07 -27.27 28.57
C GLU C 179 -37.48 -28.59 29.22
N LEU C 180 -37.09 -29.70 28.60
CA LEU C 180 -37.42 -31.02 29.14
C LEU C 180 -36.62 -31.31 30.40
N LEU C 181 -35.39 -30.81 30.44
CA LEU C 181 -34.54 -31.03 31.61
C LEU C 181 -35.06 -30.26 32.82
N ASN C 182 -35.83 -29.20 32.55
CA ASN C 182 -36.39 -28.37 33.60
C ASN C 182 -37.60 -28.99 34.28
N VAL C 183 -38.18 -30.02 33.67
CA VAL C 183 -39.33 -30.70 34.27
C VAL C 183 -38.71 -31.47 35.44
N THR C 184 -39.17 -31.16 36.65
CA THR C 184 -38.61 -31.79 37.85
C THR C 184 -38.42 -33.31 37.81
N GLU C 185 -39.33 -34.04 37.18
CA GLU C 185 -39.20 -35.49 37.08
C GLU C 185 -38.08 -35.93 36.14
N PHE C 186 -37.72 -35.07 35.20
CA PHE C 186 -36.67 -35.39 34.23
C PHE C 186 -35.32 -34.78 34.59
N ASP C 187 -35.34 -33.84 35.54
CA ASP C 187 -34.12 -33.12 35.96
C ASP C 187 -33.09 -33.97 36.70
N PHE C 188 -32.34 -34.79 35.96
CA PHE C 188 -31.33 -35.64 36.57
C PHE C 188 -30.10 -34.87 37.04
N THR C 189 -30.04 -33.59 36.72
CA THR C 189 -28.92 -32.76 37.15
C THR C 189 -29.33 -31.80 38.27
N SER C 190 -30.51 -32.01 38.84
CA SER C 190 -30.99 -31.14 39.91
C SER C 190 -30.02 -31.11 41.08
N SER C 191 -29.35 -32.23 41.34
CA SER C 191 -28.38 -32.31 42.43
C SER C 191 -27.03 -31.79 41.98
N MET C 192 -27.05 -30.80 41.09
CA MET C 192 -25.82 -30.24 40.56
C MET C 192 -25.67 -28.79 41.03
N ASP C 193 -24.44 -28.43 41.37
CA ASP C 193 -24.06 -27.08 41.79
C ASP C 193 -24.70 -26.08 40.81
N ASN C 194 -24.91 -24.83 41.25
CA ASN C 194 -25.47 -23.83 40.34
C ASN C 194 -24.42 -23.47 39.30
N ALA C 195 -23.17 -23.40 39.74
CA ALA C 195 -22.06 -23.08 38.86
C ALA C 195 -21.78 -24.26 37.93
N SER C 196 -21.94 -25.48 38.45
CA SER C 196 -21.72 -26.68 37.65
C SER C 196 -22.79 -26.79 36.57
N PHE C 197 -24.01 -26.40 36.93
CA PHE C 197 -25.11 -26.46 35.98
C PHE C 197 -24.92 -25.44 34.87
N LEU C 198 -24.36 -24.27 35.21
CA LEU C 198 -24.12 -23.26 34.21
C LEU C 198 -23.13 -23.83 33.20
N GLU C 199 -22.05 -24.41 33.72
CA GLU C 199 -21.02 -25.03 32.89
C GLU C 199 -21.68 -26.09 32.01
N PHE C 200 -22.49 -26.94 32.63
CA PHE C 200 -23.20 -28.00 31.92
C PHE C 200 -24.00 -27.47 30.73
N LYS C 201 -24.82 -26.45 30.97
CA LYS C 201 -25.63 -25.87 29.90
C LYS C 201 -24.80 -25.31 28.74
N ASN C 202 -23.73 -24.59 29.07
CA ASN C 202 -22.86 -24.01 28.06
C ASN C 202 -22.24 -25.07 27.16
N ILE C 203 -21.79 -26.17 27.75
CA ILE C 203 -21.20 -27.26 26.97
C ILE C 203 -22.27 -27.85 26.04
N VAL C 204 -23.43 -28.19 26.60
CA VAL C 204 -24.53 -28.76 25.82
C VAL C 204 -24.92 -27.82 24.68
N SER C 205 -25.01 -26.53 24.99
CA SER C 205 -25.37 -25.52 24.01
C SER C 205 -24.35 -25.49 22.88
N HIS C 206 -23.07 -25.51 23.23
CA HIS C 206 -22.01 -25.50 22.25
C HIS C 206 -22.09 -26.76 21.39
N LEU C 207 -22.14 -27.92 22.05
CA LEU C 207 -22.20 -29.21 21.35
C LEU C 207 -23.32 -29.36 20.32
N ILE C 208 -24.55 -29.06 20.72
CA ILE C 208 -25.67 -29.19 19.80
C ILE C 208 -25.57 -28.11 18.74
N GLY C 209 -25.13 -26.92 19.15
CA GLY C 209 -24.99 -25.82 18.22
C GLY C 209 -24.06 -26.17 17.08
N HIS C 210 -23.05 -26.99 17.37
CA HIS C 210 -22.08 -27.37 16.35
C HIS C 210 -22.41 -28.61 15.51
N THR C 211 -23.66 -29.05 15.53
CA THR C 211 -24.06 -30.18 14.69
C THR C 211 -24.69 -29.60 13.42
N ASP C 212 -24.75 -28.26 13.36
CA ASP C 212 -25.30 -27.52 12.22
C ASP C 212 -24.38 -27.75 11.02
N MET C 213 -24.89 -28.38 9.97
CA MET C 213 -24.06 -28.67 8.79
C MET C 213 -23.50 -27.42 8.07
N SER C 214 -24.25 -26.32 8.08
CA SER C 214 -23.80 -25.11 7.41
C SER C 214 -22.39 -24.68 7.84
N LEU C 215 -21.94 -25.21 8.98
CA LEU C 215 -20.63 -24.88 9.53
C LEU C 215 -19.50 -25.78 9.05
N HIS C 216 -19.72 -26.58 8.01
CA HIS C 216 -18.69 -27.50 7.55
C HIS C 216 -17.34 -26.84 7.24
N SER C 217 -17.34 -25.84 6.37
CA SER C 217 -16.08 -25.19 6.03
C SER C 217 -15.42 -24.47 7.21
N GLU C 218 -16.23 -23.81 8.03
CA GLU C 218 -15.68 -23.09 9.18
C GLU C 218 -15.06 -24.05 10.19
N THR C 219 -15.73 -25.17 10.44
CA THR C 219 -15.22 -26.13 11.41
C THR C 219 -14.02 -26.90 10.87
N VAL C 220 -13.98 -27.14 9.56
CA VAL C 220 -12.85 -27.85 8.97
C VAL C 220 -11.61 -26.99 9.13
N ALA C 221 -11.74 -25.70 8.83
CA ALA C 221 -10.63 -24.76 8.97
C ALA C 221 -10.24 -24.56 10.43
N LYS C 222 -11.24 -24.53 11.30
CA LYS C 222 -11.02 -24.33 12.73
C LYS C 222 -10.19 -25.46 13.33
N HIS C 223 -10.54 -26.69 12.98
CA HIS C 223 -9.83 -27.85 13.49
C HIS C 223 -8.47 -28.02 12.79
N GLY C 224 -8.40 -27.61 11.53
CA GLY C 224 -7.14 -27.70 10.81
C GLY C 224 -6.09 -26.81 11.46
N ALA C 225 -6.51 -25.62 11.87
CA ALA C 225 -5.60 -24.68 12.53
C ALA C 225 -5.10 -25.29 13.83
N LYS C 226 -5.98 -26.00 14.53
CA LYS C 226 -5.62 -26.64 15.78
C LYS C 226 -4.53 -27.68 15.57
N LEU C 227 -4.50 -28.24 14.37
CA LEU C 227 -3.49 -29.24 14.01
C LEU C 227 -2.13 -28.53 13.95
N SER C 228 -2.08 -27.38 13.30
CA SER C 228 -0.83 -26.64 13.19
C SER C 228 -0.22 -26.24 14.53
N ALA C 229 -1.04 -26.27 15.58
CA ALA C 229 -0.56 -25.90 16.90
C ALA C 229 -0.35 -27.07 17.85
N GLY C 230 -0.38 -28.30 17.35
CA GLY C 230 -0.19 -29.45 18.22
C GLY C 230 -1.40 -30.36 18.32
N GLY C 231 -2.56 -29.84 17.93
CA GLY C 231 -3.79 -30.62 17.94
C GLY C 231 -4.43 -31.19 19.21
N PHE C 232 -5.05 -30.32 20.01
CA PHE C 232 -5.75 -30.73 21.23
C PHE C 232 -4.94 -31.06 22.46
N ASP C 233 -4.99 -30.14 23.42
CA ASP C 233 -4.33 -30.32 24.70
C ASP C 233 -5.50 -30.62 25.61
N CYS C 234 -5.77 -31.91 25.82
CA CYS C 234 -6.89 -32.32 26.66
C CYS C 234 -6.77 -31.91 28.11
N THR C 235 -5.71 -31.18 28.43
CA THR C 235 -5.48 -30.68 29.78
C THR C 235 -6.27 -29.38 29.90
N CYS C 236 -6.62 -28.82 28.75
CA CYS C 236 -7.39 -27.57 28.67
C CYS C 236 -8.86 -27.87 28.34
N LYS C 237 -9.74 -27.57 29.27
CA LYS C 237 -11.18 -27.78 29.11
C LYS C 237 -11.75 -27.24 27.80
N GLU C 238 -11.22 -26.12 27.34
CA GLU C 238 -11.67 -25.54 26.10
C GLU C 238 -11.33 -26.50 24.95
N ASP C 239 -10.10 -27.01 24.93
CA ASP C 239 -9.69 -27.97 23.91
C ASP C 239 -10.57 -29.23 24.01
N ARG C 240 -10.94 -29.61 25.22
CA ARG C 240 -11.77 -30.79 25.39
C ARG C 240 -13.16 -30.54 24.80
N LEU C 241 -13.66 -29.31 24.93
CA LEU C 241 -14.96 -28.96 24.39
C LEU C 241 -14.95 -29.04 22.86
N GLU C 242 -13.88 -28.55 22.25
CA GLU C 242 -13.74 -28.60 20.81
C GLU C 242 -13.65 -30.05 20.32
N ALA C 243 -12.91 -30.88 21.05
CA ALA C 243 -12.76 -32.29 20.70
C ALA C 243 -14.12 -32.99 20.77
N LEU C 244 -14.84 -32.83 21.89
CA LEU C 244 -16.14 -33.46 22.04
C LEU C 244 -17.05 -33.01 20.91
N SER C 245 -16.94 -31.74 20.56
CA SER C 245 -17.71 -31.12 19.51
C SER C 245 -17.46 -31.82 18.17
N LEU C 246 -16.18 -32.05 17.86
CA LEU C 246 -15.83 -32.72 16.61
C LEU C 246 -16.30 -34.17 16.57
N LEU C 247 -16.23 -34.85 17.71
CA LEU C 247 -16.64 -36.25 17.76
C LEU C 247 -18.15 -36.41 17.65
N LEU C 248 -18.89 -35.45 18.20
CA LEU C 248 -20.35 -35.52 18.16
C LEU C 248 -20.83 -35.30 16.73
N HIS C 249 -20.23 -34.33 16.03
CA HIS C 249 -20.59 -34.04 14.65
C HIS C 249 -20.23 -35.27 13.81
N ALA C 250 -19.08 -35.88 14.08
CA ALA C 250 -18.64 -37.07 13.34
C ALA C 250 -19.63 -38.20 13.58
N ALA C 251 -20.11 -38.32 14.80
CA ALA C 251 -21.07 -39.34 15.15
C ALA C 251 -22.39 -39.06 14.46
N ASP C 252 -22.78 -37.78 14.37
CA ASP C 252 -24.04 -37.45 13.74
C ASP C 252 -24.08 -37.80 12.26
N ILE C 253 -22.95 -37.64 11.56
CA ILE C 253 -22.89 -37.98 10.14
C ILE C 253 -22.04 -39.23 9.92
N GLY C 254 -21.79 -40.01 10.97
CA GLY C 254 -20.93 -41.18 10.84
C GLY C 254 -21.49 -42.54 10.48
N ALA C 255 -22.81 -42.67 10.43
CA ALA C 255 -23.43 -43.94 10.11
C ALA C 255 -22.83 -44.58 8.85
N SER C 256 -22.50 -43.77 7.86
CA SER C 256 -21.94 -44.32 6.62
C SER C 256 -20.46 -44.69 6.71
N SER C 257 -19.89 -44.65 7.91
CA SER C 257 -18.50 -45.02 8.12
C SER C 257 -18.45 -46.23 9.03
N ARG C 258 -19.61 -46.72 9.43
CA ARG C 258 -19.71 -47.86 10.32
C ARG C 258 -19.74 -49.20 9.58
N GLY C 259 -19.55 -49.16 8.27
CA GLY C 259 -19.57 -50.41 7.51
C GLY C 259 -20.59 -50.34 6.39
N VAL C 260 -20.31 -51.08 5.32
CA VAL C 260 -21.18 -51.12 4.15
C VAL C 260 -22.64 -51.43 4.47
N ALA C 261 -22.88 -52.55 5.16
CA ALA C 261 -24.24 -52.93 5.50
C ALA C 261 -25.00 -51.83 6.23
N ILE C 262 -24.40 -51.29 7.29
CA ILE C 262 -25.03 -50.23 8.07
C ILE C 262 -25.29 -48.97 7.25
N ALA C 263 -24.34 -48.60 6.41
CA ALA C 263 -24.47 -47.40 5.58
C ALA C 263 -25.71 -47.46 4.69
N ARG C 264 -25.99 -48.61 4.10
CA ARG C 264 -27.15 -48.74 3.23
C ARG C 264 -28.45 -48.46 3.98
N LYS C 265 -28.52 -48.90 5.23
CA LYS C 265 -29.71 -48.69 6.05
C LYS C 265 -30.00 -47.22 6.29
N TRP C 266 -28.95 -46.40 6.33
CA TRP C 266 -29.13 -44.97 6.59
C TRP C 266 -29.32 -44.11 5.37
N LEU C 267 -29.52 -44.74 4.22
CA LEU C 267 -29.77 -44.00 3.00
C LEU C 267 -31.21 -43.49 3.05
N VAL C 268 -31.92 -43.80 4.13
CA VAL C 268 -33.29 -43.34 4.33
C VAL C 268 -33.38 -41.83 4.39
N ILE C 269 -32.23 -41.17 4.54
CA ILE C 269 -32.20 -39.72 4.59
C ILE C 269 -32.75 -39.16 3.28
N LEU C 270 -32.50 -39.89 2.19
CA LEU C 270 -32.97 -39.49 0.87
C LEU C 270 -34.51 -39.46 0.79
N GLN C 271 -35.18 -40.14 1.72
CA GLN C 271 -36.65 -40.14 1.75
C GLN C 271 -37.18 -38.80 2.25
N GLU C 272 -36.51 -38.23 3.26
CA GLU C 272 -36.92 -36.94 3.79
C GLU C 272 -36.65 -35.91 2.71
N PHE C 273 -35.55 -36.10 1.98
CA PHE C 273 -35.16 -35.20 0.91
C PHE C 273 -36.21 -35.16 -0.21
N ALA C 274 -36.64 -36.34 -0.65
CA ALA C 274 -37.64 -36.44 -1.72
C ALA C 274 -38.94 -35.83 -1.25
N ASP C 275 -39.30 -36.09 0.00
CA ASP C 275 -40.52 -35.54 0.58
C ASP C 275 -40.46 -34.01 0.59
N GLN C 276 -39.30 -33.46 0.94
CA GLN C 276 -39.14 -32.00 0.99
C GLN C 276 -39.19 -31.41 -0.42
N ALA C 277 -38.65 -32.15 -1.38
CA ALA C 277 -38.63 -31.69 -2.77
C ALA C 277 -40.05 -31.53 -3.30
N GLU C 278 -40.92 -32.50 -2.98
CA GLU C 278 -42.32 -32.47 -3.40
C GLU C 278 -43.09 -31.40 -2.62
N ASP C 279 -42.71 -31.20 -1.37
CA ASP C 279 -43.36 -30.21 -0.50
C ASP C 279 -43.04 -28.83 -1.09
N GLU C 280 -41.78 -28.62 -1.45
CA GLU C 280 -41.36 -27.34 -2.02
C GLU C 280 -42.13 -27.08 -3.32
N ARG C 281 -42.26 -28.11 -4.15
CA ARG C 281 -42.96 -27.96 -5.41
C ARG C 281 -44.42 -27.58 -5.17
N ARG C 282 -45.03 -28.20 -4.17
CA ARG C 282 -46.44 -27.92 -3.87
C ARG C 282 -46.65 -26.53 -3.31
N ARG C 283 -45.66 -26.02 -2.59
CA ARG C 283 -45.76 -24.68 -2.01
C ARG C 283 -45.31 -23.64 -3.04
N GLY C 284 -44.93 -24.10 -4.22
CA GLY C 284 -44.48 -23.17 -5.24
C GLY C 284 -43.09 -22.61 -4.98
N LEU C 285 -42.24 -23.38 -4.29
CA LEU C 285 -40.87 -22.95 -3.99
C LEU C 285 -39.88 -23.62 -4.93
N PRO C 286 -38.74 -22.96 -5.21
CA PRO C 286 -37.67 -23.43 -6.09
C PRO C 286 -37.37 -24.93 -6.18
N VAL C 287 -37.21 -25.60 -5.05
CA VAL C 287 -36.89 -27.05 -5.03
C VAL C 287 -35.37 -27.26 -4.94
N THR C 288 -34.93 -27.75 -3.79
CA THR C 288 -33.52 -27.99 -3.54
C THR C 288 -32.92 -28.87 -4.63
N PRO C 289 -31.90 -28.35 -5.34
CA PRO C 289 -31.19 -29.02 -6.44
C PRO C 289 -31.09 -30.55 -6.44
N GLY C 290 -30.56 -31.17 -5.40
CA GLY C 290 -30.44 -32.61 -5.44
C GLY C 290 -31.32 -33.43 -4.51
N PHE C 291 -32.45 -32.88 -4.07
CA PHE C 291 -33.32 -33.61 -3.17
C PHE C 291 -34.27 -34.62 -3.81
N GLU C 292 -34.60 -34.42 -5.08
CA GLU C 292 -35.47 -35.36 -5.77
C GLU C 292 -34.71 -36.68 -5.88
N THR C 293 -35.43 -37.79 -5.95
CA THR C 293 -34.80 -39.10 -6.07
C THR C 293 -33.80 -39.14 -7.22
N PRO C 294 -32.57 -39.58 -6.94
CA PRO C 294 -31.50 -39.68 -7.94
C PRO C 294 -31.60 -40.90 -8.85
N SER C 295 -31.05 -40.79 -10.05
CA SER C 295 -31.06 -41.89 -11.01
C SER C 295 -30.26 -43.02 -10.37
N SER C 296 -29.13 -42.67 -9.78
CA SER C 296 -28.26 -43.64 -9.12
C SER C 296 -27.93 -43.21 -7.69
N VAL C 297 -28.51 -43.93 -6.71
CA VAL C 297 -28.28 -43.64 -5.30
C VAL C 297 -26.79 -43.71 -4.99
N GLU C 298 -26.19 -44.86 -5.29
CA GLU C 298 -24.78 -45.11 -5.05
C GLU C 298 -23.88 -44.04 -5.67
N LYS C 299 -24.18 -43.67 -6.91
CA LYS C 299 -23.38 -42.67 -7.61
C LYS C 299 -23.48 -41.28 -6.98
N SER C 300 -24.66 -40.93 -6.48
CA SER C 300 -24.86 -39.61 -5.88
C SER C 300 -24.21 -39.45 -4.51
N GLN C 301 -24.08 -40.56 -3.78
CA GLN C 301 -23.44 -40.52 -2.46
C GLN C 301 -21.97 -40.10 -2.53
N ILE C 302 -21.27 -40.60 -3.55
CA ILE C 302 -19.85 -40.33 -3.74
C ILE C 302 -19.41 -38.89 -3.46
N PRO C 303 -20.04 -37.89 -4.12
CA PRO C 303 -19.67 -36.50 -3.89
C PRO C 303 -19.90 -36.04 -2.44
N PHE C 304 -20.87 -36.67 -1.78
CA PHE C 304 -21.18 -36.34 -0.39
C PHE C 304 -20.11 -36.93 0.54
N LEU C 305 -19.56 -38.07 0.16
CA LEU C 305 -18.52 -38.71 0.97
C LEU C 305 -17.22 -37.94 0.76
N ASP C 306 -16.95 -37.57 -0.49
CA ASP C 306 -15.73 -36.84 -0.83
C ASP C 306 -15.65 -35.43 -0.23
N PHE C 307 -16.76 -34.71 -0.25
CA PHE C 307 -16.76 -33.34 0.24
C PHE C 307 -17.12 -33.20 1.72
N PHE C 308 -17.89 -34.12 2.26
CA PHE C 308 -18.28 -34.00 3.66
C PHE C 308 -17.81 -35.05 4.67
N VAL C 309 -18.25 -36.29 4.48
CA VAL C 309 -17.92 -37.35 5.42
C VAL C 309 -16.44 -37.73 5.53
N ILE C 310 -15.81 -38.02 4.40
CA ILE C 310 -14.40 -38.39 4.44
C ILE C 310 -13.53 -37.31 5.06
N PRO C 311 -13.59 -36.08 4.53
CA PRO C 311 -12.75 -35.04 5.13
C PRO C 311 -13.00 -34.82 6.63
N THR C 312 -14.21 -35.11 7.10
CA THR C 312 -14.53 -34.96 8.52
C THR C 312 -13.80 -36.04 9.33
N PHE C 313 -13.85 -37.29 8.86
CA PHE C 313 -13.17 -38.36 9.55
C PHE C 313 -11.65 -38.35 9.32
N ASP C 314 -11.21 -37.87 8.17
CA ASP C 314 -9.78 -37.79 7.91
C ASP C 314 -9.18 -36.84 8.95
N LEU C 315 -9.87 -35.73 9.17
CA LEU C 315 -9.45 -34.72 10.13
C LEU C 315 -9.47 -35.36 11.51
N LEU C 316 -10.52 -36.11 11.81
CA LEU C 316 -10.64 -36.78 13.11
C LEU C 316 -9.45 -37.71 13.32
N HIS C 317 -9.08 -38.43 12.26
CA HIS C 317 -7.96 -39.36 12.31
C HIS C 317 -6.62 -38.64 12.48
N GLN C 318 -6.51 -37.45 11.91
CA GLN C 318 -5.28 -36.67 12.06
C GLN C 318 -5.15 -36.21 13.51
N LEU C 319 -6.23 -35.69 14.09
CA LEU C 319 -6.18 -35.25 15.47
C LEU C 319 -6.18 -36.43 16.46
N PHE C 320 -6.78 -37.55 16.07
CA PHE C 320 -6.82 -38.74 16.93
C PHE C 320 -6.33 -39.96 16.16
N PRO C 321 -5.01 -40.10 16.05
CA PRO C 321 -4.32 -41.19 15.34
C PRO C 321 -4.83 -42.60 15.59
N SER C 322 -5.33 -42.87 16.79
CA SER C 322 -5.83 -44.20 17.09
C SER C 322 -7.21 -44.51 16.49
N ILE C 323 -7.90 -43.50 15.97
CA ILE C 323 -9.22 -43.70 15.38
C ILE C 323 -9.11 -43.88 13.87
N GLU C 324 -8.85 -45.11 13.45
CA GLU C 324 -8.65 -45.45 12.05
C GLU C 324 -9.80 -46.15 11.35
N GLU C 325 -10.54 -46.99 12.08
CA GLU C 325 -11.64 -47.75 11.49
C GLU C 325 -12.57 -46.95 10.57
N PRO C 326 -13.14 -45.84 11.06
CA PRO C 326 -14.05 -45.03 10.24
C PRO C 326 -13.51 -44.72 8.84
N LEU C 327 -12.36 -44.06 8.78
CA LEU C 327 -11.76 -43.70 7.49
C LEU C 327 -11.57 -44.93 6.61
N HIS C 328 -11.09 -46.04 7.20
CA HIS C 328 -10.88 -47.27 6.45
C HIS C 328 -12.18 -47.75 5.84
N ASN C 329 -13.28 -47.56 6.58
CA ASN C 329 -14.59 -47.98 6.09
C ASN C 329 -15.15 -47.06 5.01
N LEU C 330 -14.92 -45.76 5.12
CA LEU C 330 -15.43 -44.84 4.11
C LEU C 330 -14.80 -45.15 2.76
N ARG C 331 -13.50 -45.46 2.77
CA ARG C 331 -12.79 -45.78 1.55
C ARG C 331 -13.28 -47.07 0.91
N LYS C 332 -13.56 -48.09 1.72
CA LYS C 332 -14.08 -49.34 1.17
C LYS C 332 -15.45 -49.04 0.56
N LEU C 333 -16.24 -48.24 1.28
CA LEU C 333 -17.57 -47.86 0.82
C LEU C 333 -17.48 -47.04 -0.48
N ARG C 334 -16.58 -46.05 -0.50
CA ARG C 334 -16.44 -45.22 -1.68
C ARG C 334 -16.12 -46.10 -2.90
N GLU C 335 -15.19 -47.04 -2.73
CA GLU C 335 -14.82 -47.94 -3.81
C GLU C 335 -16.05 -48.73 -4.26
N LEU C 336 -16.74 -49.35 -3.31
CA LEU C 336 -17.93 -50.14 -3.62
C LEU C 336 -18.94 -49.33 -4.43
N TYR C 337 -19.13 -48.07 -4.07
CA TYR C 337 -20.07 -47.20 -4.78
C TYR C 337 -19.59 -46.86 -6.19
N ALA C 338 -18.31 -46.51 -6.31
CA ALA C 338 -17.74 -46.15 -7.60
C ALA C 338 -17.83 -47.30 -8.59
N ALA C 339 -17.74 -48.53 -8.09
CA ALA C 339 -17.81 -49.71 -8.95
C ALA C 339 -19.22 -49.85 -9.51
N LYS C 340 -20.21 -49.81 -8.64
CA LYS C 340 -21.60 -49.93 -9.08
C LYS C 340 -21.89 -48.95 -10.21
N ALA C 341 -21.63 -47.67 -9.96
CA ALA C 341 -21.84 -46.64 -10.96
C ALA C 341 -20.78 -46.76 -12.04
N THR D 11 41.05 -21.70 17.85
CA THR D 11 41.30 -21.30 19.27
C THR D 11 42.19 -20.06 19.36
N ARG D 12 41.55 -18.92 19.58
CA ARG D 12 42.24 -17.63 19.68
C ARG D 12 42.95 -17.46 21.01
N ARG D 13 43.63 -16.32 21.15
CA ARG D 13 44.35 -15.99 22.38
C ARG D 13 43.45 -15.07 23.19
N LEU D 14 42.73 -15.64 24.14
CA LEU D 14 41.82 -14.88 25.00
C LEU D 14 42.43 -14.72 26.39
N PRO D 15 42.19 -13.57 27.03
CA PRO D 15 42.74 -13.33 28.37
C PRO D 15 42.17 -14.33 29.35
N PRO D 16 42.74 -14.39 30.57
CA PRO D 16 42.20 -15.34 31.55
C PRO D 16 40.83 -14.82 31.94
N SER D 17 39.90 -15.72 32.23
CA SER D 17 38.56 -15.29 32.61
C SER D 17 38.55 -14.68 34.00
N ILE D 18 37.69 -13.69 34.19
CA ILE D 18 37.55 -13.03 35.49
C ILE D 18 36.59 -13.88 36.31
N VAL D 19 35.95 -14.84 35.64
CA VAL D 19 35.02 -15.75 36.30
C VAL D 19 35.77 -17.00 36.74
N GLN D 20 35.52 -17.44 37.97
CA GLN D 20 36.18 -18.61 38.51
C GLN D 20 35.52 -19.93 38.12
N ASP D 21 36.35 -20.95 37.92
CA ASP D 21 35.87 -22.27 37.56
C ASP D 21 34.94 -22.78 38.65
N THR D 22 34.04 -23.69 38.30
CA THR D 22 33.10 -24.28 39.25
C THR D 22 33.85 -25.11 40.30
N ILE D 23 33.41 -25.03 41.55
CA ILE D 23 34.05 -25.79 42.61
C ILE D 23 33.16 -26.97 43.00
N LEU D 24 33.53 -28.15 42.53
CA LEU D 24 32.75 -29.35 42.79
C LEU D 24 33.06 -30.01 44.12
N ALA D 25 33.94 -29.40 44.90
CA ALA D 25 34.33 -29.93 46.21
C ALA D 25 33.16 -30.06 47.17
N VAL D 26 33.02 -31.25 47.75
CA VAL D 26 31.95 -31.50 48.71
C VAL D 26 32.30 -30.80 50.02
N VAL D 27 31.41 -29.94 50.49
CA VAL D 27 31.63 -29.22 51.74
C VAL D 27 30.49 -29.52 52.70
N PRO D 28 30.78 -29.58 54.00
CA PRO D 28 29.74 -29.85 55.00
C PRO D 28 28.78 -28.67 55.13
N PRO D 29 27.49 -28.95 55.34
CA PRO D 29 26.48 -27.90 55.47
C PRO D 29 26.71 -27.02 56.71
N LYS D 30 25.64 -26.66 57.41
CA LYS D 30 25.75 -25.83 58.61
C LYS D 30 24.58 -26.06 59.54
N SER D 31 24.59 -25.38 60.68
CA SER D 31 23.53 -25.53 61.67
C SER D 31 22.15 -25.14 61.13
N CYS D 32 21.99 -23.86 60.77
CA CYS D 32 20.74 -23.34 60.25
C CYS D 32 19.71 -23.16 61.36
N ALA D 33 19.68 -21.97 61.95
CA ALA D 33 18.73 -21.67 63.02
C ALA D 33 17.42 -21.21 62.42
N ALA D 34 16.31 -21.54 63.09
CA ALA D 34 14.98 -21.15 62.61
C ALA D 34 14.97 -19.63 62.43
N ILE D 35 15.35 -19.18 61.24
CA ILE D 35 15.40 -17.77 60.92
C ILE D 35 14.07 -17.04 61.04
N GLY D 36 13.05 -17.74 61.52
CA GLY D 36 11.75 -17.10 61.67
C GLY D 36 10.58 -18.05 61.75
N THR D 37 9.40 -17.49 61.97
CA THR D 37 8.17 -18.25 62.07
C THR D 37 7.78 -18.79 60.71
N ASP D 38 6.96 -19.83 60.70
CA ASP D 38 6.49 -20.42 59.46
C ASP D 38 5.84 -19.28 58.67
N VAL D 39 5.27 -18.32 59.41
CA VAL D 39 4.61 -17.14 58.83
C VAL D 39 5.63 -16.11 58.37
N ASP D 40 6.67 -15.90 59.16
CA ASP D 40 7.70 -14.94 58.80
C ASP D 40 8.30 -15.27 57.44
N LEU D 41 8.62 -16.55 57.23
CA LEU D 41 9.23 -16.99 55.98
C LEU D 41 8.39 -16.72 54.74
N ARG D 42 7.07 -16.62 54.90
CA ARG D 42 6.18 -16.34 53.78
C ARG D 42 5.94 -14.83 53.66
N ASP D 43 6.61 -14.06 54.51
CA ASP D 43 6.46 -12.61 54.55
C ASP D 43 7.42 -11.88 53.61
N TRP D 44 6.86 -10.94 52.86
CA TRP D 44 7.62 -10.13 51.91
C TRP D 44 8.58 -9.22 52.68
N GLY D 45 8.30 -9.04 53.96
CA GLY D 45 9.12 -8.18 54.80
C GLY D 45 10.39 -8.83 55.31
N PHE D 46 10.54 -10.12 55.03
CA PHE D 46 11.72 -10.88 55.44
C PHE D 46 12.99 -10.10 55.08
N ASP D 47 13.82 -9.79 56.09
CA ASP D 47 15.07 -9.08 55.83
C ASP D 47 16.17 -10.13 55.75
N THR D 48 16.71 -10.32 54.55
CA THR D 48 17.75 -11.33 54.36
C THR D 48 19.13 -10.90 54.89
N PHE D 49 19.46 -9.62 54.73
CA PHE D 49 20.74 -9.12 55.21
C PHE D 49 20.79 -9.18 56.74
N GLU D 50 19.63 -8.90 57.36
CA GLU D 50 19.48 -8.90 58.81
C GLU D 50 19.74 -10.28 59.40
N VAL D 51 19.03 -11.28 58.89
CA VAL D 51 19.19 -12.64 59.36
C VAL D 51 20.60 -13.12 59.01
N ALA D 52 21.14 -12.56 57.92
CA ALA D 52 22.48 -12.92 57.45
C ALA D 52 23.54 -12.65 58.51
N SER D 53 23.12 -12.10 59.64
CA SER D 53 24.02 -11.80 60.73
C SER D 53 23.78 -12.72 61.91
N ARG D 54 22.51 -12.80 62.30
CA ARG D 54 22.10 -13.62 63.44
C ARG D 54 22.15 -15.11 63.16
N VAL D 55 22.65 -15.52 62.00
CA VAL D 55 22.72 -16.94 61.65
C VAL D 55 23.94 -17.27 60.79
N PRO D 56 24.47 -18.50 60.89
CA PRO D 56 25.65 -18.92 60.11
C PRO D 56 25.49 -18.91 58.59
N SER D 57 24.36 -19.42 58.09
CA SER D 57 24.12 -19.44 56.65
C SER D 57 22.69 -19.10 56.30
N VAL D 58 22.48 -17.90 55.78
CA VAL D 58 21.14 -17.44 55.39
C VAL D 58 20.59 -18.35 54.31
N LEU D 59 21.43 -18.64 53.32
CA LEU D 59 21.04 -19.48 52.20
C LEU D 59 20.63 -20.89 52.66
N GLN D 60 21.56 -21.58 53.31
CA GLN D 60 21.29 -22.94 53.75
C GLN D 60 20.06 -23.06 54.64
N SER D 61 19.84 -22.08 55.51
CA SER D 61 18.68 -22.12 56.39
C SER D 61 17.40 -21.79 55.62
N VAL D 62 17.49 -20.87 54.67
CA VAL D 62 16.32 -20.50 53.87
C VAL D 62 15.92 -21.66 52.97
N ALA D 63 16.89 -22.18 52.22
CA ALA D 63 16.66 -23.28 51.31
C ALA D 63 16.01 -24.48 51.97
N MET D 64 16.54 -24.92 53.11
CA MET D 64 15.98 -26.08 53.78
C MET D 64 14.56 -25.82 54.28
N HIS D 65 14.25 -24.59 54.64
CA HIS D 65 12.91 -24.27 55.11
C HIS D 65 11.94 -24.38 53.92
N VAL D 66 12.37 -23.87 52.78
CA VAL D 66 11.54 -23.91 51.58
C VAL D 66 11.22 -25.36 51.26
N ALA D 67 12.28 -26.16 51.14
CA ALA D 67 12.17 -27.58 50.82
C ALA D 67 11.20 -28.33 51.73
N LEU D 68 11.35 -28.14 53.03
CA LEU D 68 10.48 -28.81 54.00
C LEU D 68 9.06 -28.25 53.97
N ALA D 69 8.93 -26.96 53.68
CA ALA D 69 7.62 -26.31 53.63
C ALA D 69 6.85 -26.69 52.36
N TRP D 70 7.57 -27.19 51.36
CA TRP D 70 6.92 -27.60 50.12
C TRP D 70 7.01 -29.11 49.90
N ASP D 71 7.37 -29.83 50.97
CA ASP D 71 7.46 -31.28 50.97
C ASP D 71 8.26 -31.86 49.80
N PHE D 72 9.51 -31.43 49.69
CA PHE D 72 10.42 -31.87 48.63
C PHE D 72 10.89 -33.32 48.72
N PHE D 73 11.14 -33.80 49.92
CA PHE D 73 11.69 -35.15 50.09
C PHE D 73 10.77 -36.21 50.67
N ALA D 74 11.07 -37.46 50.30
CA ALA D 74 10.34 -38.63 50.75
C ALA D 74 11.36 -39.57 51.38
N SER D 75 12.59 -39.07 51.49
CA SER D 75 13.72 -39.82 52.06
C SER D 75 14.74 -38.86 52.66
N GLN D 76 15.39 -39.27 53.74
CA GLN D 76 16.39 -38.45 54.39
C GLN D 76 17.64 -38.35 53.50
N GLU D 77 17.81 -39.35 52.64
CA GLU D 77 18.96 -39.38 51.74
C GLU D 77 18.88 -38.23 50.72
N GLU D 78 17.67 -37.91 50.30
CA GLU D 78 17.46 -36.83 49.34
C GLU D 78 17.67 -35.49 50.01
N ALA D 79 17.15 -35.35 51.22
CA ALA D 79 17.28 -34.11 51.97
C ALA D 79 18.75 -33.80 52.22
N GLN D 80 19.55 -34.85 52.44
CA GLN D 80 20.97 -34.69 52.68
C GLN D 80 21.65 -34.13 51.44
N LYS D 81 21.24 -34.62 50.27
CA LYS D 81 21.82 -34.15 49.01
C LYS D 81 21.47 -32.68 48.83
N TRP D 82 20.22 -32.33 49.10
CA TRP D 82 19.77 -30.95 48.99
C TRP D 82 20.64 -30.07 49.88
N ALA D 83 20.84 -30.52 51.11
CA ALA D 83 21.65 -29.78 52.09
C ALA D 83 23.06 -29.55 51.57
N PHE D 84 23.69 -30.61 51.06
CA PHE D 84 25.05 -30.51 50.54
C PHE D 84 25.09 -29.65 49.28
N LEU D 85 24.05 -29.77 48.46
CA LEU D 85 23.96 -29.02 47.22
C LEU D 85 24.00 -27.53 47.55
N VAL D 86 23.10 -27.12 48.44
CA VAL D 86 23.01 -25.72 48.84
C VAL D 86 24.35 -25.20 49.36
N ALA D 87 25.02 -25.98 50.21
CA ALA D 87 26.31 -25.58 50.77
C ALA D 87 27.33 -25.44 49.65
N ALA D 88 27.30 -26.39 48.72
CA ALA D 88 28.23 -26.35 47.59
C ALA D 88 27.91 -25.15 46.73
N VAL D 89 26.61 -24.86 46.57
CA VAL D 89 26.21 -23.71 45.77
C VAL D 89 26.72 -22.46 46.47
N GLU D 90 26.44 -22.37 47.77
CA GLU D 90 26.90 -21.21 48.53
C GLU D 90 28.40 -21.05 48.33
N ASN D 91 29.12 -22.17 48.31
CA ASN D 91 30.57 -22.13 48.13
C ASN D 91 30.98 -21.62 46.74
N ASN D 92 30.01 -21.48 45.85
CA ASN D 92 30.30 -21.00 44.49
C ASN D 92 29.88 -19.56 44.22
N TYR D 93 29.32 -18.89 45.23
CA TYR D 93 28.92 -17.50 45.10
C TYR D 93 30.09 -16.67 45.63
N ARG D 94 30.54 -15.70 44.84
CA ARG D 94 31.65 -14.85 45.23
C ARG D 94 31.26 -13.86 46.32
N PRO D 95 32.24 -13.40 47.10
CA PRO D 95 31.98 -12.44 48.19
C PRO D 95 31.79 -11.03 47.61
N ASN D 96 30.85 -10.90 46.68
CA ASN D 96 30.56 -9.62 46.03
C ASN D 96 29.69 -8.71 46.92
N PRO D 97 29.61 -7.43 46.55
CA PRO D 97 28.79 -6.52 47.36
C PRO D 97 27.31 -6.91 47.25
N TYR D 98 26.83 -7.04 46.02
CA TYR D 98 25.43 -7.39 45.76
C TYR D 98 25.20 -8.86 45.37
N HIS D 99 25.69 -9.23 44.20
CA HIS D 99 25.51 -10.59 43.69
C HIS D 99 26.30 -11.63 44.48
N ASN D 100 25.77 -11.98 45.64
CA ASN D 100 26.41 -12.95 46.52
C ASN D 100 25.39 -13.96 47.00
N ALA D 101 25.81 -14.78 47.96
CA ALA D 101 24.95 -15.80 48.53
C ALA D 101 23.73 -15.21 49.24
N ILE D 102 23.88 -14.01 49.79
CA ILE D 102 22.76 -13.38 50.49
C ILE D 102 21.68 -13.03 49.47
N HIS D 103 22.11 -12.49 48.33
CA HIS D 103 21.19 -12.15 47.24
C HIS D 103 20.42 -13.41 46.84
N ALA D 104 21.14 -14.51 46.72
CA ALA D 104 20.53 -15.79 46.34
C ALA D 104 19.45 -16.20 47.33
N ALA D 105 19.73 -16.05 48.63
CA ALA D 105 18.76 -16.41 49.66
C ALA D 105 17.57 -15.46 49.59
N ASP D 106 17.84 -14.21 49.26
CA ASP D 106 16.78 -13.21 49.15
C ASP D 106 15.84 -13.58 48.00
N VAL D 107 16.42 -13.93 46.86
CA VAL D 107 15.64 -14.31 45.70
C VAL D 107 14.86 -15.59 46.00
N LEU D 108 15.51 -16.56 46.64
CA LEU D 108 14.82 -17.80 46.96
C LEU D 108 13.63 -17.57 47.89
N GLN D 109 13.85 -16.79 48.95
CA GLN D 109 12.79 -16.50 49.91
C GLN D 109 11.71 -15.65 49.24
N GLY D 110 12.13 -14.76 48.36
CA GLY D 110 11.17 -13.91 47.66
C GLY D 110 10.30 -14.73 46.72
N THR D 111 10.92 -15.63 45.98
CA THR D 111 10.17 -16.47 45.05
C THR D 111 9.21 -17.33 45.86
N PHE D 112 9.68 -17.82 47.00
CA PHE D 112 8.85 -18.65 47.88
C PHE D 112 7.69 -17.82 48.42
N SER D 113 7.93 -16.53 48.66
CA SER D 113 6.91 -15.63 49.19
C SER D 113 5.84 -15.30 48.16
N LEU D 114 6.28 -14.83 46.99
CA LEU D 114 5.35 -14.48 45.92
C LEU D 114 4.47 -15.66 45.49
N VAL D 115 5.08 -16.84 45.41
CA VAL D 115 4.36 -18.04 45.02
C VAL D 115 3.35 -18.47 46.07
N SER D 116 3.73 -18.39 47.35
CA SER D 116 2.83 -18.76 48.43
C SER D 116 1.63 -17.82 48.47
N ALA D 117 1.85 -16.59 48.01
CA ALA D 117 0.79 -15.58 47.99
C ALA D 117 -0.16 -15.71 46.80
N ALA D 118 0.28 -16.37 45.74
CA ALA D 118 -0.54 -16.56 44.54
C ALA D 118 -1.36 -17.85 44.61
N LYS D 119 -2.54 -17.76 45.20
CA LYS D 119 -3.43 -18.91 45.36
C LYS D 119 -3.65 -19.74 44.10
N PRO D 120 -4.11 -19.11 43.01
CA PRO D 120 -4.32 -19.87 41.77
C PRO D 120 -3.08 -20.64 41.32
N LEU D 121 -1.92 -20.02 41.46
CA LEU D 121 -0.68 -20.66 41.05
C LEU D 121 -0.31 -21.82 41.99
N MET D 122 -0.44 -21.61 43.31
CA MET D 122 -0.13 -22.65 44.29
C MET D 122 -1.03 -23.87 44.19
N GLU D 123 -2.29 -23.67 43.83
CA GLU D 123 -3.24 -24.77 43.71
C GLU D 123 -3.02 -25.61 42.45
N HIS D 124 -2.06 -25.21 41.62
CA HIS D 124 -1.83 -25.94 40.38
C HIS D 124 -0.39 -26.37 40.14
N LEU D 125 0.55 -25.76 40.87
CA LEU D 125 1.95 -26.12 40.71
C LEU D 125 2.21 -27.56 41.15
N THR D 126 2.93 -28.30 40.32
CA THR D 126 3.27 -29.67 40.65
C THR D 126 4.51 -29.60 41.53
N PRO D 127 4.79 -30.65 42.31
CA PRO D 127 5.98 -30.61 43.15
C PRO D 127 7.25 -30.48 42.33
N LEU D 128 7.24 -31.05 41.12
CA LEU D 128 8.42 -30.96 40.27
C LEU D 128 8.69 -29.48 39.96
N GLU D 129 7.64 -28.73 39.64
CA GLU D 129 7.74 -27.31 39.33
C GLU D 129 8.22 -26.48 40.53
N CYS D 130 7.78 -26.83 41.74
CA CYS D 130 8.22 -26.10 42.92
C CYS D 130 9.70 -26.35 43.19
N LYS D 131 10.17 -27.57 42.88
CA LYS D 131 11.57 -27.92 43.06
C LYS D 131 12.41 -27.16 42.04
N ALA D 132 11.90 -27.09 40.82
CA ALA D 132 12.60 -26.39 39.75
C ALA D 132 12.76 -24.92 40.09
N ALA D 133 11.70 -24.32 40.64
CA ALA D 133 11.71 -22.91 41.01
C ALA D 133 12.72 -22.64 42.13
N ALA D 134 12.65 -23.44 43.20
CA ALA D 134 13.57 -23.27 44.32
C ALA D 134 14.98 -23.40 43.79
N PHE D 135 15.27 -24.48 43.09
CA PHE D 135 16.60 -24.71 42.53
C PHE D 135 17.06 -23.50 41.71
N ALA D 136 16.24 -23.12 40.73
CA ALA D 136 16.55 -21.99 39.87
C ALA D 136 16.92 -20.74 40.68
N ALA D 137 16.06 -20.35 41.63
CA ALA D 137 16.33 -19.16 42.45
C ALA D 137 17.66 -19.28 43.19
N LEU D 138 17.89 -20.45 43.79
CA LEU D 138 19.12 -20.74 44.53
C LEU D 138 20.39 -20.55 43.69
N THR D 139 20.35 -21.04 42.46
CA THR D 139 21.50 -20.98 41.58
C THR D 139 21.49 -19.89 40.53
N HIS D 140 20.40 -19.13 40.44
CA HIS D 140 20.28 -18.10 39.40
C HIS D 140 21.46 -17.18 39.16
N ASP D 141 22.30 -16.96 40.17
CA ASP D 141 23.46 -16.08 40.00
C ASP D 141 24.79 -16.72 40.33
N VAL D 142 24.79 -18.03 40.56
CA VAL D 142 26.01 -18.76 40.93
C VAL D 142 27.25 -18.39 40.09
N CYS D 143 28.36 -18.15 40.78
CA CYS D 143 29.63 -17.78 40.17
C CYS D 143 29.62 -16.39 39.55
N HIS D 144 28.64 -15.56 39.92
CA HIS D 144 28.56 -14.21 39.38
C HIS D 144 29.87 -13.50 39.74
N PRO D 145 30.54 -12.91 38.74
CA PRO D 145 31.81 -12.19 38.90
C PRO D 145 31.68 -10.73 39.36
N GLY D 146 30.46 -10.28 39.59
CA GLY D 146 30.26 -8.90 40.01
C GLY D 146 30.48 -7.89 38.90
N ARG D 147 30.37 -8.33 37.66
CA ARG D 147 30.53 -7.49 36.48
C ARG D 147 29.37 -7.83 35.55
N THR D 148 29.06 -6.95 34.61
CA THR D 148 27.94 -7.16 33.69
C THR D 148 28.30 -7.89 32.38
N ASN D 149 27.27 -8.32 31.66
CA ASN D 149 27.47 -9.02 30.39
C ASN D 149 28.18 -8.10 29.41
N ALA D 150 27.78 -6.83 29.41
CA ALA D 150 28.38 -5.84 28.50
C ALA D 150 29.86 -5.68 28.78
N PHE D 151 30.24 -5.86 30.05
CA PHE D 151 31.62 -5.76 30.47
C PHE D 151 32.40 -6.99 29.97
N LEU D 152 31.86 -8.18 30.27
CA LEU D 152 32.49 -9.42 29.84
C LEU D 152 32.80 -9.37 28.35
N ALA D 153 31.90 -8.83 27.56
CA ALA D 153 32.10 -8.72 26.12
C ALA D 153 33.14 -7.64 25.83
N ALA D 154 33.20 -6.65 26.71
CA ALA D 154 34.14 -5.55 26.54
C ALA D 154 35.58 -6.02 26.71
N VAL D 155 35.80 -6.95 27.64
CA VAL D 155 37.13 -7.47 27.92
C VAL D 155 37.44 -8.75 27.13
N GLN D 156 36.49 -9.20 26.32
CA GLN D 156 36.68 -10.41 25.52
C GLN D 156 36.95 -11.60 26.43
N ASP D 157 36.23 -11.66 27.54
CA ASP D 157 36.41 -12.73 28.50
C ASP D 157 35.95 -14.08 27.92
N PRO D 158 36.71 -15.15 28.18
CA PRO D 158 36.40 -16.49 27.70
C PRO D 158 34.92 -16.90 27.78
N VAL D 159 34.25 -16.56 28.88
CA VAL D 159 32.85 -16.94 29.01
C VAL D 159 31.97 -16.29 27.95
N SER D 160 32.40 -15.17 27.40
CA SER D 160 31.60 -14.48 26.39
C SER D 160 31.62 -15.19 25.04
N PHE D 161 32.68 -15.98 24.82
CA PHE D 161 32.82 -16.72 23.59
C PHE D 161 32.17 -18.10 23.75
N LYS D 162 32.20 -18.64 24.97
CA LYS D 162 31.60 -19.93 25.23
C LYS D 162 30.07 -19.88 25.19
N PHE D 163 29.51 -18.78 25.69
CA PHE D 163 28.06 -18.61 25.71
C PHE D 163 27.63 -17.44 24.82
N SER D 164 27.48 -17.73 23.53
CA SER D 164 27.07 -16.73 22.55
C SER D 164 25.61 -16.36 22.74
N GLY D 165 25.22 -15.24 22.14
CA GLY D 165 23.85 -14.77 22.24
C GLY D 165 23.66 -13.95 23.50
N LYS D 166 22.43 -13.54 23.76
CA LYS D 166 22.15 -12.73 24.95
C LYS D 166 22.27 -13.57 26.21
N GLY D 167 22.32 -12.90 27.35
CA GLY D 167 22.42 -13.58 28.64
C GLY D 167 23.67 -14.41 28.91
N THR D 168 24.85 -13.89 28.56
CA THR D 168 26.09 -14.61 28.79
C THR D 168 26.16 -15.21 30.18
N LEU D 169 25.96 -14.38 31.21
CA LEU D 169 26.03 -14.85 32.59
C LEU D 169 24.93 -15.84 32.95
N GLU D 170 23.72 -15.54 32.50
CA GLU D 170 22.58 -16.40 32.79
C GLU D 170 22.82 -17.82 32.23
N GLN D 171 23.42 -17.92 31.04
CA GLN D 171 23.74 -19.22 30.46
C GLN D 171 24.77 -19.92 31.36
N LEU D 172 25.78 -19.16 31.78
CA LEU D 172 26.81 -19.71 32.66
C LEU D 172 26.22 -20.19 33.96
N HIS D 173 25.42 -19.36 34.63
CA HIS D 173 24.81 -19.77 35.88
C HIS D 173 24.03 -21.06 35.68
N THR D 174 23.31 -21.17 34.56
CA THR D 174 22.54 -22.37 34.27
C THR D 174 23.46 -23.59 34.16
N ALA D 175 24.46 -23.50 33.30
CA ALA D 175 25.42 -24.59 33.10
C ALA D 175 26.04 -24.98 34.44
N THR D 176 26.49 -23.99 35.20
CA THR D 176 27.10 -24.24 36.49
C THR D 176 26.13 -24.98 37.42
N ALA D 177 24.88 -24.54 37.47
CA ALA D 177 23.89 -25.18 38.33
C ALA D 177 23.76 -26.67 38.04
N PHE D 178 23.65 -27.02 36.76
CA PHE D 178 23.52 -28.43 36.37
C PHE D 178 24.84 -29.17 36.61
N GLU D 179 25.96 -28.47 36.44
CA GLU D 179 27.27 -29.08 36.64
C GLU D 179 27.35 -29.55 38.10
N LEU D 180 26.82 -28.72 39.00
CA LEU D 180 26.82 -29.03 40.43
C LEU D 180 25.82 -30.12 40.78
N LEU D 181 24.63 -30.03 40.18
CA LEU D 181 23.57 -31.00 40.42
C LEU D 181 23.99 -32.38 39.94
N ASN D 182 24.95 -32.42 39.02
CA ASN D 182 25.43 -33.68 38.47
C ASN D 182 26.32 -34.44 39.46
N VAL D 183 26.87 -33.73 40.45
CA VAL D 183 27.70 -34.36 41.47
C VAL D 183 26.80 -35.33 42.23
N THR D 184 27.31 -36.55 42.43
CA THR D 184 26.53 -37.58 43.11
C THR D 184 25.99 -37.16 44.46
N GLU D 185 26.86 -36.54 45.27
CA GLU D 185 26.46 -36.10 46.60
C GLU D 185 25.40 -35.01 46.62
N PHE D 186 25.38 -34.16 45.60
CA PHE D 186 24.43 -33.06 45.55
C PHE D 186 23.16 -33.36 44.76
N ASP D 187 23.15 -34.47 44.04
CA ASP D 187 22.02 -34.84 43.19
C ASP D 187 20.71 -35.26 43.89
N PHE D 188 19.93 -34.29 44.36
CA PHE D 188 18.68 -34.62 45.04
C PHE D 188 17.57 -35.04 44.08
N THR D 189 17.80 -34.79 42.79
CA THR D 189 16.82 -35.16 41.77
C THR D 189 17.15 -36.52 41.14
N SER D 190 18.14 -37.22 41.70
CA SER D 190 18.55 -38.53 41.18
C SER D 190 17.43 -39.56 41.13
N SER D 191 16.49 -39.49 42.08
CA SER D 191 15.37 -40.44 42.13
C SER D 191 14.29 -40.08 41.13
N MET D 192 14.51 -38.99 40.41
CA MET D 192 13.56 -38.51 39.40
C MET D 192 13.82 -39.36 38.15
N ASP D 193 12.76 -39.86 37.51
CA ASP D 193 12.97 -40.65 36.29
C ASP D 193 13.48 -39.70 35.20
N ASN D 194 14.01 -40.27 34.12
CA ASN D 194 14.55 -39.48 33.02
C ASN D 194 13.61 -38.42 32.46
N ALA D 195 12.36 -38.79 32.20
CA ALA D 195 11.36 -37.87 31.66
C ALA D 195 11.06 -36.70 32.58
N SER D 196 11.00 -36.97 33.89
CA SER D 196 10.73 -35.93 34.89
C SER D 196 11.92 -35.00 34.99
N PHE D 197 13.12 -35.58 34.98
CA PHE D 197 14.32 -34.79 35.09
C PHE D 197 14.49 -33.91 33.85
N LEU D 198 13.99 -34.38 32.71
CA LEU D 198 14.11 -33.57 31.49
C LEU D 198 13.21 -32.35 31.66
N GLU D 199 12.02 -32.55 32.22
CA GLU D 199 11.08 -31.45 32.45
C GLU D 199 11.71 -30.46 33.44
N PHE D 200 12.32 -31.01 34.49
CA PHE D 200 12.99 -30.21 35.52
C PHE D 200 14.05 -29.33 34.88
N LYS D 201 14.96 -29.92 34.10
CA LYS D 201 16.01 -29.13 33.46
C LYS D 201 15.44 -28.04 32.58
N ASN D 202 14.45 -28.37 31.77
CA ASN D 202 13.84 -27.38 30.89
C ASN D 202 13.25 -26.21 31.66
N ILE D 203 12.63 -26.48 32.82
CA ILE D 203 12.05 -25.41 33.61
C ILE D 203 13.15 -24.53 34.22
N VAL D 204 14.18 -25.15 34.79
CA VAL D 204 15.27 -24.39 35.38
C VAL D 204 15.98 -23.54 34.34
N SER D 205 16.22 -24.12 33.17
CA SER D 205 16.89 -23.39 32.10
C SER D 205 16.09 -22.16 31.69
N HIS D 206 14.77 -22.32 31.58
CA HIS D 206 13.89 -21.24 31.19
C HIS D 206 13.92 -20.13 32.27
N LEU D 207 13.72 -20.53 33.53
CA LEU D 207 13.69 -19.58 34.64
C LEU D 207 14.96 -18.77 34.80
N ILE D 208 16.10 -19.44 34.92
CA ILE D 208 17.35 -18.72 35.08
C ILE D 208 17.60 -17.83 33.86
N GLY D 209 17.30 -18.37 32.68
CA GLY D 209 17.50 -17.63 31.46
C GLY D 209 16.71 -16.34 31.37
N HIS D 210 15.55 -16.30 32.02
CA HIS D 210 14.73 -15.11 31.98
C HIS D 210 14.98 -14.05 33.06
N THR D 211 16.07 -14.22 33.81
CA THR D 211 16.42 -13.23 34.83
C THR D 211 17.34 -12.20 34.17
N ASP D 212 17.64 -12.42 32.88
CA ASP D 212 18.48 -11.52 32.09
C ASP D 212 17.74 -10.18 31.95
N MET D 213 18.23 -9.15 32.62
CA MET D 213 17.60 -7.81 32.57
C MET D 213 17.50 -7.32 31.14
N SER D 214 18.32 -7.89 30.28
CA SER D 214 18.35 -7.51 28.86
C SER D 214 16.97 -7.63 28.21
N LEU D 215 16.21 -8.64 28.63
CA LEU D 215 14.88 -8.92 28.11
C LEU D 215 13.75 -8.11 28.76
N HIS D 216 14.08 -6.99 29.41
CA HIS D 216 13.03 -6.22 30.07
C HIS D 216 11.82 -5.89 29.19
N SER D 217 12.01 -5.03 28.20
CA SER D 217 10.91 -4.62 27.33
C SER D 217 10.24 -5.75 26.57
N GLU D 218 10.98 -6.81 26.30
CA GLU D 218 10.42 -7.93 25.57
C GLU D 218 9.44 -8.71 26.45
N THR D 219 9.79 -8.91 27.72
CA THR D 219 8.95 -9.66 28.62
C THR D 219 7.79 -8.81 29.14
N VAL D 220 7.96 -7.49 29.17
CA VAL D 220 6.89 -6.61 29.60
C VAL D 220 5.81 -6.76 28.52
N ALA D 221 6.24 -6.67 27.26
CA ALA D 221 5.32 -6.82 26.14
C ALA D 221 4.64 -8.19 26.17
N LYS D 222 5.42 -9.24 26.44
CA LYS D 222 4.88 -10.60 26.48
C LYS D 222 3.86 -10.79 27.59
N HIS D 223 4.16 -10.28 28.78
CA HIS D 223 3.22 -10.42 29.88
C HIS D 223 2.00 -9.51 29.70
N GLY D 224 2.19 -8.39 29.02
CA GLY D 224 1.08 -7.49 28.77
C GLY D 224 0.09 -8.17 27.82
N ALA D 225 0.62 -8.82 26.79
CA ALA D 225 -0.22 -9.52 25.83
C ALA D 225 -1.03 -10.62 26.52
N LYS D 226 -0.40 -11.31 27.47
CA LYS D 226 -1.08 -12.39 28.21
C LYS D 226 -2.27 -11.83 28.99
N LEU D 227 -2.14 -10.58 29.41
CA LEU D 227 -3.20 -9.92 30.17
C LEU D 227 -4.42 -9.67 29.28
N SER D 228 -4.19 -9.31 28.02
CA SER D 228 -5.30 -9.07 27.09
C SER D 228 -6.05 -10.36 26.76
N ALA D 229 -5.40 -11.49 27.03
CA ALA D 229 -6.01 -12.78 26.77
C ALA D 229 -6.63 -13.36 28.04
N GLY D 230 -6.90 -12.49 29.01
CA GLY D 230 -7.51 -12.94 30.25
C GLY D 230 -6.54 -13.30 31.36
N GLY D 231 -5.25 -13.16 31.12
CA GLY D 231 -4.26 -13.48 32.15
C GLY D 231 -3.85 -14.94 32.15
N PHE D 232 -3.19 -15.36 33.22
CA PHE D 232 -2.71 -16.74 33.34
C PHE D 232 -3.80 -17.78 33.61
N ASP D 233 -3.69 -18.91 32.93
CA ASP D 233 -4.61 -20.02 33.12
C ASP D 233 -3.70 -21.08 33.75
N CYS D 234 -3.58 -21.01 35.07
CA CYS D 234 -2.71 -21.92 35.80
C CYS D 234 -2.99 -23.41 35.61
N THR D 235 -3.94 -23.72 34.75
CA THR D 235 -4.30 -25.10 34.42
C THR D 235 -3.38 -25.52 33.28
N CYS D 236 -2.79 -24.53 32.62
CA CYS D 236 -1.87 -24.76 31.50
C CYS D 236 -0.41 -24.65 31.98
N LYS D 237 0.32 -25.76 31.90
CA LYS D 237 1.71 -25.82 32.33
C LYS D 237 2.56 -24.70 31.73
N GLU D 238 2.24 -24.32 30.50
CA GLU D 238 2.97 -23.26 29.83
C GLU D 238 2.80 -21.96 30.60
N ASP D 239 1.56 -21.68 31.01
CA ASP D 239 1.27 -20.47 31.75
C ASP D 239 1.91 -20.48 33.15
N ARG D 240 1.97 -21.64 33.79
CA ARG D 240 2.58 -21.68 35.09
C ARG D 240 4.06 -21.39 34.93
N LEU D 241 4.67 -21.86 33.85
CA LEU D 241 6.09 -21.60 33.61
C LEU D 241 6.34 -20.09 33.45
N GLU D 242 5.47 -19.42 32.69
CA GLU D 242 5.62 -17.98 32.50
C GLU D 242 5.34 -17.25 33.82
N ALA D 243 4.38 -17.75 34.59
CA ALA D 243 4.03 -17.15 35.87
C ALA D 243 5.26 -17.20 36.77
N LEU D 244 5.78 -18.41 37.01
CA LEU D 244 6.96 -18.61 37.83
C LEU D 244 8.09 -17.70 37.35
N SER D 245 8.27 -17.67 36.04
CA SER D 245 9.32 -16.88 35.44
C SER D 245 9.14 -15.39 35.77
N LEU D 246 7.88 -14.93 35.79
CA LEU D 246 7.60 -13.53 36.11
C LEU D 246 7.90 -13.25 37.58
N LEU D 247 7.47 -14.16 38.45
CA LEU D 247 7.69 -14.00 39.89
C LEU D 247 9.17 -14.07 40.25
N LEU D 248 9.93 -14.97 39.63
CA LEU D 248 11.35 -15.09 39.92
C LEU D 248 12.06 -13.79 39.53
N HIS D 249 11.78 -13.29 38.33
CA HIS D 249 12.38 -12.03 37.89
C HIS D 249 12.04 -10.93 38.89
N ALA D 250 10.81 -10.95 39.38
CA ALA D 250 10.36 -9.96 40.34
C ALA D 250 11.17 -10.10 41.62
N ALA D 251 11.30 -11.32 42.10
CA ALA D 251 12.06 -11.58 43.31
C ALA D 251 13.51 -11.16 43.14
N ASP D 252 14.05 -11.29 41.94
CA ASP D 252 15.44 -10.91 41.75
C ASP D 252 15.68 -9.41 41.83
N ILE D 253 14.73 -8.62 41.34
CA ILE D 253 14.89 -7.17 41.38
C ILE D 253 13.89 -6.54 42.35
N GLY D 254 13.32 -7.35 43.24
CA GLY D 254 12.34 -6.81 44.16
C GLY D 254 12.76 -6.45 45.56
N ALA D 255 14.07 -6.37 45.83
CA ALA D 255 14.53 -6.03 47.17
C ALA D 255 14.00 -4.66 47.59
N SER D 256 14.09 -3.69 46.70
CA SER D 256 13.64 -2.34 47.00
C SER D 256 12.11 -2.21 47.07
N SER D 257 11.41 -3.33 47.17
CA SER D 257 9.96 -3.29 47.23
C SER D 257 9.48 -3.99 48.50
N ARG D 258 10.43 -4.35 49.35
CA ARG D 258 10.11 -5.04 50.60
C ARG D 258 9.99 -4.09 51.78
N GLY D 259 10.31 -2.83 51.57
CA GLY D 259 10.24 -1.85 52.64
C GLY D 259 11.43 -0.92 52.52
N VAL D 260 11.26 0.33 52.93
CA VAL D 260 12.35 1.29 52.83
C VAL D 260 13.61 0.81 53.53
N ALA D 261 13.44 0.04 54.61
CA ALA D 261 14.57 -0.46 55.37
C ALA D 261 15.42 -1.40 54.52
N ILE D 262 14.77 -2.42 53.94
CA ILE D 262 15.46 -3.40 53.11
C ILE D 262 16.00 -2.70 51.86
N ALA D 263 15.21 -1.80 51.30
CA ALA D 263 15.63 -1.08 50.11
C ALA D 263 17.01 -0.49 50.33
N ARG D 264 17.13 0.29 51.39
CA ARG D 264 18.41 0.92 51.72
C ARG D 264 19.53 -0.11 51.74
N LYS D 265 19.33 -1.20 52.47
CA LYS D 265 20.36 -2.24 52.57
C LYS D 265 20.84 -2.81 51.23
N TRP D 266 20.01 -2.79 50.20
CA TRP D 266 20.43 -3.34 48.92
C TRP D 266 20.95 -2.36 47.88
N LEU D 267 21.40 -1.21 48.35
CA LEU D 267 21.96 -0.22 47.46
C LEU D 267 23.42 -0.60 47.22
N VAL D 268 23.86 -1.68 47.87
CA VAL D 268 25.23 -2.17 47.71
C VAL D 268 25.50 -2.46 46.24
N ILE D 269 24.43 -2.63 45.47
CA ILE D 269 24.56 -2.89 44.03
C ILE D 269 25.30 -1.70 43.40
N LEU D 270 25.11 -0.52 43.98
CA LEU D 270 25.77 0.69 43.48
C LEU D 270 27.28 0.56 43.70
N GLN D 271 27.67 -0.33 44.61
CA GLN D 271 29.07 -0.56 44.92
C GLN D 271 29.75 -1.40 43.84
N GLU D 272 29.02 -2.37 43.27
CA GLU D 272 29.59 -3.20 42.21
C GLU D 272 29.76 -2.35 40.95
N PHE D 273 28.84 -1.42 40.72
CA PHE D 273 28.92 -0.53 39.56
C PHE D 273 30.17 0.34 39.66
N ALA D 274 30.43 0.85 40.87
CA ALA D 274 31.59 1.69 41.10
C ALA D 274 32.83 0.82 40.85
N ASP D 275 32.80 -0.40 41.36
CA ASP D 275 33.90 -1.33 41.18
C ASP D 275 34.17 -1.52 39.69
N GLN D 276 33.12 -1.70 38.92
CA GLN D 276 33.25 -1.90 37.48
C GLN D 276 33.71 -0.64 36.77
N ALA D 277 33.12 0.51 37.11
CA ALA D 277 33.50 1.76 36.47
C ALA D 277 35.00 2.01 36.64
N GLU D 278 35.53 1.71 37.82
CA GLU D 278 36.94 1.90 38.09
C GLU D 278 37.74 0.85 37.34
N ASP D 279 37.19 -0.35 37.29
CA ASP D 279 37.84 -1.47 36.62
C ASP D 279 37.91 -1.15 35.13
N GLU D 280 36.97 -0.35 34.65
CA GLU D 280 36.92 0.06 33.25
C GLU D 280 37.98 1.12 32.98
N ARG D 281 38.34 1.87 34.02
CA ARG D 281 39.36 2.90 33.91
C ARG D 281 40.72 2.22 33.78
N ARG D 282 41.00 1.31 34.69
CA ARG D 282 42.27 0.58 34.68
C ARG D 282 42.44 -0.32 33.46
N ARG D 283 41.61 -0.14 32.43
CA ARG D 283 41.73 -0.96 31.23
C ARG D 283 41.64 -0.13 29.96
N GLY D 284 41.49 1.17 30.11
CA GLY D 284 41.40 2.05 28.94
C GLY D 284 40.07 1.85 28.23
N LEU D 285 39.18 1.09 28.85
CA LEU D 285 37.87 0.79 28.29
C LEU D 285 36.85 1.87 28.66
N PRO D 286 35.95 2.21 27.71
CA PRO D 286 34.90 3.22 27.93
C PRO D 286 34.09 2.94 29.19
N VAL D 287 33.96 3.93 30.05
CA VAL D 287 33.22 3.79 31.31
C VAL D 287 31.70 3.75 31.09
N THR D 288 31.05 2.83 31.78
CA THR D 288 29.59 2.66 31.71
C THR D 288 28.94 3.88 32.38
N PRO D 289 28.20 4.68 31.60
CA PRO D 289 27.51 5.89 32.05
C PRO D 289 27.24 6.05 33.55
N GLY D 290 26.09 5.56 34.01
CA GLY D 290 25.73 5.73 35.41
C GLY D 290 26.31 4.77 36.43
N PHE D 291 27.56 4.38 36.27
CA PHE D 291 28.16 3.46 37.24
C PHE D 291 29.06 4.13 38.27
N GLU D 292 29.56 5.31 37.95
CA GLU D 292 30.40 6.03 38.90
C GLU D 292 29.49 6.62 39.97
N THR D 293 29.85 6.40 41.24
CA THR D 293 29.08 6.90 42.37
C THR D 293 28.35 8.21 42.07
N PRO D 294 27.03 8.24 42.25
CA PRO D 294 26.22 9.43 41.99
C PRO D 294 26.24 10.42 43.15
N SER D 295 26.13 11.71 42.83
CA SER D 295 26.13 12.74 43.85
C SER D 295 25.02 12.40 44.86
N SER D 296 23.86 12.06 44.34
CA SER D 296 22.70 11.69 45.16
C SER D 296 22.16 10.31 44.80
N VAL D 297 22.39 9.34 45.67
CA VAL D 297 21.93 7.98 45.45
C VAL D 297 20.41 7.96 45.25
N GLU D 298 19.70 8.61 46.18
CA GLU D 298 18.25 8.70 46.15
C GLU D 298 17.68 9.21 44.83
N LYS D 299 18.23 10.32 44.34
CA LYS D 299 17.76 10.89 43.09
C LYS D 299 17.89 9.91 41.92
N SER D 300 19.04 9.25 41.83
CA SER D 300 19.32 8.31 40.75
C SER D 300 18.43 7.06 40.73
N GLN D 301 18.00 6.60 41.90
CA GLN D 301 17.16 5.43 41.99
C GLN D 301 15.80 5.62 41.31
N ILE D 302 15.29 6.85 41.33
CA ILE D 302 14.00 7.16 40.75
C ILE D 302 13.78 6.67 39.32
N PRO D 303 14.66 7.06 38.37
CA PRO D 303 14.48 6.59 37.00
C PRO D 303 14.47 5.06 36.91
N PHE D 304 15.34 4.43 37.71
CA PHE D 304 15.44 2.99 37.73
C PHE D 304 14.13 2.34 38.20
N LEU D 305 13.50 2.96 39.19
CA LEU D 305 12.25 2.45 39.74
C LEU D 305 11.10 2.68 38.75
N ASP D 306 11.15 3.80 38.03
CA ASP D 306 10.10 4.14 37.09
C ASP D 306 10.10 3.32 35.78
N PHE D 307 11.27 3.02 35.24
CA PHE D 307 11.32 2.25 33.99
C PHE D 307 11.63 0.77 34.20
N PHE D 308 11.91 0.36 35.44
CA PHE D 308 12.24 -1.05 35.66
C PHE D 308 11.51 -1.78 36.79
N VAL D 309 11.61 -1.29 38.01
CA VAL D 309 10.98 -1.99 39.14
C VAL D 309 9.46 -1.81 39.24
N ILE D 310 8.98 -0.56 39.18
CA ILE D 310 7.55 -0.30 39.27
C ILE D 310 6.77 -1.03 38.17
N PRO D 311 7.12 -0.82 36.90
CA PRO D 311 6.37 -1.50 35.85
C PRO D 311 6.34 -3.03 35.98
N THR D 312 7.36 -3.60 36.62
CA THR D 312 7.40 -5.05 36.80
C THR D 312 6.41 -5.48 37.88
N PHE D 313 6.39 -4.78 39.00
CA PHE D 313 5.46 -5.15 40.06
C PHE D 313 4.03 -4.68 39.76
N ASP D 314 3.87 -3.64 38.96
CA ASP D 314 2.52 -3.18 38.62
C ASP D 314 1.93 -4.26 37.73
N LEU D 315 2.76 -4.70 36.78
CA LEU D 315 2.38 -5.73 35.83
C LEU D 315 2.06 -7.00 36.62
N LEU D 316 2.88 -7.30 37.61
CA LEU D 316 2.67 -8.48 38.45
C LEU D 316 1.32 -8.33 39.17
N HIS D 317 1.04 -7.12 39.66
CA HIS D 317 -0.22 -6.87 40.37
C HIS D 317 -1.45 -7.01 39.45
N GLN D 318 -1.30 -6.62 38.19
CA GLN D 318 -2.41 -6.73 37.23
C GLN D 318 -2.75 -8.20 36.99
N LEU D 319 -1.72 -9.03 36.82
CA LEU D 319 -1.90 -10.46 36.58
C LEU D 319 -2.27 -11.26 37.83
N PHE D 320 -1.82 -10.77 38.99
CA PHE D 320 -2.12 -11.42 40.28
C PHE D 320 -2.59 -10.34 41.27
N PRO D 321 -3.86 -9.93 41.17
CA PRO D 321 -4.49 -8.92 42.02
C PRO D 321 -4.20 -9.00 43.53
N SER D 322 -4.08 -10.20 44.07
CA SER D 322 -3.82 -10.35 45.49
C SER D 322 -2.42 -9.86 45.93
N ILE D 323 -1.50 -9.70 44.99
CA ILE D 323 -0.16 -9.23 45.32
C ILE D 323 -0.05 -7.72 45.20
N GLU D 324 -0.39 -7.01 46.27
CA GLU D 324 -0.38 -5.56 46.28
C GLU D 324 0.72 -4.88 47.10
N GLU D 325 1.07 -5.49 48.23
CA GLU D 325 2.08 -4.91 49.11
C GLU D 325 3.34 -4.38 48.42
N PRO D 326 3.98 -5.20 47.58
CA PRO D 326 5.19 -4.73 46.90
C PRO D 326 4.98 -3.45 46.10
N LEU D 327 3.92 -3.43 45.29
CA LEU D 327 3.64 -2.24 44.50
C LEU D 327 3.43 -1.07 45.44
N HIS D 328 2.78 -1.33 46.58
CA HIS D 328 2.52 -0.30 47.59
C HIS D 328 3.82 0.28 48.10
N ASN D 329 4.73 -0.59 48.53
CA ASN D 329 6.01 -0.13 49.06
C ASN D 329 6.78 0.71 48.05
N LEU D 330 6.78 0.28 46.78
CA LEU D 330 7.50 1.02 45.75
C LEU D 330 6.97 2.44 45.57
N ARG D 331 5.65 2.57 45.43
CA ARG D 331 5.05 3.90 45.26
C ARG D 331 5.31 4.76 46.50
N LYS D 332 5.62 4.11 47.62
CA LYS D 332 5.91 4.78 48.87
C LYS D 332 7.41 5.09 48.97
N LEU D 333 8.21 4.35 48.22
CA LEU D 333 9.66 4.54 48.20
C LEU D 333 10.02 5.68 47.26
N ARG D 334 9.44 5.66 46.05
CA ARG D 334 9.69 6.71 45.06
C ARG D 334 9.30 8.03 45.68
N GLU D 335 8.21 7.99 46.44
CA GLU D 335 7.68 9.15 47.14
C GLU D 335 8.75 9.67 48.11
N LEU D 336 9.35 8.75 48.87
CA LEU D 336 10.38 9.11 49.84
C LEU D 336 11.66 9.64 49.20
N TYR D 337 12.08 9.07 48.09
CA TYR D 337 13.30 9.52 47.42
C TYR D 337 13.11 10.90 46.81
N ALA D 338 11.93 11.13 46.22
CA ALA D 338 11.63 12.42 45.60
C ALA D 338 11.86 13.58 46.56
N ALA D 339 11.45 13.40 47.82
CA ALA D 339 11.63 14.44 48.83
C ALA D 339 13.08 14.82 48.97
N LYS D 340 13.91 13.85 49.33
CA LYS D 340 15.35 14.07 49.52
C LYS D 340 15.95 14.95 48.43
N ALA D 341 15.81 14.53 47.17
CA ALA D 341 16.35 15.29 46.05
C ALA D 341 15.43 16.44 45.65
N THR E 11 -25.39 -13.28 -42.88
CA THR E 11 -25.22 -11.81 -43.02
C THR E 11 -26.24 -11.10 -42.13
N ARG E 12 -25.81 -9.98 -41.54
CA ARG E 12 -26.67 -9.20 -40.67
C ARG E 12 -27.85 -8.62 -41.45
N ARG E 13 -29.07 -9.00 -41.06
CA ARG E 13 -30.26 -8.47 -41.71
C ARG E 13 -30.62 -7.23 -40.92
N LEU E 14 -30.03 -6.10 -41.31
CA LEU E 14 -30.28 -4.83 -40.64
C LEU E 14 -31.35 -4.03 -41.37
N PRO E 15 -32.20 -3.32 -40.62
CA PRO E 15 -33.27 -2.51 -41.21
C PRO E 15 -32.72 -1.40 -42.12
N PRO E 16 -33.59 -0.77 -42.91
CA PRO E 16 -33.11 0.30 -43.80
C PRO E 16 -32.71 1.51 -42.96
N SER E 17 -31.68 2.21 -43.40
CA SER E 17 -31.18 3.38 -42.69
C SER E 17 -32.11 4.59 -42.85
N ILE E 18 -32.25 5.38 -41.79
CA ILE E 18 -33.07 6.57 -41.81
C ILE E 18 -32.21 7.71 -42.38
N VAL E 19 -30.92 7.44 -42.51
CA VAL E 19 -29.98 8.42 -43.04
C VAL E 19 -29.92 8.30 -44.56
N GLN E 20 -30.24 9.39 -45.24
CA GLN E 20 -30.24 9.41 -46.70
C GLN E 20 -28.83 9.45 -47.28
N ASP E 21 -28.64 8.71 -48.37
CA ASP E 21 -27.35 8.65 -49.04
C ASP E 21 -26.87 10.02 -49.50
N THR E 22 -25.56 10.17 -49.61
CA THR E 22 -24.97 11.43 -50.05
C THR E 22 -25.36 11.75 -51.49
N ILE E 23 -25.74 12.99 -51.73
CA ILE E 23 -26.10 13.41 -53.07
C ILE E 23 -24.88 14.10 -53.66
N LEU E 24 -24.26 13.46 -54.65
CA LEU E 24 -23.06 14.00 -55.28
C LEU E 24 -23.35 14.99 -56.42
N ALA E 25 -24.55 14.92 -56.98
CA ALA E 25 -24.95 15.80 -58.07
C ALA E 25 -24.48 17.23 -57.88
N VAL E 26 -24.15 17.89 -58.99
CA VAL E 26 -23.69 19.27 -58.96
C VAL E 26 -24.87 20.21 -59.14
N VAL E 27 -25.31 20.82 -58.04
CA VAL E 27 -26.45 21.73 -58.06
C VAL E 27 -25.98 23.17 -58.30
N PRO E 28 -26.60 23.87 -59.27
CA PRO E 28 -26.20 25.25 -59.55
C PRO E 28 -26.30 26.12 -58.29
N PRO E 29 -25.27 26.93 -58.02
CA PRO E 29 -25.22 27.81 -56.85
C PRO E 29 -26.21 28.98 -56.95
N LYS E 30 -26.63 29.50 -55.80
CA LYS E 30 -27.57 30.62 -55.79
C LYS E 30 -26.89 31.98 -55.80
N SER E 31 -27.72 33.03 -55.91
CA SER E 31 -27.28 34.42 -55.96
C SER E 31 -26.14 34.81 -55.01
N CYS E 32 -25.60 36.01 -55.24
CA CYS E 32 -24.51 36.55 -54.43
C CYS E 32 -24.98 36.79 -52.99
N ALA E 33 -24.60 37.92 -52.43
CA ALA E 33 -24.98 38.26 -51.07
C ALA E 33 -24.78 39.73 -50.74
N ALA E 34 -25.24 40.12 -49.55
CA ALA E 34 -25.16 41.48 -49.05
C ALA E 34 -25.82 41.48 -47.68
N ILE E 35 -25.57 40.40 -46.93
CA ILE E 35 -26.13 40.20 -45.60
C ILE E 35 -25.58 41.14 -44.52
N GLY E 36 -25.02 42.27 -44.95
CA GLY E 36 -24.48 43.23 -43.99
C GLY E 36 -23.04 43.60 -44.25
N THR E 37 -22.50 44.43 -43.38
CA THR E 37 -21.11 44.89 -43.47
C THR E 37 -20.22 43.81 -42.88
N ASP E 38 -18.92 43.90 -43.13
CA ASP E 38 -17.99 42.93 -42.59
C ASP E 38 -18.18 42.93 -41.08
N VAL E 39 -18.59 44.08 -40.57
CA VAL E 39 -18.84 44.26 -39.14
C VAL E 39 -20.11 43.49 -38.76
N ASP E 40 -21.05 43.41 -39.68
CA ASP E 40 -22.31 42.70 -39.44
C ASP E 40 -22.09 41.19 -39.29
N LEU E 41 -21.10 40.66 -40.00
CA LEU E 41 -20.80 39.25 -39.95
C LEU E 41 -19.85 38.83 -38.84
N ARG E 42 -19.09 39.79 -38.31
CA ARG E 42 -18.17 39.50 -37.21
C ARG E 42 -18.91 39.61 -35.88
N ASP E 43 -20.10 40.19 -35.91
CA ASP E 43 -20.92 40.39 -34.72
C ASP E 43 -21.59 39.12 -34.22
N TRP E 44 -21.61 38.95 -32.90
CA TRP E 44 -22.22 37.79 -32.28
C TRP E 44 -23.74 37.90 -32.36
N GLY E 45 -24.21 39.09 -32.74
CA GLY E 45 -25.64 39.34 -32.85
C GLY E 45 -26.25 38.97 -34.19
N PHE E 46 -25.43 38.52 -35.13
CA PHE E 46 -25.91 38.13 -36.47
C PHE E 46 -27.08 37.14 -36.35
N ASP E 47 -28.20 37.46 -36.99
CA ASP E 47 -29.38 36.58 -36.93
C ASP E 47 -29.55 35.74 -38.20
N THR E 48 -29.11 34.48 -38.13
CA THR E 48 -29.20 33.58 -39.28
C THR E 48 -30.63 33.17 -39.65
N PHE E 49 -31.46 32.91 -38.65
CA PHE E 49 -32.84 32.51 -38.92
C PHE E 49 -33.61 33.59 -39.66
N GLU E 50 -33.29 34.85 -39.36
CA GLU E 50 -33.96 35.98 -40.00
C GLU E 50 -33.41 36.24 -41.40
N VAL E 51 -32.09 36.42 -41.49
CA VAL E 51 -31.44 36.67 -42.77
C VAL E 51 -31.70 35.52 -43.74
N ALA E 52 -32.33 34.45 -43.24
CA ALA E 52 -32.64 33.28 -44.04
C ALA E 52 -33.88 33.53 -44.91
N SER E 53 -34.38 34.76 -44.87
CA SER E 53 -35.54 35.16 -45.65
C SER E 53 -35.09 36.18 -46.68
N ARG E 54 -34.29 37.13 -46.21
CA ARG E 54 -33.75 38.21 -47.05
C ARG E 54 -32.95 37.67 -48.24
N VAL E 55 -32.50 36.43 -48.17
CA VAL E 55 -31.72 35.83 -49.25
C VAL E 55 -32.17 34.39 -49.53
N PRO E 56 -32.02 33.94 -50.79
CA PRO E 56 -32.41 32.57 -51.18
C PRO E 56 -31.62 31.45 -50.49
N SER E 57 -30.44 31.78 -49.98
CA SER E 57 -29.60 30.79 -49.29
C SER E 57 -28.60 31.47 -48.36
N VAL E 58 -28.94 31.51 -47.08
CA VAL E 58 -28.09 32.14 -46.09
C VAL E 58 -26.74 31.43 -45.97
N LEU E 59 -26.78 30.10 -45.94
CA LEU E 59 -25.57 29.28 -45.83
C LEU E 59 -24.59 29.65 -46.94
N GLN E 60 -25.14 29.85 -48.13
CA GLN E 60 -24.34 30.20 -49.31
C GLN E 60 -23.77 31.61 -49.18
N SER E 61 -24.59 32.55 -48.74
CA SER E 61 -24.16 33.94 -48.57
C SER E 61 -23.10 34.07 -47.49
N VAL E 62 -23.23 33.28 -46.43
CA VAL E 62 -22.28 33.30 -45.34
C VAL E 62 -20.95 32.70 -45.78
N ALA E 63 -21.02 31.54 -46.44
CA ALA E 63 -19.83 30.84 -46.92
C ALA E 63 -18.91 31.70 -47.78
N MET E 64 -19.44 32.26 -48.85
CA MET E 64 -18.61 33.09 -49.73
C MET E 64 -18.01 34.27 -48.98
N HIS E 65 -18.78 34.88 -48.08
CA HIS E 65 -18.28 36.02 -47.34
C HIS E 65 -17.09 35.68 -46.46
N VAL E 66 -17.26 34.68 -45.59
CA VAL E 66 -16.18 34.27 -44.71
C VAL E 66 -14.95 33.85 -45.51
N ALA E 67 -15.16 33.02 -46.52
CA ALA E 67 -14.06 32.54 -47.37
C ALA E 67 -13.38 33.73 -48.06
N LEU E 68 -14.18 34.70 -48.48
CA LEU E 68 -13.67 35.88 -49.14
C LEU E 68 -12.95 36.73 -48.10
N ALA E 69 -13.69 37.11 -47.07
CA ALA E 69 -13.18 37.92 -45.97
C ALA E 69 -11.85 37.42 -45.43
N TRP E 70 -11.63 36.12 -45.47
CA TRP E 70 -10.39 35.57 -44.96
C TRP E 70 -9.30 35.30 -45.99
N ASP E 71 -9.21 36.19 -46.98
CA ASP E 71 -8.16 36.10 -47.99
C ASP E 71 -7.96 34.66 -48.50
N PHE E 72 -9.04 33.89 -48.60
CA PHE E 72 -8.92 32.50 -49.05
C PHE E 72 -8.33 32.34 -50.44
N PHE E 73 -9.21 32.08 -51.40
CA PHE E 73 -8.86 31.86 -52.79
C PHE E 73 -7.78 32.75 -53.40
N ALA E 74 -7.05 32.18 -54.35
CA ALA E 74 -5.99 32.87 -55.06
C ALA E 74 -6.36 32.95 -56.55
N SER E 75 -7.23 32.04 -56.98
CA SER E 75 -7.69 32.01 -58.36
C SER E 75 -9.21 31.92 -58.39
N GLN E 76 -9.80 32.25 -59.53
CA GLN E 76 -11.26 32.22 -59.67
C GLN E 76 -11.81 30.80 -59.77
N GLU E 77 -10.99 29.85 -60.20
CA GLU E 77 -11.46 28.47 -60.33
C GLU E 77 -11.66 27.84 -58.95
N GLU E 78 -10.91 28.34 -57.97
CA GLU E 78 -11.02 27.85 -56.60
C GLU E 78 -12.33 28.33 -56.00
N ALA E 79 -12.56 29.64 -56.12
CA ALA E 79 -13.78 30.26 -55.61
C ALA E 79 -14.99 29.57 -56.23
N GLN E 80 -14.85 29.17 -57.49
CA GLN E 80 -15.92 28.51 -58.23
C GLN E 80 -16.26 27.13 -57.66
N LYS E 81 -15.23 26.36 -57.31
CA LYS E 81 -15.45 25.03 -56.76
C LYS E 81 -16.07 25.14 -55.38
N TRP E 82 -15.60 26.11 -54.61
CA TRP E 82 -16.12 26.34 -53.26
C TRP E 82 -17.61 26.69 -53.33
N ALA E 83 -17.96 27.57 -54.26
CA ALA E 83 -19.35 27.98 -54.43
C ALA E 83 -20.22 26.77 -54.77
N PHE E 84 -19.74 25.91 -55.66
CA PHE E 84 -20.47 24.71 -56.04
C PHE E 84 -20.53 23.72 -54.87
N LEU E 85 -19.46 23.70 -54.08
CA LEU E 85 -19.36 22.82 -52.92
C LEU E 85 -20.45 23.14 -51.91
N VAL E 86 -20.54 24.42 -51.53
CA VAL E 86 -21.53 24.87 -50.56
C VAL E 86 -22.94 24.52 -51.02
N ALA E 87 -23.20 24.73 -52.30
CA ALA E 87 -24.51 24.43 -52.86
C ALA E 87 -24.80 22.94 -52.73
N ALA E 88 -23.78 22.13 -52.95
CA ALA E 88 -23.93 20.67 -52.84
C ALA E 88 -24.10 20.24 -51.38
N VAL E 89 -23.43 20.96 -50.48
CA VAL E 89 -23.53 20.66 -49.06
C VAL E 89 -24.95 20.98 -48.61
N GLU E 90 -25.38 22.20 -48.91
CA GLU E 90 -26.73 22.64 -48.57
C GLU E 90 -27.73 21.63 -49.10
N ASN E 91 -27.36 20.96 -50.19
CA ASN E 91 -28.21 19.97 -50.84
C ASN E 91 -28.20 18.64 -50.08
N ASN E 92 -27.35 18.52 -49.06
CA ASN E 92 -27.27 17.30 -48.25
C ASN E 92 -27.76 17.48 -46.82
N TYR E 93 -28.31 18.66 -46.55
CA TYR E 93 -28.85 18.96 -45.22
C TYR E 93 -30.37 18.77 -45.30
N ARG E 94 -30.90 17.90 -44.43
CA ARG E 94 -32.33 17.64 -44.41
C ARG E 94 -33.11 18.84 -43.90
N PRO E 95 -34.38 18.98 -44.31
CA PRO E 95 -35.22 20.09 -43.87
C PRO E 95 -35.71 19.83 -42.44
N ASN E 96 -34.76 19.59 -41.55
CA ASN E 96 -35.07 19.32 -40.15
C ASN E 96 -35.48 20.63 -39.45
N PRO E 97 -36.15 20.50 -38.29
CA PRO E 97 -36.58 21.69 -37.54
C PRO E 97 -35.37 22.49 -37.07
N TYR E 98 -34.34 21.78 -36.60
CA TYR E 98 -33.11 22.38 -36.08
C TYR E 98 -31.85 22.08 -36.91
N HIS E 99 -31.38 20.84 -36.87
CA HIS E 99 -30.16 20.44 -37.60
C HIS E 99 -30.37 20.53 -39.09
N ASN E 100 -30.30 21.74 -39.62
CA ASN E 100 -30.51 21.98 -41.05
C ASN E 100 -29.47 22.92 -41.64
N ALA E 101 -29.66 23.29 -42.90
CA ALA E 101 -28.74 24.19 -43.59
C ALA E 101 -28.66 25.54 -42.88
N ILE E 102 -29.73 25.90 -42.18
CA ILE E 102 -29.75 27.16 -41.44
C ILE E 102 -28.79 27.04 -40.26
N HIS E 103 -28.92 25.94 -39.52
CA HIS E 103 -28.05 25.67 -38.37
C HIS E 103 -26.58 25.73 -38.76
N ALA E 104 -26.27 25.23 -39.95
CA ALA E 104 -24.91 25.23 -40.47
C ALA E 104 -24.43 26.64 -40.73
N ALA E 105 -25.29 27.46 -41.33
CA ALA E 105 -24.93 28.84 -41.61
C ALA E 105 -24.65 29.55 -40.28
N ASP E 106 -25.42 29.17 -39.27
CA ASP E 106 -25.28 29.75 -37.94
C ASP E 106 -23.94 29.36 -37.31
N VAL E 107 -23.67 28.07 -37.29
CA VAL E 107 -22.42 27.56 -36.72
C VAL E 107 -21.22 28.12 -37.47
N LEU E 108 -21.34 28.27 -38.79
CA LEU E 108 -20.23 28.81 -39.57
C LEU E 108 -20.00 30.27 -39.18
N GLN E 109 -21.09 31.04 -39.11
CA GLN E 109 -21.02 32.45 -38.76
C GLN E 109 -20.43 32.66 -37.38
N GLY E 110 -20.86 31.84 -36.42
CA GLY E 110 -20.36 31.94 -35.06
C GLY E 110 -18.86 31.75 -35.03
N THR E 111 -18.41 30.64 -35.62
CA THR E 111 -17.00 30.29 -35.68
C THR E 111 -16.18 31.46 -36.25
N PHE E 112 -16.72 32.10 -37.28
CA PHE E 112 -16.03 33.22 -37.92
C PHE E 112 -15.99 34.42 -36.98
N SER E 113 -17.09 34.65 -36.27
CA SER E 113 -17.16 35.78 -35.33
C SER E 113 -16.19 35.61 -34.17
N LEU E 114 -16.21 34.44 -33.53
CA LEU E 114 -15.34 34.15 -32.39
C LEU E 114 -13.85 34.20 -32.70
N VAL E 115 -13.44 33.60 -33.81
CA VAL E 115 -12.03 33.59 -34.20
C VAL E 115 -11.53 35.01 -34.43
N SER E 116 -12.37 35.82 -35.08
CA SER E 116 -12.02 37.19 -35.37
C SER E 116 -11.83 37.98 -34.09
N ALA E 117 -12.62 37.63 -33.08
CA ALA E 117 -12.57 38.29 -31.78
C ALA E 117 -11.33 37.90 -30.97
N ALA E 118 -10.82 36.69 -31.21
CA ALA E 118 -9.63 36.19 -30.50
C ALA E 118 -8.34 36.74 -31.12
N LYS E 119 -7.80 37.77 -30.48
CA LYS E 119 -6.58 38.43 -30.94
C LYS E 119 -5.36 37.52 -31.13
N PRO E 120 -4.91 36.86 -30.04
CA PRO E 120 -3.75 35.97 -30.11
C PRO E 120 -3.89 34.79 -31.07
N LEU E 121 -5.13 34.32 -31.24
CA LEU E 121 -5.38 33.19 -32.13
C LEU E 121 -5.32 33.59 -33.61
N MET E 122 -5.77 34.79 -33.93
CA MET E 122 -5.75 35.28 -35.31
C MET E 122 -4.35 35.68 -35.78
N GLU E 123 -3.52 36.15 -34.86
CA GLU E 123 -2.17 36.55 -35.20
C GLU E 123 -1.28 35.33 -35.39
N HIS E 124 -1.88 34.14 -35.35
CA HIS E 124 -1.11 32.93 -35.51
C HIS E 124 -1.75 31.85 -36.37
N LEU E 125 -3.04 31.97 -36.63
CA LEU E 125 -3.70 30.98 -37.46
C LEU E 125 -3.16 31.04 -38.89
N THR E 126 -2.94 29.88 -39.49
CA THR E 126 -2.46 29.80 -40.86
C THR E 126 -3.69 29.81 -41.77
N PRO E 127 -3.52 30.27 -43.03
CA PRO E 127 -4.66 30.29 -43.94
C PRO E 127 -5.22 28.89 -44.14
N LEU E 128 -4.38 27.88 -43.92
CA LEU E 128 -4.82 26.50 -44.08
C LEU E 128 -5.77 26.14 -42.95
N GLU E 129 -5.42 26.55 -41.74
CA GLU E 129 -6.25 26.27 -40.57
C GLU E 129 -7.58 27.01 -40.70
N CYS E 130 -7.55 28.18 -41.33
CA CYS E 130 -8.78 28.98 -41.51
C CYS E 130 -9.75 28.30 -42.46
N LYS E 131 -9.22 27.72 -43.54
CA LYS E 131 -10.05 27.05 -44.53
C LYS E 131 -10.62 25.76 -43.95
N ALA E 132 -9.84 25.10 -43.09
CA ALA E 132 -10.29 23.86 -42.47
C ALA E 132 -11.37 24.14 -41.43
N ALA E 133 -11.28 25.30 -40.80
CA ALA E 133 -12.24 25.68 -39.77
C ALA E 133 -13.57 26.02 -40.45
N ALA E 134 -13.49 26.81 -41.51
CA ALA E 134 -14.66 27.20 -42.26
C ALA E 134 -15.34 25.97 -42.84
N PHE E 135 -14.57 25.12 -43.51
CA PHE E 135 -15.11 23.91 -44.12
C PHE E 135 -15.71 22.97 -43.10
N ALA E 136 -15.08 22.88 -41.93
CA ALA E 136 -15.57 22.04 -40.85
C ALA E 136 -16.98 22.46 -40.39
N ALA E 137 -17.12 23.71 -39.95
CA ALA E 137 -18.41 24.23 -39.46
C ALA E 137 -19.52 24.06 -40.50
N LEU E 138 -19.16 24.37 -41.74
CA LEU E 138 -20.06 24.26 -42.89
C LEU E 138 -20.72 22.89 -43.02
N THR E 139 -19.93 21.85 -42.85
CA THR E 139 -20.41 20.47 -42.98
C THR E 139 -20.43 19.71 -41.66
N HIS E 140 -20.37 20.42 -40.53
CA HIS E 140 -20.31 19.75 -39.24
C HIS E 140 -21.48 18.83 -38.92
N ASP E 141 -22.61 19.04 -39.60
CA ASP E 141 -23.80 18.23 -39.37
C ASP E 141 -24.47 17.72 -40.64
N VAL E 142 -23.75 17.72 -41.76
CA VAL E 142 -24.35 17.30 -43.02
C VAL E 142 -25.02 15.92 -42.98
N CYS E 143 -26.22 15.85 -43.54
CA CYS E 143 -27.02 14.62 -43.59
C CYS E 143 -27.65 14.23 -42.26
N HIS E 144 -27.76 15.18 -41.33
CA HIS E 144 -28.34 14.87 -40.03
C HIS E 144 -29.80 14.46 -40.24
N PRO E 145 -30.20 13.30 -39.68
CA PRO E 145 -31.57 12.81 -39.81
C PRO E 145 -32.54 13.34 -38.74
N GLY E 146 -32.09 14.33 -37.97
CA GLY E 146 -32.92 14.88 -36.91
C GLY E 146 -33.10 13.95 -35.73
N ARG E 147 -32.26 12.93 -35.64
CA ARG E 147 -32.30 11.95 -34.56
C ARG E 147 -30.93 11.89 -33.88
N THR E 148 -30.87 11.28 -32.70
CA THR E 148 -29.61 11.19 -31.95
C THR E 148 -28.88 9.86 -32.14
N ASN E 149 -27.61 9.84 -31.74
CA ASN E 149 -26.78 8.64 -31.85
C ASN E 149 -27.42 7.49 -31.08
N ALA E 150 -27.94 7.79 -29.89
CA ALA E 150 -28.58 6.78 -29.05
C ALA E 150 -29.80 6.21 -29.78
N PHE E 151 -30.46 7.07 -30.56
CA PHE E 151 -31.63 6.66 -31.34
C PHE E 151 -31.21 5.69 -32.44
N LEU E 152 -30.20 6.09 -33.22
CA LEU E 152 -29.69 5.26 -34.29
C LEU E 152 -29.29 3.89 -33.75
N ALA E 153 -28.67 3.88 -32.58
CA ALA E 153 -28.25 2.63 -31.94
C ALA E 153 -29.48 1.85 -31.51
N ALA E 154 -30.47 2.56 -30.98
CA ALA E 154 -31.71 1.94 -30.51
C ALA E 154 -32.47 1.18 -31.61
N VAL E 155 -32.47 1.74 -32.81
CA VAL E 155 -33.17 1.12 -33.94
C VAL E 155 -32.20 0.25 -34.77
N GLN E 156 -31.00 0.06 -34.26
CA GLN E 156 -30.00 -0.75 -34.97
C GLN E 156 -29.86 -0.28 -36.42
N ASP E 157 -29.70 1.02 -36.61
CA ASP E 157 -29.53 1.58 -37.95
C ASP E 157 -28.16 1.13 -38.47
N PRO E 158 -28.06 0.80 -39.76
CA PRO E 158 -26.77 0.37 -40.31
C PRO E 158 -25.59 1.33 -40.10
N VAL E 159 -25.85 2.63 -40.01
CA VAL E 159 -24.78 3.60 -39.80
C VAL E 159 -24.12 3.43 -38.42
N SER E 160 -24.88 2.93 -37.45
CA SER E 160 -24.35 2.69 -36.11
C SER E 160 -23.36 1.53 -36.19
N PHE E 161 -23.59 0.63 -37.14
CA PHE E 161 -22.73 -0.52 -37.36
C PHE E 161 -21.54 -0.13 -38.25
N LYS E 162 -21.73 0.89 -39.08
CA LYS E 162 -20.65 1.34 -39.96
C LYS E 162 -19.63 2.18 -39.21
N PHE E 163 -20.11 3.10 -38.38
CA PHE E 163 -19.23 3.96 -37.61
C PHE E 163 -19.27 3.55 -36.15
N SER E 164 -18.45 2.56 -35.81
CA SER E 164 -18.37 2.04 -34.46
C SER E 164 -17.82 3.09 -33.51
N GLY E 165 -17.96 2.84 -32.22
CA GLY E 165 -17.47 3.78 -31.22
C GLY E 165 -18.34 5.00 -31.08
N LYS E 166 -17.88 5.96 -30.28
CA LYS E 166 -18.64 7.18 -30.05
C LYS E 166 -18.76 8.06 -31.29
N GLY E 167 -19.59 9.09 -31.18
CA GLY E 167 -19.79 10.04 -32.27
C GLY E 167 -20.24 9.44 -33.59
N THR E 168 -21.18 8.50 -33.54
CA THR E 168 -21.69 7.86 -34.76
C THR E 168 -22.03 8.86 -35.88
N LEU E 169 -22.88 9.83 -35.57
CA LEU E 169 -23.28 10.83 -36.56
C LEU E 169 -22.12 11.69 -37.01
N GLU E 170 -21.25 12.04 -36.06
CA GLU E 170 -20.08 12.88 -36.34
C GLU E 170 -19.17 12.22 -37.36
N GLN E 171 -18.89 10.94 -37.16
CA GLN E 171 -18.06 10.20 -38.09
C GLN E 171 -18.68 10.26 -39.49
N LEU E 172 -20.01 10.16 -39.55
CA LEU E 172 -20.73 10.21 -40.83
C LEU E 172 -20.61 11.60 -41.44
N HIS E 173 -20.88 12.62 -40.62
CA HIS E 173 -20.78 13.99 -41.09
C HIS E 173 -19.39 14.17 -41.71
N THR E 174 -18.38 13.72 -40.97
CA THR E 174 -16.98 13.82 -41.41
C THR E 174 -16.76 13.08 -42.73
N ALA E 175 -17.14 11.80 -42.75
CA ALA E 175 -16.98 10.97 -43.95
C ALA E 175 -17.70 11.60 -45.15
N THR E 176 -18.88 12.15 -44.91
CA THR E 176 -19.67 12.79 -45.96
C THR E 176 -18.97 14.05 -46.47
N ALA E 177 -18.46 14.84 -45.53
CA ALA E 177 -17.76 16.07 -45.88
C ALA E 177 -16.66 15.80 -46.89
N PHE E 178 -15.84 14.80 -46.61
CA PHE E 178 -14.75 14.47 -47.52
C PHE E 178 -15.26 13.90 -48.84
N GLU E 179 -16.28 13.07 -48.78
CA GLU E 179 -16.84 12.46 -49.97
C GLU E 179 -17.23 13.51 -51.02
N LEU E 180 -17.87 14.57 -50.56
CA LEU E 180 -18.28 15.66 -51.45
C LEU E 180 -17.06 16.47 -51.87
N LEU E 181 -16.05 16.52 -51.01
CA LEU E 181 -14.85 17.27 -51.34
C LEU E 181 -14.08 16.53 -52.42
N ASN E 182 -14.27 15.21 -52.47
CA ASN E 182 -13.59 14.36 -53.45
C ASN E 182 -14.09 14.66 -54.87
N VAL E 183 -15.32 15.18 -54.98
CA VAL E 183 -15.89 15.52 -56.27
C VAL E 183 -15.04 16.63 -56.88
N THR E 184 -14.40 16.31 -58.01
CA THR E 184 -13.52 17.25 -58.71
C THR E 184 -14.10 18.65 -58.86
N GLU E 185 -15.41 18.75 -59.00
CA GLU E 185 -16.07 20.05 -59.16
C GLU E 185 -16.25 20.83 -57.85
N PHE E 186 -16.12 20.15 -56.71
CA PHE E 186 -16.27 20.80 -55.42
C PHE E 186 -14.95 20.92 -54.65
N ASP E 187 -13.93 20.20 -55.12
CA ASP E 187 -12.63 20.21 -54.46
C ASP E 187 -11.88 21.54 -54.63
N PHE E 188 -12.12 22.48 -53.71
CA PHE E 188 -11.45 23.77 -53.76
C PHE E 188 -10.03 23.71 -53.23
N THR E 189 -9.62 22.52 -52.79
CA THR E 189 -8.28 22.30 -52.28
C THR E 189 -7.53 21.34 -53.19
N SER E 190 -8.02 21.18 -54.42
CA SER E 190 -7.39 20.30 -55.41
C SER E 190 -5.99 20.83 -55.72
N SER E 191 -5.84 22.15 -55.63
CA SER E 191 -4.58 22.82 -55.90
C SER E 191 -3.72 22.83 -54.65
N MET E 192 -4.14 22.05 -53.66
CA MET E 192 -3.41 21.98 -52.40
C MET E 192 -2.35 20.90 -52.41
N ASP E 193 -1.21 21.25 -51.84
CA ASP E 193 -0.05 20.37 -51.71
C ASP E 193 -0.52 19.08 -51.03
N ASN E 194 0.04 17.93 -51.42
CA ASN E 194 -0.34 16.66 -50.82
C ASN E 194 -0.18 16.66 -49.29
N ALA E 195 0.94 17.21 -48.82
CA ALA E 195 1.21 17.28 -47.39
C ALA E 195 0.25 18.26 -46.71
N SER E 196 -0.09 19.34 -47.43
CA SER E 196 -1.01 20.33 -46.89
C SER E 196 -2.40 19.72 -46.80
N PHE E 197 -2.86 19.12 -47.89
CA PHE E 197 -4.18 18.51 -47.87
C PHE E 197 -4.27 17.47 -46.76
N LEU E 198 -3.16 16.84 -46.43
CA LEU E 198 -3.17 15.86 -45.36
C LEU E 198 -3.38 16.58 -44.03
N GLU E 199 -2.68 17.70 -43.85
CA GLU E 199 -2.83 18.49 -42.63
C GLU E 199 -4.30 18.94 -42.58
N PHE E 200 -4.72 19.60 -43.65
CA PHE E 200 -6.09 20.07 -43.80
C PHE E 200 -7.11 19.01 -43.36
N LYS E 201 -6.97 17.82 -43.91
CA LYS E 201 -7.88 16.74 -43.62
C LYS E 201 -7.89 16.29 -42.14
N ASN E 202 -6.73 16.27 -41.50
CA ASN E 202 -6.65 15.89 -40.10
C ASN E 202 -7.37 16.90 -39.20
N ILE E 203 -7.24 18.18 -39.52
CA ILE E 203 -7.88 19.22 -38.73
C ILE E 203 -9.41 19.09 -38.81
N VAL E 204 -9.94 19.13 -40.02
CA VAL E 204 -11.38 19.00 -40.23
C VAL E 204 -11.92 17.79 -39.49
N SER E 205 -11.25 16.66 -39.65
CA SER E 205 -11.65 15.42 -38.99
C SER E 205 -11.72 15.62 -37.47
N HIS E 206 -10.73 16.33 -36.94
CA HIS E 206 -10.65 16.59 -35.51
C HIS E 206 -11.81 17.46 -35.06
N LEU E 207 -12.02 18.57 -35.75
CA LEU E 207 -13.07 19.53 -35.43
C LEU E 207 -14.49 18.95 -35.39
N ILE E 208 -14.94 18.37 -36.49
CA ILE E 208 -16.27 17.79 -36.54
C ILE E 208 -16.38 16.71 -35.48
N GLY E 209 -15.29 15.96 -35.30
CA GLY E 209 -15.28 14.91 -34.31
C GLY E 209 -15.54 15.43 -32.91
N HIS E 210 -15.21 16.71 -32.69
CA HIS E 210 -15.40 17.31 -31.38
C HIS E 210 -16.68 18.15 -31.20
N THR E 211 -17.70 17.83 -32.00
CA THR E 211 -18.98 18.51 -31.89
C THR E 211 -19.91 17.53 -31.16
N ASP E 212 -19.43 16.31 -31.01
CA ASP E 212 -20.16 15.25 -30.32
C ASP E 212 -20.44 15.71 -28.88
N MET E 213 -21.72 15.86 -28.53
CA MET E 213 -22.10 16.32 -27.19
C MET E 213 -21.76 15.34 -26.07
N SER E 214 -21.42 14.09 -26.42
CA SER E 214 -21.08 13.11 -25.40
C SER E 214 -19.68 13.35 -24.85
N LEU E 215 -19.01 14.37 -25.39
CA LEU E 215 -17.67 14.72 -24.97
C LEU E 215 -17.66 15.96 -24.07
N HIS E 216 -18.84 16.40 -23.64
CA HIS E 216 -18.93 17.59 -22.79
C HIS E 216 -18.03 17.49 -21.57
N SER E 217 -18.34 16.55 -20.69
CA SER E 217 -17.55 16.35 -19.47
C SER E 217 -16.08 16.14 -19.78
N GLU E 218 -15.80 15.61 -20.96
CA GLU E 218 -14.44 15.30 -21.37
C GLU E 218 -13.66 16.53 -21.85
N THR E 219 -14.27 17.35 -22.69
CA THR E 219 -13.60 18.53 -23.21
C THR E 219 -13.51 19.63 -22.15
N VAL E 220 -14.51 19.72 -21.27
CA VAL E 220 -14.47 20.71 -20.21
C VAL E 220 -13.21 20.44 -19.40
N ALA E 221 -13.05 19.20 -18.97
CA ALA E 221 -11.88 18.80 -18.18
C ALA E 221 -10.59 19.04 -18.94
N LYS E 222 -10.59 18.76 -20.25
CA LYS E 222 -9.42 18.95 -21.07
C LYS E 222 -9.04 20.43 -21.17
N HIS E 223 -10.03 21.27 -21.45
CA HIS E 223 -9.80 22.70 -21.55
C HIS E 223 -9.51 23.29 -20.17
N GLY E 224 -10.07 22.67 -19.14
CA GLY E 224 -9.85 23.14 -17.79
C GLY E 224 -8.39 22.93 -17.40
N ALA E 225 -7.82 21.81 -17.83
CA ALA E 225 -6.43 21.50 -17.52
C ALA E 225 -5.48 22.47 -18.22
N LYS E 226 -5.82 22.83 -19.44
CA LYS E 226 -5.02 23.75 -20.25
C LYS E 226 -4.95 25.10 -19.55
N LEU E 227 -6.08 25.52 -19.02
CA LEU E 227 -6.15 26.79 -18.32
C LEU E 227 -5.15 26.78 -17.15
N SER E 228 -5.08 25.65 -16.45
CA SER E 228 -4.18 25.52 -15.32
C SER E 228 -2.72 25.49 -15.77
N ALA E 229 -2.51 25.24 -17.05
CA ALA E 229 -1.16 25.19 -17.60
C ALA E 229 -0.77 26.54 -18.18
N GLY E 230 -1.65 27.52 -18.06
CA GLY E 230 -1.35 28.85 -18.60
C GLY E 230 -2.27 29.27 -19.75
N GLY E 231 -3.12 28.36 -20.19
CA GLY E 231 -4.01 28.65 -21.29
C GLY E 231 -3.35 28.29 -22.62
N PHE E 232 -3.93 28.75 -23.71
CA PHE E 232 -3.42 28.46 -25.05
C PHE E 232 -2.17 29.21 -25.48
N ASP E 233 -1.19 28.47 -25.99
CA ASP E 233 0.04 29.05 -26.53
C ASP E 233 -0.22 28.98 -28.03
N CYS E 234 -0.79 30.03 -28.59
CA CYS E 234 -1.11 30.06 -30.01
C CYS E 234 0.09 29.97 -30.94
N THR E 235 1.26 29.82 -30.35
CA THR E 235 2.50 29.69 -31.10
C THR E 235 2.63 28.21 -31.48
N CYS E 236 1.88 27.38 -30.76
CA CYS E 236 1.88 25.94 -30.97
C CYS E 236 0.66 25.55 -31.81
N LYS E 237 0.89 24.92 -32.96
CA LYS E 237 -0.19 24.48 -33.85
C LYS E 237 -1.19 23.59 -33.12
N GLU E 238 -0.71 22.73 -32.23
CA GLU E 238 -1.60 21.86 -31.48
C GLU E 238 -2.55 22.71 -30.64
N ASP E 239 -2.03 23.75 -29.98
CA ASP E 239 -2.88 24.62 -29.18
C ASP E 239 -3.92 25.33 -30.05
N ARG E 240 -3.52 25.79 -31.22
CA ARG E 240 -4.47 26.46 -32.12
C ARG E 240 -5.59 25.50 -32.52
N LEU E 241 -5.26 24.23 -32.72
CA LEU E 241 -6.28 23.22 -33.08
C LEU E 241 -7.28 23.01 -31.94
N GLU E 242 -6.78 22.94 -30.71
CA GLU E 242 -7.67 22.76 -29.57
C GLU E 242 -8.53 24.01 -29.45
N ALA E 243 -7.93 25.19 -29.64
CA ALA E 243 -8.67 26.45 -29.57
C ALA E 243 -9.82 26.43 -30.58
N LEU E 244 -9.47 26.30 -31.86
CA LEU E 244 -10.46 26.23 -32.94
C LEU E 244 -11.56 25.23 -32.58
N SER E 245 -11.15 24.12 -31.99
CA SER E 245 -12.08 23.07 -31.61
C SER E 245 -13.08 23.57 -30.56
N LEU E 246 -12.61 24.41 -29.64
CA LEU E 246 -13.49 24.94 -28.59
C LEU E 246 -14.44 25.99 -29.12
N LEU E 247 -13.94 26.86 -30.01
CA LEU E 247 -14.75 27.91 -30.58
C LEU E 247 -15.81 27.36 -31.53
N LEU E 248 -15.53 26.23 -32.16
CA LEU E 248 -16.49 25.62 -33.08
C LEU E 248 -17.60 24.97 -32.25
N HIS E 249 -17.21 24.25 -31.19
CA HIS E 249 -18.19 23.60 -30.34
C HIS E 249 -19.07 24.64 -29.66
N ALA E 250 -18.54 25.85 -29.51
CA ALA E 250 -19.26 26.95 -28.89
C ALA E 250 -20.26 27.54 -29.87
N ALA E 251 -19.83 27.74 -31.10
CA ALA E 251 -20.73 28.29 -32.10
C ALA E 251 -21.86 27.29 -32.35
N ASP E 252 -21.52 26.01 -32.36
CA ASP E 252 -22.49 24.95 -32.59
C ASP E 252 -23.68 25.03 -31.64
N ILE E 253 -23.40 25.19 -30.35
CA ILE E 253 -24.44 25.29 -29.34
C ILE E 253 -24.58 26.72 -28.82
N GLY E 254 -24.14 27.71 -29.60
CA GLY E 254 -24.18 29.08 -29.13
C GLY E 254 -25.31 30.02 -29.53
N ALA E 255 -26.26 29.56 -30.35
CA ALA E 255 -27.36 30.41 -30.77
C ALA E 255 -28.05 31.12 -29.60
N SER E 256 -28.29 30.38 -28.53
CA SER E 256 -28.95 30.95 -27.37
C SER E 256 -28.03 31.78 -26.49
N SER E 257 -27.11 32.50 -27.12
CA SER E 257 -26.16 33.35 -26.38
C SER E 257 -25.86 34.56 -27.26
N ARG E 258 -26.65 34.71 -28.31
CA ARG E 258 -26.47 35.82 -29.25
C ARG E 258 -27.47 36.94 -29.01
N GLY E 259 -28.56 36.62 -28.31
CA GLY E 259 -29.59 37.61 -28.03
C GLY E 259 -30.91 36.94 -27.68
N VAL E 260 -31.60 37.47 -26.66
CA VAL E 260 -32.88 36.91 -26.24
C VAL E 260 -33.78 36.62 -27.44
N ALA E 261 -33.77 37.54 -28.40
CA ALA E 261 -34.56 37.41 -29.61
C ALA E 261 -34.16 36.14 -30.36
N ILE E 262 -32.87 36.03 -30.63
CA ILE E 262 -32.32 34.89 -31.34
C ILE E 262 -32.53 33.56 -30.59
N ALA E 263 -32.15 33.54 -29.31
CA ALA E 263 -32.28 32.34 -28.49
C ALA E 263 -33.64 31.66 -28.62
N ARG E 264 -34.68 32.46 -28.71
CA ARG E 264 -36.04 31.92 -28.82
C ARG E 264 -36.23 31.18 -30.12
N LYS E 265 -35.76 31.78 -31.21
CA LYS E 265 -35.87 31.21 -32.55
C LYS E 265 -35.33 29.78 -32.63
N TRP E 266 -34.22 29.53 -31.94
CA TRP E 266 -33.61 28.23 -31.99
C TRP E 266 -34.14 27.15 -31.05
N LEU E 267 -35.28 27.41 -30.40
CA LEU E 267 -35.86 26.42 -29.52
C LEU E 267 -36.55 25.33 -30.34
N VAL E 268 -36.42 25.41 -31.66
CA VAL E 268 -37.00 24.43 -32.57
C VAL E 268 -36.34 23.08 -32.35
N ILE E 269 -35.29 23.07 -31.54
CA ILE E 269 -34.58 21.83 -31.23
C ILE E 269 -35.56 20.90 -30.51
N LEU E 270 -36.45 21.51 -29.73
CA LEU E 270 -37.45 20.75 -28.98
C LEU E 270 -38.45 20.11 -29.94
N GLN E 271 -38.48 20.63 -31.17
CA GLN E 271 -39.37 20.08 -32.18
C GLN E 271 -38.84 18.71 -32.57
N GLU E 272 -37.53 18.64 -32.87
CA GLU E 272 -36.93 17.39 -33.26
C GLU E 272 -37.01 16.39 -32.12
N PHE E 273 -36.90 16.86 -30.88
CA PHE E 273 -36.97 15.98 -29.73
C PHE E 273 -38.35 15.39 -29.52
N ALA E 274 -39.37 16.11 -29.98
CA ALA E 274 -40.74 15.63 -29.86
C ALA E 274 -40.96 14.60 -30.96
N ASP E 275 -40.39 14.88 -32.12
CA ASP E 275 -40.49 13.98 -33.28
C ASP E 275 -39.84 12.65 -32.98
N GLN E 276 -38.79 12.66 -32.17
CA GLN E 276 -38.10 11.43 -31.82
C GLN E 276 -38.76 10.67 -30.68
N ALA E 277 -39.36 11.39 -29.75
CA ALA E 277 -40.05 10.76 -28.62
C ALA E 277 -41.32 10.07 -29.09
N GLU E 278 -41.83 10.52 -30.24
CA GLU E 278 -43.04 9.96 -30.84
C GLU E 278 -42.62 8.79 -31.73
N ASP E 279 -41.49 8.96 -32.40
CA ASP E 279 -40.92 7.96 -33.29
C ASP E 279 -40.57 6.73 -32.43
N GLU E 280 -40.23 6.97 -31.18
CA GLU E 280 -39.87 5.90 -30.27
C GLU E 280 -41.09 5.06 -29.94
N ARG E 281 -42.26 5.71 -29.88
CA ARG E 281 -43.50 5.00 -29.61
C ARG E 281 -43.87 4.18 -30.84
N ARG E 282 -43.83 4.82 -32.00
CA ARG E 282 -44.13 4.15 -33.27
C ARG E 282 -43.07 3.10 -33.58
N ARG E 283 -42.33 2.69 -32.55
CA ARG E 283 -41.29 1.68 -32.69
C ARG E 283 -41.31 0.76 -31.47
N GLY E 284 -42.04 1.16 -30.44
CA GLY E 284 -42.13 0.36 -29.23
C GLY E 284 -40.89 0.56 -28.37
N LEU E 285 -40.06 1.53 -28.75
CA LEU E 285 -38.85 1.83 -28.02
C LEU E 285 -39.13 2.82 -26.89
N PRO E 286 -38.41 2.69 -25.76
CA PRO E 286 -38.61 3.58 -24.61
C PRO E 286 -38.50 5.05 -25.05
N VAL E 287 -39.18 5.94 -24.34
CA VAL E 287 -39.15 7.35 -24.68
C VAL E 287 -37.97 8.05 -24.01
N THR E 288 -37.20 8.80 -24.79
CA THR E 288 -36.05 9.53 -24.26
C THR E 288 -36.55 10.56 -23.26
N PRO E 289 -36.15 10.42 -21.99
CA PRO E 289 -36.55 11.34 -20.93
C PRO E 289 -36.26 12.80 -21.29
N GLY E 290 -37.30 13.63 -21.22
CA GLY E 290 -37.14 15.04 -21.53
C GLY E 290 -37.30 15.42 -22.99
N PHE E 291 -37.67 14.47 -23.84
CA PHE E 291 -37.84 14.77 -25.25
C PHE E 291 -39.23 15.27 -25.63
N GLU E 292 -40.25 14.79 -24.93
CA GLU E 292 -41.61 15.22 -25.19
C GLU E 292 -41.77 16.67 -24.76
N THR E 293 -42.24 17.52 -25.67
CA THR E 293 -42.43 18.94 -25.39
C THR E 293 -42.88 19.15 -23.95
N PRO E 294 -42.05 19.85 -23.15
CA PRO E 294 -42.34 20.14 -21.74
C PRO E 294 -43.52 21.07 -21.52
N SER E 295 -44.08 21.02 -20.31
CA SER E 295 -45.20 21.88 -19.94
C SER E 295 -44.73 23.32 -20.05
N SER E 296 -43.56 23.59 -19.47
CA SER E 296 -42.96 24.93 -19.50
C SER E 296 -41.66 24.88 -20.27
N VAL E 297 -41.65 25.53 -21.43
CA VAL E 297 -40.46 25.58 -22.28
C VAL E 297 -39.28 26.28 -21.62
N GLU E 298 -39.52 27.45 -21.05
CA GLU E 298 -38.47 28.22 -20.39
C GLU E 298 -37.88 27.55 -19.16
N LYS E 299 -38.73 26.93 -18.34
CA LYS E 299 -38.26 26.25 -17.14
C LYS E 299 -37.30 25.11 -17.44
N SER E 300 -37.44 24.49 -18.61
CA SER E 300 -36.59 23.38 -19.01
C SER E 300 -35.23 23.82 -19.52
N GLN E 301 -35.20 24.94 -20.25
CA GLN E 301 -33.94 25.46 -20.79
C GLN E 301 -32.93 25.73 -19.69
N ILE E 302 -33.35 26.48 -18.69
CA ILE E 302 -32.50 26.84 -17.56
C ILE E 302 -31.48 25.77 -17.19
N PRO E 303 -31.95 24.55 -16.86
CA PRO E 303 -31.05 23.45 -16.50
C PRO E 303 -30.07 23.06 -17.60
N PHE E 304 -30.47 23.29 -18.85
CA PHE E 304 -29.61 22.98 -19.99
C PHE E 304 -28.49 24.01 -20.08
N LEU E 305 -28.86 25.27 -19.87
CA LEU E 305 -27.90 26.35 -19.90
C LEU E 305 -26.92 26.23 -18.73
N ASP E 306 -27.45 25.89 -17.56
CA ASP E 306 -26.61 25.75 -16.37
C ASP E 306 -25.58 24.63 -16.43
N PHE E 307 -25.96 23.49 -16.99
CA PHE E 307 -25.04 22.36 -17.05
C PHE E 307 -24.29 22.20 -18.37
N PHE E 308 -24.73 22.88 -19.43
CA PHE E 308 -24.05 22.75 -20.71
C PHE E 308 -23.59 24.04 -21.38
N VAL E 309 -24.52 24.91 -21.75
CA VAL E 309 -24.17 26.15 -22.44
C VAL E 309 -23.30 27.14 -21.65
N ILE E 310 -23.75 27.53 -20.47
CA ILE E 310 -23.00 28.48 -19.64
C ILE E 310 -21.59 27.97 -19.36
N PRO E 311 -21.48 26.78 -18.75
CA PRO E 311 -20.13 26.27 -18.45
C PRO E 311 -19.20 26.23 -19.67
N THR E 312 -19.77 26.18 -20.87
CA THR E 312 -18.95 26.17 -22.09
C THR E 312 -18.40 27.56 -22.42
N PHE E 313 -19.26 28.57 -22.42
CA PHE E 313 -18.83 29.94 -22.71
C PHE E 313 -18.05 30.60 -21.57
N ASP E 314 -18.25 30.11 -20.34
CA ASP E 314 -17.52 30.66 -19.20
C ASP E 314 -16.07 30.23 -19.39
N LEU E 315 -15.91 28.94 -19.68
CA LEU E 315 -14.61 28.33 -19.90
C LEU E 315 -13.95 29.06 -21.07
N LEU E 316 -14.75 29.41 -22.07
CA LEU E 316 -14.25 30.11 -23.26
C LEU E 316 -13.78 31.51 -22.85
N HIS E 317 -14.50 32.13 -21.93
CA HIS E 317 -14.17 33.46 -21.45
C HIS E 317 -12.87 33.45 -20.66
N GLN E 318 -12.68 32.40 -19.87
CA GLN E 318 -11.48 32.26 -19.06
C GLN E 318 -10.24 32.07 -19.94
N LEU E 319 -10.36 31.25 -20.99
CA LEU E 319 -9.23 31.01 -21.88
C LEU E 319 -9.01 32.20 -22.80
N PHE E 320 -10.07 32.94 -23.08
CA PHE E 320 -10.00 34.12 -23.94
C PHE E 320 -10.79 35.24 -23.26
N PRO E 321 -10.17 35.92 -22.28
CA PRO E 321 -10.81 37.02 -21.55
C PRO E 321 -11.41 38.13 -22.42
N SER E 322 -10.99 38.19 -23.68
CA SER E 322 -11.48 39.18 -24.62
C SER E 322 -12.88 38.87 -25.17
N ILE E 323 -13.39 37.67 -24.89
CA ILE E 323 -14.72 37.28 -25.36
C ILE E 323 -15.72 37.25 -24.21
N GLU E 324 -16.37 38.38 -23.99
CA GLU E 324 -17.32 38.54 -22.89
C GLU E 324 -18.79 38.56 -23.28
N GLU E 325 -19.11 39.18 -24.42
CA GLU E 325 -20.48 39.30 -24.87
C GLU E 325 -21.32 38.03 -24.72
N PRO E 326 -20.88 36.90 -25.31
CA PRO E 326 -21.67 35.68 -25.17
C PRO E 326 -22.03 35.28 -23.75
N LEU E 327 -21.08 35.38 -22.82
CA LEU E 327 -21.35 35.03 -21.44
C LEU E 327 -22.40 35.96 -20.84
N HIS E 328 -22.27 37.25 -21.10
CA HIS E 328 -23.23 38.24 -20.61
C HIS E 328 -24.62 37.84 -21.07
N ASN E 329 -24.75 37.64 -22.38
CA ASN E 329 -26.01 37.25 -23.00
C ASN E 329 -26.69 36.08 -22.28
N LEU E 330 -25.92 35.06 -21.92
CA LEU E 330 -26.49 33.91 -21.23
C LEU E 330 -27.07 34.32 -19.87
N ARG E 331 -26.31 35.10 -19.11
CA ARG E 331 -26.76 35.53 -17.80
C ARG E 331 -28.10 36.25 -17.88
N LYS E 332 -28.26 37.12 -18.86
CA LYS E 332 -29.52 37.82 -19.03
C LYS E 332 -30.60 36.82 -19.41
N LEU E 333 -30.34 36.06 -20.48
CA LEU E 333 -31.30 35.07 -20.96
C LEU E 333 -31.76 34.15 -19.84
N ARG E 334 -30.82 33.60 -19.09
CA ARG E 334 -31.17 32.70 -17.98
C ARG E 334 -31.98 33.43 -16.91
N GLU E 335 -31.68 34.71 -16.75
CA GLU E 335 -32.36 35.55 -15.77
C GLU E 335 -33.79 35.78 -16.25
N LEU E 336 -33.95 35.84 -17.57
CA LEU E 336 -35.26 36.05 -18.18
C LEU E 336 -36.15 34.82 -18.06
N TYR E 337 -35.59 33.64 -18.34
CA TYR E 337 -36.35 32.40 -18.24
C TYR E 337 -36.78 32.17 -16.80
N ALA E 338 -35.82 32.30 -15.88
CA ALA E 338 -36.09 32.11 -14.46
C ALA E 338 -37.36 32.85 -14.07
N ALA E 339 -37.46 34.10 -14.51
CA ALA E 339 -38.64 34.92 -14.23
C ALA E 339 -39.87 34.21 -14.76
N LYS E 340 -40.08 34.33 -16.07
CA LYS E 340 -41.21 33.73 -16.77
C LYS E 340 -42.18 33.01 -15.83
N ALA E 341 -43.21 33.75 -15.41
CA ALA E 341 -44.24 33.23 -14.52
C ALA E 341 -45.38 34.23 -14.46
N MET F 8 23.17 44.11 -17.15
CA MET F 8 22.39 44.51 -15.94
C MET F 8 21.20 45.40 -16.30
N ILE F 9 20.95 46.39 -15.45
CA ILE F 9 19.84 47.33 -15.64
C ILE F 9 20.09 48.65 -14.92
N SER F 10 21.17 48.71 -14.14
CA SER F 10 21.55 49.91 -13.38
C SER F 10 21.66 51.13 -14.29
N THR F 11 21.54 50.90 -15.60
CA THR F 11 21.63 51.97 -16.57
C THR F 11 20.69 51.74 -17.76
N ARG F 12 19.40 51.54 -17.50
CA ARG F 12 18.45 51.30 -18.58
C ARG F 12 17.13 52.08 -18.48
N ARG F 13 16.74 52.48 -17.28
CA ARG F 13 15.51 53.25 -17.10
C ARG F 13 14.22 52.47 -17.26
N LEU F 14 13.69 52.02 -16.12
CA LEU F 14 12.47 51.23 -16.05
C LEU F 14 11.46 51.97 -15.15
N PRO F 15 10.21 51.49 -15.11
CA PRO F 15 9.22 52.15 -14.26
C PRO F 15 9.52 51.84 -12.81
N PRO F 16 8.92 52.60 -11.87
CA PRO F 16 9.19 52.30 -10.47
C PRO F 16 8.67 50.89 -10.19
N SER F 17 9.33 50.14 -9.31
CA SER F 17 8.92 48.78 -8.99
C SER F 17 7.70 48.76 -8.10
N ILE F 18 6.84 47.76 -8.27
CA ILE F 18 5.64 47.63 -7.46
C ILE F 18 5.96 46.82 -6.21
N VAL F 19 7.16 46.25 -6.17
CA VAL F 19 7.59 45.49 -4.99
C VAL F 19 8.20 46.50 -4.03
N GLN F 20 7.76 46.45 -2.78
CA GLN F 20 8.27 47.37 -1.76
C GLN F 20 9.62 46.90 -1.23
N ASP F 21 10.55 47.84 -1.06
CA ASP F 21 11.88 47.54 -0.55
C ASP F 21 11.85 46.96 0.86
N THR F 22 12.89 46.21 1.20
CA THR F 22 12.98 45.60 2.52
C THR F 22 12.91 46.63 3.64
N ILE F 23 12.26 46.27 4.73
CA ILE F 23 12.15 47.14 5.89
C ILE F 23 12.96 46.48 7.00
N LEU F 24 14.12 47.05 7.31
CA LEU F 24 15.02 46.48 8.32
C LEU F 24 14.75 46.94 9.75
N ALA F 25 13.89 47.93 9.91
CA ALA F 25 13.56 48.46 11.24
C ALA F 25 13.17 47.38 12.22
N VAL F 26 13.58 47.56 13.47
CA VAL F 26 13.28 46.64 14.57
C VAL F 26 11.88 46.91 15.10
N VAL F 27 10.90 46.17 14.61
CA VAL F 27 9.53 46.31 15.05
C VAL F 27 9.32 45.62 16.39
N PRO F 28 8.42 46.16 17.24
CA PRO F 28 8.19 45.53 18.53
C PRO F 28 7.36 44.26 18.37
N PRO F 29 7.92 43.10 18.77
CA PRO F 29 7.19 41.84 18.64
C PRO F 29 5.88 41.81 19.41
N LYS F 30 4.91 41.09 18.86
CA LYS F 30 3.60 40.99 19.50
C LYS F 30 3.57 39.78 20.43
N SER F 31 2.67 39.81 21.40
CA SER F 31 2.55 38.73 22.37
C SER F 31 2.28 37.38 21.70
N CYS F 32 3.05 36.37 22.09
CA CYS F 32 2.88 35.04 21.52
C CYS F 32 1.92 34.22 22.36
N ALA F 33 0.62 34.51 22.22
CA ALA F 33 -0.39 33.77 22.96
C ALA F 33 -0.35 32.29 22.58
N ALA F 34 -0.83 31.44 23.47
CA ALA F 34 -0.86 30.01 23.22
C ALA F 34 -1.85 29.79 22.08
N ILE F 35 -1.52 28.86 21.19
CA ILE F 35 -2.39 28.60 20.06
C ILE F 35 -2.82 27.14 19.96
N GLY F 36 -2.85 26.46 21.10
CA GLY F 36 -3.25 25.07 21.09
C GLY F 36 -2.20 24.16 21.69
N THR F 37 -2.58 22.90 21.89
CA THR F 37 -1.68 21.90 22.47
C THR F 37 -0.64 21.43 21.46
N ASP F 38 0.33 20.64 21.92
CA ASP F 38 1.37 20.11 21.05
C ASP F 38 0.75 19.25 19.95
N VAL F 39 -0.34 18.57 20.30
CA VAL F 39 -1.05 17.72 19.36
C VAL F 39 -1.64 18.59 18.24
N ASP F 40 -2.31 19.66 18.64
CA ASP F 40 -2.95 20.56 17.69
C ASP F 40 -1.99 21.19 16.70
N LEU F 41 -0.82 21.62 17.18
CA LEU F 41 0.18 22.24 16.31
C LEU F 41 0.78 21.26 15.31
N ARG F 42 0.74 19.97 15.63
CA ARG F 42 1.27 18.94 14.74
C ARG F 42 0.18 18.49 13.77
N ASP F 43 -1.06 18.86 14.09
CA ASP F 43 -2.18 18.45 13.26
C ASP F 43 -2.33 19.20 11.94
N TRP F 44 -2.61 18.45 10.87
CA TRP F 44 -2.80 19.03 9.57
C TRP F 44 -4.10 19.84 9.51
N GLY F 45 -4.99 19.62 10.48
CA GLY F 45 -6.26 20.34 10.52
C GLY F 45 -6.20 21.72 11.17
N PHE F 46 -5.00 22.11 11.61
CA PHE F 46 -4.79 23.41 12.23
C PHE F 46 -5.39 24.49 11.30
N ASP F 47 -6.25 25.34 11.87
CA ASP F 47 -6.91 26.39 11.09
C ASP F 47 -6.22 27.72 11.32
N THR F 48 -5.20 28.00 10.52
CA THR F 48 -4.43 29.24 10.64
C THR F 48 -5.27 30.51 10.65
N PHE F 49 -6.24 30.61 9.74
CA PHE F 49 -7.12 31.77 9.67
C PHE F 49 -7.90 31.98 10.97
N GLU F 50 -8.54 30.91 11.45
CA GLU F 50 -9.32 31.00 12.68
C GLU F 50 -8.47 31.48 13.85
N VAL F 51 -7.25 30.98 13.97
CA VAL F 51 -6.36 31.39 15.05
C VAL F 51 -6.02 32.87 14.90
N ALA F 52 -5.86 33.31 13.65
CA ALA F 52 -5.54 34.71 13.39
C ALA F 52 -6.72 35.62 13.77
N SER F 53 -7.87 35.02 14.00
CA SER F 53 -9.08 35.76 14.38
C SER F 53 -9.05 36.21 15.83
N ARG F 54 -8.51 35.38 16.70
CA ARG F 54 -8.47 35.72 18.12
C ARG F 54 -7.10 35.64 18.77
N VAL F 55 -6.08 36.08 18.04
CA VAL F 55 -4.71 36.08 18.55
C VAL F 55 -3.96 37.23 17.89
N PRO F 56 -3.12 37.93 18.65
CA PRO F 56 -2.39 39.06 18.05
C PRO F 56 -1.57 38.71 16.80
N SER F 57 -0.89 37.55 16.81
CA SER F 57 -0.09 37.17 15.66
C SER F 57 0.11 35.65 15.53
N VAL F 58 -0.57 35.04 14.57
CA VAL F 58 -0.43 33.60 14.37
C VAL F 58 0.97 33.30 13.85
N LEU F 59 1.48 34.13 12.97
CA LEU F 59 2.81 33.89 12.45
C LEU F 59 3.81 33.84 13.61
N GLN F 60 3.74 34.82 14.50
CA GLN F 60 4.68 34.86 15.62
C GLN F 60 4.48 33.76 16.66
N SER F 61 3.23 33.41 16.98
CA SER F 61 2.99 32.33 17.95
C SER F 61 3.47 30.98 17.39
N VAL F 62 3.13 30.71 16.13
CA VAL F 62 3.54 29.46 15.48
C VAL F 62 5.06 29.39 15.38
N ALA F 63 5.67 30.47 14.89
CA ALA F 63 7.12 30.51 14.74
C ALA F 63 7.81 30.19 16.05
N MET F 64 7.28 30.72 17.16
CA MET F 64 7.87 30.45 18.47
C MET F 64 7.64 29.00 18.83
N HIS F 65 6.40 28.54 18.69
CA HIS F 65 6.09 27.15 19.02
C HIS F 65 7.01 26.11 18.36
N VAL F 66 7.20 26.19 17.04
CA VAL F 66 8.05 25.20 16.38
C VAL F 66 9.49 25.31 16.87
N ALA F 67 9.97 26.54 17.08
CA ALA F 67 11.32 26.79 17.57
C ALA F 67 11.56 26.14 18.93
N LEU F 68 10.53 26.11 19.77
CA LEU F 68 10.65 25.50 21.09
C LEU F 68 10.44 23.98 21.01
N ALA F 69 9.55 23.55 20.11
CA ALA F 69 9.26 22.13 19.95
C ALA F 69 10.43 21.43 19.26
N TRP F 70 11.25 22.18 18.54
CA TRP F 70 12.40 21.63 17.86
C TRP F 70 13.72 22.10 18.47
N ASP F 71 13.64 22.58 19.71
CA ASP F 71 14.81 23.05 20.45
C ASP F 71 15.84 23.82 19.63
N PHE F 72 15.43 24.96 19.09
CA PHE F 72 16.35 25.78 18.29
C PHE F 72 17.41 26.50 19.10
N PHE F 73 17.00 27.06 20.24
CA PHE F 73 17.90 27.86 21.05
C PHE F 73 18.62 27.23 22.24
N ALA F 74 19.91 27.53 22.33
CA ALA F 74 20.75 27.05 23.42
C ALA F 74 20.63 28.12 24.51
N SER F 75 21.09 29.32 24.19
CA SER F 75 21.02 30.44 25.12
C SER F 75 19.58 30.96 25.13
N GLN F 76 19.39 32.17 25.62
CA GLN F 76 18.07 32.77 25.68
C GLN F 76 18.11 34.01 24.77
N GLU F 77 19.32 34.50 24.53
CA GLU F 77 19.52 35.66 23.68
C GLU F 77 19.18 35.30 22.23
N GLU F 78 19.33 34.02 21.89
CA GLU F 78 19.01 33.57 20.54
C GLU F 78 17.50 33.61 20.36
N ALA F 79 16.76 33.10 21.33
CA ALA F 79 15.31 33.09 21.28
C ALA F 79 14.79 34.51 21.03
N GLN F 80 15.45 35.48 21.64
CA GLN F 80 15.05 36.87 21.50
C GLN F 80 15.26 37.34 20.06
N LYS F 81 16.41 37.01 19.48
CA LYS F 81 16.73 37.40 18.12
C LYS F 81 15.71 36.80 17.16
N TRP F 82 15.31 35.56 17.41
CA TRP F 82 14.33 34.88 16.58
C TRP F 82 13.01 35.64 16.68
N ALA F 83 12.66 36.03 17.92
CA ALA F 83 11.43 36.75 18.19
C ALA F 83 11.33 38.06 17.41
N PHE F 84 12.44 38.76 17.26
CA PHE F 84 12.45 40.02 16.53
C PHE F 84 12.52 39.81 15.03
N LEU F 85 13.16 38.72 14.63
CA LEU F 85 13.26 38.39 13.22
C LEU F 85 11.85 38.15 12.70
N VAL F 86 11.10 37.27 13.36
CA VAL F 86 9.73 36.96 12.95
C VAL F 86 8.84 38.21 12.86
N ALA F 87 9.04 39.15 13.79
CA ALA F 87 8.26 40.39 13.79
C ALA F 87 8.63 41.23 12.58
N ALA F 88 9.94 41.41 12.35
CA ALA F 88 10.41 42.18 11.22
C ALA F 88 9.97 41.50 9.92
N VAL F 89 9.92 40.17 9.93
CA VAL F 89 9.48 39.44 8.74
C VAL F 89 7.99 39.74 8.51
N GLU F 90 7.20 39.64 9.57
CA GLU F 90 5.77 39.91 9.46
C GLU F 90 5.57 41.34 8.98
N ASN F 91 6.46 42.23 9.41
CA ASN F 91 6.38 43.63 9.01
C ASN F 91 6.69 43.79 7.52
N ASN F 92 7.23 42.75 6.91
CA ASN F 92 7.58 42.79 5.49
C ASN F 92 6.61 42.04 4.56
N TYR F 93 5.54 41.48 5.12
CA TYR F 93 4.52 40.80 4.32
C TYR F 93 3.43 41.82 4.05
N ARG F 94 2.98 41.90 2.80
CA ARG F 94 1.94 42.85 2.40
C ARG F 94 0.57 42.33 2.83
N PRO F 95 -0.42 43.22 2.91
CA PRO F 95 -1.76 42.78 3.32
C PRO F 95 -2.52 42.27 2.09
N ASN F 96 -1.91 41.33 1.38
CA ASN F 96 -2.54 40.76 0.20
C ASN F 96 -3.64 39.83 0.69
N PRO F 97 -4.62 39.56 -0.17
CA PRO F 97 -5.69 38.66 0.29
C PRO F 97 -5.12 37.26 0.62
N TYR F 98 -4.18 36.80 -0.19
CA TYR F 98 -3.57 35.47 0.00
C TYR F 98 -2.10 35.46 0.46
N HIS F 99 -1.21 36.07 -0.32
CA HIS F 99 0.22 36.08 0.01
C HIS F 99 0.58 37.09 1.09
N ASN F 100 0.22 36.76 2.31
CA ASN F 100 0.41 37.61 3.47
C ASN F 100 1.03 36.81 4.60
N ALA F 101 1.10 37.41 5.78
CA ALA F 101 1.68 36.77 6.96
C ALA F 101 0.87 35.56 7.47
N ILE F 102 -0.40 35.48 7.11
CA ILE F 102 -1.22 34.34 7.55
C ILE F 102 -0.80 33.13 6.73
N HIS F 103 -0.58 33.34 5.44
CA HIS F 103 -0.13 32.30 4.51
C HIS F 103 1.23 31.80 5.04
N ALA F 104 2.10 32.75 5.38
CA ALA F 104 3.40 32.41 5.91
C ALA F 104 3.24 31.51 7.13
N ALA F 105 2.32 31.86 8.02
CA ALA F 105 2.08 31.05 9.23
C ALA F 105 1.55 29.67 8.87
N ASP F 106 0.70 29.62 7.84
CA ASP F 106 0.10 28.36 7.39
C ASP F 106 1.16 27.43 6.81
N VAL F 107 2.09 27.98 6.03
CA VAL F 107 3.15 27.18 5.43
C VAL F 107 4.16 26.71 6.48
N LEU F 108 4.47 27.56 7.44
CA LEU F 108 5.41 27.20 8.49
C LEU F 108 4.83 26.08 9.36
N GLN F 109 3.55 26.20 9.71
CA GLN F 109 2.92 25.19 10.53
C GLN F 109 2.78 23.90 9.71
N GLY F 110 2.36 24.04 8.45
CA GLY F 110 2.21 22.90 7.57
C GLY F 110 3.52 22.18 7.35
N THR F 111 4.61 22.91 7.18
CA THR F 111 5.92 22.31 6.99
C THR F 111 6.27 21.52 8.26
N PHE F 112 6.03 22.15 9.40
CA PHE F 112 6.28 21.55 10.70
C PHE F 112 5.42 20.29 10.90
N SER F 113 4.16 20.36 10.46
CA SER F 113 3.25 19.22 10.60
C SER F 113 3.69 18.04 9.72
N LEU F 114 3.97 18.32 8.45
CA LEU F 114 4.39 17.27 7.53
C LEU F 114 5.70 16.63 8.00
N VAL F 115 6.67 17.47 8.33
CA VAL F 115 7.98 16.97 8.77
C VAL F 115 7.92 16.12 10.02
N SER F 116 7.07 16.46 10.97
CA SER F 116 7.01 15.65 12.19
C SER F 116 6.11 14.44 12.00
N ALA F 117 5.45 14.35 10.84
CA ALA F 117 4.59 13.23 10.55
C ALA F 117 5.35 12.06 9.91
N ALA F 118 6.56 12.33 9.41
CA ALA F 118 7.38 11.31 8.76
C ALA F 118 8.61 10.98 9.63
N LYS F 119 8.48 9.92 10.41
CA LYS F 119 9.52 9.45 11.31
C LYS F 119 10.95 9.37 10.75
N PRO F 120 11.15 8.65 9.64
CA PRO F 120 12.50 8.57 9.10
C PRO F 120 13.15 9.93 8.83
N LEU F 121 12.36 10.90 8.36
CA LEU F 121 12.90 12.23 8.11
C LEU F 121 13.20 12.93 9.44
N MET F 122 12.29 12.81 10.41
CA MET F 122 12.47 13.44 11.72
C MET F 122 13.67 12.89 12.49
N GLU F 123 13.92 11.58 12.39
CA GLU F 123 15.05 10.98 13.10
C GLU F 123 16.41 11.31 12.52
N HIS F 124 16.46 11.81 11.29
CA HIS F 124 17.74 12.10 10.69
C HIS F 124 18.04 13.55 10.35
N LEU F 125 17.06 14.43 10.54
CA LEU F 125 17.26 15.85 10.27
C LEU F 125 18.17 16.38 11.37
N THR F 126 19.09 17.28 11.01
CA THR F 126 19.97 17.85 12.02
C THR F 126 19.30 19.12 12.51
N PRO F 127 19.68 19.60 13.71
CA PRO F 127 19.05 20.83 14.21
C PRO F 127 19.23 21.98 13.24
N LEU F 128 20.37 22.00 12.53
CA LEU F 128 20.63 23.04 11.55
C LEU F 128 19.62 22.99 10.41
N GLU F 129 19.29 21.79 9.94
CA GLU F 129 18.34 21.64 8.84
C GLU F 129 16.92 22.00 9.25
N CYS F 130 16.57 21.73 10.51
CA CYS F 130 15.24 22.08 10.99
C CYS F 130 15.12 23.61 11.06
N LYS F 131 16.19 24.25 11.50
CA LYS F 131 16.20 25.70 11.59
C LYS F 131 16.12 26.27 10.19
N ALA F 132 16.72 25.56 9.23
CA ALA F 132 16.68 26.01 7.85
C ALA F 132 15.26 25.85 7.28
N ALA F 133 14.61 24.73 7.61
CA ALA F 133 13.27 24.47 7.12
C ALA F 133 12.30 25.54 7.63
N ALA F 134 12.33 25.78 8.93
CA ALA F 134 11.46 26.76 9.57
C ALA F 134 11.68 28.16 9.00
N PHE F 135 12.92 28.60 9.00
CA PHE F 135 13.28 29.92 8.49
C PHE F 135 12.81 30.12 7.05
N ALA F 136 13.00 29.08 6.24
CA ALA F 136 12.59 29.10 4.84
C ALA F 136 11.07 29.31 4.66
N ALA F 137 10.29 28.50 5.36
CA ALA F 137 8.83 28.60 5.29
C ALA F 137 8.36 29.98 5.76
N LEU F 138 8.93 30.42 6.87
CA LEU F 138 8.62 31.72 7.46
C LEU F 138 8.78 32.87 6.46
N THR F 139 9.89 32.84 5.72
CA THR F 139 10.22 33.88 4.78
C THR F 139 9.95 33.59 3.31
N HIS F 140 9.42 32.42 2.99
CA HIS F 140 9.23 32.06 1.59
C HIS F 140 8.49 33.05 0.67
N ASP F 141 7.59 33.86 1.22
CA ASP F 141 6.85 34.83 0.40
C ASP F 141 7.01 36.30 0.82
N VAL F 142 7.98 36.57 1.69
CA VAL F 142 8.22 37.94 2.18
C VAL F 142 8.27 38.98 1.04
N CYS F 143 7.53 40.07 1.22
CA CYS F 143 7.44 41.15 0.25
C CYS F 143 6.61 40.82 -1.01
N HIS F 144 5.89 39.69 -0.99
CA HIS F 144 5.09 39.31 -2.15
C HIS F 144 4.18 40.48 -2.52
N PRO F 145 4.25 40.94 -3.77
CA PRO F 145 3.42 42.07 -4.21
C PRO F 145 1.97 41.72 -4.56
N GLY F 146 1.59 40.45 -4.42
CA GLY F 146 0.22 40.06 -4.75
C GLY F 146 -0.03 40.04 -6.25
N ARG F 147 1.06 39.95 -7.00
CA ARG F 147 1.02 39.88 -8.46
C ARG F 147 2.04 38.80 -8.80
N THR F 148 1.86 38.16 -9.96
CA THR F 148 2.74 37.08 -10.37
C THR F 148 4.03 37.49 -11.08
N ASN F 149 4.88 36.49 -11.32
CA ASN F 149 6.14 36.68 -12.01
C ASN F 149 5.87 37.13 -13.44
N ALA F 150 4.89 36.51 -14.08
CA ALA F 150 4.56 36.86 -15.45
C ALA F 150 4.12 38.32 -15.55
N PHE F 151 3.39 38.80 -14.55
CA PHE F 151 2.90 40.17 -14.49
C PHE F 151 4.07 41.15 -14.32
N LEU F 152 4.99 40.79 -13.43
CA LEU F 152 6.16 41.63 -13.18
C LEU F 152 6.94 41.82 -14.46
N ALA F 153 7.07 40.75 -15.24
CA ALA F 153 7.80 40.82 -16.49
C ALA F 153 7.03 41.64 -17.54
N ALA F 154 5.75 41.36 -17.71
CA ALA F 154 4.90 42.06 -18.68
C ALA F 154 4.89 43.56 -18.40
N VAL F 155 5.06 43.89 -17.12
CA VAL F 155 5.07 45.27 -16.69
C VAL F 155 6.49 45.84 -16.70
N GLN F 156 7.46 45.01 -17.09
CA GLN F 156 8.86 45.41 -17.14
C GLN F 156 9.35 45.95 -15.80
N ASP F 157 8.93 45.30 -14.72
CA ASP F 157 9.31 45.70 -13.38
C ASP F 157 10.82 45.48 -13.15
N PRO F 158 11.47 46.41 -12.43
CA PRO F 158 12.90 46.24 -12.16
C PRO F 158 13.32 44.97 -11.43
N VAL F 159 12.45 44.38 -10.63
CA VAL F 159 12.82 43.15 -9.94
C VAL F 159 13.00 42.02 -10.94
N SER F 160 12.30 42.10 -12.07
CA SER F 160 12.40 41.09 -13.12
C SER F 160 13.75 41.18 -13.80
N PHE F 161 14.30 42.39 -13.84
CA PHE F 161 15.59 42.61 -14.47
C PHE F 161 16.71 42.26 -13.48
N LYS F 162 16.48 42.58 -12.21
CA LYS F 162 17.47 42.31 -11.18
C LYS F 162 17.62 40.81 -10.94
N PHE F 163 16.50 40.09 -10.96
CA PHE F 163 16.52 38.65 -10.75
C PHE F 163 16.15 37.91 -12.02
N SER F 164 17.17 37.65 -12.84
CA SER F 164 17.03 36.97 -14.12
C SER F 164 16.78 35.47 -13.97
N GLY F 165 16.21 34.87 -15.00
CA GLY F 165 15.92 33.44 -14.95
C GLY F 165 14.61 33.15 -14.24
N LYS F 166 14.24 31.89 -14.19
CA LYS F 166 12.99 31.48 -13.55
C LYS F 166 12.96 31.87 -12.07
N GLY F 167 11.75 31.93 -11.52
CA GLY F 167 11.58 32.25 -10.11
C GLY F 167 11.98 33.65 -9.68
N THR F 168 11.55 34.67 -10.42
CA THR F 168 11.88 36.05 -10.07
C THR F 168 11.58 36.35 -8.60
N LEU F 169 10.33 36.21 -8.21
CA LEU F 169 9.92 36.46 -6.83
C LEU F 169 10.62 35.56 -5.84
N GLU F 170 10.76 34.29 -6.17
CA GLU F 170 11.41 33.35 -5.27
C GLU F 170 12.84 33.81 -4.98
N GLN F 171 13.54 34.27 -6.01
CA GLN F 171 14.89 34.77 -5.81
C GLN F 171 14.80 36.00 -4.91
N LEU F 172 13.81 36.86 -5.15
CA LEU F 172 13.64 38.06 -4.33
C LEU F 172 13.38 37.72 -2.85
N HIS F 173 12.46 36.79 -2.60
CA HIS F 173 12.15 36.40 -1.22
C HIS F 173 13.43 35.91 -0.52
N THR F 174 14.22 35.11 -1.25
CA THR F 174 15.45 34.56 -0.71
C THR F 174 16.45 35.67 -0.31
N ALA F 175 16.69 36.60 -1.23
CA ALA F 175 17.61 37.71 -0.97
C ALA F 175 17.12 38.60 0.17
N THR F 176 15.80 38.67 0.35
CA THR F 176 15.22 39.49 1.40
C THR F 176 15.38 38.82 2.74
N ALA F 177 15.14 37.51 2.78
CA ALA F 177 15.25 36.77 4.03
C ALA F 177 16.65 36.88 4.61
N PHE F 178 17.67 36.78 3.77
CA PHE F 178 19.04 36.87 4.24
C PHE F 178 19.38 38.31 4.62
N GLU F 179 18.79 39.26 3.89
CA GLU F 179 19.02 40.66 4.17
C GLU F 179 18.49 40.96 5.58
N LEU F 180 17.34 40.36 5.91
CA LEU F 180 16.74 40.54 7.23
C LEU F 180 17.52 39.78 8.29
N LEU F 181 17.96 38.58 7.95
CA LEU F 181 18.71 37.77 8.90
C LEU F 181 20.06 38.39 9.23
N ASN F 182 20.54 39.26 8.34
CA ASN F 182 21.83 39.91 8.55
C ASN F 182 21.81 41.07 9.54
N VAL F 183 20.63 41.48 9.99
CA VAL F 183 20.51 42.56 10.96
C VAL F 183 20.87 41.94 12.31
N THR F 184 21.91 42.47 12.96
CA THR F 184 22.38 41.94 14.24
C THR F 184 21.29 41.61 15.26
N GLU F 185 20.25 42.43 15.34
CA GLU F 185 19.18 42.17 16.31
C GLU F 185 18.34 40.95 15.93
N PHE F 186 18.33 40.60 14.64
CA PHE F 186 17.55 39.47 14.15
C PHE F 186 18.37 38.22 13.85
N ASP F 187 19.68 38.36 13.83
CA ASP F 187 20.56 37.25 13.49
C ASP F 187 20.64 36.10 14.49
N PHE F 188 19.64 35.22 14.48
CA PHE F 188 19.64 34.10 15.42
C PHE F 188 20.69 33.05 15.06
N THR F 189 21.34 33.23 13.92
CA THR F 189 22.36 32.29 13.45
C THR F 189 23.77 32.87 13.63
N SER F 190 23.85 34.07 14.19
CA SER F 190 25.14 34.73 14.40
C SER F 190 26.16 33.83 15.08
N SER F 191 25.72 33.04 16.06
CA SER F 191 26.62 32.15 16.78
C SER F 191 26.96 30.89 15.99
N MET F 192 26.54 30.85 14.75
CA MET F 192 26.79 29.71 13.88
C MET F 192 28.18 29.82 13.27
N ASP F 193 28.87 28.68 13.20
CA ASP F 193 30.19 28.60 12.62
C ASP F 193 30.09 29.01 11.14
N ASN F 194 31.13 29.63 10.59
CA ASN F 194 31.09 30.05 9.21
C ASN F 194 30.67 28.92 8.28
N ALA F 195 31.09 27.71 8.60
CA ALA F 195 30.78 26.54 7.78
C ALA F 195 29.31 26.17 7.89
N SER F 196 28.81 26.12 9.12
CA SER F 196 27.41 25.78 9.35
C SER F 196 26.49 26.84 8.76
N PHE F 197 26.94 28.09 8.76
CA PHE F 197 26.11 29.14 8.20
C PHE F 197 26.03 29.01 6.69
N LEU F 198 27.10 28.53 6.06
CA LEU F 198 27.10 28.32 4.60
C LEU F 198 26.09 27.23 4.25
N GLU F 199 26.14 26.14 4.99
CA GLU F 199 25.23 25.03 4.77
C GLU F 199 23.80 25.52 4.95
N PHE F 200 23.59 26.34 5.97
CA PHE F 200 22.28 26.91 6.29
C PHE F 200 21.70 27.74 5.15
N LYS F 201 22.52 28.62 4.58
CA LYS F 201 22.05 29.47 3.49
C LYS F 201 21.77 28.65 2.24
N ASN F 202 22.63 27.68 1.95
CA ASN F 202 22.43 26.85 0.77
C ASN F 202 21.13 26.08 0.91
N ILE F 203 20.86 25.57 2.10
CA ILE F 203 19.63 24.83 2.31
C ILE F 203 18.44 25.77 2.12
N VAL F 204 18.49 26.94 2.75
CA VAL F 204 17.40 27.91 2.66
C VAL F 204 17.14 28.37 1.22
N SER F 205 18.21 28.70 0.51
CA SER F 205 18.13 29.14 -0.88
C SER F 205 17.45 28.09 -1.75
N HIS F 206 17.79 26.82 -1.50
CA HIS F 206 17.21 25.72 -2.26
C HIS F 206 15.71 25.61 -1.98
N LEU F 207 15.35 25.56 -0.69
CA LEU F 207 13.96 25.43 -0.27
C LEU F 207 13.04 26.51 -0.83
N ILE F 208 13.45 27.77 -0.71
CA ILE F 208 12.61 28.85 -1.23
C ILE F 208 12.58 28.79 -2.74
N GLY F 209 13.74 28.50 -3.33
CA GLY F 209 13.82 28.42 -4.78
C GLY F 209 12.82 27.42 -5.33
N HIS F 210 12.61 26.33 -4.60
CA HIS F 210 11.69 25.32 -5.09
C HIS F 210 10.21 25.51 -4.79
N THR F 211 9.84 26.70 -4.33
CA THR F 211 8.43 26.98 -4.10
C THR F 211 7.94 27.68 -5.37
N ASP F 212 8.83 27.87 -6.34
CA ASP F 212 8.51 28.49 -7.64
C ASP F 212 7.55 27.53 -8.37
N MET F 213 6.34 27.99 -8.65
CA MET F 213 5.34 27.16 -9.31
C MET F 213 5.69 26.66 -10.71
N SER F 214 6.55 27.35 -11.44
CA SER F 214 6.89 26.89 -12.78
C SER F 214 7.60 25.52 -12.79
N LEU F 215 8.23 25.16 -11.67
CA LEU F 215 8.97 23.89 -11.56
C LEU F 215 8.11 22.63 -11.35
N HIS F 216 6.82 22.80 -11.10
CA HIS F 216 5.92 21.67 -10.84
C HIS F 216 6.12 20.38 -11.63
N SER F 217 5.81 20.40 -12.92
CA SER F 217 5.95 19.23 -13.77
C SER F 217 7.31 18.59 -13.66
N GLU F 218 8.34 19.42 -13.65
CA GLU F 218 9.70 18.94 -13.56
C GLU F 218 9.91 18.22 -12.22
N THR F 219 9.42 18.78 -11.13
CA THR F 219 9.60 18.17 -9.82
C THR F 219 8.76 16.91 -9.60
N VAL F 220 7.56 16.87 -10.16
CA VAL F 220 6.71 15.70 -10.01
C VAL F 220 7.40 14.53 -10.73
N ALA F 221 8.00 14.82 -11.88
CA ALA F 221 8.71 13.81 -12.65
C ALA F 221 9.94 13.29 -11.90
N LYS F 222 10.74 14.22 -11.39
CA LYS F 222 11.93 13.85 -10.64
C LYS F 222 11.59 12.95 -9.45
N HIS F 223 10.65 13.37 -8.61
CA HIS F 223 10.27 12.59 -7.43
C HIS F 223 9.67 11.24 -7.82
N GLY F 224 8.96 11.20 -8.93
CA GLY F 224 8.38 9.94 -9.38
C GLY F 224 9.51 8.96 -9.67
N ALA F 225 10.49 9.41 -10.44
CA ALA F 225 11.61 8.55 -10.76
C ALA F 225 12.39 8.25 -9.46
N LYS F 226 12.36 9.19 -8.51
CA LYS F 226 13.02 9.02 -7.23
C LYS F 226 12.34 7.89 -6.48
N LEU F 227 11.01 7.87 -6.58
CA LEU F 227 10.20 6.84 -5.94
C LEU F 227 10.60 5.47 -6.52
N SER F 228 10.65 5.38 -7.84
CA SER F 228 11.02 4.14 -8.53
C SER F 228 12.36 3.58 -8.06
N ALA F 229 13.28 4.47 -7.71
CA ALA F 229 14.61 4.06 -7.27
C ALA F 229 14.78 3.83 -5.77
N GLY F 230 13.69 3.73 -5.01
CA GLY F 230 13.83 3.51 -3.59
C GLY F 230 13.22 4.59 -2.71
N GLY F 231 12.88 5.71 -3.33
CA GLY F 231 12.23 6.81 -2.64
C GLY F 231 12.75 7.48 -1.37
N PHE F 232 13.94 8.08 -1.42
CA PHE F 232 14.49 8.80 -0.27
C PHE F 232 15.19 8.00 0.82
N ASP F 233 16.49 8.22 0.91
CA ASP F 233 17.35 7.60 1.92
C ASP F 233 17.67 8.75 2.87
N CYS F 234 16.93 8.83 3.98
CA CYS F 234 17.12 9.91 4.94
C CYS F 234 18.45 9.96 5.67
N THR F 235 19.33 8.99 5.39
CA THR F 235 20.64 8.97 6.01
C THR F 235 21.52 9.90 5.17
N CYS F 236 21.05 10.16 3.96
CA CYS F 236 21.76 11.01 3.02
C CYS F 236 21.36 12.49 3.08
N LYS F 237 22.34 13.33 3.40
CA LYS F 237 22.16 14.78 3.49
C LYS F 237 21.43 15.36 2.27
N GLU F 238 21.79 14.88 1.08
CA GLU F 238 21.18 15.35 -0.16
C GLU F 238 19.71 14.93 -0.25
N ASP F 239 19.40 13.72 0.19
CA ASP F 239 18.02 13.25 0.11
C ASP F 239 17.12 13.99 1.09
N ARG F 240 17.65 14.35 2.26
CA ARG F 240 16.85 15.07 3.24
C ARG F 240 16.49 16.44 2.66
N LEU F 241 17.40 17.02 1.91
CA LEU F 241 17.15 18.31 1.29
C LEU F 241 15.99 18.22 0.30
N GLU F 242 16.02 17.24 -0.59
CA GLU F 242 14.95 17.06 -1.58
C GLU F 242 13.62 16.82 -0.85
N ALA F 243 13.66 15.97 0.17
CA ALA F 243 12.46 15.67 0.95
C ALA F 243 11.85 16.94 1.56
N LEU F 244 12.69 17.75 2.18
CA LEU F 244 12.23 19.01 2.79
C LEU F 244 11.65 19.91 1.73
N SER F 245 12.34 19.99 0.59
CA SER F 245 11.92 20.82 -0.53
C SER F 245 10.53 20.43 -1.00
N LEU F 246 10.27 19.12 -1.03
CA LEU F 246 8.97 18.61 -1.45
C LEU F 246 7.90 18.91 -0.37
N LEU F 247 8.21 18.66 0.90
CA LEU F 247 7.24 18.92 1.97
C LEU F 247 6.88 20.42 2.05
N LEU F 248 7.88 21.29 1.97
CA LEU F 248 7.64 22.74 2.01
C LEU F 248 6.73 23.15 0.87
N HIS F 249 7.03 22.67 -0.33
CA HIS F 249 6.22 22.97 -1.50
C HIS F 249 4.78 22.53 -1.32
N ALA F 250 4.59 21.34 -0.76
CA ALA F 250 3.25 20.79 -0.53
C ALA F 250 2.50 21.66 0.48
N ALA F 251 3.19 22.04 1.55
CA ALA F 251 2.58 22.88 2.55
C ALA F 251 2.18 24.20 1.91
N ASP F 252 3.04 24.76 1.05
CA ASP F 252 2.72 26.04 0.45
C ASP F 252 1.44 26.03 -0.36
N ILE F 253 1.21 24.98 -1.13
CA ILE F 253 -0.01 24.89 -1.94
C ILE F 253 -1.02 23.93 -1.30
N GLY F 254 -0.82 23.56 -0.04
CA GLY F 254 -1.72 22.59 0.57
C GLY F 254 -2.85 23.01 1.49
N ALA F 255 -3.20 24.29 1.54
CA ALA F 255 -4.27 24.74 2.41
C ALA F 255 -5.61 24.08 2.06
N SER F 256 -5.81 23.79 0.77
CA SER F 256 -7.05 23.18 0.35
C SER F 256 -7.12 21.70 0.71
N SER F 257 -6.07 21.17 1.34
CA SER F 257 -6.08 19.76 1.73
C SER F 257 -6.18 19.60 3.25
N ARG F 258 -6.46 20.70 3.94
CA ARG F 258 -6.57 20.68 5.40
C ARG F 258 -7.98 20.43 5.90
N GLY F 259 -8.95 20.41 4.98
CA GLY F 259 -10.33 20.19 5.37
C GLY F 259 -11.24 21.09 4.56
N VAL F 260 -12.47 20.67 4.36
CA VAL F 260 -13.42 21.45 3.58
C VAL F 260 -13.61 22.89 4.05
N ALA F 261 -13.84 23.08 5.35
CA ALA F 261 -14.05 24.42 5.90
C ALA F 261 -12.86 25.34 5.72
N ILE F 262 -11.67 24.77 5.88
CA ILE F 262 -10.44 25.53 5.75
C ILE F 262 -10.17 25.85 4.29
N ALA F 263 -10.40 24.86 3.41
CA ALA F 263 -10.17 25.06 1.98
C ALA F 263 -10.95 26.28 1.54
N ARG F 264 -12.18 26.40 2.04
CA ARG F 264 -13.05 27.50 1.69
C ARG F 264 -12.42 28.86 2.00
N LYS F 265 -11.74 28.98 3.13
CA LYS F 265 -11.12 30.24 3.51
C LYS F 265 -10.01 30.69 2.55
N TRP F 266 -9.26 29.74 2.02
CA TRP F 266 -8.18 30.09 1.13
C TRP F 266 -8.56 30.34 -0.33
N LEU F 267 -9.85 30.40 -0.60
CA LEU F 267 -10.28 30.70 -1.95
C LEU F 267 -9.93 32.19 -2.21
N VAL F 268 -9.50 32.88 -1.15
CA VAL F 268 -9.11 34.29 -1.24
C VAL F 268 -8.06 34.52 -2.32
N ILE F 269 -7.38 33.44 -2.70
CA ILE F 269 -6.38 33.50 -3.76
C ILE F 269 -7.03 34.04 -5.03
N LEU F 270 -8.33 33.80 -5.20
CA LEU F 270 -9.01 34.29 -6.39
C LEU F 270 -9.17 35.81 -6.37
N GLN F 271 -9.11 36.40 -5.18
CA GLN F 271 -9.24 37.85 -5.06
C GLN F 271 -7.99 38.52 -5.64
N GLU F 272 -6.81 37.96 -5.36
CA GLU F 272 -5.58 38.51 -5.93
C GLU F 272 -5.62 38.33 -7.45
N PHE F 273 -6.14 37.20 -7.90
CA PHE F 273 -6.26 36.94 -9.33
C PHE F 273 -7.15 38.02 -9.96
N ALA F 274 -8.32 38.26 -9.36
CA ALA F 274 -9.23 39.28 -9.85
C ALA F 274 -8.55 40.65 -9.81
N ASP F 275 -7.79 40.91 -8.76
CA ASP F 275 -7.10 42.19 -8.66
C ASP F 275 -6.05 42.35 -9.76
N GLN F 276 -5.33 41.28 -10.08
CA GLN F 276 -4.32 41.38 -11.12
C GLN F 276 -5.02 41.59 -12.46
N ALA F 277 -6.08 40.81 -12.70
CA ALA F 277 -6.83 40.90 -13.94
C ALA F 277 -7.25 42.35 -14.20
N GLU F 278 -7.83 42.97 -13.17
CA GLU F 278 -8.28 44.37 -13.26
C GLU F 278 -7.08 45.29 -13.45
N ASP F 279 -5.98 44.96 -12.77
CA ASP F 279 -4.76 45.74 -12.86
C ASP F 279 -4.23 45.71 -14.30
N GLU F 280 -4.31 44.56 -14.93
CA GLU F 280 -3.86 44.38 -16.31
C GLU F 280 -4.77 45.14 -17.26
N ARG F 281 -6.07 45.09 -17.00
CA ARG F 281 -7.05 45.77 -17.82
C ARG F 281 -6.83 47.28 -17.75
N ARG F 282 -6.57 47.79 -16.55
CA ARG F 282 -6.33 49.22 -16.36
C ARG F 282 -5.04 49.69 -17.04
N ARG F 283 -4.05 48.80 -17.15
CA ARG F 283 -2.79 49.12 -17.78
C ARG F 283 -2.81 48.87 -19.29
N GLY F 284 -3.96 48.46 -19.80
CA GLY F 284 -4.08 48.19 -21.21
C GLY F 284 -3.35 46.93 -21.65
N LEU F 285 -3.05 46.06 -20.70
CA LEU F 285 -2.35 44.79 -20.98
C LEU F 285 -3.29 43.60 -21.13
N PRO F 286 -2.80 42.53 -21.79
CA PRO F 286 -3.63 41.33 -21.98
C PRO F 286 -3.98 40.74 -20.61
N VAL F 287 -5.24 40.33 -20.44
CA VAL F 287 -5.71 39.76 -19.18
C VAL F 287 -5.30 38.30 -19.05
N THR F 288 -4.70 37.93 -17.92
CA THR F 288 -4.27 36.56 -17.70
C THR F 288 -5.46 35.61 -17.80
N PRO F 289 -5.37 34.61 -18.67
CA PRO F 289 -6.42 33.60 -18.88
C PRO F 289 -7.46 33.39 -17.79
N GLY F 290 -7.24 32.48 -16.86
CA GLY F 290 -8.27 32.26 -15.87
C GLY F 290 -8.32 33.10 -14.60
N PHE F 291 -7.79 34.32 -14.65
CA PHE F 291 -7.75 35.17 -13.47
C PHE F 291 -9.05 35.92 -13.12
N GLU F 292 -9.87 36.23 -14.11
CA GLU F 292 -11.12 36.90 -13.80
C GLU F 292 -12.09 35.93 -13.11
N THR F 293 -12.94 36.49 -12.26
CA THR F 293 -13.93 35.71 -11.53
C THR F 293 -14.72 34.77 -12.43
N PRO F 294 -14.67 33.46 -12.18
CA PRO F 294 -15.38 32.47 -12.98
C PRO F 294 -16.84 32.37 -12.53
N SER F 295 -17.70 31.86 -13.40
CA SER F 295 -19.12 31.72 -13.08
C SER F 295 -19.35 30.85 -11.85
N SER F 296 -18.49 29.85 -11.66
CA SER F 296 -18.62 28.95 -10.51
C SER F 296 -17.26 28.63 -9.92
N VAL F 297 -16.99 29.21 -8.75
CA VAL F 297 -15.73 28.99 -8.08
C VAL F 297 -15.41 27.51 -7.86
N GLU F 298 -16.37 26.76 -7.31
CA GLU F 298 -16.19 25.34 -7.04
C GLU F 298 -15.80 24.54 -8.27
N LYS F 299 -16.60 24.64 -9.32
CA LYS F 299 -16.32 23.89 -10.53
C LYS F 299 -15.02 24.28 -11.20
N SER F 300 -14.56 25.51 -10.99
CA SER F 300 -13.30 25.92 -11.59
C SER F 300 -12.11 25.43 -10.78
N GLN F 301 -12.36 25.06 -9.52
CA GLN F 301 -11.34 24.56 -8.64
C GLN F 301 -10.93 23.13 -9.00
N ILE F 302 -11.88 22.36 -9.52
CA ILE F 302 -11.65 20.96 -9.90
C ILE F 302 -10.46 20.79 -10.84
N PRO F 303 -10.45 21.45 -12.00
CA PRO F 303 -9.32 21.31 -12.92
C PRO F 303 -8.00 21.64 -12.24
N PHE F 304 -8.02 22.64 -11.35
CA PHE F 304 -6.80 23.04 -10.65
C PHE F 304 -6.39 21.97 -9.66
N LEU F 305 -7.35 21.42 -8.93
CA LEU F 305 -7.03 20.37 -7.98
C LEU F 305 -6.50 19.12 -8.70
N ASP F 306 -7.11 18.77 -9.84
CA ASP F 306 -6.67 17.59 -10.61
C ASP F 306 -5.29 17.73 -11.23
N PHE F 307 -4.94 18.95 -11.59
CA PHE F 307 -3.66 19.22 -12.25
C PHE F 307 -2.47 19.50 -11.31
N PHE F 308 -2.70 20.25 -10.23
CA PHE F 308 -1.61 20.62 -9.32
C PHE F 308 -1.58 20.01 -7.93
N VAL F 309 -2.66 20.20 -7.20
CA VAL F 309 -2.71 19.76 -5.82
C VAL F 309 -2.74 18.25 -5.57
N ILE F 310 -3.72 17.57 -6.16
CA ILE F 310 -3.84 16.14 -5.93
C ILE F 310 -2.57 15.39 -6.38
N PRO F 311 -2.08 15.63 -7.60
CA PRO F 311 -0.87 14.90 -8.00
C PRO F 311 0.24 15.09 -6.98
N THR F 312 0.38 16.31 -6.48
CA THR F 312 1.43 16.61 -5.51
C THR F 312 1.30 15.77 -4.24
N PHE F 313 0.11 15.75 -3.65
CA PHE F 313 -0.09 15.00 -2.42
C PHE F 313 -0.18 13.49 -2.63
N ASP F 314 -0.56 13.07 -3.83
CA ASP F 314 -0.62 11.64 -4.13
C ASP F 314 0.82 11.15 -4.10
N LEU F 315 1.67 11.86 -4.80
CA LEU F 315 3.07 11.52 -4.86
C LEU F 315 3.70 11.62 -3.47
N LEU F 316 3.23 12.58 -2.67
CA LEU F 316 3.75 12.76 -1.33
C LEU F 316 3.38 11.54 -0.49
N HIS F 317 2.16 11.04 -0.68
CA HIS F 317 1.70 9.86 0.06
C HIS F 317 2.51 8.60 -0.33
N GLN F 318 2.98 8.54 -1.57
CA GLN F 318 3.76 7.38 -2.02
C GLN F 318 5.18 7.38 -1.47
N LEU F 319 5.77 8.58 -1.32
CA LEU F 319 7.11 8.71 -0.79
C LEU F 319 7.15 8.63 0.73
N PHE F 320 6.07 9.08 1.38
CA PHE F 320 5.97 9.05 2.84
C PHE F 320 4.60 8.43 3.10
N PRO F 321 4.53 7.09 3.07
CA PRO F 321 3.33 6.29 3.28
C PRO F 321 2.44 6.68 4.46
N SER F 322 3.02 7.23 5.51
CA SER F 322 2.21 7.61 6.67
C SER F 322 1.45 8.92 6.49
N ILE F 323 1.77 9.70 5.46
CA ILE F 323 1.07 10.96 5.23
C ILE F 323 -0.10 10.76 4.27
N GLU F 324 -1.23 10.30 4.83
CA GLU F 324 -2.43 10.02 4.05
C GLU F 324 -3.54 11.07 4.16
N GLU F 325 -3.58 11.81 5.27
CA GLU F 325 -4.65 12.79 5.49
C GLU F 325 -4.85 13.84 4.40
N PRO F 326 -3.79 14.52 3.96
CA PRO F 326 -3.98 15.52 2.92
C PRO F 326 -4.65 14.98 1.66
N LEU F 327 -4.15 13.86 1.13
CA LEU F 327 -4.73 13.28 -0.08
C LEU F 327 -6.20 12.93 0.12
N HIS F 328 -6.50 12.32 1.27
CA HIS F 328 -7.86 11.93 1.62
C HIS F 328 -8.75 13.18 1.67
N ASN F 329 -8.30 14.23 2.33
CA ASN F 329 -9.10 15.46 2.39
C ASN F 329 -9.35 16.02 0.99
N LEU F 330 -8.33 15.99 0.14
CA LEU F 330 -8.46 16.49 -1.23
C LEU F 330 -9.55 15.73 -1.98
N ARG F 331 -9.66 14.44 -1.72
CA ARG F 331 -10.66 13.64 -2.39
C ARG F 331 -12.06 13.98 -1.87
N LYS F 332 -12.19 14.15 -0.56
CA LYS F 332 -13.50 14.51 -0.02
C LYS F 332 -13.91 15.86 -0.61
N LEU F 333 -12.96 16.78 -0.70
CA LEU F 333 -13.23 18.11 -1.26
C LEU F 333 -13.65 18.06 -2.72
N ARG F 334 -12.87 17.36 -3.55
CA ARG F 334 -13.18 17.25 -4.96
C ARG F 334 -14.60 16.71 -5.13
N GLU F 335 -14.94 15.71 -4.33
CA GLU F 335 -16.27 15.12 -4.40
C GLU F 335 -17.32 16.19 -4.12
N LEU F 336 -17.07 17.01 -3.10
CA LEU F 336 -17.99 18.08 -2.74
C LEU F 336 -18.19 19.08 -3.88
N TYR F 337 -17.09 19.50 -4.49
CA TYR F 337 -17.18 20.45 -5.61
C TYR F 337 -17.87 19.84 -6.84
N ALA F 338 -17.61 18.56 -7.10
CA ALA F 338 -18.21 17.92 -8.28
C ALA F 338 -19.69 17.61 -8.05
N ALA F 339 -20.05 17.40 -6.79
CA ALA F 339 -21.43 17.09 -6.43
C ALA F 339 -22.33 18.27 -6.78
N LYS F 340 -21.90 19.48 -6.42
CA LYS F 340 -22.67 20.68 -6.70
C LYS F 340 -22.46 21.14 -8.14
N ALA F 341 -23.31 20.64 -9.05
CA ALA F 341 -23.24 20.98 -10.47
C ALA F 341 -24.65 21.05 -11.05
N MET G 8 -2.88 4.66 -53.69
CA MET G 8 -4.29 4.19 -53.85
C MET G 8 -5.33 5.10 -53.21
N ILE G 9 -5.76 6.13 -53.95
CA ILE G 9 -6.78 7.06 -53.47
C ILE G 9 -7.52 7.75 -54.63
N SER G 10 -8.84 7.70 -54.56
CA SER G 10 -9.75 8.28 -55.55
C SER G 10 -9.18 9.34 -56.50
N THR G 11 -9.28 10.61 -56.12
CA THR G 11 -8.81 11.67 -57.00
C THR G 11 -7.65 12.52 -56.47
N ARG G 12 -6.75 11.91 -55.71
CA ARG G 12 -5.62 12.69 -55.19
C ARG G 12 -4.26 12.33 -55.78
N ARG G 13 -4.09 11.08 -56.19
CA ARG G 13 -2.82 10.63 -56.75
C ARG G 13 -1.72 10.66 -55.70
N LEU G 14 -1.59 9.55 -54.99
CA LEU G 14 -0.61 9.43 -53.95
C LEU G 14 0.31 8.24 -54.24
N PRO G 15 1.39 8.08 -53.46
CA PRO G 15 2.28 6.94 -53.71
C PRO G 15 1.61 5.65 -53.27
N PRO G 16 2.04 4.51 -53.81
CA PRO G 16 1.37 3.29 -53.35
C PRO G 16 1.62 3.15 -51.85
N SER G 17 0.66 2.56 -51.15
CA SER G 17 0.77 2.40 -49.71
C SER G 17 1.82 1.35 -49.36
N ILE G 18 2.40 1.48 -48.18
CA ILE G 18 3.40 0.53 -47.70
C ILE G 18 2.68 -0.48 -46.79
N VAL G 19 1.40 -0.24 -46.56
CA VAL G 19 0.60 -1.14 -45.74
C VAL G 19 -0.08 -2.12 -46.67
N GLN G 20 -0.01 -3.41 -46.32
CA GLN G 20 -0.60 -4.45 -47.14
C GLN G 20 -2.12 -4.56 -46.93
N ASP G 21 -2.85 -4.83 -48.01
CA ASP G 21 -4.30 -4.97 -47.93
C ASP G 21 -4.66 -6.24 -47.18
N THR G 22 -5.89 -6.28 -46.68
CA THR G 22 -6.37 -7.43 -45.93
C THR G 22 -6.38 -8.71 -46.76
N ILE G 23 -5.93 -9.80 -46.16
CA ILE G 23 -5.92 -11.10 -46.82
C ILE G 23 -7.09 -11.88 -46.22
N LEU G 24 -8.12 -12.10 -47.03
CA LEU G 24 -9.33 -12.79 -46.60
C LEU G 24 -9.32 -14.28 -46.85
N ALA G 25 -8.15 -14.84 -47.12
CA ALA G 25 -8.05 -16.27 -47.40
C ALA G 25 -8.24 -17.15 -46.17
N VAL G 26 -9.05 -18.21 -46.33
CA VAL G 26 -9.27 -19.15 -45.25
C VAL G 26 -7.98 -19.95 -45.16
N VAL G 27 -7.27 -19.82 -44.05
CA VAL G 27 -6.02 -20.56 -43.91
C VAL G 27 -6.16 -21.68 -42.89
N PRO G 28 -5.48 -22.80 -43.14
CA PRO G 28 -5.56 -23.93 -42.20
C PRO G 28 -4.97 -23.55 -40.84
N PRO G 29 -5.76 -23.69 -39.77
CA PRO G 29 -5.33 -23.38 -38.40
C PRO G 29 -4.17 -24.28 -37.98
N LYS G 30 -3.23 -23.73 -37.23
CA LYS G 30 -2.09 -24.52 -36.77
C LYS G 30 -2.39 -25.22 -35.45
N SER G 31 -1.54 -26.18 -35.09
CA SER G 31 -1.69 -26.94 -33.87
C SER G 31 -1.61 -26.10 -32.59
N CYS G 32 -2.46 -26.45 -31.62
CA CYS G 32 -2.49 -25.77 -30.34
C CYS G 32 -1.81 -26.64 -29.31
N ALA G 33 -0.51 -26.46 -29.13
CA ALA G 33 0.18 -27.30 -28.17
C ALA G 33 -0.09 -26.94 -26.72
N ALA G 34 0.72 -27.55 -25.89
CA ALA G 34 0.68 -27.40 -24.44
C ALA G 34 0.62 -25.95 -23.97
N ILE G 35 1.79 -25.32 -23.86
CA ILE G 35 1.97 -23.94 -23.39
C ILE G 35 1.87 -23.72 -21.88
N GLY G 36 1.39 -24.71 -21.13
CA GLY G 36 1.33 -24.53 -19.70
C GLY G 36 0.02 -24.76 -18.99
N THR G 37 0.11 -24.76 -17.67
CA THR G 37 -1.03 -24.97 -16.79
C THR G 37 -1.84 -23.71 -16.73
N ASP G 38 -3.06 -23.81 -16.21
CA ASP G 38 -3.93 -22.64 -16.11
C ASP G 38 -3.26 -21.53 -15.31
N VAL G 39 -2.54 -21.92 -14.27
CA VAL G 39 -1.82 -20.97 -13.42
C VAL G 39 -0.73 -20.33 -14.25
N ASP G 40 -0.17 -21.09 -15.20
CA ASP G 40 0.88 -20.58 -16.06
C ASP G 40 0.33 -19.53 -17.03
N LEU G 41 -0.91 -19.74 -17.47
CA LEU G 41 -1.54 -18.81 -18.41
C LEU G 41 -2.00 -17.52 -17.77
N ARG G 42 -2.34 -17.57 -16.49
CA ARG G 42 -2.78 -16.37 -15.79
C ARG G 42 -1.59 -15.60 -15.20
N ASP G 43 -0.41 -16.23 -15.21
CA ASP G 43 0.79 -15.60 -14.67
C ASP G 43 1.36 -14.50 -15.56
N TRP G 44 1.75 -13.40 -14.93
CA TRP G 44 2.33 -12.27 -15.65
C TRP G 44 3.72 -12.65 -16.16
N GLY G 45 4.32 -13.65 -15.53
CA GLY G 45 5.66 -14.12 -15.90
C GLY G 45 5.69 -14.97 -17.15
N PHE G 46 4.58 -14.95 -17.89
CA PHE G 46 4.45 -15.71 -19.13
C PHE G 46 5.44 -15.13 -20.16
N ASP G 47 6.29 -15.99 -20.70
CA ASP G 47 7.29 -15.58 -21.68
C ASP G 47 6.88 -15.99 -23.08
N THR G 48 6.12 -15.13 -23.76
CA THR G 48 5.64 -15.45 -25.10
C THR G 48 6.70 -15.81 -26.15
N PHE G 49 7.84 -15.13 -26.15
CA PHE G 49 8.90 -15.45 -27.10
C PHE G 49 9.42 -16.85 -26.84
N GLU G 50 9.54 -17.20 -25.57
CA GLU G 50 10.02 -18.53 -25.18
C GLU G 50 9.04 -19.56 -25.73
N VAL G 51 7.75 -19.30 -25.55
CA VAL G 51 6.70 -20.20 -26.02
C VAL G 51 6.66 -20.30 -27.54
N ALA G 52 6.88 -19.18 -28.21
CA ALA G 52 6.87 -19.16 -29.67
C ALA G 52 7.99 -20.08 -30.21
N SER G 53 8.98 -20.35 -29.36
CA SER G 53 10.12 -21.19 -29.71
C SER G 53 9.76 -22.66 -29.93
N ARG G 54 8.73 -23.13 -29.24
CA ARG G 54 8.32 -24.52 -29.34
C ARG G 54 7.11 -24.67 -30.24
N VAL G 55 5.95 -24.28 -29.71
CA VAL G 55 4.68 -24.38 -30.42
C VAL G 55 4.73 -23.86 -31.86
N PRO G 56 3.78 -24.30 -32.68
CA PRO G 56 3.71 -23.85 -34.08
C PRO G 56 3.13 -22.44 -34.15
N SER G 57 2.23 -22.13 -33.21
CA SER G 57 1.61 -20.82 -33.14
C SER G 57 1.25 -20.43 -31.70
N VAL G 58 2.04 -19.54 -31.11
CA VAL G 58 1.79 -19.11 -29.75
C VAL G 58 0.51 -18.27 -29.70
N LEU G 59 0.21 -17.59 -30.81
CA LEU G 59 -1.00 -16.76 -30.88
C LEU G 59 -2.24 -17.66 -30.82
N GLN G 60 -2.27 -18.69 -31.66
CA GLN G 60 -3.41 -19.59 -31.70
C GLN G 60 -3.58 -20.44 -30.43
N SER G 61 -2.48 -20.84 -29.80
CA SER G 61 -2.58 -21.61 -28.57
C SER G 61 -3.17 -20.72 -27.47
N VAL G 62 -2.64 -19.50 -27.36
CA VAL G 62 -3.11 -18.55 -26.36
C VAL G 62 -4.55 -18.14 -26.65
N ALA G 63 -4.86 -17.88 -27.92
CA ALA G 63 -6.20 -17.48 -28.30
C ALA G 63 -7.23 -18.55 -27.89
N MET G 64 -6.94 -19.82 -28.17
CA MET G 64 -7.87 -20.88 -27.81
C MET G 64 -7.92 -21.13 -26.30
N HIS G 65 -6.82 -20.89 -25.60
CA HIS G 65 -6.82 -21.11 -24.15
C HIS G 65 -7.69 -20.11 -23.40
N VAL G 66 -7.66 -18.84 -23.81
CA VAL G 66 -8.47 -17.84 -23.12
C VAL G 66 -9.95 -18.00 -23.47
N ALA G 67 -10.23 -18.51 -24.66
CA ALA G 67 -11.61 -18.70 -25.10
C ALA G 67 -12.29 -19.81 -24.30
N LEU G 68 -11.56 -20.91 -24.06
CA LEU G 68 -12.09 -22.03 -23.30
C LEU G 68 -12.12 -21.70 -21.82
N ALA G 69 -11.08 -21.00 -21.35
CA ALA G 69 -10.97 -20.61 -19.95
C ALA G 69 -12.06 -19.60 -19.58
N TRP G 70 -12.54 -18.86 -20.56
CA TRP G 70 -13.59 -17.87 -20.31
C TRP G 70 -14.91 -18.29 -20.95
N ASP G 71 -15.07 -19.59 -21.17
CA ASP G 71 -16.28 -20.18 -21.74
C ASP G 71 -16.93 -19.33 -22.83
N PHE G 72 -16.17 -19.10 -23.91
CA PHE G 72 -16.65 -18.29 -25.03
C PHE G 72 -17.70 -18.97 -25.92
N PHE G 73 -17.61 -20.29 -26.07
CA PHE G 73 -18.50 -21.00 -26.97
C PHE G 73 -19.58 -21.92 -26.42
N ALA G 74 -20.73 -21.87 -27.07
CA ALA G 74 -21.87 -22.71 -26.73
C ALA G 74 -21.75 -23.95 -27.62
N SER G 75 -21.63 -23.73 -28.92
CA SER G 75 -21.50 -24.81 -29.89
C SER G 75 -20.05 -24.95 -30.33
N GLN G 76 -19.73 -26.08 -30.95
CA GLN G 76 -18.37 -26.32 -31.42
C GLN G 76 -18.20 -25.62 -32.76
N GLU G 77 -19.29 -25.03 -33.26
CA GLU G 77 -19.27 -24.30 -34.52
C GLU G 77 -18.64 -22.92 -34.31
N GLU G 78 -18.98 -22.27 -33.20
CA GLU G 78 -18.43 -20.97 -32.88
C GLU G 78 -16.92 -21.14 -32.65
N ALA G 79 -16.55 -22.20 -31.94
CA ALA G 79 -15.16 -22.49 -31.63
C ALA G 79 -14.29 -22.57 -32.88
N GLN G 80 -14.80 -23.20 -33.93
CA GLN G 80 -14.05 -23.34 -35.17
C GLN G 80 -13.93 -22.00 -35.90
N LYS G 81 -15.01 -21.21 -35.89
CA LYS G 81 -14.99 -19.90 -36.51
C LYS G 81 -13.88 -19.09 -35.85
N TRP G 82 -13.79 -19.24 -34.52
CA TRP G 82 -12.78 -18.55 -33.72
C TRP G 82 -11.40 -19.11 -34.04
N ALA G 83 -11.33 -20.40 -34.30
CA ALA G 83 -10.07 -21.05 -34.63
C ALA G 83 -9.54 -20.56 -35.98
N PHE G 84 -10.44 -20.39 -36.94
CA PHE G 84 -10.07 -19.93 -38.26
C PHE G 84 -9.80 -18.43 -38.28
N LEU G 85 -10.51 -17.71 -37.43
CA LEU G 85 -10.33 -16.26 -37.32
C LEU G 85 -8.90 -15.97 -36.84
N VAL G 86 -8.53 -16.52 -35.69
CA VAL G 86 -7.18 -16.32 -35.15
C VAL G 86 -6.12 -16.64 -36.21
N ALA G 87 -6.27 -17.80 -36.85
CA ALA G 87 -5.32 -18.20 -37.89
C ALA G 87 -5.22 -17.15 -39.01
N ALA G 88 -6.36 -16.60 -39.44
CA ALA G 88 -6.36 -15.57 -40.50
C ALA G 88 -5.81 -14.24 -39.99
N VAL G 89 -5.97 -13.97 -38.71
CA VAL G 89 -5.46 -12.73 -38.13
C VAL G 89 -3.94 -12.82 -38.16
N GLU G 90 -3.42 -13.97 -37.75
CA GLU G 90 -2.00 -14.21 -37.74
C GLU G 90 -1.47 -14.12 -39.17
N ASN G 91 -2.30 -14.51 -40.13
CA ASN G 91 -1.94 -14.45 -41.54
C ASN G 91 -1.90 -12.98 -41.99
N ASN G 92 -2.42 -12.09 -41.15
CA ASN G 92 -2.44 -10.67 -41.48
C ASN G 92 -1.42 -9.82 -40.72
N TYR G 93 -0.60 -10.47 -39.88
CA TYR G 93 0.46 -9.77 -39.15
C TYR G 93 1.75 -9.90 -39.97
N ARG G 94 2.47 -8.79 -40.11
CA ARG G 94 3.71 -8.78 -40.87
C ARG G 94 4.83 -9.38 -40.05
N PRO G 95 5.90 -9.82 -40.72
CA PRO G 95 7.03 -10.41 -39.99
C PRO G 95 7.93 -9.34 -39.36
N ASN G 96 7.32 -8.31 -38.76
CA ASN G 96 8.06 -7.24 -38.12
C ASN G 96 8.80 -7.73 -36.89
N PRO G 97 9.87 -7.03 -36.50
CA PRO G 97 10.64 -7.43 -35.32
C PRO G 97 9.79 -7.39 -34.04
N TYR G 98 8.91 -6.40 -33.94
CA TYR G 98 8.08 -6.20 -32.75
C TYR G 98 6.57 -6.33 -32.98
N HIS G 99 6.02 -5.48 -33.85
CA HIS G 99 4.58 -5.50 -34.12
C HIS G 99 4.18 -6.70 -34.98
N ASN G 100 4.39 -7.87 -34.41
CA ASN G 100 4.11 -9.14 -35.06
C ASN G 100 3.09 -9.96 -34.28
N ALA G 101 2.72 -11.10 -34.86
CA ALA G 101 1.75 -12.02 -34.27
C ALA G 101 2.15 -12.47 -32.86
N ILE G 102 3.43 -12.37 -32.54
CA ILE G 102 3.89 -12.77 -31.22
C ILE G 102 3.52 -11.67 -30.24
N HIS G 103 3.64 -10.42 -30.67
CA HIS G 103 3.29 -9.27 -29.83
C HIS G 103 1.79 -9.38 -29.51
N ALA G 104 1.00 -9.76 -30.49
CA ALA G 104 -0.44 -9.92 -30.30
C ALA G 104 -0.73 -11.06 -29.32
N ALA G 105 0.11 -12.09 -29.33
CA ALA G 105 -0.10 -13.21 -28.42
C ALA G 105 0.15 -12.71 -27.02
N ASP G 106 1.23 -11.94 -26.89
CA ASP G 106 1.68 -11.35 -25.62
C ASP G 106 0.64 -10.39 -25.05
N VAL G 107 0.05 -9.58 -25.92
CA VAL G 107 -0.97 -8.63 -25.49
C VAL G 107 -2.26 -9.33 -25.08
N LEU G 108 -2.61 -10.40 -25.80
CA LEU G 108 -3.82 -11.16 -25.48
C LEU G 108 -3.64 -11.91 -24.15
N GLN G 109 -2.52 -12.61 -24.00
CA GLN G 109 -2.23 -13.33 -22.76
C GLN G 109 -2.06 -12.32 -21.63
N GLY G 110 -1.51 -11.16 -21.96
CA GLY G 110 -1.31 -10.10 -20.99
C GLY G 110 -2.64 -9.53 -20.51
N THR G 111 -3.55 -9.25 -21.44
CA THR G 111 -4.86 -8.72 -21.07
C THR G 111 -5.58 -9.75 -20.21
N PHE G 112 -5.50 -11.01 -20.62
CA PHE G 112 -6.11 -12.10 -19.89
C PHE G 112 -5.55 -12.19 -18.47
N SER G 113 -4.24 -11.94 -18.33
CA SER G 113 -3.58 -12.01 -17.03
C SER G 113 -4.03 -10.90 -16.07
N LEU G 114 -4.07 -9.67 -16.59
CA LEU G 114 -4.49 -8.53 -15.78
C LEU G 114 -5.95 -8.61 -15.36
N VAL G 115 -6.83 -8.96 -16.30
CA VAL G 115 -8.24 -9.04 -16.01
C VAL G 115 -8.56 -10.06 -14.90
N SER G 116 -8.03 -11.27 -15.04
CA SER G 116 -8.28 -12.31 -14.05
C SER G 116 -7.60 -12.02 -12.72
N ALA G 117 -6.64 -11.10 -12.73
CA ALA G 117 -5.95 -10.75 -11.49
C ALA G 117 -6.80 -9.74 -10.72
N ALA G 118 -7.69 -9.05 -11.42
CA ALA G 118 -8.57 -8.06 -10.79
C ALA G 118 -9.94 -8.70 -10.55
N LYS G 119 -10.09 -9.33 -9.38
CA LYS G 119 -11.32 -10.02 -8.99
C LYS G 119 -12.63 -9.25 -9.20
N PRO G 120 -12.70 -7.98 -8.78
CA PRO G 120 -13.93 -7.20 -8.96
C PRO G 120 -14.33 -7.05 -10.42
N LEU G 121 -13.38 -6.70 -11.28
CA LEU G 121 -13.70 -6.55 -12.68
C LEU G 121 -14.13 -7.90 -13.28
N MET G 122 -13.54 -8.97 -12.78
CA MET G 122 -13.87 -10.31 -13.24
C MET G 122 -15.27 -10.74 -12.85
N GLU G 123 -15.69 -10.38 -11.62
CA GLU G 123 -17.02 -10.73 -11.14
C GLU G 123 -18.15 -9.84 -11.67
N HIS G 124 -17.82 -8.94 -12.60
CA HIS G 124 -18.81 -8.03 -13.18
C HIS G 124 -18.89 -8.03 -14.70
N LEU G 125 -17.76 -8.31 -15.34
CA LEU G 125 -17.70 -8.33 -16.81
C LEU G 125 -18.68 -9.32 -17.43
N THR G 126 -19.41 -8.87 -18.44
CA THR G 126 -20.35 -9.73 -19.13
C THR G 126 -19.55 -10.62 -20.07
N PRO G 127 -20.09 -11.80 -20.44
CA PRO G 127 -19.33 -12.66 -21.36
C PRO G 127 -19.05 -11.98 -22.72
N LEU G 128 -19.93 -11.09 -23.16
CA LEU G 128 -19.74 -10.37 -24.43
C LEU G 128 -18.54 -9.43 -24.29
N GLU G 129 -18.38 -8.83 -23.11
CA GLU G 129 -17.26 -7.92 -22.89
C GLU G 129 -15.95 -8.69 -22.87
N CYS G 130 -15.95 -9.90 -22.29
CA CYS G 130 -14.75 -10.71 -22.25
C CYS G 130 -14.31 -11.10 -23.67
N LYS G 131 -15.28 -11.34 -24.55
CA LYS G 131 -14.98 -11.71 -25.94
C LYS G 131 -14.47 -10.47 -26.69
N ALA G 132 -15.04 -9.32 -26.39
CA ALA G 132 -14.62 -8.07 -27.03
C ALA G 132 -13.16 -7.77 -26.68
N ALA G 133 -12.83 -7.86 -25.40
CA ALA G 133 -11.47 -7.61 -24.94
C ALA G 133 -10.47 -8.55 -25.65
N ALA G 134 -10.79 -9.84 -25.66
CA ALA G 134 -9.93 -10.85 -26.30
C ALA G 134 -9.78 -10.58 -27.78
N PHE G 135 -10.91 -10.32 -28.45
CA PHE G 135 -10.89 -10.05 -29.89
C PHE G 135 -10.02 -8.84 -30.19
N ALA G 136 -10.22 -7.78 -29.41
CA ALA G 136 -9.48 -6.55 -29.56
C ALA G 136 -7.98 -6.78 -29.38
N ALA G 137 -7.59 -7.40 -28.26
CA ALA G 137 -6.16 -7.64 -28.03
C ALA G 137 -5.53 -8.42 -29.18
N LEU G 138 -6.25 -9.44 -29.64
CA LEU G 138 -5.80 -10.29 -30.75
C LEU G 138 -5.51 -9.53 -32.04
N THR G 139 -6.38 -8.59 -32.39
CA THR G 139 -6.24 -7.85 -33.63
C THR G 139 -5.81 -6.38 -33.49
N HIS G 140 -5.45 -5.96 -32.28
CA HIS G 140 -5.09 -4.56 -32.05
C HIS G 140 -3.96 -3.97 -32.92
N ASP G 141 -3.09 -4.81 -33.47
CA ASP G 141 -2.00 -4.32 -34.32
C ASP G 141 -1.94 -5.01 -35.69
N VAL G 142 -3.02 -5.71 -36.07
CA VAL G 142 -3.08 -6.41 -37.34
C VAL G 142 -2.72 -5.51 -38.53
N CYS G 143 -1.85 -6.02 -39.41
CA CYS G 143 -1.39 -5.29 -40.59
C CYS G 143 -0.41 -4.13 -40.31
N HIS G 144 0.12 -4.07 -39.09
CA HIS G 144 1.06 -3.01 -38.72
C HIS G 144 2.25 -3.05 -39.70
N PRO G 145 2.52 -1.92 -40.38
CA PRO G 145 3.64 -1.88 -41.33
C PRO G 145 5.03 -1.77 -40.70
N GLY G 146 5.10 -1.69 -39.37
CA GLY G 146 6.39 -1.57 -38.71
C GLY G 146 6.95 -0.17 -38.83
N ARG G 147 6.08 0.77 -39.15
CA ARG G 147 6.45 2.18 -39.25
C ARG G 147 5.38 2.92 -38.46
N THR G 148 5.73 4.09 -37.93
CA THR G 148 4.80 4.90 -37.12
C THR G 148 3.76 5.66 -37.92
N ASN G 149 2.82 6.26 -37.19
CA ASN G 149 1.77 7.08 -37.82
C ASN G 149 2.45 8.31 -38.41
N ALA G 150 3.49 8.79 -37.73
CA ALA G 150 4.22 9.98 -38.20
C ALA G 150 4.93 9.69 -39.52
N PHE G 151 5.61 8.55 -39.58
CA PHE G 151 6.32 8.15 -40.80
C PHE G 151 5.30 8.01 -41.93
N LEU G 152 4.15 7.42 -41.62
CA LEU G 152 3.13 7.23 -42.63
C LEU G 152 2.73 8.61 -43.14
N ALA G 153 2.62 9.56 -42.22
CA ALA G 153 2.26 10.93 -42.60
C ALA G 153 3.35 11.62 -43.42
N ALA G 154 4.60 11.50 -42.96
CA ALA G 154 5.75 12.13 -43.64
C ALA G 154 5.95 11.62 -45.06
N VAL G 155 5.50 10.39 -45.32
CA VAL G 155 5.63 9.78 -46.63
C VAL G 155 4.33 9.94 -47.46
N GLN G 156 3.28 10.44 -46.81
CA GLN G 156 1.99 10.65 -47.47
C GLN G 156 1.31 9.35 -47.92
N ASP G 157 1.44 8.32 -47.10
CA ASP G 157 0.84 7.05 -47.42
C ASP G 157 -0.69 7.22 -47.51
N PRO G 158 -1.30 6.66 -48.55
CA PRO G 158 -2.75 6.78 -48.69
C PRO G 158 -3.53 6.35 -47.45
N VAL G 159 -2.91 5.51 -46.64
CA VAL G 159 -3.59 5.04 -45.43
C VAL G 159 -3.79 6.21 -44.44
N SER G 160 -2.93 7.23 -44.54
CA SER G 160 -3.02 8.39 -43.67
C SER G 160 -4.17 9.30 -44.08
N PHE G 161 -4.46 9.32 -45.38
CA PHE G 161 -5.54 10.14 -45.90
C PHE G 161 -6.87 9.42 -45.66
N LYS G 162 -6.89 8.11 -45.84
CA LYS G 162 -8.10 7.32 -45.63
C LYS G 162 -8.58 7.37 -44.18
N PHE G 163 -7.66 7.24 -43.23
CA PHE G 163 -8.02 7.30 -41.82
C PHE G 163 -7.48 8.58 -41.18
N SER G 164 -8.20 9.68 -41.39
CA SER G 164 -7.82 11.00 -40.86
C SER G 164 -7.93 11.12 -39.35
N GLY G 165 -7.42 12.23 -38.84
CA GLY G 165 -7.43 12.47 -37.40
C GLY G 165 -6.27 11.74 -36.77
N LYS G 166 -6.35 11.51 -35.47
CA LYS G 166 -5.29 10.80 -34.77
C LYS G 166 -5.46 9.29 -34.86
N GLY G 167 -4.37 8.57 -34.63
CA GLY G 167 -4.41 7.12 -34.67
C GLY G 167 -4.65 6.46 -36.01
N THR G 168 -3.97 6.93 -37.06
CA THR G 168 -4.10 6.35 -38.39
C THR G 168 -4.06 4.82 -38.33
N LEU G 169 -2.97 4.27 -37.80
CA LEU G 169 -2.84 2.82 -37.71
C LEU G 169 -3.92 2.18 -36.86
N GLU G 170 -4.14 2.73 -35.66
CA GLU G 170 -5.17 2.21 -34.76
C GLU G 170 -6.52 2.04 -35.47
N GLN G 171 -6.89 3.03 -36.28
CA GLN G 171 -8.15 2.98 -37.02
C GLN G 171 -8.11 1.84 -38.04
N LEU G 172 -6.98 1.70 -38.73
CA LEU G 172 -6.80 0.65 -39.72
C LEU G 172 -6.89 -0.72 -39.03
N HIS G 173 -6.17 -0.88 -37.92
CA HIS G 173 -6.23 -2.14 -37.19
C HIS G 173 -7.69 -2.50 -36.88
N THR G 174 -8.45 -1.46 -36.52
CA THR G 174 -9.86 -1.62 -36.16
C THR G 174 -10.71 -2.05 -37.35
N ALA G 175 -10.63 -1.30 -38.44
CA ALA G 175 -11.40 -1.63 -39.63
C ALA G 175 -11.05 -3.04 -40.15
N THR G 176 -9.76 -3.37 -40.14
CA THR G 176 -9.31 -4.67 -40.61
C THR G 176 -9.86 -5.81 -39.77
N ALA G 177 -9.95 -5.59 -38.46
CA ALA G 177 -10.47 -6.60 -37.55
C ALA G 177 -11.93 -6.95 -37.85
N PHE G 178 -12.72 -5.93 -38.18
CA PHE G 178 -14.13 -6.14 -38.51
C PHE G 178 -14.28 -6.80 -39.88
N GLU G 179 -13.41 -6.41 -40.81
CA GLU G 179 -13.45 -6.96 -42.16
C GLU G 179 -13.23 -8.47 -42.06
N LEU G 180 -12.23 -8.86 -41.28
CA LEU G 180 -11.94 -10.28 -41.08
C LEU G 180 -13.10 -10.98 -40.38
N LEU G 181 -13.65 -10.34 -39.36
CA LEU G 181 -14.77 -10.91 -38.60
C LEU G 181 -15.98 -11.07 -39.52
N ASN G 182 -16.06 -10.23 -40.55
CA ASN G 182 -17.17 -10.27 -41.51
C ASN G 182 -17.12 -11.55 -42.37
N VAL G 183 -15.94 -12.16 -42.47
CA VAL G 183 -15.78 -13.39 -43.23
C VAL G 183 -16.60 -14.46 -42.52
N THR G 184 -17.56 -15.04 -43.22
CA THR G 184 -18.44 -16.06 -42.66
C THR G 184 -17.74 -17.21 -41.91
N GLU G 185 -16.58 -17.64 -42.38
CA GLU G 185 -15.86 -18.73 -41.72
C GLU G 185 -15.18 -18.31 -40.43
N PHE G 186 -14.96 -17.01 -40.25
CA PHE G 186 -14.31 -16.53 -39.03
C PHE G 186 -15.29 -15.82 -38.09
N ASP G 187 -16.48 -15.52 -38.59
CA ASP G 187 -17.50 -14.81 -37.82
C ASP G 187 -18.10 -15.58 -36.63
N PHE G 188 -17.33 -15.67 -35.54
CA PHE G 188 -17.78 -16.39 -34.35
C PHE G 188 -18.86 -15.62 -33.59
N THR G 189 -19.13 -14.39 -34.01
CA THR G 189 -20.14 -13.55 -33.38
C THR G 189 -21.45 -13.51 -34.17
N SER G 190 -21.52 -14.29 -35.26
CA SER G 190 -22.71 -14.33 -36.11
C SER G 190 -24.01 -14.67 -35.37
N SER G 191 -23.90 -15.41 -34.27
CA SER G 191 -25.06 -15.80 -33.48
C SER G 191 -25.56 -14.70 -32.55
N MET G 192 -24.73 -13.67 -32.31
CA MET G 192 -25.14 -12.57 -31.45
C MET G 192 -26.38 -11.87 -32.00
N ASP G 193 -27.13 -11.24 -31.09
CA ASP G 193 -28.30 -10.47 -31.44
C ASP G 193 -27.71 -9.23 -32.14
N ASN G 194 -28.53 -8.46 -32.84
CA ASN G 194 -28.02 -7.27 -33.51
C ASN G 194 -27.54 -6.22 -32.47
N ALA G 195 -28.23 -6.19 -31.32
CA ALA G 195 -27.90 -5.25 -30.27
C ALA G 195 -26.59 -5.62 -29.58
N SER G 196 -26.39 -6.92 -29.38
CA SER G 196 -25.18 -7.42 -28.74
C SER G 196 -23.95 -7.17 -29.62
N PHE G 197 -24.06 -7.52 -30.90
CA PHE G 197 -22.99 -7.33 -31.87
C PHE G 197 -22.63 -5.84 -31.97
N LEU G 198 -23.65 -4.96 -31.89
CA LEU G 198 -23.39 -3.53 -31.95
C LEU G 198 -22.60 -3.09 -30.72
N GLU G 199 -22.99 -3.61 -29.56
CA GLU G 199 -22.31 -3.30 -28.30
C GLU G 199 -20.88 -3.81 -28.40
N PHE G 200 -20.72 -4.95 -29.06
CA PHE G 200 -19.42 -5.61 -29.27
C PHE G 200 -18.50 -4.72 -30.09
N LYS G 201 -19.01 -4.26 -31.23
CA LYS G 201 -18.23 -3.41 -32.12
C LYS G 201 -17.76 -2.13 -31.47
N ASN G 202 -18.65 -1.46 -30.74
CA ASN G 202 -18.28 -0.22 -30.09
C ASN G 202 -17.21 -0.49 -29.05
N ILE G 203 -17.37 -1.57 -28.29
CA ILE G 203 -16.40 -1.93 -27.26
C ILE G 203 -15.03 -2.14 -27.90
N VAL G 204 -14.99 -2.97 -28.94
CA VAL G 204 -13.77 -3.29 -29.66
C VAL G 204 -13.15 -2.04 -30.29
N SER G 205 -13.98 -1.26 -30.98
CA SER G 205 -13.51 -0.04 -31.61
C SER G 205 -12.82 0.85 -30.57
N HIS G 206 -13.46 1.02 -29.43
CA HIS G 206 -12.93 1.84 -28.34
C HIS G 206 -11.64 1.26 -27.76
N LEU G 207 -11.65 -0.04 -27.47
CA LEU G 207 -10.46 -0.68 -26.89
C LEU G 207 -9.22 -0.54 -27.78
N ILE G 208 -9.39 -0.77 -29.08
CA ILE G 208 -8.29 -0.69 -30.03
C ILE G 208 -7.86 0.77 -30.23
N GLY G 209 -8.84 1.66 -30.38
CA GLY G 209 -8.54 3.07 -30.59
C GLY G 209 -7.70 3.65 -29.48
N HIS G 210 -7.87 3.12 -28.27
CA HIS G 210 -7.12 3.60 -27.12
C HIS G 210 -5.76 2.93 -26.93
N THR G 211 -5.24 2.32 -27.99
CA THR G 211 -3.91 1.71 -27.93
C THR G 211 -2.98 2.72 -28.58
N ASP G 212 -3.57 3.79 -29.13
CA ASP G 212 -2.82 4.87 -29.78
C ASP G 212 -1.94 5.53 -28.72
N MET G 213 -0.65 5.60 -28.97
CA MET G 213 0.28 6.18 -28.01
C MET G 213 0.14 7.68 -27.79
N SER G 214 -0.42 8.39 -28.76
CA SER G 214 -0.55 9.84 -28.61
C SER G 214 -1.47 10.25 -27.45
N LEU G 215 -2.38 9.36 -27.06
CA LEU G 215 -3.32 9.63 -25.97
C LEU G 215 -2.72 9.40 -24.57
N HIS G 216 -1.40 9.31 -24.48
CA HIS G 216 -0.79 9.05 -23.17
C HIS G 216 -1.08 10.06 -22.06
N SER G 217 -0.76 11.33 -22.31
CA SER G 217 -0.98 12.35 -21.29
C SER G 217 -2.47 12.47 -20.98
N GLU G 218 -3.27 12.54 -22.02
CA GLU G 218 -4.71 12.66 -21.89
C GLU G 218 -5.31 11.56 -21.00
N THR G 219 -5.07 10.29 -21.35
CA THR G 219 -5.62 9.18 -20.59
C THR G 219 -5.08 9.02 -19.17
N VAL G 220 -3.82 9.34 -18.94
CA VAL G 220 -3.24 9.22 -17.59
C VAL G 220 -3.90 10.25 -16.67
N ALA G 221 -4.21 11.42 -17.22
CA ALA G 221 -4.84 12.49 -16.45
C ALA G 221 -6.30 12.14 -16.20
N LYS G 222 -6.94 11.55 -17.21
CA LYS G 222 -8.34 11.15 -17.08
C LYS G 222 -8.48 10.05 -16.03
N HIS G 223 -7.57 9.07 -16.05
CA HIS G 223 -7.63 7.97 -15.09
C HIS G 223 -7.24 8.42 -13.69
N GLY G 224 -6.43 9.48 -13.60
CA GLY G 224 -6.05 10.00 -12.31
C GLY G 224 -7.25 10.67 -11.67
N ALA G 225 -8.05 11.37 -12.49
CA ALA G 225 -9.24 12.04 -12.00
C ALA G 225 -10.19 10.95 -11.51
N LYS G 226 -10.29 9.87 -12.27
CA LYS G 226 -11.16 8.75 -11.91
C LYS G 226 -10.71 8.16 -10.58
N LEU G 227 -9.42 8.02 -10.40
CA LEU G 227 -8.89 7.49 -9.15
C LEU G 227 -9.32 8.41 -7.98
N SER G 228 -9.21 9.71 -8.21
CA SER G 228 -9.59 10.72 -7.20
C SER G 228 -11.08 10.63 -6.88
N ALA G 229 -11.89 10.33 -7.90
CA ALA G 229 -13.34 10.22 -7.71
C ALA G 229 -13.78 8.89 -7.08
N GLY G 230 -12.81 8.08 -6.66
CA GLY G 230 -13.14 6.81 -6.04
C GLY G 230 -12.78 5.61 -6.90
N GLY G 231 -12.35 5.87 -8.13
CA GLY G 231 -12.00 4.78 -9.02
C GLY G 231 -13.18 4.05 -9.63
N PHE G 232 -12.86 3.06 -10.45
CA PHE G 232 -13.84 2.24 -11.17
C PHE G 232 -15.02 1.62 -10.40
N ASP G 233 -16.23 1.89 -10.90
CA ASP G 233 -17.45 1.32 -10.33
C ASP G 233 -17.85 0.21 -11.31
N CYS G 234 -17.44 -1.02 -10.99
CA CYS G 234 -17.68 -2.18 -11.84
C CYS G 234 -19.14 -2.53 -12.18
N THR G 235 -20.11 -1.93 -11.49
CA THR G 235 -21.51 -2.22 -11.82
C THR G 235 -21.89 -1.30 -12.97
N CYS G 236 -20.97 -0.41 -13.31
CA CYS G 236 -21.17 0.53 -14.40
C CYS G 236 -20.43 0.03 -15.64
N LYS G 237 -21.16 -0.24 -16.73
CA LYS G 237 -20.49 -0.75 -17.92
C LYS G 237 -19.46 0.22 -18.51
N GLU G 238 -19.72 1.53 -18.42
CA GLU G 238 -18.76 2.51 -18.95
C GLU G 238 -17.47 2.36 -18.15
N ASP G 239 -17.60 2.22 -16.83
CA ASP G 239 -16.42 2.05 -15.99
C ASP G 239 -15.70 0.76 -16.39
N ARG G 240 -16.45 -0.32 -16.59
CA ARG G 240 -15.83 -1.59 -16.97
C ARG G 240 -15.11 -1.38 -18.29
N LEU G 241 -15.73 -0.63 -19.20
CA LEU G 241 -15.11 -0.34 -20.48
C LEU G 241 -13.76 0.37 -20.24
N GLU G 242 -13.79 1.43 -19.43
CA GLU G 242 -12.59 2.20 -19.10
C GLU G 242 -11.51 1.30 -18.52
N ALA G 243 -11.88 0.49 -17.54
CA ALA G 243 -10.95 -0.43 -16.90
C ALA G 243 -10.31 -1.38 -17.91
N LEU G 244 -11.13 -1.96 -18.79
CA LEU G 244 -10.62 -2.88 -19.81
C LEU G 244 -9.61 -2.16 -20.69
N SER G 245 -9.99 -0.96 -21.14
CA SER G 245 -9.16 -0.13 -21.98
C SER G 245 -7.80 0.15 -21.32
N LEU G 246 -7.84 0.50 -20.05
CA LEU G 246 -6.61 0.76 -19.32
C LEU G 246 -5.77 -0.51 -19.24
N LEU G 247 -6.41 -1.64 -18.96
CA LEU G 247 -5.69 -2.91 -18.87
C LEU G 247 -5.10 -3.35 -20.21
N LEU G 248 -5.83 -3.11 -21.31
CA LEU G 248 -5.32 -3.49 -22.63
C LEU G 248 -4.07 -2.67 -22.97
N HIS G 249 -4.17 -1.37 -22.78
CA HIS G 249 -3.06 -0.47 -23.07
C HIS G 249 -1.82 -0.88 -22.27
N ALA G 250 -2.03 -1.26 -21.01
CA ALA G 250 -0.92 -1.68 -20.16
C ALA G 250 -0.33 -2.98 -20.68
N ALA G 251 -1.19 -3.85 -21.15
CA ALA G 251 -0.73 -5.13 -21.67
C ALA G 251 0.06 -4.88 -22.94
N ASP G 252 -0.41 -3.94 -23.76
CA ASP G 252 0.28 -3.65 -25.01
C ASP G 252 1.70 -3.12 -24.78
N ILE G 253 1.86 -2.24 -23.81
CA ILE G 253 3.18 -1.69 -23.54
C ILE G 253 3.80 -2.31 -22.29
N GLY G 254 3.24 -3.42 -21.85
CA GLY G 254 3.74 -4.04 -20.63
C GLY G 254 4.80 -5.12 -20.62
N ALA G 255 5.27 -5.55 -21.80
CA ALA G 255 6.27 -6.60 -21.85
C ALA G 255 7.48 -6.34 -20.95
N SER G 256 7.92 -5.08 -20.88
CA SER G 256 9.08 -4.73 -20.06
C SER G 256 8.81 -4.87 -18.56
N SER G 257 7.58 -5.20 -18.18
CA SER G 257 7.23 -5.36 -16.77
C SER G 257 7.04 -6.81 -16.34
N ARG G 258 7.36 -7.74 -17.24
CA ARG G 258 7.17 -9.15 -16.95
C ARG G 258 8.40 -9.88 -16.41
N GLY G 259 9.48 -9.15 -16.16
CA GLY G 259 10.68 -9.76 -15.64
C GLY G 259 11.89 -9.32 -16.43
N VAL G 260 13.03 -9.19 -15.76
CA VAL G 260 14.27 -8.74 -16.40
C VAL G 260 14.57 -9.48 -17.71
N ALA G 261 14.60 -10.82 -17.65
CA ALA G 261 14.89 -11.65 -18.81
C ALA G 261 13.91 -11.52 -19.96
N ILE G 262 12.62 -11.36 -19.65
CA ILE G 262 11.62 -11.21 -20.71
C ILE G 262 11.73 -9.83 -21.33
N ALA G 263 11.86 -8.81 -20.49
CA ALA G 263 11.98 -7.44 -20.95
C ALA G 263 13.08 -7.35 -22.00
N ARG G 264 14.22 -7.96 -21.73
CA ARG G 264 15.34 -7.94 -22.66
C ARG G 264 14.97 -8.43 -24.05
N LYS G 265 14.11 -9.46 -24.11
CA LYS G 265 13.70 -10.01 -25.39
C LYS G 265 12.86 -9.05 -26.22
N TRP G 266 12.13 -8.16 -25.53
CA TRP G 266 11.30 -7.21 -26.25
C TRP G 266 11.98 -5.94 -26.67
N LEU G 267 13.28 -5.88 -26.43
CA LEU G 267 14.04 -4.72 -26.85
C LEU G 267 14.14 -4.74 -28.38
N VAL G 268 13.51 -5.72 -29.00
CA VAL G 268 13.52 -5.81 -30.47
C VAL G 268 12.78 -4.63 -31.06
N ILE G 269 12.02 -3.92 -30.24
CA ILE G 269 11.27 -2.76 -30.68
C ILE G 269 12.27 -1.78 -31.32
N LEU G 270 13.50 -1.77 -30.81
CA LEU G 270 14.52 -0.88 -31.34
C LEU G 270 14.96 -1.28 -32.77
N GLN G 271 14.70 -2.52 -33.15
CA GLN G 271 15.04 -2.98 -34.49
C GLN G 271 14.12 -2.26 -35.49
N GLU G 272 12.86 -2.12 -35.14
CA GLU G 272 11.93 -1.44 -36.03
C GLU G 272 12.27 0.05 -36.10
N PHE G 273 12.80 0.61 -35.00
CA PHE G 273 13.16 2.02 -34.97
C PHE G 273 14.34 2.26 -35.90
N ALA G 274 15.38 1.43 -35.76
CA ALA G 274 16.57 1.54 -36.60
C ALA G 274 16.15 1.44 -38.06
N ASP G 275 15.33 0.46 -38.37
CA ASP G 275 14.85 0.27 -39.74
C ASP G 275 14.19 1.55 -40.24
N GLN G 276 13.33 2.14 -39.43
CA GLN G 276 12.65 3.37 -39.82
C GLN G 276 13.63 4.50 -40.03
N ALA G 277 14.59 4.63 -39.12
CA ALA G 277 15.62 5.66 -39.22
C ALA G 277 16.36 5.49 -40.54
N GLU G 278 16.70 4.25 -40.86
CA GLU G 278 17.41 3.99 -42.10
C GLU G 278 16.48 4.27 -43.29
N ASP G 279 15.20 3.92 -43.14
CA ASP G 279 14.21 4.12 -44.20
C ASP G 279 14.11 5.61 -44.49
N GLU G 280 14.00 6.41 -43.43
CA GLU G 280 13.91 7.87 -43.56
C GLU G 280 15.14 8.43 -44.28
N ARG G 281 16.31 7.93 -43.89
CA ARG G 281 17.56 8.39 -44.48
C ARG G 281 17.61 8.05 -45.99
N ARG G 282 17.16 6.86 -46.36
CA ARG G 282 17.17 6.47 -47.77
C ARG G 282 16.21 7.32 -48.58
N ARG G 283 15.14 7.79 -47.94
CA ARG G 283 14.15 8.62 -48.63
C ARG G 283 14.56 10.08 -48.59
N GLY G 284 15.61 10.39 -47.84
CA GLY G 284 16.06 11.77 -47.75
C GLY G 284 15.22 12.59 -46.80
N LEU G 285 14.54 11.94 -45.87
CA LEU G 285 13.70 12.65 -44.90
C LEU G 285 14.42 12.82 -43.57
N PRO G 286 13.99 13.79 -42.76
CA PRO G 286 14.63 14.02 -41.46
C PRO G 286 14.46 12.73 -40.65
N VAL G 287 15.51 12.32 -39.94
CA VAL G 287 15.48 11.09 -39.15
C VAL G 287 14.83 11.27 -37.76
N THR G 288 13.80 10.47 -37.48
CA THR G 288 13.10 10.52 -36.19
C THR G 288 14.12 10.54 -35.05
N PRO G 289 14.10 11.60 -34.22
CA PRO G 289 14.98 11.81 -33.07
C PRO G 289 15.55 10.63 -32.29
N GLY G 290 14.74 9.80 -31.65
CA GLY G 290 15.38 8.74 -30.89
C GLY G 290 15.45 7.35 -31.51
N PHE G 291 15.26 7.26 -32.82
CA PHE G 291 15.24 5.96 -33.49
C PHE G 291 16.55 5.27 -33.86
N GLU G 292 17.62 6.02 -34.12
CA GLU G 292 18.89 5.36 -34.42
C GLU G 292 19.42 4.66 -33.16
N THR G 293 20.14 3.57 -33.35
CA THR G 293 20.70 2.80 -32.25
C THR G 293 21.54 3.70 -31.33
N PRO G 294 21.27 3.67 -30.01
CA PRO G 294 22.00 4.49 -29.05
C PRO G 294 23.25 3.81 -28.50
N SER G 295 24.05 4.56 -27.76
CA SER G 295 25.30 4.04 -27.18
C SER G 295 24.98 2.94 -26.17
N SER G 296 24.02 3.21 -25.30
CA SER G 296 23.62 2.25 -24.28
C SER G 296 22.12 2.03 -24.39
N VAL G 297 21.74 0.82 -24.78
CA VAL G 297 20.33 0.48 -24.93
C VAL G 297 19.60 0.55 -23.59
N GLU G 298 20.27 0.07 -22.53
CA GLU G 298 19.72 0.05 -21.20
C GLU G 298 19.52 1.42 -20.58
N LYS G 299 20.44 2.34 -20.81
CA LYS G 299 20.31 3.67 -20.25
C LYS G 299 19.18 4.42 -20.94
N SER G 300 19.12 4.30 -22.27
CA SER G 300 18.08 5.00 -23.03
C SER G 300 16.68 4.47 -22.70
N GLN G 301 16.62 3.29 -22.10
CA GLN G 301 15.34 2.69 -21.72
C GLN G 301 14.79 3.38 -20.47
N ILE G 302 15.68 3.82 -19.60
CA ILE G 302 15.28 4.45 -18.36
C ILE G 302 14.28 5.61 -18.59
N PRO G 303 14.64 6.61 -19.41
CA PRO G 303 13.70 7.71 -19.65
C PRO G 303 12.34 7.25 -20.19
N PHE G 304 12.33 6.22 -21.03
CA PHE G 304 11.08 5.71 -21.60
C PHE G 304 10.21 5.09 -20.51
N LEU G 305 10.84 4.32 -19.61
CA LEU G 305 10.10 3.69 -18.52
C LEU G 305 9.55 4.75 -17.55
N ASP G 306 10.38 5.74 -17.19
CA ASP G 306 9.94 6.80 -16.27
C ASP G 306 8.78 7.60 -16.86
N PHE G 307 8.86 7.88 -18.16
CA PHE G 307 7.87 8.69 -18.85
C PHE G 307 6.57 7.98 -19.25
N PHE G 308 6.69 6.79 -19.83
CA PHE G 308 5.54 6.03 -20.32
C PHE G 308 5.09 4.82 -19.53
N VAL G 309 5.99 3.86 -19.34
CA VAL G 309 5.64 2.62 -18.69
C VAL G 309 5.40 2.65 -17.18
N ILE G 310 6.37 3.11 -16.40
CA ILE G 310 6.18 3.14 -14.95
C ILE G 310 4.90 3.88 -14.58
N PRO G 311 4.75 5.14 -15.00
CA PRO G 311 3.52 5.84 -14.64
C PRO G 311 2.22 5.11 -15.02
N THR G 312 2.21 4.43 -16.16
CA THR G 312 1.01 3.71 -16.55
C THR G 312 0.72 2.59 -15.55
N PHE G 313 1.77 1.91 -15.09
CA PHE G 313 1.57 0.82 -14.13
C PHE G 313 1.45 1.27 -12.68
N ASP G 314 1.88 2.50 -12.40
CA ASP G 314 1.77 3.00 -11.05
C ASP G 314 0.31 3.34 -10.84
N LEU G 315 -0.27 3.88 -11.90
CA LEU G 315 -1.67 4.26 -11.88
C LEU G 315 -2.48 2.97 -11.86
N LEU G 316 -2.05 1.98 -12.63
CA LEU G 316 -2.76 0.71 -12.68
C LEU G 316 -2.85 0.13 -11.27
N HIS G 317 -1.74 0.19 -10.53
CA HIS G 317 -1.71 -0.32 -9.16
C HIS G 317 -2.60 0.47 -8.21
N GLN G 318 -2.79 1.77 -8.47
CA GLN G 318 -3.64 2.58 -7.61
C GLN G 318 -5.12 2.31 -7.90
N LEU G 319 -5.42 1.91 -9.13
CA LEU G 319 -6.80 1.61 -9.50
C LEU G 319 -7.21 0.16 -9.18
N PHE G 320 -6.21 -0.71 -9.08
CA PHE G 320 -6.41 -2.13 -8.76
C PHE G 320 -5.25 -2.51 -7.84
N PRO G 321 -5.39 -2.21 -6.54
CA PRO G 321 -4.42 -2.46 -5.47
C PRO G 321 -3.70 -3.80 -5.47
N SER G 322 -4.39 -4.87 -5.85
CA SER G 322 -3.77 -6.19 -5.86
C SER G 322 -2.67 -6.36 -6.91
N ILE G 323 -2.76 -5.64 -8.01
CA ILE G 323 -1.77 -5.71 -9.09
C ILE G 323 -0.51 -4.90 -8.81
N GLU G 324 0.44 -5.50 -8.08
CA GLU G 324 1.67 -4.83 -7.72
C GLU G 324 2.88 -5.32 -8.54
N GLU G 325 2.86 -6.61 -8.86
CA GLU G 325 3.94 -7.26 -9.60
C GLU G 325 4.54 -6.47 -10.79
N PRO G 326 3.68 -5.98 -11.71
CA PRO G 326 4.23 -5.23 -12.84
C PRO G 326 5.12 -4.06 -12.41
N LEU G 327 4.58 -3.19 -11.56
CA LEU G 327 5.31 -2.04 -11.06
C LEU G 327 6.60 -2.45 -10.38
N HIS G 328 6.49 -3.43 -9.48
CA HIS G 328 7.66 -3.93 -8.75
C HIS G 328 8.71 -4.42 -9.76
N ASN G 329 8.26 -5.10 -10.82
CA ASN G 329 9.17 -5.58 -11.85
C ASN G 329 9.84 -4.44 -12.59
N LEU G 330 9.07 -3.40 -12.93
CA LEU G 330 9.64 -2.25 -13.63
C LEU G 330 10.72 -1.62 -12.77
N ARG G 331 10.45 -1.46 -11.47
CA ARG G 331 11.41 -0.84 -10.57
C ARG G 331 12.73 -1.60 -10.52
N LYS G 332 12.65 -2.93 -10.51
CA LYS G 332 13.87 -3.73 -10.50
C LYS G 332 14.57 -3.63 -11.87
N LEU G 333 13.80 -3.63 -12.95
CA LEU G 333 14.38 -3.53 -14.28
C LEU G 333 15.16 -2.22 -14.37
N ARG G 334 14.52 -1.14 -13.93
CA ARG G 334 15.12 0.18 -13.95
C ARG G 334 16.38 0.21 -13.08
N GLU G 335 16.30 -0.44 -11.92
CA GLU G 335 17.41 -0.49 -11.00
C GLU G 335 18.59 -1.11 -11.74
N LEU G 336 18.31 -2.19 -12.44
CA LEU G 336 19.32 -2.92 -13.21
C LEU G 336 19.95 -2.02 -14.28
N TYR G 337 19.11 -1.40 -15.11
CA TYR G 337 19.62 -0.53 -16.15
C TYR G 337 20.43 0.60 -15.53
N ALA G 338 19.95 1.13 -14.41
CA ALA G 338 20.63 2.23 -13.72
C ALA G 338 22.00 1.85 -13.18
N ALA G 339 22.15 0.59 -12.78
CA ALA G 339 23.43 0.13 -12.23
C ALA G 339 24.29 -0.61 -13.23
N LYS G 340 23.87 -0.64 -14.50
CA LYS G 340 24.65 -1.34 -15.51
C LYS G 340 26.05 -0.73 -15.64
N ALA G 341 27.03 -1.43 -15.10
CA ALA G 341 28.43 -0.99 -15.14
C ALA G 341 29.33 -2.19 -15.40
N THR H 11 28.52 42.34 10.12
CA THR H 11 28.42 41.02 9.42
C THR H 11 29.56 40.12 9.89
N ARG H 12 29.53 38.86 9.46
CA ARG H 12 30.56 37.88 9.81
C ARG H 12 31.95 38.26 9.36
N ARG H 13 32.91 37.44 9.75
CA ARG H 13 34.29 37.64 9.36
C ARG H 13 34.66 36.43 8.51
N LEU H 14 34.66 36.63 7.20
CA LEU H 14 35.00 35.57 6.25
C LEU H 14 36.43 35.83 5.78
N PRO H 15 37.06 34.85 5.14
CA PRO H 15 38.43 35.05 4.67
C PRO H 15 38.39 35.78 3.33
N PRO H 16 39.53 36.34 2.90
CA PRO H 16 39.50 37.03 1.60
C PRO H 16 39.17 36.02 0.50
N SER H 17 38.54 36.50 -0.57
CA SER H 17 38.16 35.62 -1.67
C SER H 17 39.31 35.34 -2.62
N ILE H 18 39.27 34.19 -3.28
CA ILE H 18 40.32 33.85 -4.23
C ILE H 18 39.87 34.36 -5.59
N VAL H 19 38.66 34.89 -5.66
CA VAL H 19 38.11 35.42 -6.91
C VAL H 19 38.43 36.90 -7.04
N GLN H 20 38.99 37.30 -8.17
CA GLN H 20 39.33 38.69 -8.40
C GLN H 20 38.09 39.49 -8.75
N ASP H 21 38.01 40.73 -8.27
CA ASP H 21 36.87 41.58 -8.53
C ASP H 21 36.77 41.93 -10.01
N THR H 22 35.55 42.10 -10.49
CA THR H 22 35.33 42.44 -11.90
C THR H 22 36.04 43.72 -12.29
N ILE H 23 36.74 43.67 -13.42
CA ILE H 23 37.46 44.82 -13.92
C ILE H 23 36.61 45.50 -14.98
N LEU H 24 36.04 46.64 -14.64
CA LEU H 24 35.18 47.39 -15.55
C LEU H 24 35.96 48.25 -16.54
N ALA H 25 37.25 48.44 -16.26
CA ALA H 25 38.13 49.27 -17.09
C ALA H 25 38.03 48.98 -18.58
N VAL H 26 37.99 50.04 -19.37
CA VAL H 26 37.91 49.90 -20.81
C VAL H 26 39.29 49.55 -21.35
N VAL H 27 39.34 48.62 -22.30
CA VAL H 27 40.60 48.21 -22.88
C VAL H 27 40.47 48.12 -24.40
N PRO H 28 41.43 48.72 -25.14
CA PRO H 28 41.37 48.68 -26.59
C PRO H 28 41.32 47.26 -27.16
N PRO H 29 40.41 47.01 -28.10
CA PRO H 29 40.30 45.68 -28.70
C PRO H 29 41.46 45.40 -29.64
N LYS H 30 41.81 44.14 -29.80
CA LYS H 30 42.91 43.77 -30.68
C LYS H 30 42.47 43.71 -32.14
N SER H 31 43.44 43.65 -33.04
CA SER H 31 43.18 43.64 -34.47
C SER H 31 42.19 42.59 -34.99
N CYS H 32 41.93 41.57 -34.18
CA CYS H 32 41.02 40.51 -34.61
C CYS H 32 41.47 39.97 -35.96
N ALA H 33 42.57 39.23 -35.96
CA ALA H 33 43.11 38.65 -37.19
C ALA H 33 42.14 37.61 -37.76
N ALA H 34 42.53 36.97 -38.85
CA ALA H 34 41.71 35.95 -39.48
C ALA H 34 42.13 34.58 -38.97
N ILE H 35 41.15 33.73 -38.67
CA ILE H 35 41.43 32.39 -38.16
C ILE H 35 41.03 31.25 -39.11
N GLY H 36 40.52 31.61 -40.29
CA GLY H 36 40.12 30.59 -41.23
C GLY H 36 38.94 30.94 -42.12
N THR H 37 38.49 29.98 -42.91
CA THR H 37 37.36 30.14 -43.82
C THR H 37 36.04 30.12 -43.04
N ASP H 38 34.95 30.50 -43.69
CA ASP H 38 33.66 30.48 -43.03
C ASP H 38 33.26 29.03 -42.83
N VAL H 39 34.00 28.13 -43.47
CA VAL H 39 33.76 26.70 -43.35
C VAL H 39 34.57 26.16 -42.18
N ASP H 40 35.74 26.76 -41.96
CA ASP H 40 36.61 26.33 -40.86
C ASP H 40 35.96 26.61 -39.52
N LEU H 41 35.36 27.80 -39.40
CA LEU H 41 34.75 28.21 -38.15
C LEU H 41 33.42 27.54 -37.82
N ARG H 42 32.89 26.75 -38.76
CA ARG H 42 31.66 26.02 -38.52
C ARG H 42 32.04 24.57 -38.29
N ASP H 43 33.33 24.29 -38.41
CA ASP H 43 33.84 22.94 -38.25
C ASP H 43 34.22 22.57 -36.82
N TRP H 44 33.70 21.43 -36.38
CA TRP H 44 33.93 20.91 -35.04
C TRP H 44 35.43 20.65 -34.84
N GLY H 45 36.16 20.53 -35.94
CA GLY H 45 37.59 20.26 -35.87
C GLY H 45 38.46 21.48 -35.57
N PHE H 46 37.82 22.63 -35.40
CA PHE H 46 38.55 23.86 -35.10
C PHE H 46 39.48 23.62 -33.89
N ASP H 47 40.72 24.10 -33.99
CA ASP H 47 41.70 23.92 -32.92
C ASP H 47 41.98 25.26 -32.26
N THR H 48 41.16 25.63 -31.27
CA THR H 48 41.31 26.91 -30.60
C THR H 48 42.70 27.12 -29.99
N PHE H 49 43.23 26.10 -29.33
CA PHE H 49 44.56 26.24 -28.73
C PHE H 49 45.60 26.63 -29.76
N GLU H 50 45.57 25.96 -30.91
CA GLU H 50 46.53 26.23 -31.98
C GLU H 50 46.35 27.64 -32.55
N VAL H 51 45.11 27.99 -32.88
CA VAL H 51 44.83 29.31 -33.44
C VAL H 51 45.23 30.45 -32.49
N ALA H 52 45.13 30.20 -31.19
CA ALA H 52 45.48 31.22 -30.20
C ALA H 52 46.99 31.41 -30.13
N SER H 53 47.73 30.42 -30.60
CA SER H 53 49.18 30.49 -30.57
C SER H 53 49.67 31.42 -31.69
N ARG H 54 48.88 31.51 -32.76
CA ARG H 54 49.22 32.36 -33.88
C ARG H 54 48.73 33.78 -33.61
N VAL H 55 47.43 34.01 -33.85
CA VAL H 55 46.79 35.31 -33.66
C VAL H 55 46.91 35.86 -32.25
N PRO H 56 46.77 37.18 -32.09
CA PRO H 56 46.86 37.85 -30.79
C PRO H 56 45.75 37.51 -29.78
N SER H 57 44.52 37.34 -30.27
CA SER H 57 43.40 37.00 -29.40
C SER H 57 42.36 36.19 -30.17
N VAL H 58 42.35 34.88 -29.92
CA VAL H 58 41.40 34.01 -30.61
C VAL H 58 39.96 34.28 -30.16
N LEU H 59 39.77 34.63 -28.89
CA LEU H 59 38.44 34.91 -28.37
C LEU H 59 37.84 36.12 -29.09
N GLN H 60 38.60 37.20 -29.21
CA GLN H 60 38.11 38.39 -29.89
C GLN H 60 37.91 38.16 -31.38
N SER H 61 38.65 37.20 -31.94
CA SER H 61 38.52 36.88 -33.36
C SER H 61 37.30 36.02 -33.59
N VAL H 62 37.14 35.00 -32.76
CA VAL H 62 35.99 34.11 -32.89
C VAL H 62 34.71 34.92 -32.65
N ALA H 63 34.72 35.71 -31.60
CA ALA H 63 33.57 36.53 -31.23
C ALA H 63 33.10 37.40 -32.38
N MET H 64 34.00 38.18 -32.96
CA MET H 64 33.62 39.05 -34.07
C MET H 64 33.17 38.24 -35.27
N HIS H 65 33.79 37.09 -35.49
CA HIS H 65 33.38 36.25 -36.61
C HIS H 65 31.93 35.86 -36.41
N VAL H 66 31.65 35.24 -35.25
CA VAL H 66 30.29 34.80 -34.94
C VAL H 66 29.33 35.97 -35.10
N ALA H 67 29.61 37.07 -34.40
CA ALA H 67 28.75 38.25 -34.46
C ALA H 67 28.38 38.65 -35.88
N LEU H 68 29.37 38.74 -36.75
CA LEU H 68 29.15 39.14 -38.14
C LEU H 68 28.48 38.05 -38.96
N ALA H 69 28.82 36.79 -38.66
CA ALA H 69 28.23 35.67 -39.38
C ALA H 69 26.74 35.60 -39.09
N TRP H 70 26.37 35.81 -37.84
CA TRP H 70 24.98 35.77 -37.45
C TRP H 70 24.27 37.13 -37.53
N ASP H 71 24.89 38.06 -38.26
CA ASP H 71 24.32 39.41 -38.47
C ASP H 71 23.81 40.06 -37.19
N PHE H 72 24.70 40.30 -36.24
CA PHE H 72 24.32 40.91 -34.97
C PHE H 72 23.96 42.39 -35.02
N PHE H 73 24.86 43.17 -35.59
CA PHE H 73 24.71 44.62 -35.64
C PHE H 73 24.05 45.25 -36.86
N ALA H 74 23.14 46.19 -36.59
CA ALA H 74 22.44 46.91 -37.64
C ALA H 74 23.11 48.26 -37.77
N SER H 75 24.12 48.49 -36.94
CA SER H 75 24.86 49.74 -36.93
C SER H 75 26.33 49.50 -36.60
N GLN H 76 27.18 50.41 -37.05
CA GLN H 76 28.61 50.33 -36.83
C GLN H 76 28.95 50.62 -35.36
N GLU H 77 28.05 51.30 -34.66
CA GLU H 77 28.27 51.64 -33.26
C GLU H 77 28.10 50.43 -32.36
N GLU H 78 27.15 49.57 -32.69
CA GLU H 78 26.89 48.37 -31.90
C GLU H 78 28.06 47.39 -32.02
N ALA H 79 28.65 47.31 -33.19
CA ALA H 79 29.78 46.42 -33.42
C ALA H 79 30.94 46.85 -32.54
N GLN H 80 31.17 48.17 -32.47
CA GLN H 80 32.26 48.71 -31.66
C GLN H 80 32.09 48.32 -30.21
N LYS H 81 30.85 48.39 -29.72
CA LYS H 81 30.56 48.04 -28.33
C LYS H 81 30.85 46.55 -28.10
N TRP H 82 30.47 45.73 -29.07
CA TRP H 82 30.72 44.30 -28.97
C TRP H 82 32.21 44.07 -28.84
N ALA H 83 32.97 44.57 -29.84
CA ALA H 83 34.42 44.43 -29.85
C ALA H 83 35.01 44.82 -28.51
N PHE H 84 34.56 45.95 -27.97
CA PHE H 84 35.06 46.41 -26.68
C PHE H 84 34.62 45.50 -25.53
N LEU H 85 33.42 44.93 -25.64
CA LEU H 85 32.90 44.03 -24.63
C LEU H 85 33.78 42.80 -24.53
N VAL H 86 34.05 42.18 -25.67
CA VAL H 86 34.88 40.98 -25.70
C VAL H 86 36.27 41.22 -25.11
N ALA H 87 36.85 42.37 -25.39
CA ALA H 87 38.18 42.68 -24.87
C ALA H 87 38.11 42.76 -23.35
N ALA H 88 37.12 43.50 -22.85
CA ALA H 88 36.95 43.63 -21.42
C ALA H 88 36.77 42.25 -20.82
N VAL H 89 35.94 41.43 -21.47
CA VAL H 89 35.70 40.08 -21.02
C VAL H 89 37.00 39.28 -20.93
N GLU H 90 37.79 39.33 -21.99
CA GLU H 90 39.07 38.62 -22.04
C GLU H 90 39.96 39.09 -20.88
N ASN H 91 39.81 40.36 -20.52
CA ASN H 91 40.58 40.94 -19.43
C ASN H 91 40.07 40.48 -18.07
N ASN H 92 38.98 39.71 -18.07
CA ASN H 92 38.41 39.21 -16.81
C ASN H 92 38.53 37.70 -16.62
N TYR H 93 39.29 37.07 -17.52
CA TYR H 93 39.54 35.63 -17.45
C TYR H 93 40.97 35.47 -16.92
N ARG H 94 41.13 34.77 -15.80
CA ARG H 94 42.45 34.56 -15.23
C ARG H 94 43.29 33.65 -16.13
N PRO H 95 44.63 33.75 -16.03
CA PRO H 95 45.53 32.92 -16.85
C PRO H 95 45.62 31.48 -16.35
N ASN H 96 44.48 30.88 -16.04
CA ASN H 96 44.46 29.50 -15.56
C ASN H 96 44.89 28.56 -16.68
N PRO H 97 45.19 27.31 -16.33
CA PRO H 97 45.61 26.29 -17.30
C PRO H 97 44.48 25.91 -18.26
N TYR H 98 43.26 25.79 -17.75
CA TYR H 98 42.10 25.39 -18.55
C TYR H 98 41.01 26.49 -18.64
N HIS H 99 40.40 26.80 -17.49
CA HIS H 99 39.35 27.81 -17.45
C HIS H 99 39.91 29.18 -17.68
N ASN H 100 40.23 29.43 -18.94
CA ASN H 100 40.80 30.70 -19.36
C ASN H 100 40.07 31.22 -20.60
N ALA H 101 40.56 32.33 -21.15
CA ALA H 101 39.97 32.94 -22.32
C ALA H 101 40.03 32.04 -23.57
N ILE H 102 40.95 31.09 -23.58
CA ILE H 102 41.08 30.18 -24.71
C ILE H 102 39.88 29.24 -24.67
N HIS H 103 39.53 28.81 -23.46
CA HIS H 103 38.40 27.93 -23.24
C HIS H 103 37.12 28.65 -23.70
N ALA H 104 37.00 29.91 -23.28
CA ALA H 104 35.84 30.73 -23.64
C ALA H 104 35.67 30.76 -25.16
N ALA H 105 36.77 30.91 -25.88
CA ALA H 105 36.73 30.95 -27.33
C ALA H 105 36.36 29.58 -27.89
N ASP H 106 36.84 28.52 -27.25
CA ASP H 106 36.55 27.16 -27.71
C ASP H 106 35.05 26.90 -27.55
N VAL H 107 34.51 27.27 -26.39
CA VAL H 107 33.10 27.08 -26.10
C VAL H 107 32.23 27.93 -27.04
N LEU H 108 32.64 29.17 -27.29
CA LEU H 108 31.89 30.03 -28.18
C LEU H 108 31.85 29.44 -29.59
N GLN H 109 33.04 29.14 -30.11
CA GLN H 109 33.19 28.57 -31.45
C GLN H 109 32.43 27.24 -31.55
N GLY H 110 32.46 26.47 -30.47
CA GLY H 110 31.78 25.19 -30.44
C GLY H 110 30.26 25.32 -30.46
N THR H 111 29.74 26.29 -29.72
CA THR H 111 28.31 26.51 -29.68
C THR H 111 27.89 26.97 -31.06
N PHE H 112 28.76 27.76 -31.69
CA PHE H 112 28.48 28.25 -33.03
C PHE H 112 28.50 27.09 -34.01
N SER H 113 29.49 26.21 -33.85
CA SER H 113 29.61 25.06 -34.73
C SER H 113 28.37 24.16 -34.63
N LEU H 114 28.09 23.67 -33.42
CA LEU H 114 26.94 22.79 -33.19
C LEU H 114 25.60 23.38 -33.64
N VAL H 115 25.38 24.64 -33.33
CA VAL H 115 24.13 25.29 -33.70
C VAL H 115 23.98 25.40 -35.22
N SER H 116 25.05 25.80 -35.90
CA SER H 116 25.03 25.94 -37.35
C SER H 116 24.70 24.62 -38.03
N ALA H 117 25.10 23.51 -37.41
CA ALA H 117 24.87 22.18 -37.96
C ALA H 117 23.50 21.62 -37.63
N ALA H 118 22.74 22.32 -36.79
CA ALA H 118 21.41 21.84 -36.42
C ALA H 118 20.34 22.62 -37.20
N LYS H 119 20.10 22.18 -38.43
CA LYS H 119 19.13 22.79 -39.34
C LYS H 119 17.81 23.19 -38.68
N PRO H 120 17.11 22.22 -38.08
CA PRO H 120 15.82 22.52 -37.43
C PRO H 120 15.89 23.63 -36.37
N LEU H 121 17.02 23.71 -35.65
CA LEU H 121 17.17 24.73 -34.62
C LEU H 121 17.50 26.10 -35.23
N MET H 122 18.37 26.11 -36.23
CA MET H 122 18.74 27.35 -36.90
C MET H 122 17.61 28.01 -37.68
N GLU H 123 16.64 27.20 -38.11
CA GLU H 123 15.50 27.69 -38.88
C GLU H 123 14.43 28.34 -38.02
N HIS H 124 14.63 28.34 -36.71
CA HIS H 124 13.65 28.92 -35.81
C HIS H 124 14.24 29.88 -34.78
N LEU H 125 15.56 29.94 -34.72
CA LEU H 125 16.21 30.85 -33.78
C LEU H 125 16.07 32.29 -34.20
N THR H 126 15.75 33.15 -33.24
CA THR H 126 15.60 34.57 -33.51
C THR H 126 16.97 35.19 -33.32
N PRO H 127 17.21 36.37 -33.92
CA PRO H 127 18.54 36.96 -33.73
C PRO H 127 18.80 37.27 -32.27
N LEU H 128 17.73 37.45 -31.51
CA LEU H 128 17.88 37.73 -30.10
C LEU H 128 18.45 36.50 -29.38
N GLU H 129 17.89 35.33 -29.70
CA GLU H 129 18.36 34.09 -29.07
C GLU H 129 19.80 33.76 -29.47
N CYS H 130 20.16 34.03 -30.73
CA CYS H 130 21.52 33.77 -31.19
C CYS H 130 22.49 34.67 -30.44
N LYS H 131 22.10 35.92 -30.25
CA LYS H 131 22.93 36.87 -29.52
C LYS H 131 23.15 36.41 -28.08
N ALA H 132 22.07 36.06 -27.41
CA ALA H 132 22.17 35.60 -26.03
C ALA H 132 23.03 34.35 -25.92
N ALA H 133 22.96 33.49 -26.94
CA ALA H 133 23.74 32.26 -26.93
C ALA H 133 25.24 32.56 -27.03
N ALA H 134 25.60 33.48 -27.91
CA ALA H 134 27.00 33.85 -28.08
C ALA H 134 27.50 34.60 -26.85
N PHE H 135 26.69 35.52 -26.35
CA PHE H 135 27.10 36.28 -25.17
C PHE H 135 27.37 35.31 -24.01
N ALA H 136 26.43 34.39 -23.79
CA ALA H 136 26.56 33.41 -22.73
C ALA H 136 27.82 32.56 -22.84
N ALA H 137 28.05 31.96 -24.02
CA ALA H 137 29.23 31.12 -24.23
C ALA H 137 30.49 31.93 -23.91
N LEU H 138 30.51 33.14 -24.44
CA LEU H 138 31.61 34.08 -24.27
C LEU H 138 31.96 34.31 -22.79
N THR H 139 30.93 34.60 -21.99
CA THR H 139 31.10 34.89 -20.57
C THR H 139 30.87 33.75 -19.59
N HIS H 140 30.53 32.56 -20.08
CA HIS H 140 30.21 31.44 -19.21
C HIS H 140 31.19 31.07 -18.09
N ASP H 141 32.47 31.43 -18.22
CA ASP H 141 33.44 31.11 -17.17
C ASP H 141 34.22 32.33 -16.68
N VAL H 142 33.77 33.52 -17.05
CA VAL H 142 34.47 34.74 -16.69
C VAL H 142 34.80 34.83 -15.20
N CYS H 143 36.07 35.14 -14.91
CA CYS H 143 36.58 35.26 -13.54
C CYS H 143 36.81 33.94 -12.81
N HIS H 144 36.73 32.83 -13.55
CA HIS H 144 36.93 31.52 -12.96
C HIS H 144 38.26 31.53 -12.21
N PRO H 145 38.25 31.18 -10.92
CA PRO H 145 39.45 31.15 -10.07
C PRO H 145 40.33 29.91 -10.24
N GLY H 146 39.89 28.97 -11.06
CA GLY H 146 40.69 27.77 -11.28
C GLY H 146 40.52 26.78 -10.14
N ARG H 147 39.39 26.91 -9.45
CA ARG H 147 39.06 26.02 -8.34
C ARG H 147 37.60 25.62 -8.52
N THR H 148 37.16 24.57 -7.84
CA THR H 148 35.79 24.10 -7.97
C THR H 148 34.82 24.71 -6.97
N ASN H 149 33.52 24.60 -7.26
CA ASN H 149 32.49 25.12 -6.37
C ASN H 149 32.66 24.50 -5.01
N ALA H 150 32.98 23.22 -4.99
CA ALA H 150 33.17 22.47 -3.74
C ALA H 150 34.38 22.98 -2.94
N PHE H 151 35.37 23.51 -3.64
CA PHE H 151 36.56 24.03 -2.97
C PHE H 151 36.15 25.35 -2.35
N LEU H 152 35.45 26.15 -3.14
CA LEU H 152 34.98 27.44 -2.68
C LEU H 152 34.18 27.25 -1.40
N ALA H 153 33.36 26.22 -1.38
CA ALA H 153 32.56 25.95 -0.19
C ALA H 153 33.47 25.49 0.95
N ALA H 154 34.38 24.56 0.64
CA ALA H 154 35.30 24.03 1.65
C ALA H 154 36.17 25.09 2.33
N VAL H 155 36.55 26.13 1.60
CA VAL H 155 37.37 27.19 2.17
C VAL H 155 36.50 28.37 2.63
N GLN H 156 35.18 28.20 2.52
CA GLN H 156 34.25 29.24 2.94
C GLN H 156 34.52 30.58 2.28
N ASP H 157 34.83 30.55 0.98
CA ASP H 157 35.10 31.77 0.23
C ASP H 157 33.86 32.67 0.23
N PRO H 158 34.07 33.99 0.39
CA PRO H 158 32.90 34.87 0.40
C PRO H 158 31.96 34.74 -0.81
N VAL H 159 32.47 34.32 -1.97
CA VAL H 159 31.58 34.20 -3.13
C VAL H 159 30.55 33.09 -2.91
N SER H 160 30.89 32.12 -2.07
CA SER H 160 29.97 31.02 -1.78
C SER H 160 28.83 31.53 -0.93
N PHE H 161 29.12 32.53 -0.09
CA PHE H 161 28.11 33.12 0.78
C PHE H 161 27.21 34.09 -0.01
N LYS H 162 27.81 34.78 -0.98
CA LYS H 162 27.06 35.73 -1.80
C LYS H 162 26.12 35.03 -2.78
N PHE H 163 26.59 33.94 -3.38
CA PHE H 163 25.77 33.20 -4.32
C PHE H 163 25.42 31.86 -3.71
N SER H 164 24.29 31.85 -2.98
CA SER H 164 23.80 30.68 -2.30
C SER H 164 23.21 29.65 -3.24
N GLY H 165 23.09 28.43 -2.74
CA GLY H 165 22.55 27.34 -3.54
C GLY H 165 23.60 26.79 -4.46
N LYS H 166 23.16 25.96 -5.40
CA LYS H 166 24.07 25.33 -6.35
C LYS H 166 24.60 26.29 -7.42
N GLY H 167 25.63 25.83 -8.14
CA GLY H 167 26.22 26.65 -9.19
C GLY H 167 26.78 27.99 -8.72
N THR H 168 27.61 27.95 -7.68
CA THR H 168 28.22 29.16 -7.15
C THR H 168 28.95 29.95 -8.22
N LEU H 169 29.89 29.29 -8.90
CA LEU H 169 30.66 29.96 -9.94
C LEU H 169 29.77 30.37 -11.11
N GLU H 170 28.85 29.51 -11.49
CA GLU H 170 27.95 29.82 -12.58
C GLU H 170 27.16 31.11 -12.28
N GLN H 171 26.69 31.25 -11.04
CA GLN H 171 25.96 32.45 -10.67
C GLN H 171 26.91 33.65 -10.77
N LEU H 172 28.15 33.46 -10.33
CA LEU H 172 29.12 34.55 -10.37
C LEU H 172 29.41 34.93 -11.82
N HIS H 173 29.64 33.94 -12.68
CA HIS H 173 29.93 34.22 -14.09
C HIS H 173 28.79 35.05 -14.66
N THR H 174 27.57 34.59 -14.41
CA THR H 174 26.36 35.25 -14.88
C THR H 174 26.30 36.69 -14.40
N ALA H 175 26.49 36.89 -13.10
CA ALA H 175 26.43 38.22 -12.51
C ALA H 175 27.50 39.13 -13.12
N THR H 176 28.71 38.58 -13.27
CA THR H 176 29.81 39.34 -13.84
C THR H 176 29.54 39.67 -15.29
N ALA H 177 28.87 38.75 -15.98
CA ALA H 177 28.55 38.95 -17.39
C ALA H 177 27.64 40.17 -17.53
N PHE H 178 26.58 40.21 -16.73
CA PHE H 178 25.65 41.34 -16.77
C PHE H 178 26.30 42.61 -16.24
N GLU H 179 27.24 42.46 -15.30
CA GLU H 179 27.96 43.60 -14.73
C GLU H 179 28.73 44.31 -15.84
N LEU H 180 29.39 43.51 -16.69
CA LEU H 180 30.15 44.05 -17.80
C LEU H 180 29.28 44.60 -18.92
N LEU H 181 28.15 43.96 -19.16
CA LEU H 181 27.25 44.41 -20.23
C LEU H 181 26.59 45.74 -19.90
N ASN H 182 26.51 46.06 -18.61
CA ASN H 182 25.90 47.30 -18.17
C ASN H 182 26.79 48.53 -18.42
N VAL H 183 28.08 48.29 -18.63
CA VAL H 183 29.02 49.38 -18.90
C VAL H 183 28.66 50.00 -20.26
N THR H 184 28.34 51.29 -20.24
CA THR H 184 27.95 52.01 -21.45
C THR H 184 28.74 51.65 -22.70
N GLU H 185 30.07 51.56 -22.57
CA GLU H 185 30.94 51.23 -23.70
C GLU H 185 30.85 49.80 -24.22
N PHE H 186 30.33 48.88 -23.42
CA PHE H 186 30.24 47.48 -23.86
C PHE H 186 28.81 47.04 -24.15
N ASP H 187 27.86 47.86 -23.72
CA ASP H 187 26.44 47.55 -23.89
C ASP H 187 25.98 47.49 -25.34
N PHE H 188 26.25 46.37 -26.01
CA PHE H 188 25.84 46.25 -27.41
C PHE H 188 24.35 46.00 -27.57
N THR H 189 23.65 45.80 -26.46
CA THR H 189 22.21 45.56 -26.49
C THR H 189 21.43 46.77 -25.96
N SER H 190 22.11 47.90 -25.80
CA SER H 190 21.46 49.11 -25.29
C SER H 190 20.27 49.55 -26.15
N SER H 191 20.41 49.45 -27.47
CA SER H 191 19.36 49.85 -28.38
C SER H 191 18.25 48.79 -28.44
N MET H 192 18.42 47.74 -27.64
CA MET H 192 17.46 46.66 -27.59
C MET H 192 16.26 47.10 -26.75
N ASP H 193 15.08 46.63 -27.15
CA ASP H 193 13.82 46.93 -26.48
C ASP H 193 13.86 46.49 -25.01
N ASN H 194 13.19 47.23 -24.13
CA ASN H 194 13.18 46.86 -22.71
C ASN H 194 12.65 45.45 -22.52
N ALA H 195 11.55 45.12 -23.20
CA ALA H 195 10.95 43.80 -23.10
C ALA H 195 11.87 42.75 -23.72
N SER H 196 12.56 43.13 -24.79
CA SER H 196 13.49 42.26 -25.48
C SER H 196 14.75 42.02 -24.66
N PHE H 197 15.18 43.03 -23.91
CA PHE H 197 16.37 42.89 -23.08
C PHE H 197 16.08 41.95 -21.91
N LEU H 198 14.86 41.98 -21.39
CA LEU H 198 14.48 41.10 -20.30
C LEU H 198 14.58 39.67 -20.83
N GLU H 199 14.05 39.45 -22.03
CA GLU H 199 14.09 38.16 -22.68
C GLU H 199 15.53 37.70 -22.77
N PHE H 200 16.38 38.61 -23.27
CA PHE H 200 17.81 38.36 -23.43
C PHE H 200 18.46 37.90 -22.12
N LYS H 201 18.21 38.63 -21.05
CA LYS H 201 18.80 38.28 -19.77
C LYS H 201 18.35 36.93 -19.26
N ASN H 202 17.05 36.67 -19.32
CA ASN H 202 16.55 35.38 -18.86
C ASN H 202 17.20 34.21 -19.62
N ILE H 203 17.36 34.35 -20.93
CA ILE H 203 17.98 33.30 -21.73
C ILE H 203 19.43 33.11 -21.26
N VAL H 204 20.20 34.20 -21.24
CA VAL H 204 21.60 34.15 -20.80
C VAL H 204 21.71 33.53 -19.39
N SER H 205 20.87 33.99 -18.47
CA SER H 205 20.90 33.48 -17.11
C SER H 205 20.69 31.95 -17.09
N HIS H 206 19.79 31.48 -17.95
CA HIS H 206 19.49 30.05 -18.04
C HIS H 206 20.67 29.29 -18.64
N LEU H 207 21.21 29.81 -19.74
CA LEU H 207 22.32 29.13 -20.43
C LEU H 207 23.56 28.99 -19.55
N ILE H 208 24.06 30.09 -19.01
CA ILE H 208 25.25 29.99 -18.16
C ILE H 208 24.94 29.10 -16.96
N GLY H 209 23.76 29.31 -16.38
CA GLY H 209 23.36 28.55 -15.22
C GLY H 209 23.46 27.04 -15.42
N HIS H 210 23.10 26.59 -16.61
CA HIS H 210 23.11 25.17 -16.93
C HIS H 210 24.43 24.55 -17.38
N THR H 211 25.54 25.27 -17.18
CA THR H 211 26.84 24.72 -17.52
C THR H 211 27.43 24.14 -16.22
N ASP H 212 26.64 24.19 -15.15
CA ASP H 212 27.04 23.66 -13.85
C ASP H 212 27.08 22.13 -13.92
N MET H 213 28.29 21.57 -13.92
CA MET H 213 28.48 20.12 -14.03
C MET H 213 27.68 19.28 -13.03
N SER H 214 27.37 19.84 -11.86
CA SER H 214 26.64 19.12 -10.83
C SER H 214 25.25 18.63 -11.25
N LEU H 215 24.63 19.34 -12.19
CA LEU H 215 23.30 19.00 -12.68
C LEU H 215 23.29 17.91 -13.76
N HIS H 216 24.44 17.26 -13.99
CA HIS H 216 24.54 16.24 -15.02
C HIS H 216 23.38 15.24 -15.06
N SER H 217 23.22 14.47 -13.98
CA SER H 217 22.17 13.48 -13.92
C SER H 217 20.77 14.00 -14.20
N GLU H 218 20.41 15.16 -13.69
CA GLU H 218 19.07 15.68 -13.93
C GLU H 218 18.89 16.26 -15.33
N THR H 219 19.98 16.70 -15.97
CA THR H 219 19.85 17.25 -17.32
C THR H 219 19.73 16.10 -18.30
N VAL H 220 20.34 14.96 -17.95
CA VAL H 220 20.28 13.78 -18.80
C VAL H 220 18.85 13.28 -18.78
N ALA H 221 18.29 13.14 -17.59
CA ALA H 221 16.91 12.69 -17.43
C ALA H 221 15.93 13.63 -18.12
N LYS H 222 16.17 14.92 -17.97
CA LYS H 222 15.33 15.96 -18.55
C LYS H 222 15.30 15.86 -20.08
N HIS H 223 16.47 15.78 -20.69
CA HIS H 223 16.56 15.67 -22.14
C HIS H 223 16.10 14.31 -22.64
N GLY H 224 16.33 13.28 -21.83
CA GLY H 224 15.90 11.95 -22.22
C GLY H 224 14.39 11.92 -22.27
N ALA H 225 13.77 12.63 -21.33
CA ALA H 225 12.31 12.71 -21.26
C ALA H 225 11.75 13.43 -22.47
N LYS H 226 12.46 14.48 -22.89
CA LYS H 226 12.04 15.26 -24.05
C LYS H 226 12.00 14.33 -25.26
N LEU H 227 12.95 13.40 -25.28
CA LEU H 227 13.04 12.44 -26.37
C LEU H 227 11.80 11.54 -26.41
N SER H 228 11.37 11.08 -25.25
CA SER H 228 10.20 10.22 -25.19
C SER H 228 8.96 11.00 -25.59
N ALA H 229 9.11 12.32 -25.68
CA ALA H 229 7.99 13.17 -26.04
C ALA H 229 8.01 13.69 -27.49
N GLY H 230 9.11 13.48 -28.20
CA GLY H 230 9.16 13.96 -29.59
C GLY H 230 10.51 14.52 -30.01
N GLY H 231 11.32 14.93 -29.03
CA GLY H 231 12.65 15.43 -29.33
C GLY H 231 12.89 16.86 -29.82
N PHE H 232 12.30 17.85 -29.14
CA PHE H 232 12.45 19.27 -29.48
C PHE H 232 11.59 19.81 -30.61
N ASP H 233 10.62 20.64 -30.24
CA ASP H 233 9.74 21.29 -31.21
C ASP H 233 10.34 22.69 -31.24
N CYS H 234 11.20 22.94 -32.22
CA CYS H 234 11.88 24.23 -32.35
C CYS H 234 10.96 25.41 -32.65
N THR H 235 9.66 25.11 -32.66
CA THR H 235 8.63 26.11 -32.88
C THR H 235 8.34 26.71 -31.51
N CYS H 236 8.58 25.90 -30.48
CA CYS H 236 8.36 26.34 -29.12
C CYS H 236 9.60 27.00 -28.54
N LYS H 237 9.42 28.25 -28.13
CA LYS H 237 10.46 29.06 -27.53
C LYS H 237 11.24 28.33 -26.43
N GLU H 238 10.51 27.70 -25.52
CA GLU H 238 11.11 26.97 -24.41
C GLU H 238 12.00 25.80 -24.88
N ASP H 239 11.55 25.07 -25.89
CA ASP H 239 12.33 23.95 -26.41
C ASP H 239 13.64 24.46 -27.04
N ARG H 240 13.58 25.61 -27.70
CA ARG H 240 14.80 26.15 -28.31
C ARG H 240 15.78 26.53 -27.20
N LEU H 241 15.26 27.06 -26.09
CA LEU H 241 16.13 27.43 -24.97
C LEU H 241 16.79 26.18 -24.39
N GLU H 242 16.01 25.11 -24.27
CA GLU H 242 16.53 23.85 -23.74
C GLU H 242 17.57 23.28 -24.69
N ALA H 243 17.29 23.36 -25.99
CA ALA H 243 18.22 22.85 -27.00
C ALA H 243 19.52 23.65 -26.93
N LEU H 244 19.40 24.98 -26.95
CA LEU H 244 20.57 25.87 -26.89
C LEU H 244 21.39 25.52 -25.66
N SER H 245 20.67 25.25 -24.57
CA SER H 245 21.28 24.91 -23.30
C SER H 245 22.07 23.60 -23.36
N LEU H 246 21.52 22.60 -24.04
CA LEU H 246 22.20 21.32 -24.18
C LEU H 246 23.44 21.48 -25.05
N LEU H 247 23.31 22.24 -26.14
CA LEU H 247 24.45 22.44 -27.03
C LEU H 247 25.57 23.21 -26.34
N LEU H 248 25.23 24.24 -25.58
CA LEU H 248 26.23 25.05 -24.89
C LEU H 248 27.03 24.15 -23.97
N HIS H 249 26.33 23.34 -23.18
CA HIS H 249 26.98 22.43 -22.26
C HIS H 249 27.91 21.48 -23.01
N ALA H 250 27.43 20.94 -24.13
CA ALA H 250 28.23 20.02 -24.94
C ALA H 250 29.48 20.75 -25.40
N ALA H 251 29.32 21.99 -25.81
CA ALA H 251 30.45 22.80 -26.25
C ALA H 251 31.43 22.95 -25.10
N ASP H 252 30.90 23.24 -23.91
CA ASP H 252 31.72 23.41 -22.72
C ASP H 252 32.63 22.22 -22.43
N ILE H 253 32.09 21.02 -22.56
CA ILE H 253 32.88 19.83 -22.29
C ILE H 253 33.14 19.02 -23.56
N GLY H 254 33.15 19.67 -24.73
CA GLY H 254 33.35 18.94 -25.96
C GLY H 254 34.73 18.89 -26.60
N ALA H 255 35.73 19.48 -25.95
CA ALA H 255 37.07 19.49 -26.51
C ALA H 255 37.51 18.07 -26.90
N SER H 256 37.31 17.12 -25.99
CA SER H 256 37.71 15.74 -26.25
C SER H 256 36.92 15.02 -27.35
N SER H 257 35.99 15.72 -28.00
CA SER H 257 35.21 15.09 -29.06
C SER H 257 35.55 15.73 -30.39
N ARG H 258 36.56 16.60 -30.36
CA ARG H 258 37.00 17.30 -31.57
C ARG H 258 38.17 16.58 -32.24
N GLY H 259 38.53 15.43 -31.69
CA GLY H 259 39.64 14.68 -32.25
C GLY H 259 40.65 14.36 -31.18
N VAL H 260 41.47 13.35 -31.41
CA VAL H 260 42.48 12.96 -30.45
C VAL H 260 43.48 14.08 -30.21
N ALA H 261 43.83 14.78 -31.29
CA ALA H 261 44.78 15.89 -31.21
C ALA H 261 44.30 16.92 -30.20
N ILE H 262 43.24 17.64 -30.54
CA ILE H 262 42.68 18.66 -29.66
C ILE H 262 42.51 18.11 -28.22
N ALA H 263 42.02 16.89 -28.10
CA ALA H 263 41.79 16.26 -26.80
C ALA H 263 42.99 16.30 -25.86
N ARG H 264 44.15 15.85 -26.32
CA ARG H 264 45.34 15.85 -25.48
C ARG H 264 45.65 17.24 -24.93
N LYS H 265 45.55 18.25 -25.79
CA LYS H 265 45.83 19.62 -25.39
C LYS H 265 44.99 20.10 -24.21
N TRP H 266 43.71 19.73 -24.20
CA TRP H 266 42.83 20.17 -23.13
C TRP H 266 42.91 19.36 -21.85
N LEU H 267 43.91 18.50 -21.75
CA LEU H 267 44.09 17.71 -20.54
C LEU H 267 44.74 18.61 -19.49
N VAL H 268 45.05 19.85 -19.86
CA VAL H 268 45.65 20.80 -18.94
C VAL H 268 44.72 21.01 -17.75
N ILE H 269 43.47 20.58 -17.92
CA ILE H 269 42.47 20.68 -16.88
C ILE H 269 43.02 20.00 -15.62
N LEU H 270 43.73 18.89 -15.82
CA LEU H 270 44.29 18.14 -14.71
C LEU H 270 45.30 18.98 -13.92
N GLN H 271 45.89 19.98 -14.57
CA GLN H 271 46.86 20.85 -13.92
C GLN H 271 46.15 21.62 -12.80
N GLU H 272 44.92 22.06 -13.08
CA GLU H 272 44.15 22.80 -12.10
C GLU H 272 43.77 21.87 -10.94
N PHE H 273 43.46 20.62 -11.26
CA PHE H 273 43.10 19.64 -10.24
C PHE H 273 44.25 19.36 -9.30
N ALA H 274 45.44 19.18 -9.88
CA ALA H 274 46.63 18.90 -9.08
C ALA H 274 46.89 20.12 -8.20
N ASP H 275 46.80 21.32 -8.80
CA ASP H 275 47.01 22.55 -8.08
C ASP H 275 46.01 22.66 -6.93
N GLN H 276 44.77 22.26 -7.18
CA GLN H 276 43.74 22.33 -6.14
C GLN H 276 43.99 21.34 -5.01
N ALA H 277 44.38 20.12 -5.38
CA ALA H 277 44.65 19.08 -4.39
C ALA H 277 45.76 19.50 -3.43
N GLU H 278 46.79 20.14 -3.96
CA GLU H 278 47.89 20.65 -3.13
C GLU H 278 47.41 21.83 -2.29
N ASP H 279 46.57 22.66 -2.88
CA ASP H 279 46.04 23.83 -2.17
C ASP H 279 45.22 23.33 -0.99
N GLU H 280 44.41 22.30 -1.23
CA GLU H 280 43.58 21.69 -0.20
C GLU H 280 44.44 21.16 0.93
N ARG H 281 45.50 20.46 0.57
CA ARG H 281 46.41 19.89 1.55
C ARG H 281 47.05 20.96 2.43
N ARG H 282 47.49 22.05 1.79
CA ARG H 282 48.13 23.16 2.51
C ARG H 282 47.15 23.85 3.45
N ARG H 283 45.90 23.94 3.03
CA ARG H 283 44.90 24.57 3.87
C ARG H 283 44.45 23.59 4.95
N GLY H 284 44.91 22.35 4.85
CA GLY H 284 44.55 21.34 5.83
C GLY H 284 43.18 20.73 5.59
N LEU H 285 42.69 20.82 4.37
CA LEU H 285 41.38 20.27 4.02
C LEU H 285 41.48 18.91 3.36
N PRO H 286 40.41 18.11 3.41
CA PRO H 286 40.47 16.79 2.78
C PRO H 286 40.75 16.96 1.28
N VAL H 287 41.63 16.12 0.74
CA VAL H 287 41.98 16.20 -0.67
C VAL H 287 40.94 15.50 -1.54
N THR H 288 40.57 16.16 -2.63
CA THR H 288 39.58 15.61 -3.54
C THR H 288 40.08 14.32 -4.20
N PRO H 289 39.25 13.26 -4.15
CA PRO H 289 39.46 11.91 -4.68
C PRO H 289 40.46 11.69 -5.80
N GLY H 290 40.22 12.25 -6.98
CA GLY H 290 41.15 12.02 -8.08
C GLY H 290 41.85 13.24 -8.66
N PHE H 291 42.06 14.27 -7.85
CA PHE H 291 42.71 15.47 -8.37
C PHE H 291 44.23 15.40 -8.48
N GLU H 292 44.86 14.61 -7.62
CA GLU H 292 46.30 14.47 -7.70
C GLU H 292 46.66 13.78 -9.01
N THR H 293 47.80 14.17 -9.60
CA THR H 293 48.25 13.58 -10.85
C THR H 293 48.18 12.06 -10.78
N PRO H 294 47.35 11.44 -11.63
CA PRO H 294 47.18 9.98 -11.66
C PRO H 294 48.35 9.23 -12.32
N SER H 295 48.40 7.92 -12.07
CA SER H 295 49.45 7.08 -12.65
C SER H 295 49.38 7.10 -14.17
N SER H 296 48.19 6.86 -14.73
CA SER H 296 48.00 6.90 -16.18
C SER H 296 46.95 7.92 -16.56
N VAL H 297 47.39 9.01 -17.18
CA VAL H 297 46.49 10.07 -17.59
C VAL H 297 45.40 9.57 -18.54
N GLU H 298 45.75 8.63 -19.41
CA GLU H 298 44.81 8.07 -20.38
C GLU H 298 43.78 7.17 -19.72
N LYS H 299 44.24 6.19 -18.94
CA LYS H 299 43.35 5.27 -18.27
C LYS H 299 42.41 5.96 -17.28
N SER H 300 42.75 7.18 -16.89
CA SER H 300 41.93 7.93 -15.94
C SER H 300 40.86 8.77 -16.67
N GLN H 301 41.01 8.89 -17.98
CA GLN H 301 40.06 9.64 -18.80
C GLN H 301 38.84 8.79 -19.14
N ILE H 302 39.07 7.51 -19.36
CA ILE H 302 38.02 6.56 -19.72
C ILE H 302 36.76 6.64 -18.86
N PRO H 303 36.91 6.64 -17.53
CA PRO H 303 35.72 6.71 -16.69
C PRO H 303 34.95 8.04 -16.84
N PHE H 304 35.70 9.10 -17.16
CA PHE H 304 35.12 10.42 -17.34
C PHE H 304 34.39 10.50 -18.67
N LEU H 305 34.91 9.78 -19.66
CA LEU H 305 34.28 9.77 -20.97
C LEU H 305 33.02 8.92 -20.94
N ASP H 306 33.11 7.77 -20.29
CA ASP H 306 31.97 6.86 -20.20
C ASP H 306 30.81 7.41 -19.38
N PHE H 307 31.11 8.18 -18.35
CA PHE H 307 30.06 8.71 -17.49
C PHE H 307 29.64 10.15 -17.72
N PHE H 308 30.47 10.94 -18.38
CA PHE H 308 30.12 12.33 -18.60
C PHE H 308 30.08 12.81 -20.05
N VAL H 309 31.20 12.71 -20.74
CA VAL H 309 31.29 13.19 -22.11
C VAL H 309 30.51 12.36 -23.13
N ILE H 310 30.74 11.05 -23.17
CA ILE H 310 30.03 10.21 -24.12
C ILE H 310 28.52 10.29 -23.96
N PRO H 311 27.99 10.02 -22.74
CA PRO H 311 26.54 10.10 -22.58
C PRO H 311 25.91 11.45 -22.95
N THR H 312 26.69 12.52 -22.88
CA THR H 312 26.16 13.83 -23.26
C THR H 312 26.07 13.95 -24.78
N PHE H 313 27.10 13.49 -25.47
CA PHE H 313 27.10 13.56 -26.92
C PHE H 313 26.20 12.52 -27.58
N ASP H 314 25.88 11.46 -26.86
CA ASP H 314 24.99 10.46 -27.43
C ASP H 314 23.59 11.04 -27.39
N LEU H 315 23.24 11.59 -26.23
CA LEU H 315 21.94 12.21 -26.04
C LEU H 315 21.82 13.29 -27.12
N LEU H 316 22.88 14.06 -27.31
CA LEU H 316 22.89 15.12 -28.31
C LEU H 316 22.60 14.48 -29.68
N HIS H 317 23.29 13.40 -30.00
CA HIS H 317 23.07 12.71 -31.28
C HIS H 317 21.64 12.21 -31.42
N GLN H 318 21.09 11.67 -30.33
CA GLN H 318 19.71 11.17 -30.38
C GLN H 318 18.71 12.29 -30.64
N LEU H 319 18.91 13.46 -30.00
CA LEU H 319 18.00 14.59 -30.20
C LEU H 319 18.25 15.29 -31.53
N PHE H 320 19.47 15.19 -32.05
CA PHE H 320 19.84 15.79 -33.32
C PHE H 320 20.66 14.76 -34.11
N PRO H 321 19.98 13.86 -34.83
CA PRO H 321 20.61 12.82 -35.63
C PRO H 321 21.68 13.30 -36.61
N SER H 322 21.57 14.53 -37.09
CA SER H 322 22.56 15.06 -38.03
C SER H 322 23.92 15.39 -37.39
N ILE H 323 24.04 15.19 -36.08
CA ILE H 323 25.29 15.48 -35.38
C ILE H 323 25.96 14.19 -34.91
N GLU H 324 26.71 13.55 -35.81
CA GLU H 324 27.41 12.29 -35.53
C GLU H 324 28.88 12.43 -35.17
N GLU H 325 29.61 13.20 -35.98
CA GLU H 325 31.05 13.38 -35.81
C GLU H 325 31.55 13.37 -34.37
N PRO H 326 31.13 14.34 -33.55
CA PRO H 326 31.60 14.36 -32.16
C PRO H 326 31.55 12.99 -31.49
N LEU H 327 30.43 12.30 -31.63
CA LEU H 327 30.29 10.97 -31.01
C LEU H 327 31.27 9.96 -31.60
N HIS H 328 31.55 10.07 -32.90
CA HIS H 328 32.48 9.16 -33.55
C HIS H 328 33.90 9.36 -33.05
N ASN H 329 34.28 10.62 -32.85
CA ASN H 329 35.62 10.93 -32.36
C ASN H 329 35.76 10.45 -30.92
N LEU H 330 34.70 10.63 -30.14
CA LEU H 330 34.71 10.22 -28.75
C LEU H 330 35.02 8.73 -28.60
N ARG H 331 34.40 7.90 -29.45
CA ARG H 331 34.63 6.47 -29.40
C ARG H 331 36.04 6.11 -29.86
N LYS H 332 36.58 6.90 -30.78
CA LYS H 332 37.93 6.66 -31.28
C LYS H 332 38.95 7.08 -30.23
N LEU H 333 38.54 7.96 -29.32
CA LEU H 333 39.43 8.43 -28.26
C LEU H 333 39.48 7.38 -27.16
N ARG H 334 38.30 7.00 -26.67
CA ARG H 334 38.18 6.00 -25.60
C ARG H 334 38.91 4.73 -26.01
N GLU H 335 38.70 4.35 -27.26
CA GLU H 335 39.32 3.17 -27.84
C GLU H 335 40.83 3.36 -27.78
N LEU H 336 41.30 4.55 -28.14
CA LEU H 336 42.72 4.87 -28.14
C LEU H 336 43.35 4.85 -26.74
N TYR H 337 42.59 5.28 -25.73
CA TYR H 337 43.11 5.28 -24.37
C TYR H 337 43.16 3.87 -23.82
N ALA H 338 42.19 3.05 -24.20
CA ALA H 338 42.12 1.66 -23.76
C ALA H 338 43.36 0.89 -24.23
N ALA H 339 43.89 1.31 -25.36
CA ALA H 339 45.08 0.69 -25.95
C ALA H 339 46.33 1.03 -25.14
N LYS H 340 46.39 2.25 -24.65
CA LYS H 340 47.53 2.72 -23.86
C LYS H 340 47.73 1.79 -22.66
C16 WYQ I . -10.11 -10.02 26.16
C15 WYQ I . -11.62 -9.87 26.35
C17 WYQ I . -12.19 -11.20 26.88
O6 WYQ I . -11.87 -8.81 27.26
C14 WYQ I . -13.20 -8.60 27.47
O5 WYQ I . -14.01 -9.32 26.88
N5 WYQ I . -13.56 -7.64 28.32
S1 WYQ I . -14.63 -6.62 27.62
O4 WYQ I . -15.45 -6.04 28.64
O3 WYQ I . -15.51 -7.35 26.65
C8 WYQ I . -13.79 -5.33 26.81
C7 WYQ I . -12.45 -5.09 27.09
C9 WYQ I . -14.51 -4.45 26.01
C10 WYQ I . -13.89 -3.33 25.48
C11 WYQ I . -12.55 -3.08 25.75
O2 WYQ I . -11.92 -1.99 25.22
C12 WYQ I . -12.86 -0.99 24.81
C13 WYQ I . -13.11 -1.12 23.31
C6 WYQ I . -11.84 -3.95 26.56
C5 WYQ I . -10.54 -3.63 26.96
N4 WYQ I . -10.14 -2.28 26.89
C4 WYQ I . -8.88 -1.93 27.37
O1 WYQ I . -8.52 -0.75 27.32
N3 WYQ I . -9.73 -4.56 27.48
C2 WYQ I . -8.52 -4.23 27.95
C3 WYQ I . -8.07 -2.92 27.90
N2 WYQ I . -6.85 -2.94 28.43
C18 WYQ I . -6.08 -1.86 28.56
N1 WYQ I . -6.51 -4.07 28.78
C1 WYQ I . -7.48 -4.94 28.52
C19 WYQ I . -7.46 -6.44 28.83
C20 WYQ I . -7.58 -6.68 30.33
C21 WYQ I . -8.90 -7.37 30.67
ZN ZN J . -20.05 -2.07 22.07
MG MG K . -21.10 -5.45 23.83
C16 WYQ L . 9.42 -31.35 10.48
C15 WYQ L . 10.39 -31.52 11.65
C17 WYQ L . 11.41 -32.61 11.35
O6 WYQ L . 11.03 -30.26 11.89
C14 WYQ L . 10.25 -29.48 12.69
O5 WYQ L . 10.61 -28.33 12.94
N5 WYQ L . 9.10 -30.00 13.14
S1 WYQ L . 7.88 -28.92 13.06
O4 WYQ L . 8.12 -27.81 13.92
O3 WYQ L . 6.62 -29.62 13.49
C8 WYQ L . 7.67 -28.35 11.41
C7 WYQ L . 6.42 -28.50 10.81
C9 WYQ L . 8.73 -27.85 10.67
C10 WYQ L . 8.54 -27.50 9.34
C11 WYQ L . 7.30 -27.65 8.74
O2 WYQ L . 7.10 -27.34 7.43
C12 WYQ L . 8.34 -27.09 6.76
C13 WYQ L . 8.05 -26.26 5.50
C6 WYQ L . 6.23 -28.15 9.48
C5 WYQ L . 4.99 -28.36 8.90
N4 WYQ L . 4.83 -28.41 7.51
C4 WYQ L . 3.58 -28.72 6.96
O1 WYQ L . 3.43 -28.78 5.75
N3 WYQ L . 3.93 -28.59 9.70
C2 WYQ L . 2.73 -28.87 9.19
C3 WYQ L . 2.52 -28.94 7.83
N2 WYQ L . 1.24 -29.27 7.68
C18 WYQ L . 0.63 -29.42 6.51
N1 WYQ L . 0.65 -29.40 8.76
C1 WYQ L . 1.50 -29.17 9.76
C19 WYQ L . 1.18 -29.26 11.26
C20 WYQ L . 1.31 -30.70 11.74
C21 WYQ L . 2.32 -30.80 12.89
ZN ZN M . 15.43 -25.31 8.16
MG MG N . 15.69 -26.42 12.06
C16 WYQ O . -24.26 -31.01 2.70
C15 WYQ O . -24.99 -30.20 3.76
C17 WYQ O . -24.63 -28.72 3.60
O6 WYQ O . -26.40 -30.40 3.57
C14 WYQ O . -27.15 -29.80 4.53
O5 WYQ O . -26.58 -29.14 5.41
N5 WYQ O . -28.47 -29.93 4.46
S1 WYQ O . -29.00 -30.87 5.69
O4 WYQ O . -30.40 -31.08 5.54
O3 WYQ O . -28.74 -30.18 7.00
C8 WYQ O . -28.19 -32.42 5.66
C7 WYQ O . -27.78 -32.99 4.46
C9 WYQ O . -28.03 -33.14 6.84
C10 WYQ O . -27.48 -34.41 6.82
C11 WYQ O . -27.08 -34.98 5.61
O2 WYQ O . -26.57 -36.24 5.59
C12 WYQ O . -26.23 -36.71 6.89
C13 WYQ O . -25.92 -38.21 6.83
C6 WYQ O . -27.23 -34.27 4.44
C5 WYQ O . -26.88 -34.83 3.21
N4 WYQ O . -26.93 -36.22 3.05
C4 WYQ O . -26.71 -36.77 1.78
O1 WYQ O . -26.75 -37.99 1.61
N3 WYQ O . -26.61 -34.04 2.18
C2 WYQ O . -26.40 -34.55 0.95
C3 WYQ O . -26.45 -35.91 0.71
N2 WYQ O . -26.23 -36.07 -0.59
C18 WYQ O . -26.23 -37.24 -1.21
N1 WYQ O . -26.05 -35.00 -1.16
C1 WYQ O . -26.13 -33.98 -0.29
C19 WYQ O . -25.94 -32.50 -0.59
C20 WYQ O . -27.28 -31.87 -1.00
C21 WYQ O . -27.27 -30.36 -0.69
ZN ZN P . -28.36 -35.50 13.75
MG MG Q . -29.55 -31.59 13.60
C16 WYQ R . 22.03 -6.15 31.65
C15 WYQ R . 21.60 -4.72 31.34
C17 WYQ R . 21.13 -4.63 29.88
O6 WYQ R . 20.52 -4.32 32.20
C14 WYQ R . 20.96 -3.97 33.45
O5 WYQ R . 20.11 -3.57 34.26
N5 WYQ R . 22.25 -4.04 33.73
S1 WYQ R . 22.55 -5.10 34.94
O4 WYQ R . 23.96 -5.10 35.22
O3 WYQ R . 22.14 -6.47 34.51
C8 WYQ R . 21.68 -4.65 36.39
C7 WYQ R . 21.44 -3.32 36.68
C9 WYQ R . 21.25 -5.65 37.25
C10 WYQ R . 20.56 -5.31 38.42
C11 WYQ R . 20.31 -3.96 38.71
O2 WYQ R . 19.62 -3.62 39.83
C12 WYQ R . 19.89 -4.54 40.90
C13 WYQ R . 18.77 -4.46 41.94
C6 WYQ R . 20.75 -2.97 37.84
C5 WYQ R . 20.53 -1.63 38.13
N4 WYQ R . 20.22 -1.22 39.44
C4 WYQ R . 20.09 0.14 39.72
O1 WYQ R . 19.81 0.51 40.85
N3 WYQ R . 20.69 -0.72 37.16
C2 WYQ R . 20.56 0.59 37.41
C3 WYQ R . 20.27 1.05 38.68
N2 WYQ R . 20.25 2.38 38.60
C18 WYQ R . 20.02 3.19 39.63
N1 WYQ R . 20.48 2.78 37.45
C1 WYQ R . 20.69 1.74 36.64
C19 WYQ R . 21.00 1.81 35.15
C20 WYQ R . 22.39 2.43 34.92
C21 WYQ R . 23.22 1.57 33.96
ZN ZN S . 20.02 -11.91 40.64
MG MG T . 21.29 -12.43 37.80
C16 WYQ U . -26.20 12.44 -29.72
C15 WYQ U . -26.74 13.09 -28.43
C17 WYQ U . -25.56 13.35 -27.49
O6 WYQ U . -27.40 14.32 -28.76
C14 WYQ U . -28.14 14.76 -27.71
O5 WYQ U . -28.17 14.09 -26.69
N5 WYQ U . -28.82 15.89 -27.86
S1 WYQ U . -28.14 16.85 -28.98
O4 WYQ U . -28.64 16.49 -30.27
O3 WYQ U . -26.65 16.67 -28.95
C8 WYQ U . -28.53 18.52 -28.64
C7 WYQ U . -29.30 18.81 -27.52
C9 WYQ U . -28.10 19.54 -29.48
C10 WYQ U . -28.45 20.85 -29.20
C11 WYQ U . -29.23 21.15 -28.08
O2 WYQ U . -29.53 22.44 -27.79
C12 WYQ U . -30.35 23.02 -28.82
C13 WYQ U . -31.00 24.30 -28.30
C6 WYQ U . -29.66 20.13 -27.25
C5 WYQ U . -30.47 20.39 -26.15
N4 WYQ U . -31.25 21.55 -26.12
C4 WYQ U . -32.11 21.78 -25.05
O1 WYQ U . -32.79 22.80 -24.99
N3 WYQ U . -30.55 19.49 -25.16
C2 WYQ U . -31.37 19.70 -24.12
C3 WYQ U . -32.17 20.83 -24.04
N2 WYQ U . -32.85 20.72 -22.90
C18 WYQ U . -33.73 21.62 -22.47
N1 WYQ U . -32.58 19.68 -22.29
C1 WYQ U . -31.68 18.97 -22.96
C19 WYQ U . -31.10 17.62 -22.55
C20 WYQ U . -32.21 16.66 -22.11
C21 WYQ U . -31.91 15.23 -22.56
ZN ZN V . -24.53 21.20 -34.96
MG MG W . -23.63 18.23 -34.67
C16 WYQ X . 1.77 30.38 -14.66
C15 WYQ X . 0.97 31.54 -14.05
C17 WYQ X . -0.24 31.83 -14.93
O6 WYQ X . 0.53 31.18 -12.72
C14 WYQ X . 0.05 32.27 -12.08
O5 WYQ X . 0.06 33.35 -12.67
N5 WYQ X . -0.45 32.14 -10.85
S1 WYQ X . 0.58 31.41 -9.81
O4 WYQ X . 1.37 32.39 -9.13
O3 WYQ X . 1.47 30.45 -10.56
C8 WYQ X . -0.38 30.55 -8.64
C7 WYQ X . -1.60 30.01 -9.04
C9 WYQ X . 0.00 30.49 -7.30
C10 WYQ X . -0.85 29.89 -6.36
C11 WYQ X . -2.08 29.37 -6.77
O2 WYQ X . -2.92 28.81 -5.88
C12 WYQ X . -2.30 28.61 -4.60
C13 WYQ X . -3.27 27.86 -3.68
C6 WYQ X . -2.44 29.43 -8.11
C5 WYQ X . -3.69 28.96 -8.53
N4 WYQ X . -4.71 28.72 -7.60
C4 WYQ X . -5.98 28.33 -8.06
O1 WYQ X . -6.90 28.14 -7.27
N3 WYQ X . -3.93 28.83 -9.84
C2 WYQ X . -5.13 28.45 -10.30
C3 WYQ X . -6.18 28.20 -9.43
N2 WYQ X . -7.21 27.88 -10.20
C18 WYQ X . -8.42 27.56 -9.74
N1 WYQ X . -6.93 27.90 -11.40
C1 WYQ X . -5.65 28.24 -11.56
C19 WYQ X . -4.91 28.37 -12.89
C20 WYQ X . -5.18 29.72 -13.53
C21 WYQ X . -3.92 30.61 -13.46
ZN ZN Y . 3.55 30.65 -0.75
MG MG Z . 5.86 32.57 -3.60
C16 WYQ AA . 7.41 7.78 -26.96
C15 WYQ AA . 6.36 7.84 -28.08
C17 WYQ AA . 6.15 9.31 -28.48
O6 WYQ AA . 6.89 7.11 -29.18
C14 WYQ AA . 5.96 6.89 -30.15
O5 WYQ AA . 4.82 7.32 -29.99
N5 WYQ AA . 6.33 6.22 -31.23
S1 WYQ AA . 5.54 4.80 -31.28
O4 WYQ AA . 5.73 4.18 -32.55
O3 WYQ AA . 4.08 5.07 -31.07
C8 WYQ AA . 6.12 3.73 -30.02
C7 WYQ AA . 7.27 4.03 -29.30
C9 WYQ AA . 5.46 2.53 -29.79
C10 WYQ AA . 5.94 1.64 -28.84
C11 WYQ AA . 7.10 1.94 -28.12
O2 WYQ AA . 7.59 1.08 -27.19
C12 WYQ AA . 7.05 -0.24 -27.37
C13 WYQ AA . 6.23 -0.62 -26.13
C6 WYQ AA . 7.76 3.14 -28.36
C5 WYQ AA . 8.96 3.41 -27.71
N4 WYQ AA . 9.67 2.36 -27.11
C4 WYQ AA . 10.92 2.61 -26.54
O1 WYQ AA . 11.57 1.69 -26.02
N3 WYQ AA . 9.47 4.65 -27.72
C2 WYQ AA . 10.66 4.90 -27.17
C3 WYQ AA . 11.41 3.90 -26.57
N2 WYQ AA . 12.52 4.48 -26.14
C18 WYQ AA . 13.52 3.84 -25.52
N1 WYQ AA . 12.55 5.69 -26.39
C1 WYQ AA . 11.43 6.04 -27.03
C19 WYQ AA . 11.09 7.44 -27.55
C20 WYQ AA . 11.65 7.63 -28.96
C21 WYQ AA . 10.53 8.03 -29.93
ZN ZN BA . 0.67 -3.17 -29.73
MG MG CA . -0.63 -0.23 -32.28
C16 WYQ DA . 29.99 19.87 -9.50
C15 WYQ DA . 31.36 19.33 -9.89
C17 WYQ DA . 31.82 18.36 -8.80
O6 WYQ DA . 31.28 18.65 -11.15
C14 WYQ DA . 32.50 18.48 -11.71
O5 WYQ DA . 32.57 17.87 -12.78
N5 WYQ DA . 33.58 18.96 -11.10
S1 WYQ DA . 34.21 20.22 -11.92
O4 WYQ DA . 35.30 20.78 -11.18
O3 WYQ DA . 33.16 21.27 -12.12
C8 WYQ DA . 34.79 19.70 -13.49
C7 WYQ DA . 35.37 18.43 -13.63
C9 WYQ DA . 34.70 20.55 -14.59
C10 WYQ DA . 35.18 20.13 -15.82
C11 WYQ DA . 35.75 18.87 -15.97
O2 WYQ DA . 36.20 18.45 -17.18
C12 WYQ DA . 36.50 19.55 -18.04
C13 WYQ DA . 36.20 19.15 -19.49
C6 WYQ DA . 35.84 18.03 -14.87
C5 WYQ DA . 36.47 16.80 -14.99
N4 WYQ DA . 37.32 16.53 -16.07
C4 WYQ DA . 38.01 15.32 -16.14
O1 WYQ DA . 38.73 15.06 -17.08
N3 WYQ DA . 36.32 15.89 -14.01
C2 WYQ DA . 36.98 14.72 -14.06
C3 WYQ DA . 37.84 14.41 -15.10
N2 WYQ DA . 38.34 13.22 -14.81
C18 WYQ DA . 39.24 12.58 -15.57
N1 WYQ DA . 37.90 12.77 -13.75
C1 WYQ DA . 37.04 13.61 -13.21
C19 WYQ DA . 36.26 13.43 -11.91
C20 WYQ DA . 36.91 14.18 -10.75
C21 WYQ DA . 38.17 13.47 -10.26
ZN ZN EA . 33.55 26.15 -19.17
MG MG FA . 32.00 26.87 -15.68
#